data_8X5N
#
_entry.id   8X5N
#
_cell.length_a   1.00
_cell.length_b   1.00
_cell.length_c   1.00
_cell.angle_alpha   90.00
_cell.angle_beta   90.00
_cell.angle_gamma   90.00
#
_symmetry.space_group_name_H-M   'P 1'
#
loop_
_entity.id
_entity.type
_entity.pdbx_description
1 polymer 'Endonuclease GajA'
2 polymer 'Gabija protein GajB'
3 non-polymer "ADENOSINE-5'-TRIPHOSPHATE"
4 non-polymer 'MAGNESIUM ION'
#
loop_
_entity_poly.entity_id
_entity_poly.type
_entity_poly.pdbx_seq_one_letter_code
_entity_poly.pdbx_strand_id
1 'polypeptide(L)'
;MKFSNITIKNFRNFEKVNINLDNKNVIFGMNDIGKTNFLYALRFLLDKEIRKFGFNKSDYHKHDTSKKIEIILTLDLSNY
EKDEDTKKLISVVKGARTSANADVFYIALESKYDDKELYGNIILKWGSELDNLIDIPGRGNINALDNVFKVIYINPLVDL
DKLFAQNKKYIFEESQGNESDEGILNNIKSLTDQVNQQIGEMTIIKGFQQEITSEYRSLKKEEVSIELKSEMAIKGFFSD
IIPYIKKDGDSNYYPTSGDGRRKMLSYSIYNYLAKKKYEDKIVIYLIEEPEISLHRSMQIALSKQLFEQSTYKYFFLSTH
SPELLYEMDNTRLIRVHSTEKVVCSSHMYNVEEAYGSVKKKLNKALSSALFAERVLLIEGPSEKILFEKVLDEVEPEYEL
NGGFLLEVGGTYFNHYVCTLNDLGITHIIKTDNDLKSKKGKKGVYELLGLNRCLNLLGRENLDEITIDIPEDIKGKKKKE
RLNERKKEIFKQYKNEVGEFLGERIYLSEIDLENDLYSAIGESMKRIFENEDPVHYLQKSKLFNMVELVNNLSTKDCFDV
FEHEKFACLKELVGSDRG
;
A,B,C,D
2 'polypeptide(L)'
;MIEDEMSREQIIKDGGNILVTAGAGSGKTTILVSKIEADLKENKTHYSIAAVTFTNKAAKEIEGRLGYSSRGNFIGTNDG
FVESEIIRPFIKDAFGNDYPDNFTAEYFDNQFASYDKGLQVLKYQNILGTYSNPKKNFKFQLALDILKKSLVARQYIFSK
YFKIFIDEYQDSDKDMHNLFMYLKDQLKIKLFIVGDPKQSIYIWRGAEPENFNGLIENSTDFNKYHLTSNFRCCQDIQNY
SNLFNEETRSLIKEKNEVQNVISIADDMPISDILLKLTEEKQVLNIEAELVILVRRRNQAIEIMKELNEEGFNFIFIPQT
PLDRATPNATLLKEVIKYVKNDRYSIYDLAAEIVGNLSSREIKEIQKIINELLVPNINQVLINQVLINLFAKLEITLDTR
EITAFTEVMMTNEFDIAFDTNEYLHKIFTVHSAKGLEFNQVIITASDYNVHYNRDTNEHYVATTRAKDKLIVIMDNKKYS
DYIETLMKELKIKNIIKSI
;
E,F,G,H
#
loop_
_chem_comp.id
_chem_comp.type
_chem_comp.name
_chem_comp.formula
ATP non-polymer ADENOSINE-5'-TRIPHOSPHATE 'C10 H16 N5 O13 P3'
MG non-polymer 'MAGNESIUM ION' 'Mg 2'
#
# COMPACT_ATOMS: atom_id res chain seq x y z
N MET A 1 26.19 -12.35 29.72
CA MET A 1 25.63 -13.06 30.87
C MET A 1 24.38 -12.36 31.39
N LYS A 2 24.49 -11.06 31.65
CA LYS A 2 23.41 -10.32 32.24
C LYS A 2 23.46 -8.86 31.79
N PHE A 3 22.30 -8.32 31.43
CA PHE A 3 22.18 -6.88 31.21
C PHE A 3 22.11 -6.18 32.56
N SER A 4 22.68 -4.98 32.64
CA SER A 4 22.72 -4.30 33.92
C SER A 4 22.03 -2.95 33.92
N ASN A 5 22.24 -2.14 32.89
CA ASN A 5 21.82 -0.75 32.90
C ASN A 5 21.68 -0.30 31.46
N ILE A 6 20.85 0.72 31.23
CA ILE A 6 20.83 1.45 29.97
C ILE A 6 20.69 2.94 30.28
N THR A 7 21.50 3.75 29.60
CA THR A 7 21.48 5.20 29.76
C THR A 7 21.12 5.81 28.42
N ILE A 8 19.97 6.49 28.36
CA ILE A 8 19.46 7.10 27.15
C ILE A 8 19.53 8.61 27.31
N LYS A 9 20.26 9.27 26.41
CA LYS A 9 20.42 10.73 26.44
C LYS A 9 20.01 11.32 25.11
N ASN A 10 19.19 12.39 25.19
CA ASN A 10 18.83 13.30 24.09
C ASN A 10 18.10 12.61 22.94
N PHE A 11 17.34 11.57 23.26
CA PHE A 11 16.43 10.87 22.36
C PHE A 11 15.07 11.57 22.45
N ARG A 12 13.99 10.92 21.96
CA ARG A 12 12.69 11.52 21.64
C ARG A 12 11.94 12.16 22.81
N ASN A 13 11.47 11.38 23.76
CA ASN A 13 10.95 11.98 24.99
C ASN A 13 11.74 11.56 26.22
N PHE A 14 13.02 11.26 26.05
CA PHE A 14 13.94 10.97 27.14
C PHE A 14 15.05 12.00 27.12
N GLU A 15 15.08 12.86 28.13
CA GLU A 15 16.11 13.89 28.22
C GLU A 15 17.41 13.29 28.73
N LYS A 16 17.41 12.72 29.94
CA LYS A 16 18.55 11.96 30.45
C LYS A 16 17.96 10.91 31.39
N VAL A 17 17.78 9.69 30.87
CA VAL A 17 17.06 8.63 31.58
C VAL A 17 17.99 7.45 31.78
N ASN A 18 18.19 7.06 33.04
CA ASN A 18 19.02 5.91 33.39
C ASN A 18 18.13 4.84 34.02
N ILE A 19 18.17 3.63 33.47
CA ILE A 19 17.27 2.54 33.88
C ILE A 19 18.12 1.32 34.19
N ASN A 20 18.03 0.83 35.43
CA ASN A 20 18.60 -0.49 35.76
C ASN A 20 17.77 -1.60 35.13
N LEU A 21 18.45 -2.58 34.57
CA LEU A 21 17.80 -3.68 33.90
C LEU A 21 18.19 -5.00 34.53
N ASP A 22 17.69 -6.07 33.91
CA ASP A 22 18.11 -7.44 34.12
C ASP A 22 17.81 -8.16 32.81
N ASN A 23 17.92 -9.49 32.82
CA ASN A 23 17.15 -10.27 31.87
C ASN A 23 15.71 -10.33 32.37
N LYS A 24 14.77 -10.59 31.43
CA LYS A 24 13.31 -10.57 31.64
C LYS A 24 12.81 -9.21 32.13
N ASN A 25 12.79 -8.20 31.26
CA ASN A 25 12.32 -6.86 31.62
C ASN A 25 10.90 -6.60 31.13
N VAL A 26 10.08 -5.97 31.99
CA VAL A 26 8.70 -5.60 31.68
C VAL A 26 8.50 -4.11 31.96
N ILE A 27 8.14 -3.34 30.92
CA ILE A 27 7.85 -1.91 31.01
C ILE A 27 6.34 -1.69 30.91
N PHE A 28 5.82 -0.76 31.71
CA PHE A 28 4.40 -0.40 31.70
C PHE A 28 4.27 1.08 32.01
N GLY A 29 3.07 1.59 31.81
CA GLY A 29 2.79 3.00 32.02
C GLY A 29 1.50 3.41 31.32
N MET A 30 1.35 4.73 31.18
CA MET A 30 0.14 5.35 30.64
C MET A 30 0.14 5.33 29.11
N ASN A 31 -0.80 6.07 28.53
CA ASN A 31 -0.80 6.31 27.09
C ASN A 31 -0.03 7.58 26.78
N ASP A 32 0.65 7.59 25.63
CA ASP A 32 1.47 8.68 25.08
C ASP A 32 2.58 9.12 26.04
N ILE A 33 3.27 8.15 26.61
CA ILE A 33 4.14 8.47 27.74
C ILE A 33 5.56 7.99 27.39
N GLY A 34 5.67 7.15 26.36
CA GLY A 34 6.97 6.76 25.86
C GLY A 34 7.40 5.33 26.12
N LYS A 35 6.47 4.39 26.05
CA LYS A 35 6.84 2.98 26.21
C LYS A 35 7.48 2.42 24.95
N THR A 36 6.98 2.82 23.77
CA THR A 36 7.52 2.25 22.53
C THR A 36 8.73 3.04 22.04
N ASN A 37 9.02 4.18 22.66
CA ASN A 37 10.27 4.88 22.38
C ASN A 37 11.43 4.29 23.20
N PHE A 38 11.11 3.52 24.23
CA PHE A 38 12.14 2.76 24.93
C PHE A 38 12.60 1.58 24.10
N LEU A 39 11.66 0.93 23.39
CA LEU A 39 12.00 -0.23 22.59
C LEU A 39 12.69 0.14 21.29
N TYR A 40 12.46 1.36 20.78
CA TYR A 40 13.19 1.80 19.60
C TYR A 40 14.62 2.21 19.91
N ALA A 41 14.91 2.52 21.18
CA ALA A 41 16.29 2.78 21.58
C ALA A 41 17.10 1.48 21.60
N LEU A 42 16.45 0.35 21.84
CA LEU A 42 17.12 -0.94 21.74
C LEU A 42 17.15 -1.44 20.30
N ARG A 43 16.24 -0.95 19.44
CA ARG A 43 16.30 -1.31 18.03
C ARG A 43 17.37 -0.52 17.30
N PHE A 44 17.63 0.72 17.72
CA PHE A 44 18.68 1.50 17.08
C PHE A 44 20.07 1.04 17.53
N LEU A 45 20.15 0.45 18.73
CA LEU A 45 21.43 -0.02 19.24
C LEU A 45 21.80 -1.38 18.66
N LEU A 46 20.87 -2.33 18.71
CA LEU A 46 21.21 -3.72 18.49
C LEU A 46 20.61 -4.34 17.23
N ASP A 47 19.78 -3.62 16.48
CA ASP A 47 19.24 -4.11 15.23
C ASP A 47 19.73 -3.26 14.07
N LYS A 48 20.21 -3.92 13.01
CA LYS A 48 20.82 -3.23 11.88
C LYS A 48 19.82 -2.70 10.87
N GLU A 49 18.60 -3.27 10.83
CA GLU A 49 17.59 -2.82 9.88
C GLU A 49 16.96 -1.49 10.30
N ILE A 50 16.95 -1.19 11.59
CA ILE A 50 16.51 0.14 12.04
C ILE A 50 17.66 1.13 11.93
N ARG A 51 18.88 0.67 12.23
CA ARG A 51 20.08 1.50 12.22
C ARG A 51 20.55 1.88 10.83
N LYS A 52 20.14 1.15 9.79
CA LYS A 52 20.60 1.43 8.42
C LYS A 52 19.98 2.67 7.79
N PHE A 53 18.93 3.24 8.39
CA PHE A 53 18.28 4.44 7.87
C PHE A 53 18.74 5.71 8.56
N GLY A 54 19.40 5.62 9.71
CA GLY A 54 19.87 6.80 10.40
C GLY A 54 18.77 7.46 11.22
N PHE A 55 19.04 8.71 11.60
CA PHE A 55 18.14 9.50 12.44
C PHE A 55 17.55 10.65 11.64
N ASN A 56 16.28 10.95 11.91
CA ASN A 56 15.59 12.06 11.28
C ASN A 56 15.71 13.30 12.16
N LYS A 57 14.94 14.34 11.83
CA LYS A 57 14.85 15.50 12.71
C LYS A 57 14.03 15.19 13.95
N SER A 58 13.04 14.31 13.83
CA SER A 58 12.08 14.05 14.89
C SER A 58 12.61 13.20 16.03
N ASP A 59 13.78 12.57 15.87
CA ASP A 59 14.35 11.69 16.88
C ASP A 59 15.09 12.45 17.97
N TYR A 60 15.29 13.76 17.83
CA TYR A 60 16.01 14.56 18.80
C TYR A 60 15.02 15.14 19.81
N HIS A 61 15.54 15.55 20.97
CA HIS A 61 14.70 15.98 22.08
C HIS A 61 14.16 17.39 21.82
N LYS A 62 12.82 17.47 21.67
CA LYS A 62 12.04 18.67 21.31
C LYS A 62 12.49 19.29 20.00
N HIS A 63 12.86 18.42 19.04
CA HIS A 63 13.28 18.73 17.65
C HIS A 63 14.47 19.69 17.62
N ASP A 64 15.42 19.50 18.53
CA ASP A 64 16.48 20.49 18.74
C ASP A 64 17.57 20.40 17.68
N THR A 65 18.08 19.17 17.44
CA THR A 65 19.14 18.80 16.48
C THR A 65 20.45 19.56 16.69
N SER A 66 20.77 19.87 17.95
CA SER A 66 22.06 20.40 18.33
C SER A 66 22.65 19.66 19.51
N LYS A 67 21.86 18.82 20.19
CA LYS A 67 22.35 17.91 21.20
C LYS A 67 22.74 16.59 20.55
N LYS A 68 23.59 15.84 21.24
CA LYS A 68 24.13 14.59 20.75
C LYS A 68 23.35 13.43 21.34
N ILE A 69 22.84 12.55 20.47
CA ILE A 69 22.13 11.36 20.91
C ILE A 69 23.16 10.34 21.38
N GLU A 70 23.01 9.85 22.62
CA GLU A 70 23.89 8.81 23.13
C GLU A 70 23.06 7.75 23.83
N ILE A 71 23.26 6.49 23.44
CA ILE A 71 22.61 5.34 24.07
C ILE A 71 23.69 4.34 24.46
N ILE A 72 23.85 4.10 25.77
CA ILE A 72 24.91 3.24 26.31
C ILE A 72 24.26 2.09 27.06
N LEU A 73 24.72 0.86 26.79
CA LEU A 73 24.25 -0.35 27.45
C LEU A 73 25.40 -1.04 28.16
N THR A 74 25.12 -1.56 29.37
CA THR A 74 26.10 -2.18 30.24
C THR A 74 25.82 -3.68 30.38
N LEU A 75 26.85 -4.50 30.16
CA LEU A 75 26.78 -5.94 30.33
C LEU A 75 27.64 -6.38 31.51
N ASP A 76 27.17 -7.41 32.21
CA ASP A 76 27.77 -7.83 33.47
C ASP A 76 29.04 -8.65 33.28
N LEU A 77 28.94 -9.80 32.60
CA LEU A 77 30.05 -10.69 32.17
C LEU A 77 30.89 -11.23 33.32
N SER A 78 30.30 -11.38 34.51
CA SER A 78 31.05 -11.85 35.67
C SER A 78 31.10 -13.37 35.76
N ASN A 79 30.35 -14.07 34.92
CA ASN A 79 30.35 -15.53 34.89
C ASN A 79 30.95 -15.98 33.55
N TYR A 80 32.28 -16.03 33.50
CA TYR A 80 32.94 -16.51 32.27
C TYR A 80 32.86 -18.03 32.17
N GLU A 81 33.18 -18.72 33.26
CA GLU A 81 32.96 -20.16 33.32
C GLU A 81 31.46 -20.45 33.46
N LYS A 82 31.06 -21.59 32.85
CA LYS A 82 29.75 -22.27 32.77
C LYS A 82 28.78 -21.58 31.80
N ASP A 83 29.10 -20.38 31.32
CA ASP A 83 28.21 -19.63 30.45
C ASP A 83 28.79 -19.53 29.04
N GLU A 84 27.96 -19.85 28.05
CA GLU A 84 28.39 -19.87 26.67
C GLU A 84 28.20 -18.54 25.96
N ASP A 85 27.31 -17.68 26.45
CA ASP A 85 27.06 -16.40 25.80
C ASP A 85 28.18 -15.40 26.08
N THR A 86 28.87 -15.57 27.22
CA THR A 86 30.06 -14.79 27.52
C THR A 86 31.20 -15.09 26.55
N LYS A 87 31.35 -16.36 26.16
CA LYS A 87 32.32 -16.73 25.14
C LYS A 87 31.92 -16.27 23.75
N LYS A 88 30.61 -16.19 23.48
CA LYS A 88 30.10 -15.61 22.24
C LYS A 88 30.36 -14.11 22.15
N LEU A 89 30.35 -13.41 23.28
CA LEU A 89 30.77 -12.01 23.23
C LEU A 89 32.29 -11.88 23.12
N ILE A 90 33.04 -12.66 23.92
CA ILE A 90 34.50 -12.50 24.08
C ILE A 90 35.26 -12.93 22.82
N SER A 91 34.69 -13.85 22.03
CA SER A 91 35.36 -14.34 20.83
C SER A 91 35.32 -13.36 19.66
N VAL A 92 34.49 -12.32 19.75
CA VAL A 92 34.28 -11.41 18.63
C VAL A 92 34.99 -10.08 18.93
N VAL A 93 35.07 -9.73 20.23
CA VAL A 93 35.54 -8.41 20.64
C VAL A 93 37.05 -8.30 20.54
N LYS A 94 37.78 -9.20 21.24
CA LYS A 94 39.17 -9.62 21.09
C LYS A 94 40.24 -8.60 21.51
N GLY A 95 39.93 -7.30 21.54
CA GLY A 95 40.99 -6.34 21.79
C GLY A 95 40.59 -5.12 22.58
N ALA A 96 39.32 -5.00 22.93
CA ALA A 96 38.86 -3.88 23.73
C ALA A 96 38.63 -4.26 25.18
N ARG A 97 38.92 -5.50 25.54
CA ARG A 97 38.82 -5.97 26.91
C ARG A 97 40.17 -5.83 27.60
N THR A 98 40.11 -5.48 28.88
CA THR A 98 41.27 -5.35 29.74
C THR A 98 41.03 -6.27 30.93
N SER A 99 42.10 -6.93 31.40
CA SER A 99 41.99 -7.88 32.51
C SER A 99 41.79 -7.22 33.85
N ALA A 100 42.07 -5.91 33.98
CA ALA A 100 41.75 -5.20 35.22
C ALA A 100 40.26 -4.92 35.34
N ASN A 101 39.55 -4.82 34.20
CA ASN A 101 38.12 -4.58 34.16
C ASN A 101 37.45 -5.67 33.32
N ALA A 102 37.74 -6.92 33.66
CA ALA A 102 37.27 -8.07 32.91
C ALA A 102 35.84 -8.48 33.26
N ASP A 103 35.19 -7.82 34.21
CA ASP A 103 33.84 -8.14 34.63
C ASP A 103 32.89 -6.96 34.49
N VAL A 104 33.04 -6.21 33.39
CA VAL A 104 32.08 -5.20 32.92
C VAL A 104 32.30 -5.06 31.41
N PHE A 105 31.23 -4.70 30.69
CA PHE A 105 31.36 -4.38 29.26
C PHE A 105 30.39 -3.28 28.88
N TYR A 106 30.75 -2.47 27.89
CA TYR A 106 29.94 -1.33 27.47
C TYR A 106 29.80 -1.29 25.96
N ILE A 107 28.57 -1.11 25.50
CA ILE A 107 28.24 -0.91 24.08
C ILE A 107 27.49 0.41 23.96
N ALA A 108 28.05 1.37 23.22
CA ALA A 108 27.53 2.73 23.16
C ALA A 108 27.21 3.12 21.73
N LEU A 109 26.42 4.19 21.63
CA LEU A 109 25.93 4.73 20.36
C LEU A 109 25.96 6.25 20.45
N GLU A 110 26.61 6.90 19.48
CA GLU A 110 26.63 8.35 19.39
C GLU A 110 26.05 8.79 18.05
N SER A 111 25.44 9.97 18.07
CA SER A 111 24.87 10.57 16.85
C SER A 111 24.86 12.08 16.97
N LYS A 112 25.44 12.75 15.98
CA LYS A 112 25.45 14.20 15.86
C LYS A 112 24.82 14.58 14.54
N TYR A 113 23.99 15.64 14.54
CA TYR A 113 23.23 15.99 13.36
C TYR A 113 24.07 16.84 12.42
N ASP A 114 23.92 16.56 11.12
CA ASP A 114 24.71 17.20 10.07
C ASP A 114 24.30 18.65 9.85
N ASP A 115 23.01 18.86 9.56
CA ASP A 115 22.30 20.11 9.23
C ASP A 115 22.93 20.76 7.97
N LYS A 116 23.45 19.95 7.05
CA LYS A 116 23.68 20.31 5.66
C LYS A 116 23.09 19.28 4.71
N GLU A 117 23.43 18.01 4.94
CA GLU A 117 22.87 16.87 4.24
C GLU A 117 21.53 16.43 4.81
N LEU A 118 21.16 16.96 5.98
CA LEU A 118 19.95 16.67 6.77
C LEU A 118 19.85 15.18 7.11
N TYR A 119 20.82 14.71 7.89
CA TYR A 119 20.98 13.30 8.18
C TYR A 119 21.70 13.12 9.51
N GLY A 120 21.26 12.14 10.28
CA GLY A 120 21.96 11.81 11.52
C GLY A 120 22.73 10.51 11.40
N ASN A 121 24.06 10.59 11.36
CA ASN A 121 24.88 9.39 11.27
C ASN A 121 25.02 8.75 12.65
N ILE A 122 25.07 7.42 12.66
CA ILE A 122 25.09 6.64 13.90
C ILE A 122 26.42 5.91 13.97
N ILE A 123 27.19 6.17 15.03
CA ILE A 123 28.50 5.55 15.23
C ILE A 123 28.43 4.72 16.50
N LEU A 124 28.70 3.42 16.38
CA LEU A 124 28.67 2.49 17.50
C LEU A 124 30.08 2.26 18.06
N LYS A 125 30.13 1.96 19.35
CA LYS A 125 31.38 1.74 20.06
C LYS A 125 31.21 0.59 21.06
N TRP A 126 32.30 -0.13 21.32
CA TRP A 126 32.41 -0.91 22.55
C TRP A 126 33.70 -0.65 23.31
N GLY A 127 33.70 -1.16 24.54
CA GLY A 127 34.90 -1.16 25.37
C GLY A 127 34.61 -1.82 26.69
N SER A 128 35.64 -1.87 27.54
CA SER A 128 35.50 -2.34 28.91
C SER A 128 35.64 -1.22 29.94
N GLU A 129 35.96 -0.01 29.49
CA GLU A 129 35.93 1.18 30.34
C GLU A 129 35.06 2.20 29.63
N LEU A 130 34.49 3.14 30.40
CA LEU A 130 33.59 4.12 29.79
C LEU A 130 34.36 5.20 29.04
N ASP A 131 35.55 5.56 29.53
CA ASP A 131 36.50 6.24 28.67
C ASP A 131 37.22 5.21 27.82
N ASN A 132 37.81 5.69 26.71
CA ASN A 132 38.50 4.91 25.66
C ASN A 132 37.60 3.83 25.06
N LEU A 133 36.46 4.25 24.53
CA LEU A 133 35.59 3.41 23.73
C LEU A 133 36.03 3.55 22.28
N ILE A 134 36.55 2.48 21.71
CA ILE A 134 36.94 2.49 20.31
C ILE A 134 35.74 2.10 19.46
N ASP A 135 35.81 2.41 18.18
CA ASP A 135 34.78 2.04 17.23
C ASP A 135 34.79 0.53 16.96
N ILE A 136 33.60 -0.02 16.72
CA ILE A 136 33.43 -1.43 16.38
C ILE A 136 33.96 -1.63 14.97
N PRO A 137 34.89 -2.55 14.75
CA PRO A 137 35.41 -2.76 13.40
C PRO A 137 34.41 -3.51 12.51
N GLY A 138 34.44 -3.18 11.23
CA GLY A 138 33.52 -3.79 10.29
C GLY A 138 33.82 -3.44 8.85
N ARG A 139 33.38 -4.30 7.94
CA ARG A 139 33.73 -4.18 6.53
C ARG A 139 32.45 -4.33 5.71
N GLY A 140 32.17 -3.32 4.88
CA GLY A 140 30.96 -3.31 4.08
C GLY A 140 29.74 -2.77 4.80
N ASN A 141 28.64 -3.52 4.76
CA ASN A 141 27.42 -3.19 5.48
C ASN A 141 27.32 -3.89 6.82
N ILE A 142 28.36 -4.62 7.21
CA ILE A 142 28.34 -5.49 8.37
C ILE A 142 29.45 -5.05 9.33
N ASN A 143 29.09 -4.76 10.57
CA ASN A 143 30.11 -4.61 11.60
C ASN A 143 30.10 -5.82 12.52
N ALA A 144 31.01 -5.82 13.50
CA ALA A 144 31.21 -6.99 14.33
C ALA A 144 30.18 -7.13 15.44
N LEU A 145 29.37 -6.09 15.69
CA LEU A 145 28.27 -6.21 16.65
C LEU A 145 27.14 -7.06 16.11
N ASP A 146 26.98 -7.12 14.79
CA ASP A 146 25.95 -7.93 14.16
C ASP A 146 26.28 -9.42 14.17
N ASN A 147 27.54 -9.80 14.42
CA ASN A 147 27.93 -11.19 14.55
C ASN A 147 27.62 -11.78 15.93
N VAL A 148 27.19 -10.97 16.89
CA VAL A 148 26.91 -11.43 18.25
C VAL A 148 25.41 -11.51 18.50
N PHE A 149 24.70 -10.39 18.38
CA PHE A 149 23.32 -10.29 18.82
C PHE A 149 22.36 -10.45 17.65
N LYS A 150 21.25 -11.12 17.91
CA LYS A 150 20.14 -11.24 16.97
C LYS A 150 18.87 -10.76 17.67
N VAL A 151 18.20 -9.79 17.07
CA VAL A 151 17.06 -9.12 17.68
C VAL A 151 15.80 -9.52 16.94
N ILE A 152 14.85 -10.10 17.67
CA ILE A 152 13.56 -10.48 17.13
C ILE A 152 12.53 -9.51 17.67
N TYR A 153 11.91 -8.73 16.78
CA TYR A 153 10.91 -7.73 17.16
C TYR A 153 9.53 -8.27 16.81
N ILE A 154 8.65 -8.35 17.81
CA ILE A 154 7.30 -8.86 17.65
C ILE A 154 6.33 -7.71 17.93
N ASN A 155 5.43 -7.46 16.98
CA ASN A 155 4.35 -6.49 17.14
C ASN A 155 3.14 -6.94 16.33
N PRO A 156 2.01 -7.26 16.99
CA PRO A 156 0.79 -7.61 16.25
C PRO A 156 0.03 -6.38 15.76
N GLY A 258 -8.91 -15.33 9.98
CA GLY A 258 -9.13 -15.26 11.42
C GLY A 258 -8.08 -14.43 12.14
N ASP A 259 -8.12 -14.47 13.47
CA ASP A 259 -7.20 -13.66 14.27
C ASP A 259 -6.99 -14.38 15.60
N GLY A 260 -5.86 -14.08 16.24
CA GLY A 260 -5.56 -14.67 17.54
C GLY A 260 -4.82 -15.98 17.48
N ARG A 261 -5.39 -16.97 16.79
CA ARG A 261 -4.72 -18.26 16.62
C ARG A 261 -3.56 -18.16 15.62
N ARG A 262 -3.64 -17.23 14.67
CA ARG A 262 -2.53 -16.95 13.77
C ARG A 262 -1.37 -16.30 14.50
N LYS A 263 -1.68 -15.47 15.51
CA LYS A 263 -0.65 -14.85 16.34
C LYS A 263 0.03 -15.86 17.25
N MET A 264 -0.74 -16.80 17.83
CA MET A 264 -0.17 -17.90 18.60
C MET A 264 0.57 -18.91 17.73
N LEU A 265 0.22 -19.01 16.45
CA LEU A 265 1.05 -19.73 15.49
C LEU A 265 2.37 -19.00 15.24
N SER A 266 2.32 -17.67 15.10
CA SER A 266 3.48 -16.87 14.74
C SER A 266 4.51 -16.77 15.86
N TYR A 267 4.06 -16.86 17.12
CA TYR A 267 4.98 -16.94 18.25
C TYR A 267 5.76 -18.25 18.26
N SER A 268 5.10 -19.35 17.88
CA SER A 268 5.79 -20.64 17.77
C SER A 268 6.70 -20.70 16.55
N ILE A 269 6.34 -19.96 15.49
CA ILE A 269 7.22 -19.81 14.31
C ILE A 269 8.49 -19.03 14.66
N TYR A 270 8.35 -17.96 15.45
CA TYR A 270 9.50 -17.16 15.90
C TYR A 270 10.38 -17.92 16.90
N ASN A 271 9.75 -18.72 17.78
CA ASN A 271 10.52 -19.56 18.70
C ASN A 271 11.20 -20.73 18.00
N TYR A 272 10.60 -21.27 16.93
CA TYR A 272 11.24 -22.33 16.15
C TYR A 272 12.42 -21.81 15.34
N LEU A 273 12.29 -20.59 14.78
CA LEU A 273 13.42 -19.97 14.07
C LEU A 273 14.54 -19.55 15.01
N ALA A 274 14.19 -19.12 16.24
CA ALA A 274 15.21 -18.79 17.23
C ALA A 274 15.89 -20.03 17.79
N LYS A 275 15.17 -21.16 17.88
CA LYS A 275 15.80 -22.40 18.32
C LYS A 275 16.68 -23.00 17.23
N LYS A 276 16.26 -22.89 15.97
CA LYS A 276 16.99 -23.54 14.88
C LYS A 276 18.14 -22.69 14.35
N LYS A 277 17.84 -21.49 13.85
CA LYS A 277 18.81 -20.76 13.05
C LYS A 277 19.84 -19.99 13.87
N TYR A 278 19.60 -19.77 15.16
CA TYR A 278 20.43 -18.85 15.93
C TYR A 278 20.99 -19.49 17.19
N GLU A 279 21.57 -20.68 17.04
CA GLU A 279 22.24 -21.34 18.17
C GLU A 279 23.57 -20.67 18.50
N ASP A 280 24.20 -20.05 17.51
CA ASP A 280 25.50 -19.41 17.67
C ASP A 280 25.42 -17.95 18.07
N LYS A 281 24.23 -17.44 18.37
CA LYS A 281 24.03 -16.02 18.65
C LYS A 281 23.29 -15.82 19.96
N ILE A 282 23.31 -14.59 20.45
CA ILE A 282 22.56 -14.17 21.62
C ILE A 282 21.29 -13.49 21.13
N VAL A 283 20.13 -14.05 21.49
CA VAL A 283 18.85 -13.63 20.93
C VAL A 283 18.12 -12.76 21.95
N ILE A 284 17.69 -11.58 21.51
CA ILE A 284 16.94 -10.64 22.33
C ILE A 284 15.58 -10.43 21.68
N TYR A 285 14.51 -10.70 22.42
CA TYR A 285 13.15 -10.50 21.97
C TYR A 285 12.64 -9.15 22.43
N LEU A 286 11.99 -8.42 21.53
CA LEU A 286 11.36 -7.14 21.86
C LEU A 286 9.88 -7.26 21.51
N ILE A 287 9.05 -7.46 22.52
CA ILE A 287 7.63 -7.74 22.33
C ILE A 287 6.85 -6.46 22.64
N GLU A 288 6.09 -5.97 21.66
CA GLU A 288 5.31 -4.75 21.79
C GLU A 288 3.84 -5.11 21.81
N GLU A 289 3.22 -4.99 23.00
CA GLU A 289 1.80 -5.17 23.35
C GLU A 289 1.19 -6.50 22.89
N PRO A 290 1.52 -7.63 23.53
CA PRO A 290 1.05 -8.93 23.03
C PRO A 290 -0.36 -9.31 23.44
N GLU A 291 -1.11 -8.44 24.10
CA GLU A 291 -2.48 -8.74 24.50
C GLU A 291 -3.50 -8.33 23.45
N ILE A 292 -3.05 -7.87 22.28
CA ILE A 292 -3.92 -7.35 21.24
C ILE A 292 -4.59 -8.51 20.52
N SER A 293 -5.94 -8.54 20.54
CA SER A 293 -6.84 -9.57 20.00
C SER A 293 -6.53 -10.95 20.56
N LEU A 294 -6.24 -11.01 21.85
CA LEU A 294 -5.88 -12.25 22.53
C LEU A 294 -6.80 -12.46 23.72
N HIS A 295 -7.31 -13.67 23.86
CA HIS A 295 -8.15 -14.06 24.98
C HIS A 295 -7.27 -14.17 26.23
N ARG A 296 -7.91 -14.00 27.40
CA ARG A 296 -7.15 -13.87 28.66
C ARG A 296 -6.57 -15.20 29.15
N SER A 297 -7.13 -16.34 28.71
CA SER A 297 -6.53 -17.64 28.98
C SER A 297 -5.22 -17.81 28.22
N MET A 298 -5.17 -17.30 26.99
CA MET A 298 -3.93 -17.26 26.22
C MET A 298 -2.94 -16.24 26.77
N GLN A 299 -3.41 -15.20 27.47
CA GLN A 299 -2.52 -14.27 28.14
C GLN A 299 -1.87 -14.89 29.37
N ILE A 300 -2.62 -15.72 30.12
CA ILE A 300 -2.06 -16.46 31.25
C ILE A 300 -1.10 -17.55 30.77
N ALA A 301 -1.41 -18.18 29.62
CA ALA A 301 -0.51 -19.16 28.99
C ALA A 301 0.78 -18.53 28.46
N LEU A 302 0.67 -17.33 27.89
CA LEU A 302 1.85 -16.57 27.45
C LEU A 302 2.68 -16.08 28.63
N SER A 303 2.05 -15.76 29.76
CA SER A 303 2.76 -15.38 30.97
C SER A 303 3.55 -16.54 31.58
N LYS A 304 2.94 -17.73 31.59
CA LYS A 304 3.62 -18.92 32.12
C LYS A 304 4.74 -19.39 31.21
N GLN A 305 4.55 -19.30 29.88
CA GLN A 305 5.60 -19.60 28.92
C GLN A 305 6.71 -18.55 28.94
N LEU A 306 6.37 -17.31 29.25
CA LEU A 306 7.33 -16.22 29.24
C LEU A 306 8.15 -16.10 30.51
N PHE A 307 7.63 -16.57 31.65
CA PHE A 307 8.37 -16.44 32.90
C PHE A 307 8.87 -17.76 33.46
N GLU A 308 8.21 -18.89 33.17
CA GLU A 308 8.65 -20.15 33.77
C GLU A 308 9.61 -20.89 32.85
N GLN A 309 9.39 -20.85 31.54
CA GLN A 309 10.21 -21.60 30.61
C GLN A 309 11.54 -20.86 30.35
N SER A 310 12.50 -21.62 29.81
CA SER A 310 13.84 -21.10 29.56
C SER A 310 14.07 -20.73 28.09
N THR A 311 13.02 -20.73 27.28
CA THR A 311 13.16 -20.38 25.87
C THR A 311 13.20 -18.87 25.62
N TYR A 312 12.81 -18.06 26.61
CA TYR A 312 12.94 -16.61 26.53
C TYR A 312 13.97 -16.20 27.58
N LYS A 313 15.24 -16.26 27.21
CA LYS A 313 16.31 -15.94 28.15
C LYS A 313 16.45 -14.44 28.34
N TYR A 314 16.29 -13.66 27.28
CA TYR A 314 16.38 -12.20 27.34
C TYR A 314 15.18 -11.63 26.60
N PHE A 315 14.36 -10.84 27.30
CA PHE A 315 13.30 -10.09 26.61
C PHE A 315 13.05 -8.74 27.26
N PHE A 316 12.40 -7.89 26.48
CA PHE A 316 11.83 -6.62 26.91
C PHE A 316 10.37 -6.62 26.48
N LEU A 317 9.46 -6.30 27.41
CA LEU A 317 8.03 -6.51 27.22
C LEU A 317 7.25 -5.27 27.61
N SER A 318 6.51 -4.69 26.66
CA SER A 318 5.55 -3.64 26.98
C SER A 318 4.15 -4.21 26.94
N THR A 319 3.31 -3.83 27.92
CA THR A 319 1.96 -4.38 28.02
C THR A 319 1.02 -3.37 28.67
N HIS A 320 -0.28 -3.61 28.48
CA HIS A 320 -1.35 -2.90 29.18
C HIS A 320 -2.20 -3.82 30.02
N SER A 321 -1.93 -5.12 29.99
CA SER A 321 -2.84 -6.12 30.51
C SER A 321 -2.32 -6.70 31.83
N PRO A 322 -3.15 -6.75 32.87
CA PRO A 322 -2.70 -7.37 34.13
C PRO A 322 -2.65 -8.89 34.11
N GLU A 323 -3.35 -9.53 33.17
CA GLU A 323 -3.44 -10.99 33.14
C GLU A 323 -2.19 -11.64 32.57
N LEU A 324 -1.34 -10.88 31.90
CA LEU A 324 -0.10 -11.37 31.33
C LEU A 324 1.07 -11.16 32.28
N LEU A 325 0.80 -10.66 33.49
CA LEU A 325 1.75 -10.62 34.59
C LEU A 325 1.33 -11.52 35.75
N TYR A 326 0.52 -12.55 35.48
CA TYR A 326 0.04 -13.42 36.55
C TYR A 326 1.09 -14.41 37.04
N GLU A 327 2.14 -14.66 36.25
CA GLU A 327 3.12 -15.70 36.56
C GLU A 327 4.50 -15.12 36.77
N MET A 328 4.62 -13.83 37.13
CA MET A 328 5.91 -13.16 37.13
C MET A 328 6.77 -13.53 38.33
N ASP A 329 8.04 -13.80 38.05
CA ASP A 329 9.08 -14.09 39.03
C ASP A 329 10.42 -13.85 38.35
N ASN A 330 11.38 -13.33 39.15
CA ASN A 330 12.78 -13.06 38.79
C ASN A 330 12.88 -12.09 37.61
N THR A 331 12.17 -10.98 37.71
CA THR A 331 12.03 -10.08 36.58
C THR A 331 12.32 -8.65 37.02
N ARG A 332 12.46 -7.76 36.06
CA ARG A 332 12.71 -6.35 36.33
C ARG A 332 11.53 -5.54 35.80
N LEU A 333 10.86 -4.82 36.69
CA LEU A 333 9.66 -4.06 36.35
C LEU A 333 10.01 -2.59 36.24
N ILE A 334 9.63 -1.99 35.11
CA ILE A 334 9.92 -0.60 34.75
C ILE A 334 8.59 0.12 34.58
N ARG A 335 8.41 1.24 35.27
CA ARG A 335 7.23 2.07 35.15
C ARG A 335 7.63 3.42 34.56
N VAL A 336 6.86 3.89 33.59
CA VAL A 336 7.05 5.23 33.04
C VAL A 336 5.98 6.14 33.64
N HIS A 337 6.40 7.14 34.39
CA HIS A 337 5.48 7.96 35.19
C HIS A 337 4.77 8.98 34.32
N SER A 338 3.59 9.39 34.77
CA SER A 338 2.77 10.38 34.06
C SER A 338 2.99 11.80 34.57
N THR A 339 4.20 12.14 34.99
CA THR A 339 4.47 13.44 35.57
C THR A 339 4.81 14.43 34.45
N GLU A 340 5.25 15.63 34.84
CA GLU A 340 5.69 16.63 33.87
C GLU A 340 7.07 16.33 33.30
N LYS A 341 7.85 15.50 33.98
CA LYS A 341 9.11 14.97 33.49
C LYS A 341 8.96 13.46 33.35
N VAL A 342 9.49 12.91 32.26
CA VAL A 342 9.37 11.48 31.99
C VAL A 342 10.34 10.73 32.91
N VAL A 343 9.79 10.03 33.91
CA VAL A 343 10.55 9.33 34.92
C VAL A 343 10.28 7.85 34.75
N CYS A 344 11.34 7.05 34.65
CA CYS A 344 11.25 5.60 34.60
C CYS A 344 11.82 5.02 35.89
N SER A 345 11.01 4.21 36.58
CA SER A 345 11.37 3.62 37.85
C SER A 345 11.47 2.10 37.71
N SER A 346 12.52 1.54 38.30
CA SER A 346 12.80 0.12 38.17
C SER A 346 12.71 -0.58 39.52
N HIS A 347 12.32 -1.85 39.47
CA HIS A 347 12.26 -2.71 40.65
C HIS A 347 12.62 -4.13 40.25
N MET A 348 13.48 -4.76 41.04
CA MET A 348 13.84 -6.16 40.82
C MET A 348 12.83 -7.04 41.57
N TYR A 349 11.85 -7.56 40.85
CA TYR A 349 10.78 -8.35 41.43
C TYR A 349 11.24 -9.80 41.60
N ASN A 350 11.22 -10.25 42.84
CA ASN A 350 11.42 -11.65 43.23
C ASN A 350 10.33 -12.04 44.21
N VAL A 351 9.95 -13.31 44.19
CA VAL A 351 9.06 -13.88 45.20
C VAL A 351 9.88 -14.81 46.07
N GLU A 352 9.79 -14.61 47.39
CA GLU A 352 10.60 -15.30 48.37
C GLU A 352 10.15 -16.76 48.53
N GLU A 353 10.99 -17.54 49.21
CA GLU A 353 10.64 -18.93 49.49
C GLU A 353 9.61 -19.05 50.61
N ALA A 354 9.50 -18.04 51.47
CA ALA A 354 8.47 -18.04 52.51
C ALA A 354 7.10 -17.73 51.94
N TYR A 355 7.03 -16.93 50.88
CA TYR A 355 5.78 -16.55 50.24
C TYR A 355 5.42 -17.46 49.06
N GLY A 356 6.06 -18.62 48.94
CA GLY A 356 5.86 -19.47 47.79
C GLY A 356 4.56 -20.26 47.79
N SER A 357 3.91 -20.37 48.94
CA SER A 357 2.62 -21.04 49.02
C SER A 357 1.45 -20.11 48.76
N VAL A 358 1.70 -18.79 48.67
CA VAL A 358 0.64 -17.82 48.42
C VAL A 358 1.00 -17.00 47.18
N LYS A 359 1.78 -17.58 46.26
CA LYS A 359 2.44 -16.83 45.19
C LYS A 359 1.45 -16.37 44.11
N LYS A 360 0.45 -17.20 43.80
CA LYS A 360 -0.52 -16.87 42.76
C LYS A 360 -1.51 -15.81 43.22
N LYS A 361 -1.86 -15.83 44.51
CA LYS A 361 -2.77 -14.84 45.11
C LYS A 361 -2.15 -13.45 45.17
N LEU A 362 -0.87 -13.40 45.61
CA LEU A 362 -0.08 -12.18 45.61
C LEU A 362 0.18 -11.65 44.20
N ASN A 363 0.37 -12.56 43.25
CA ASN A 363 0.69 -12.15 41.87
C ASN A 363 -0.53 -11.58 41.16
N LYS A 364 -1.72 -12.18 41.37
CA LYS A 364 -2.96 -11.66 40.78
C LYS A 364 -3.38 -10.33 41.40
N ALA A 365 -3.28 -10.23 42.74
CA ALA A 365 -3.66 -9.02 43.46
C ALA A 365 -2.69 -7.86 43.19
N LEU A 366 -1.39 -8.14 43.13
CA LEU A 366 -0.42 -7.08 42.85
C LEU A 366 -0.40 -6.73 41.36
N SER A 367 -0.72 -7.69 40.48
CA SER A 367 -0.65 -7.44 39.05
C SER A 367 -1.81 -6.59 38.57
N SER A 368 -2.96 -6.69 39.25
CA SER A 368 -4.01 -5.71 38.98
C SER A 368 -3.66 -4.32 39.53
N ALA A 369 -2.87 -4.23 40.60
CA ALA A 369 -2.58 -2.97 41.27
C ALA A 369 -1.34 -2.26 40.76
N LEU A 370 -0.59 -2.88 39.84
CA LEU A 370 0.58 -2.21 39.25
C LEU A 370 0.23 -1.07 38.30
N PHE A 371 -1.01 -0.98 37.81
CA PHE A 371 -1.40 0.00 36.81
C PHE A 371 -2.15 1.19 37.42
N ALA A 372 -1.88 1.51 38.67
CA ALA A 372 -2.62 2.55 39.38
C ALA A 372 -1.65 3.62 39.89
N GLU A 373 -2.21 4.77 40.23
CA GLU A 373 -1.47 5.87 40.83
C GLU A 373 -1.51 5.85 42.35
N ARG A 374 -2.67 5.62 42.94
CA ARG A 374 -2.84 5.49 44.38
C ARG A 374 -3.52 4.17 44.69
N VAL A 375 -2.95 3.42 45.62
CA VAL A 375 -3.46 2.10 46.01
C VAL A 375 -3.72 2.14 47.51
N LEU A 376 -4.96 1.83 47.90
CA LEU A 376 -5.32 1.71 49.31
C LEU A 376 -5.34 0.24 49.70
N LEU A 377 -4.59 -0.11 50.74
CA LEU A 377 -4.39 -1.50 51.15
C LEU A 377 -5.29 -1.82 52.34
N ILE A 378 -6.35 -2.59 52.09
CA ILE A 378 -7.33 -2.93 53.10
C ILE A 378 -7.27 -4.43 53.37
N GLU A 379 -8.07 -4.94 54.30
CA GLU A 379 -7.89 -6.31 54.76
C GLU A 379 -8.77 -7.31 54.00
N GLY A 380 -10.09 -7.12 54.03
CA GLY A 380 -10.99 -8.09 53.46
C GLY A 380 -12.10 -7.47 52.64
N PRO A 381 -13.16 -8.24 52.37
CA PRO A 381 -14.24 -7.72 51.50
C PRO A 381 -15.24 -6.80 52.20
N SER A 382 -15.27 -6.76 53.54
CA SER A 382 -16.22 -5.88 54.24
C SER A 382 -15.79 -4.42 54.15
N GLU A 383 -14.48 -4.18 54.24
CA GLU A 383 -13.91 -2.85 54.02
C GLU A 383 -14.07 -2.43 52.56
N LYS A 384 -14.00 -3.40 51.65
CA LYS A 384 -14.24 -3.18 50.23
C LYS A 384 -15.69 -2.78 49.95
N ILE A 385 -16.65 -3.42 50.63
CA ILE A 385 -18.08 -3.13 50.48
C ILE A 385 -18.43 -1.73 51.02
N LEU A 386 -17.88 -1.39 52.20
CA LEU A 386 -18.12 -0.08 52.81
C LEU A 386 -17.44 1.06 52.04
N PHE A 387 -16.18 0.85 51.59
CA PHE A 387 -15.48 1.88 50.85
C PHE A 387 -15.98 2.01 49.41
N GLU A 388 -16.52 0.92 48.82
CA GLU A 388 -17.15 1.02 47.51
C GLU A 388 -18.47 1.78 47.57
N LYS A 389 -19.23 1.63 48.67
CA LYS A 389 -20.44 2.41 48.87
C LYS A 389 -20.15 3.90 49.09
N VAL A 390 -19.13 4.20 49.91
CA VAL A 390 -18.77 5.59 50.24
C VAL A 390 -18.16 6.30 49.02
N LEU A 391 -17.30 5.62 48.28
CA LEU A 391 -16.78 6.19 47.05
C LEU A 391 -17.76 6.10 45.89
N ASP A 392 -18.83 5.31 45.99
CA ASP A 392 -19.90 5.43 45.01
C ASP A 392 -20.75 6.66 45.27
N GLU A 393 -20.97 6.98 46.54
CA GLU A 393 -21.83 8.12 46.87
C GLU A 393 -21.09 9.46 46.90
N VAL A 394 -19.76 9.48 46.97
CA VAL A 394 -19.02 10.73 47.06
C VAL A 394 -18.26 11.06 45.77
N GLU A 395 -17.30 10.20 45.37
CA GLU A 395 -16.42 10.47 44.25
C GLU A 395 -16.41 9.25 43.33
N PRO A 396 -17.39 9.12 42.43
CA PRO A 396 -17.53 7.88 41.65
C PRO A 396 -16.54 7.70 40.51
N GLU A 397 -15.72 8.70 40.20
CA GLU A 397 -14.67 8.58 39.20
C GLU A 397 -13.30 8.46 39.86
N TYR A 398 -13.20 7.70 40.96
CA TYR A 398 -11.92 7.57 41.66
C TYR A 398 -10.99 6.63 40.89
N GLU A 399 -11.57 5.66 40.19
CA GLU A 399 -10.82 4.64 39.45
C GLU A 399 -10.47 5.09 38.04
N LEU A 400 -11.15 6.14 37.54
CA LEU A 400 -10.74 6.79 36.31
C LEU A 400 -9.44 7.57 36.50
N ASN A 401 -9.24 8.16 37.68
CA ASN A 401 -8.11 9.03 37.94
C ASN A 401 -6.94 8.30 38.58
N GLY A 402 -7.01 6.98 38.74
CA GLY A 402 -5.87 6.25 39.27
C GLY A 402 -6.00 5.80 40.70
N GLY A 403 -7.19 5.35 41.08
CA GLY A 403 -7.43 4.78 42.40
C GLY A 403 -7.62 3.27 42.32
N PHE A 404 -7.24 2.59 43.40
CA PHE A 404 -7.36 1.14 43.46
C PHE A 404 -7.51 0.73 44.91
N LEU A 405 -8.38 -0.25 45.15
CA LEU A 405 -8.53 -0.88 46.45
C LEU A 405 -7.93 -2.28 46.38
N LEU A 406 -7.02 -2.58 47.30
CA LEU A 406 -6.25 -3.82 47.27
C LEU A 406 -6.45 -4.55 48.60
N GLU A 407 -7.06 -5.73 48.55
CA GLU A 407 -7.29 -6.51 49.76
C GLU A 407 -6.07 -7.40 50.00
N VAL A 408 -5.40 -7.19 51.14
CA VAL A 408 -4.17 -7.87 51.48
C VAL A 408 -4.37 -8.57 52.84
N GLY A 409 -4.73 -9.85 52.79
CA GLY A 409 -5.12 -10.55 54.00
C GLY A 409 -4.18 -11.65 54.41
N GLY A 410 -3.72 -11.57 55.66
CA GLY A 410 -2.92 -12.61 56.28
C GLY A 410 -1.44 -12.60 55.95
N THR A 411 -0.91 -11.46 55.49
CA THR A 411 0.51 -11.32 55.18
C THR A 411 1.08 -10.18 56.02
N TYR A 412 2.36 -9.88 55.81
CA TYR A 412 3.10 -8.96 56.67
C TYR A 412 3.52 -7.67 55.97
N PHE A 413 2.83 -7.29 54.88
CA PHE A 413 2.86 -6.00 54.17
C PHE A 413 4.16 -5.62 53.43
N ASN A 414 5.26 -6.38 53.56
CA ASN A 414 6.55 -5.89 53.07
C ASN A 414 6.71 -6.03 51.56
N HIS A 415 6.11 -7.09 50.99
CA HIS A 415 6.24 -7.43 49.58
C HIS A 415 5.57 -6.41 48.69
N TYR A 416 4.32 -6.05 49.02
CA TYR A 416 3.52 -5.11 48.25
C TYR A 416 4.07 -3.69 48.36
N VAL A 417 4.50 -3.30 49.56
CA VAL A 417 4.98 -1.94 49.79
C VAL A 417 6.35 -1.72 49.17
N CYS A 418 7.22 -2.75 49.17
CA CYS A 418 8.51 -2.66 48.49
C CYS A 418 8.35 -2.65 46.96
N THR A 419 7.42 -3.46 46.42
CA THR A 419 7.15 -3.48 44.99
C THR A 419 6.48 -2.20 44.48
N LEU A 420 5.49 -1.68 45.22
CA LEU A 420 4.83 -0.44 44.82
C LEU A 420 5.68 0.79 45.13
N ASN A 421 6.52 0.73 46.15
CA ASN A 421 7.34 1.88 46.54
C ASN A 421 8.53 2.05 45.62
N ASP A 422 9.10 0.96 45.10
CA ASP A 422 10.21 1.11 44.17
C ASP A 422 9.78 1.52 42.77
N LEU A 423 8.49 1.40 42.44
CA LEU A 423 7.96 1.86 41.17
C LEU A 423 7.38 3.27 41.22
N GLY A 424 7.43 3.93 42.38
CA GLY A 424 6.89 5.26 42.52
C GLY A 424 5.38 5.34 42.53
N ILE A 425 4.73 4.40 43.23
CA ILE A 425 3.27 4.33 43.33
C ILE A 425 2.91 4.64 44.79
N THR A 426 1.94 5.56 44.97
CA THR A 426 1.47 5.94 46.30
C THR A 426 0.68 4.80 46.93
N HIS A 427 1.11 4.38 48.13
CA HIS A 427 0.43 3.32 48.87
C HIS A 427 -0.06 3.87 50.20
N ILE A 428 -1.32 3.56 50.53
CA ILE A 428 -1.95 3.95 51.78
C ILE A 428 -2.42 2.67 52.46
N ILE A 429 -2.10 2.50 53.74
CA ILE A 429 -2.47 1.31 54.48
C ILE A 429 -3.42 1.72 55.59
N LYS A 430 -4.60 1.11 55.63
CA LYS A 430 -5.56 1.26 56.73
C LYS A 430 -5.70 -0.10 57.39
N THR A 431 -5.37 -0.17 58.68
CA THR A 431 -5.38 -1.44 59.39
C THR A 431 -5.78 -1.20 60.84
N ASP A 432 -5.89 -2.30 61.59
CA ASP A 432 -6.29 -2.27 62.99
C ASP A 432 -5.35 -3.13 63.81
N ASN A 433 -5.20 -2.79 65.09
CA ASN A 433 -4.34 -3.58 65.98
C ASN A 433 -5.11 -4.76 66.56
N ASP A 434 -4.48 -5.93 66.50
CA ASP A 434 -5.11 -7.18 66.90
C ASP A 434 -4.27 -7.85 67.97
N LEU A 435 -4.89 -8.78 68.68
CA LEU A 435 -4.23 -9.56 69.72
C LEU A 435 -4.43 -11.03 69.37
N LYS A 436 -3.41 -11.62 68.76
CA LYS A 436 -3.51 -13.00 68.29
C LYS A 436 -3.07 -13.96 69.38
N SER A 437 -3.87 -15.00 69.61
CA SER A 437 -3.53 -15.99 70.63
C SER A 437 -2.53 -17.00 70.08
N LYS A 438 -1.53 -17.32 70.89
CA LYS A 438 -0.50 -18.26 70.49
C LYS A 438 -0.99 -19.70 70.56
N LYS A 439 -0.39 -20.55 69.74
CA LYS A 439 -0.73 -21.97 69.75
C LYS A 439 -0.04 -22.68 70.91
N GLY A 440 -0.82 -23.48 71.63
CA GLY A 440 -0.26 -24.23 72.75
C GLY A 440 0.01 -23.40 73.98
N LYS A 441 -0.66 -22.26 74.10
CA LYS A 441 -0.42 -21.35 75.23
C LYS A 441 -1.71 -20.59 75.50
N LYS A 442 -2.05 -20.45 76.79
CA LYS A 442 -3.26 -19.76 77.21
C LYS A 442 -2.88 -18.49 77.97
N GLY A 443 -3.52 -17.38 77.62
CA GLY A 443 -3.35 -16.13 78.32
C GLY A 443 -2.25 -15.23 77.78
N VAL A 444 -1.48 -15.69 76.81
CA VAL A 444 -0.39 -14.91 76.22
C VAL A 444 -0.80 -14.55 74.80
N TYR A 445 -0.92 -13.26 74.53
CA TYR A 445 -1.31 -12.76 73.22
C TYR A 445 -0.17 -11.99 72.58
N GLU A 446 0.02 -12.20 71.28
CA GLU A 446 0.99 -11.42 70.52
C GLU A 446 0.28 -10.28 69.81
N LEU A 447 1.01 -9.17 69.69
CA LEU A 447 0.50 -7.94 69.09
C LEU A 447 0.72 -8.10 67.60
N LEU A 448 -0.36 -8.14 66.83
CA LEU A 448 -0.23 -8.53 65.42
C LEU A 448 -0.14 -7.32 64.50
N GLY A 449 -1.11 -6.40 64.58
CA GLY A 449 -1.16 -5.28 63.64
C GLY A 449 -0.11 -4.22 63.90
N LEU A 450 0.24 -4.02 65.18
CA LEU A 450 1.36 -3.15 65.55
C LEU A 450 2.69 -3.72 65.09
N ASN A 451 2.86 -5.05 65.14
CA ASN A 451 4.09 -5.65 64.64
C ASN A 451 4.15 -5.66 63.11
N ARG A 452 3.01 -5.70 62.43
CA ARG A 452 3.00 -5.56 60.97
C ARG A 452 3.38 -4.15 60.54
N CYS A 453 2.89 -3.13 61.26
CA CYS A 453 3.26 -1.75 60.98
C CYS A 453 4.71 -1.45 61.38
N LEU A 454 5.22 -2.06 62.45
CA LEU A 454 6.61 -1.89 62.83
C LEU A 454 7.56 -2.66 61.93
N ASN A 455 7.11 -3.81 61.38
CA ASN A 455 7.86 -4.53 60.37
C ASN A 455 7.92 -3.76 59.06
N LEU A 456 6.87 -2.99 58.76
CA LEU A 456 6.91 -2.11 57.61
C LEU A 456 7.83 -0.91 57.84
N LEU A 457 7.83 -0.36 59.06
CA LEU A 457 8.62 0.84 59.33
C LEU A 457 10.11 0.56 59.50
N GLY A 458 10.50 -0.69 59.73
CA GLY A 458 11.90 -1.03 59.87
C GLY A 458 12.29 -1.30 61.30
N ARG A 459 11.42 -1.98 62.04
CA ARG A 459 11.64 -2.28 63.44
C ARG A 459 11.50 -3.78 63.65
N GLU A 460 12.00 -4.25 64.80
CA GLU A 460 11.82 -5.64 65.18
C GLU A 460 10.44 -5.85 65.78
N ASN A 461 10.04 -7.11 65.89
CA ASN A 461 8.75 -7.45 66.48
C ASN A 461 8.79 -7.26 67.98
N LEU A 462 7.66 -6.82 68.55
CA LEU A 462 7.60 -6.58 69.98
C LEU A 462 7.39 -7.90 70.74
N ASP A 463 7.49 -7.80 72.06
CA ASP A 463 7.36 -8.96 72.93
C ASP A 463 5.91 -9.39 73.05
N GLU A 464 5.72 -10.65 73.45
CA GLU A 464 4.39 -11.21 73.65
C GLU A 464 3.86 -10.76 75.00
N ILE A 465 2.74 -10.03 74.98
CA ILE A 465 2.15 -9.50 76.20
C ILE A 465 1.28 -10.60 76.80
N THR A 466 0.96 -10.49 78.09
CA THR A 466 0.05 -11.44 78.72
C THR A 466 -1.01 -10.68 79.50
N ILE A 467 -2.21 -11.25 79.58
CA ILE A 467 -3.31 -10.72 80.37
C ILE A 467 -4.11 -11.92 80.88
N ASP A 468 -4.52 -11.86 82.14
CA ASP A 468 -5.28 -12.94 82.75
C ASP A 468 -6.70 -12.47 83.05
N ILE A 469 -7.64 -13.39 82.88
CA ILE A 469 -9.06 -13.13 83.12
C ILE A 469 -9.56 -14.17 84.10
N PRO A 470 -10.64 -13.90 84.84
CA PRO A 470 -11.35 -15.00 85.52
C PRO A 470 -12.02 -15.91 84.50
N GLU A 471 -12.14 -17.19 84.87
CA GLU A 471 -12.59 -18.20 83.92
C GLU A 471 -14.10 -18.14 83.70
N ASP A 472 -14.86 -17.66 84.69
CA ASP A 472 -16.30 -17.53 84.52
C ASP A 472 -16.66 -16.29 83.68
N ILE A 473 -15.76 -15.32 83.62
CA ILE A 473 -15.99 -14.09 82.87
C ILE A 473 -15.59 -14.35 81.42
N LYS A 474 -16.58 -14.49 80.54
CA LYS A 474 -16.31 -14.70 79.12
C LYS A 474 -17.40 -14.09 78.26
N GLY A 475 -17.35 -14.36 76.96
CA GLY A 475 -18.38 -13.87 76.06
C GLY A 475 -18.17 -12.43 75.65
N LYS A 476 -19.12 -11.58 76.02
CA LYS A 476 -19.04 -10.16 75.70
C LYS A 476 -18.03 -9.44 76.60
N LYS A 477 -17.94 -9.87 77.86
CA LYS A 477 -17.11 -9.18 78.83
C LYS A 477 -15.62 -9.47 78.63
N LYS A 478 -15.32 -10.66 78.06
CA LYS A 478 -13.95 -10.98 77.66
C LYS A 478 -13.51 -10.11 76.48
N LYS A 479 -14.43 -9.83 75.56
CA LYS A 479 -14.15 -8.93 74.44
C LYS A 479 -14.07 -7.48 74.92
N GLU A 480 -14.78 -7.14 76.00
CA GLU A 480 -14.67 -5.80 76.57
C GLU A 480 -13.32 -5.60 77.28
N ARG A 481 -12.83 -6.64 77.97
CA ARG A 481 -11.50 -6.58 78.60
C ARG A 481 -10.40 -6.56 77.55
N LEU A 482 -10.59 -7.28 76.44
CA LEU A 482 -9.64 -7.25 75.34
C LEU A 482 -9.66 -5.92 74.60
N ASN A 483 -10.83 -5.28 74.50
CA ASN A 483 -10.92 -3.97 73.86
C ASN A 483 -10.33 -2.87 74.72
N GLU A 484 -10.48 -2.97 76.05
CA GLU A 484 -9.82 -2.00 76.93
C GLU A 484 -8.31 -2.23 76.99
N ARG A 485 -7.86 -3.47 76.81
CA ARG A 485 -6.43 -3.75 76.69
C ARG A 485 -5.86 -3.21 75.36
N LYS A 486 -6.66 -3.29 74.28
CA LYS A 486 -6.27 -2.69 73.00
C LYS A 486 -6.25 -1.17 73.07
N LYS A 487 -7.14 -0.57 73.87
CA LYS A 487 -7.13 0.87 74.07
C LYS A 487 -5.93 1.30 74.92
N GLU A 488 -5.50 0.46 75.87
CA GLU A 488 -4.28 0.75 76.63
C GLU A 488 -3.02 0.62 75.79
N ILE A 489 -3.01 -0.34 74.85
CA ILE A 489 -1.91 -0.48 73.88
C ILE A 489 -1.87 0.72 72.93
N PHE A 490 -3.04 1.20 72.48
CA PHE A 490 -3.10 2.34 71.58
C PHE A 490 -2.84 3.66 72.30
N LYS A 491 -3.01 3.69 73.62
CA LYS A 491 -2.65 4.89 74.38
C LYS A 491 -1.17 4.93 74.71
N GLN A 492 -0.56 3.78 75.08
CA GLN A 492 0.83 3.84 75.52
C GLN A 492 1.81 3.88 74.35
N TYR A 493 1.42 3.39 73.19
CA TYR A 493 2.27 3.44 71.99
C TYR A 493 1.83 4.58 71.07
N LYS A 494 1.89 5.81 71.56
CA LYS A 494 1.32 6.93 70.80
C LYS A 494 2.31 7.51 69.80
N ASN A 495 3.58 7.61 70.19
CA ASN A 495 4.61 8.16 69.31
C ASN A 495 5.00 7.20 68.18
N GLU A 496 4.75 5.90 68.34
CA GLU A 496 4.86 4.99 67.21
C GLU A 496 3.74 5.20 66.21
N VAL A 497 2.52 5.47 66.70
CA VAL A 497 1.34 5.70 65.86
C VAL A 497 1.48 7.02 65.08
N GLY A 498 2.13 8.02 65.68
CA GLY A 498 2.39 9.29 65.00
C GLY A 498 3.39 9.19 63.84
N GLU A 499 4.44 8.38 64.01
CA GLU A 499 5.36 8.13 62.91
C GLU A 499 4.89 7.04 61.96
N PHE A 500 3.84 6.29 62.32
CA PHE A 500 3.10 5.55 61.29
C PHE A 500 2.26 6.51 60.46
N LEU A 501 1.70 7.53 61.13
CA LEU A 501 0.79 8.49 60.49
C LEU A 501 1.54 9.44 59.56
N GLY A 502 2.83 9.66 59.82
CA GLY A 502 3.65 10.37 58.85
C GLY A 502 3.99 9.57 57.61
N GLU A 503 3.93 8.24 57.67
CA GLU A 503 4.30 7.37 56.57
C GLU A 503 3.09 6.72 55.90
N ARG A 504 1.93 7.41 55.96
CA ARG A 504 0.63 7.03 55.39
C ARG A 504 0.12 5.67 55.88
N ILE A 505 0.29 5.41 57.17
CA ILE A 505 -0.26 4.20 57.80
C ILE A 505 -1.28 4.65 58.85
N TYR A 506 -2.50 4.16 58.71
CA TYR A 506 -3.62 4.53 59.57
C TYR A 506 -3.97 3.31 60.41
N LEU A 507 -3.56 3.33 61.68
CA LEU A 507 -3.85 2.27 62.63
C LEU A 507 -5.07 2.65 63.46
N SER A 508 -6.06 1.76 63.49
CA SER A 508 -7.27 2.00 64.26
C SER A 508 -7.02 1.75 65.74
N GLU A 509 -7.91 2.30 66.56
CA GLU A 509 -7.80 2.13 68.01
C GLU A 509 -8.18 0.72 68.43
N ILE A 510 -9.35 0.25 67.99
CA ILE A 510 -9.76 -1.13 68.21
C ILE A 510 -9.98 -1.79 66.86
N ASP A 511 -10.97 -1.30 66.11
CA ASP A 511 -11.41 -1.94 64.87
C ASP A 511 -11.98 -0.87 63.95
N LEU A 512 -12.46 -1.31 62.79
CA LEU A 512 -13.15 -0.46 61.83
C LEU A 512 -14.53 -0.04 62.31
N GLU A 513 -15.22 -0.97 62.99
CA GLU A 513 -16.62 -0.79 63.35
C GLU A 513 -16.80 0.21 64.48
N ASN A 514 -15.78 0.36 65.34
CA ASN A 514 -15.84 1.36 66.39
C ASN A 514 -15.61 2.77 65.84
N ASP A 515 -14.78 2.89 64.79
CA ASP A 515 -14.64 4.17 64.10
C ASP A 515 -15.86 4.50 63.25
N LEU A 516 -16.54 3.46 62.74
CA LEU A 516 -17.81 3.64 62.05
C LEU A 516 -18.92 4.05 63.01
N TYR A 517 -18.86 3.56 64.25
CA TYR A 517 -19.77 4.04 65.29
C TYR A 517 -19.42 5.46 65.73
N SER A 518 -18.14 5.82 65.66
CA SER A 518 -17.72 7.20 65.91
C SER A 518 -18.14 8.15 64.81
N ALA A 519 -18.34 7.67 63.58
CA ALA A 519 -18.81 8.52 62.49
C ALA A 519 -20.32 8.61 62.37
N ILE A 520 -21.02 7.49 62.17
CA ILE A 520 -22.44 7.51 61.82
C ILE A 520 -23.29 6.72 62.82
N GLY A 521 -22.93 6.78 64.11
CA GLY A 521 -23.49 5.85 65.09
C GLY A 521 -24.92 6.14 65.49
N GLU A 522 -25.42 7.35 65.21
CA GLU A 522 -26.84 7.65 65.38
C GLU A 522 -27.68 6.91 64.34
N SER A 523 -27.19 6.87 63.09
CA SER A 523 -27.86 6.09 62.06
C SER A 523 -27.61 4.59 62.24
N MET A 524 -26.51 4.23 62.90
CA MET A 524 -26.27 2.82 63.24
C MET A 524 -27.21 2.36 64.35
N LYS A 525 -27.59 3.26 65.25
CA LYS A 525 -28.64 2.93 66.21
C LYS A 525 -30.01 2.97 65.57
N ARG A 526 -30.19 3.76 64.50
CA ARG A 526 -31.49 3.84 63.84
C ARG A 526 -31.77 2.59 62.99
N ILE A 527 -30.78 2.12 62.23
CA ILE A 527 -30.99 1.03 61.29
C ILE A 527 -31.04 -0.31 62.01
N PHE A 528 -30.04 -0.60 62.85
CA PHE A 528 -29.91 -1.89 63.50
C PHE A 528 -30.86 -2.09 64.68
N GLU A 529 -31.46 -1.00 65.19
CA GLU A 529 -32.39 -0.84 66.33
C GLU A 529 -32.01 -1.61 67.60
N ASN A 530 -30.71 -1.71 67.88
CA ASN A 530 -30.20 -2.35 69.07
C ASN A 530 -29.46 -1.34 69.92
N GLU A 531 -29.10 -1.73 71.14
CA GLU A 531 -28.22 -0.91 71.95
C GLU A 531 -26.76 -1.11 71.60
N ASP A 532 -26.44 -2.17 70.83
CA ASP A 532 -25.08 -2.48 70.41
C ASP A 532 -25.05 -2.61 68.89
N PRO A 533 -24.84 -1.51 68.16
CA PRO A 533 -24.66 -1.63 66.71
C PRO A 533 -23.27 -2.11 66.32
N VAL A 534 -22.29 -1.99 67.22
CA VAL A 534 -20.95 -2.50 66.97
C VAL A 534 -20.94 -4.03 67.00
N HIS A 535 -21.64 -4.61 67.98
CA HIS A 535 -21.57 -6.04 68.24
C HIS A 535 -22.36 -6.84 67.21
N TYR A 536 -23.50 -6.29 66.75
CA TYR A 536 -24.32 -6.95 65.74
C TYR A 536 -23.66 -6.90 64.37
N LEU A 537 -22.90 -5.84 64.10
CA LEU A 537 -22.12 -5.76 62.88
C LEU A 537 -20.91 -6.67 62.94
N GLN A 538 -20.39 -6.93 64.15
CA GLN A 538 -19.23 -7.80 64.30
C GLN A 538 -19.62 -9.27 64.50
N LYS A 539 -20.92 -9.57 64.60
CA LYS A 539 -21.34 -10.97 64.67
C LYS A 539 -21.18 -11.66 63.31
N SER A 540 -21.87 -11.15 62.29
CA SER A 540 -21.70 -11.63 60.93
C SER A 540 -21.28 -10.44 60.08
N LYS A 541 -20.01 -10.43 59.66
CA LYS A 541 -19.43 -9.24 59.04
C LYS A 541 -19.86 -9.07 57.59
N LEU A 542 -19.99 -10.18 56.85
CA LEU A 542 -20.24 -10.07 55.42
C LEU A 542 -21.69 -9.79 55.07
N PHE A 543 -22.64 -10.03 55.98
CA PHE A 543 -24.05 -9.82 55.70
C PHE A 543 -24.59 -8.54 56.31
N ASN A 544 -24.11 -8.17 57.50
CA ASN A 544 -24.58 -6.95 58.13
C ASN A 544 -23.92 -5.71 57.56
N MET A 545 -22.80 -5.85 56.83
CA MET A 545 -22.24 -4.72 56.12
C MET A 545 -23.06 -4.38 54.89
N VAL A 546 -23.57 -5.40 54.19
CA VAL A 546 -24.47 -5.21 53.05
C VAL A 546 -25.81 -4.66 53.50
N GLU A 547 -26.28 -5.14 54.67
CA GLU A 547 -27.50 -4.64 55.29
C GLU A 547 -27.33 -3.21 55.81
N LEU A 548 -26.10 -2.86 56.22
CA LEU A 548 -25.78 -1.48 56.57
C LEU A 548 -25.77 -0.56 55.35
N VAL A 549 -25.04 -0.93 54.29
CA VAL A 549 -24.90 -0.06 53.12
C VAL A 549 -26.13 -0.06 52.22
N ASN A 550 -27.08 -0.97 52.43
CA ASN A 550 -28.37 -0.90 51.75
C ASN A 550 -29.27 0.18 52.34
N ASN A 551 -28.98 0.64 53.57
CA ASN A 551 -29.85 1.57 54.28
C ASN A 551 -29.25 2.96 54.48
N LEU A 552 -27.95 3.14 54.31
CA LEU A 552 -27.39 4.48 54.27
C LEU A 552 -27.75 5.18 52.95
N SER A 553 -27.52 6.50 52.95
CA SER A 553 -27.90 7.36 51.86
C SER A 553 -26.88 8.49 51.78
N THR A 554 -27.25 9.56 51.09
CA THR A 554 -26.46 10.79 51.06
C THR A 554 -26.57 11.44 52.44
N LYS A 555 -25.46 12.07 52.89
CA LYS A 555 -25.10 12.77 54.13
C LYS A 555 -24.78 11.78 55.26
N ASP A 556 -24.80 10.48 55.01
CA ASP A 556 -24.13 9.54 55.91
C ASP A 556 -22.77 9.16 55.38
N CYS A 557 -22.66 9.01 54.05
CA CYS A 557 -21.37 8.73 53.42
C CYS A 557 -20.44 9.94 53.46
N PHE A 558 -21.01 11.15 53.44
CA PHE A 558 -20.19 12.34 53.68
C PHE A 558 -19.77 12.46 55.14
N ASP A 559 -20.58 11.94 56.06
CA ASP A 559 -20.17 11.88 57.47
C ASP A 559 -19.09 10.83 57.69
N VAL A 560 -19.07 9.77 56.89
CA VAL A 560 -17.94 8.84 56.90
C VAL A 560 -16.71 9.48 56.29
N PHE A 561 -16.87 10.16 55.14
CA PHE A 561 -15.77 10.70 54.33
C PHE A 561 -15.06 11.88 54.98
N GLU A 562 -15.81 12.78 55.63
CA GLU A 562 -15.22 13.95 56.27
C GLU A 562 -14.82 13.74 57.72
N HIS A 563 -14.89 12.51 58.23
CA HIS A 563 -14.39 12.21 59.56
C HIS A 563 -12.86 12.13 59.56
N GLU A 564 -12.27 12.30 60.75
CA GLU A 564 -10.83 12.21 60.91
C GLU A 564 -10.31 10.77 60.94
N LYS A 565 -11.19 9.79 61.16
CA LYS A 565 -10.80 8.39 61.22
C LYS A 565 -10.93 7.67 59.89
N PHE A 566 -11.33 8.37 58.84
CA PHE A 566 -11.35 7.85 57.48
C PHE A 566 -10.63 8.79 56.53
N ALA A 567 -9.40 9.19 56.89
CA ALA A 567 -8.61 10.08 56.05
C ALA A 567 -7.91 9.36 54.92
N CYS A 568 -7.91 8.01 54.94
CA CYS A 568 -7.30 7.21 53.89
C CYS A 568 -8.08 7.30 52.59
N LEU A 569 -9.39 7.54 52.65
CA LEU A 569 -10.18 7.77 51.45
C LEU A 569 -9.85 9.12 50.81
N LYS A 570 -9.55 10.13 51.62
CA LYS A 570 -9.08 11.40 51.08
C LYS A 570 -7.65 11.32 50.57
N GLU A 571 -6.83 10.42 51.12
CA GLU A 571 -5.53 10.12 50.52
C GLU A 571 -5.65 9.34 49.21
N LEU A 572 -6.65 8.47 49.09
CA LEU A 572 -6.88 7.71 47.87
C LEU A 572 -7.46 8.57 46.75
N VAL A 573 -8.34 9.50 47.08
CA VAL A 573 -8.82 10.46 46.07
C VAL A 573 -7.72 11.47 45.73
N GLY A 574 -7.06 12.03 46.73
CA GLY A 574 -5.96 12.93 46.52
C GLY A 574 -6.29 14.40 46.60
N SER A 575 -7.49 14.76 47.02
CA SER A 575 -7.88 16.16 47.15
C SER A 575 -7.30 16.73 48.44
N ASP A 576 -6.43 17.73 48.31
CA ASP A 576 -5.77 18.35 49.44
C ASP A 576 -6.23 19.79 49.61
N ARG A 577 -6.16 20.28 50.84
CA ARG A 577 -6.56 21.66 51.13
C ARG A 577 -5.52 22.66 50.66
N GLY A 578 -4.25 22.30 50.66
CA GLY A 578 -3.20 23.19 50.22
C GLY A 578 -2.96 23.16 48.72
N MET B 1 34.92 -52.74 2.63
CA MET B 1 35.19 -51.96 3.83
C MET B 1 36.66 -52.05 4.23
N ILE B 2 37.00 -53.16 4.91
CA ILE B 2 38.25 -53.52 5.62
C ILE B 2 38.96 -52.38 6.36
N GLU B 3 40.29 -52.51 6.53
CA GLU B 3 41.07 -51.74 7.49
C GLU B 3 41.26 -50.28 7.09
N ASP B 4 41.29 -49.99 5.78
CA ASP B 4 41.52 -48.62 5.31
C ASP B 4 40.29 -47.73 5.53
N GLU B 5 39.10 -48.23 5.17
CA GLU B 5 37.87 -47.48 5.45
C GLU B 5 37.48 -47.55 6.92
N MET B 6 37.90 -48.61 7.64
CA MET B 6 37.71 -48.66 9.09
C MET B 6 38.58 -47.63 9.81
N SER B 7 39.81 -47.43 9.34
CA SER B 7 40.67 -46.38 9.90
C SER B 7 40.22 -44.99 9.47
N ARG B 8 39.63 -44.87 8.28
CA ARG B 8 39.07 -43.58 7.83
C ARG B 8 37.83 -43.20 8.64
N GLU B 9 36.97 -44.17 8.95
CA GLU B 9 35.86 -43.94 9.86
C GLU B 9 36.31 -43.76 11.31
N GLN B 10 37.48 -44.30 11.68
CA GLN B 10 38.05 -44.03 12.99
C GLN B 10 38.57 -42.59 13.11
N ILE B 11 39.19 -42.07 12.04
CA ILE B 11 39.65 -40.68 12.00
C ILE B 11 38.46 -39.71 11.95
N ILE B 12 37.39 -40.07 11.22
CA ILE B 12 36.18 -39.25 11.14
C ILE B 12 35.40 -39.27 12.46
N LYS B 13 35.34 -40.44 13.12
CA LYS B 13 34.43 -40.64 14.24
C LYS B 13 34.92 -40.04 15.56
N ASP B 14 36.19 -39.62 15.66
CA ASP B 14 36.72 -39.22 16.96
C ASP B 14 36.32 -37.79 17.31
N GLY B 15 36.65 -37.41 18.56
CA GLY B 15 36.49 -36.05 19.02
C GLY B 15 37.60 -35.65 19.98
N GLY B 16 38.67 -36.44 20.03
CA GLY B 16 39.75 -36.25 20.97
C GLY B 16 41.03 -35.79 20.31
N ASN B 17 42.14 -35.98 21.04
CA ASN B 17 43.45 -35.57 20.58
C ASN B 17 43.97 -36.59 19.56
N ILE B 18 44.38 -36.11 18.39
CA ILE B 18 44.77 -36.98 17.28
C ILE B 18 46.18 -36.60 16.84
N LEU B 19 47.10 -37.56 16.92
CA LEU B 19 48.45 -37.41 16.40
C LEU B 19 48.62 -38.40 15.25
N VAL B 20 48.97 -37.90 14.07
CA VAL B 20 49.05 -38.71 12.87
C VAL B 20 50.52 -38.85 12.48
N THR B 21 51.00 -40.09 12.44
CA THR B 21 52.32 -40.41 11.91
C THR B 21 52.13 -40.96 10.50
N ALA B 22 52.02 -40.04 9.54
CA ALA B 22 51.76 -40.39 8.15
C ALA B 22 53.08 -40.60 7.42
N GLY B 23 53.02 -40.67 6.09
CA GLY B 23 54.18 -40.81 5.26
C GLY B 23 54.50 -39.54 4.49
N ALA B 24 55.28 -39.69 3.43
CA ALA B 24 55.63 -38.57 2.56
C ALA B 24 54.61 -38.47 1.44
N GLY B 25 53.85 -37.38 1.44
CA GLY B 25 52.75 -37.25 0.49
C GLY B 25 51.58 -38.07 0.93
N SER B 26 51.10 -38.94 0.02
CA SER B 26 50.06 -39.97 0.21
C SER B 26 48.72 -39.40 0.64
N GLY B 27 48.38 -38.20 0.14
CA GLY B 27 47.08 -37.60 0.38
C GLY B 27 46.79 -37.11 1.78
N LYS B 28 47.75 -36.39 2.39
CA LYS B 28 47.47 -35.74 3.66
C LYS B 28 46.57 -34.52 3.50
N THR B 29 46.64 -33.87 2.34
CA THR B 29 45.90 -32.64 2.10
C THR B 29 44.40 -32.92 1.92
N THR B 30 44.06 -34.01 1.22
CA THR B 30 42.66 -34.36 1.00
C THR B 30 41.99 -34.88 2.27
N ILE B 31 42.73 -35.62 3.10
CA ILE B 31 42.18 -36.08 4.36
C ILE B 31 42.15 -34.94 5.39
N LEU B 32 43.01 -33.91 5.22
CA LEU B 32 42.96 -32.73 6.07
C LEU B 32 41.76 -31.85 5.72
N VAL B 33 41.47 -31.70 4.41
CA VAL B 33 40.31 -30.95 3.93
C VAL B 33 39.01 -31.66 4.30
N SER B 34 38.99 -33.01 4.24
CA SER B 34 37.81 -33.78 4.64
C SER B 34 37.60 -33.80 6.15
N LYS B 35 38.69 -33.78 6.94
CA LYS B 35 38.56 -33.70 8.40
C LYS B 35 38.11 -32.32 8.84
N ILE B 36 38.59 -31.26 8.17
CA ILE B 36 38.18 -29.89 8.45
C ILE B 36 36.72 -29.66 8.05
N GLU B 37 36.31 -30.23 6.91
CA GLU B 37 34.91 -30.11 6.46
C GLU B 37 33.95 -30.93 7.31
N ALA B 38 34.38 -32.10 7.81
CA ALA B 38 33.55 -32.87 8.73
C ALA B 38 33.47 -32.22 10.10
N ASP B 39 34.55 -31.55 10.54
CA ASP B 39 34.52 -30.83 11.81
C ASP B 39 33.66 -29.57 11.73
N LEU B 40 33.68 -28.88 10.60
CA LEU B 40 32.79 -27.74 10.42
C LEU B 40 31.35 -28.14 10.14
N LYS B 41 31.12 -29.35 9.64
CA LYS B 41 29.76 -29.86 9.52
C LYS B 41 29.20 -30.28 10.87
N GLU B 42 30.05 -30.87 11.72
CA GLU B 42 29.59 -31.35 13.03
C GLU B 42 29.38 -30.22 14.03
N ASN B 43 30.10 -29.10 13.89
CA ASN B 43 30.02 -28.00 14.85
C ASN B 43 28.94 -27.02 14.40
N LYS B 44 27.86 -26.93 15.17
CA LYS B 44 26.79 -25.97 14.94
C LYS B 44 26.90 -24.75 15.84
N THR B 45 27.99 -24.63 16.59
CA THR B 45 28.16 -23.55 17.56
C THR B 45 28.85 -22.36 16.90
N HIS B 46 29.33 -21.44 17.73
CA HIS B 46 30.04 -20.25 17.29
C HIS B 46 31.54 -20.47 17.13
N TYR B 47 32.03 -21.67 17.44
CA TYR B 47 33.46 -21.94 17.51
C TYR B 47 34.08 -22.07 16.11
N SER B 48 35.39 -21.81 16.04
CA SER B 48 36.12 -21.81 14.78
C SER B 48 37.50 -22.42 14.99
N ILE B 49 38.16 -22.76 13.88
CA ILE B 49 39.39 -23.53 13.87
C ILE B 49 40.53 -22.69 13.32
N ALA B 50 41.74 -23.24 13.43
CA ALA B 50 42.97 -22.55 13.02
C ALA B 50 43.87 -23.53 12.27
N ALA B 51 43.82 -23.47 10.94
CA ALA B 51 44.68 -24.29 10.08
C ALA B 51 46.04 -23.62 9.96
N VAL B 52 47.03 -24.18 10.66
CA VAL B 52 48.35 -23.59 10.81
C VAL B 52 49.34 -24.35 9.95
N THR B 53 50.02 -23.63 9.05
CA THR B 53 51.02 -24.22 8.17
C THR B 53 52.36 -23.50 8.28
N PHE B 54 53.30 -23.79 7.38
CA PHE B 54 54.56 -23.06 7.34
C PHE B 54 54.67 -22.07 6.18
N THR B 55 54.32 -22.48 4.97
CA THR B 55 54.37 -21.60 3.82
C THR B 55 52.95 -21.23 3.40
N ASN B 56 52.78 -20.00 2.91
CA ASN B 56 51.45 -19.45 2.65
C ASN B 56 50.82 -19.94 1.35
N LYS B 57 51.57 -20.65 0.50
CA LYS B 57 51.00 -21.26 -0.70
C LYS B 57 50.06 -22.41 -0.36
N ALA B 58 50.42 -23.20 0.67
CA ALA B 58 49.53 -24.25 1.17
C ALA B 58 48.32 -23.67 1.89
N ALA B 59 48.48 -22.50 2.53
CA ALA B 59 47.36 -21.80 3.15
C ALA B 59 46.39 -21.25 2.10
N LYS B 60 46.92 -20.77 0.98
CA LYS B 60 46.06 -20.34 -0.13
C LYS B 60 45.43 -21.53 -0.85
N GLU B 61 46.09 -22.69 -0.83
CA GLU B 61 45.50 -23.92 -1.37
C GLU B 61 44.34 -24.40 -0.51
N ILE B 62 44.47 -24.31 0.82
CA ILE B 62 43.40 -24.67 1.75
C ILE B 62 42.23 -23.66 1.66
N GLU B 63 42.57 -22.37 1.47
CA GLU B 63 41.55 -21.33 1.27
C GLU B 63 40.83 -21.46 -0.08
N GLY B 64 41.53 -21.94 -1.12
CA GLY B 64 40.86 -22.21 -2.37
C GLY B 64 40.03 -23.48 -2.37
N ARG B 65 40.46 -24.48 -1.59
CA ARG B 65 39.71 -25.73 -1.50
C ARG B 65 38.46 -25.60 -0.64
N LEU B 66 38.51 -24.79 0.42
CA LEU B 66 37.37 -24.69 1.33
C LEU B 66 36.30 -23.75 0.79
N GLY B 67 36.65 -22.47 0.62
CA GLY B 67 35.73 -21.47 0.12
C GLY B 67 35.64 -20.28 1.06
N TYR B 68 34.46 -19.67 1.10
CA TYR B 68 34.20 -18.49 1.91
C TYR B 68 33.32 -18.88 3.10
N SER B 69 33.74 -18.49 4.29
CA SER B 69 33.01 -18.79 5.51
C SER B 69 32.89 -17.54 6.36
N SER B 70 31.78 -17.43 7.07
CA SER B 70 31.53 -16.32 7.99
C SER B 70 31.78 -16.71 9.44
N ARG B 71 32.36 -17.89 9.69
CA ARG B 71 32.61 -18.32 11.05
C ARG B 71 33.88 -17.72 11.65
N GLY B 72 34.71 -17.06 10.83
CA GLY B 72 35.90 -16.42 11.34
C GLY B 72 37.04 -17.36 11.64
N ASN B 73 37.13 -18.47 10.93
CA ASN B 73 38.22 -19.42 11.13
C ASN B 73 39.52 -18.96 10.47
N PHE B 74 40.63 -19.23 11.14
CA PHE B 74 41.92 -18.76 10.66
C PHE B 74 42.57 -19.83 9.81
N ILE B 75 43.06 -19.43 8.63
CA ILE B 75 43.90 -20.28 7.78
C ILE B 75 45.16 -19.48 7.46
N GLY B 76 46.31 -20.01 7.88
CA GLY B 76 47.54 -19.29 7.60
C GLY B 76 48.73 -19.93 8.26
N THR B 77 49.84 -19.20 8.25
CA THR B 77 51.07 -19.70 8.83
C THR B 77 51.09 -19.46 10.35
N ASN B 78 52.12 -20.01 11.00
CA ASN B 78 52.23 -19.90 12.45
C ASN B 78 52.69 -18.51 12.88
N ASP B 79 53.49 -17.84 12.05
CA ASP B 79 53.95 -16.49 12.33
C ASP B 79 52.79 -15.49 12.23
N GLY B 80 51.90 -15.69 11.26
CA GLY B 80 50.69 -14.91 11.17
C GLY B 80 49.70 -15.19 12.28
N PHE B 81 49.67 -16.44 12.77
CA PHE B 81 48.82 -16.83 13.91
C PHE B 81 49.27 -16.17 15.20
N VAL B 82 50.58 -16.16 15.45
CA VAL B 82 51.14 -15.53 16.63
C VAL B 82 51.04 -14.00 16.54
N GLU B 83 51.34 -13.43 15.36
CA GLU B 83 51.27 -11.99 15.18
C GLU B 83 49.84 -11.45 15.07
N SER B 84 48.85 -12.29 14.79
CA SER B 84 47.48 -11.81 14.64
C SER B 84 46.60 -12.12 15.84
N GLU B 85 46.87 -13.19 16.58
CA GLU B 85 45.96 -13.61 17.64
C GLU B 85 46.48 -13.38 19.05
N ILE B 86 47.80 -13.23 19.25
CA ILE B 86 48.38 -13.17 20.58
C ILE B 86 49.13 -11.87 20.82
N ILE B 87 50.02 -11.49 19.90
CA ILE B 87 50.95 -10.37 20.13
C ILE B 87 50.26 -9.02 19.97
N ARG B 88 49.62 -8.82 18.80
CA ARG B 88 49.01 -7.53 18.46
C ARG B 88 47.80 -7.11 19.30
N PRO B 89 46.78 -7.96 19.63
CA PRO B 89 45.73 -7.46 20.54
C PRO B 89 46.11 -7.38 22.00
N PHE B 90 47.18 -8.06 22.46
CA PHE B 90 47.43 -8.19 23.89
C PHE B 90 48.82 -7.72 24.32
N ILE B 91 49.56 -7.01 23.46
CA ILE B 91 50.86 -6.46 23.84
C ILE B 91 50.69 -5.26 24.79
N LYS B 92 49.55 -4.57 24.75
CA LYS B 92 49.30 -3.44 25.63
C LYS B 92 48.62 -3.85 26.93
N ASP B 93 48.34 -5.14 27.10
CA ASP B 93 47.76 -5.64 28.34
C ASP B 93 48.65 -6.62 29.08
N ALA B 94 49.48 -7.38 28.38
CA ALA B 94 50.36 -8.31 29.07
C ALA B 94 51.66 -7.68 29.53
N PHE B 95 51.95 -6.44 29.12
CA PHE B 95 53.23 -5.82 29.44
C PHE B 95 53.09 -4.34 29.77
N GLY B 96 51.94 -3.92 30.28
CA GLY B 96 51.71 -2.53 30.55
C GLY B 96 51.35 -1.76 29.30
N ASN B 97 51.23 -0.44 29.47
CA ASN B 97 50.79 0.43 28.38
C ASN B 97 51.95 1.01 27.58
N ASP B 98 53.18 0.60 27.86
CA ASP B 98 54.35 1.22 27.25
C ASP B 98 54.70 0.64 25.89
N TYR B 99 54.00 -0.44 25.44
CA TYR B 99 54.44 -1.04 24.19
C TYR B 99 53.50 -0.63 23.05
N PRO B 100 54.00 -0.47 21.82
CA PRO B 100 53.12 -0.03 20.72
C PRO B 100 52.21 -1.15 20.21
N ASP B 101 51.02 -0.73 19.76
CA ASP B 101 50.00 -1.67 19.32
C ASP B 101 50.35 -2.27 17.97
N ASN B 102 50.78 -1.46 17.03
CA ASN B 102 51.20 -1.91 15.71
C ASN B 102 52.73 -2.00 15.66
N PHE B 103 53.21 -2.82 14.72
CA PHE B 103 54.63 -3.07 14.56
C PHE B 103 54.90 -3.34 13.08
N THR B 104 56.08 -3.85 12.78
CA THR B 104 56.42 -4.31 11.45
C THR B 104 57.17 -5.63 11.60
N ALA B 105 56.75 -6.65 10.86
CA ALA B 105 57.38 -7.96 10.93
C ALA B 105 58.64 -7.96 10.07
N GLU B 106 59.80 -7.94 10.72
CA GLU B 106 61.08 -7.95 10.02
C GLU B 106 62.11 -8.66 10.90
N TYR B 107 62.31 -9.95 10.64
CA TYR B 107 63.18 -10.82 11.42
C TYR B 107 64.49 -11.09 10.70
N PHE B 108 64.90 -10.17 9.81
CA PHE B 108 66.01 -10.41 8.91
C PHE B 108 67.35 -9.83 9.39
N ASP B 109 67.34 -8.90 10.34
CA ASP B 109 68.56 -8.17 10.67
C ASP B 109 68.93 -8.22 12.14
N ASN B 110 67.95 -8.22 13.03
CA ASN B 110 68.21 -8.12 14.46
C ASN B 110 68.62 -9.48 15.02
N GLN B 111 69.78 -9.54 15.65
CA GLN B 111 70.40 -10.78 16.11
C GLN B 111 70.79 -10.69 17.58
N PHE B 112 69.86 -10.28 18.43
CA PHE B 112 70.11 -10.20 19.87
C PHE B 112 70.12 -11.59 20.49
N ALA B 113 70.67 -11.68 21.70
CA ALA B 113 70.86 -12.96 22.38
C ALA B 113 70.28 -13.00 23.79
N SER B 114 69.53 -11.99 24.21
CA SER B 114 68.91 -11.99 25.53
C SER B 114 67.47 -11.48 25.41
N TYR B 115 66.65 -11.87 26.39
CA TYR B 115 65.23 -11.55 26.35
C TYR B 115 64.95 -10.10 26.73
N ASP B 116 65.72 -9.53 27.68
CA ASP B 116 65.48 -8.17 28.12
C ASP B 116 65.96 -7.13 27.11
N LYS B 117 67.03 -7.42 26.37
CA LYS B 117 67.43 -6.53 25.29
C LYS B 117 66.50 -6.66 24.09
N GLY B 118 65.88 -7.83 23.87
CA GLY B 118 64.86 -7.95 22.84
C GLY B 118 63.57 -7.24 23.20
N LEU B 119 63.25 -7.19 24.50
CA LEU B 119 62.14 -6.36 24.98
C LEU B 119 62.46 -4.87 24.86
N GLN B 120 63.75 -4.51 24.98
CA GLN B 120 64.16 -3.13 24.70
C GLN B 120 64.14 -2.79 23.21
N VAL B 121 64.38 -3.79 22.34
CA VAL B 121 64.16 -3.62 20.90
C VAL B 121 62.67 -3.42 20.60
N LEU B 122 61.80 -4.19 21.26
CA LEU B 122 60.34 -4.06 21.09
C LEU B 122 59.78 -2.76 21.66
N LYS B 123 60.43 -2.22 22.70
CA LYS B 123 59.91 -1.03 23.36
C LYS B 123 60.19 0.24 22.56
N TYR B 124 61.43 0.43 22.11
CA TYR B 124 61.84 1.72 21.57
C TYR B 124 61.62 1.84 20.07
N GLN B 125 62.24 0.96 19.28
CA GLN B 125 62.33 1.16 17.84
C GLN B 125 61.29 0.37 17.04
N ASN B 126 60.38 -0.35 17.72
CA ASN B 126 59.10 -0.87 17.20
C ASN B 126 59.28 -1.91 16.08
N ILE B 127 60.09 -2.93 16.35
CA ILE B 127 60.38 -3.94 15.34
C ILE B 127 60.50 -5.29 16.07
N LEU B 128 60.17 -6.37 15.38
CA LEU B 128 60.19 -7.73 15.94
C LEU B 128 61.38 -8.48 15.36
N GLY B 129 62.45 -8.59 16.15
CA GLY B 129 63.65 -9.28 15.73
C GLY B 129 63.60 -10.76 16.05
N THR B 130 64.77 -11.38 16.09
CA THR B 130 64.89 -12.81 16.35
C THR B 130 66.19 -13.10 17.08
N TYR B 131 66.26 -14.29 17.66
CA TYR B 131 67.45 -14.72 18.38
C TYR B 131 68.51 -15.22 17.42
N SER B 132 69.76 -15.23 17.90
CA SER B 132 70.87 -15.76 17.13
C SER B 132 70.88 -17.28 17.12
N ASN B 133 70.45 -17.89 18.21
CA ASN B 133 70.40 -19.35 18.35
C ASN B 133 69.23 -19.91 17.55
N PRO B 134 69.46 -20.81 16.59
CA PRO B 134 68.34 -21.35 15.80
C PRO B 134 67.46 -22.36 16.52
N LYS B 135 67.86 -22.85 17.69
CA LYS B 135 67.01 -23.70 18.50
C LYS B 135 66.16 -22.90 19.49
N LYS B 136 66.27 -21.58 19.48
CA LYS B 136 65.44 -20.70 20.30
C LYS B 136 64.67 -19.75 19.39
N ASN B 137 63.47 -19.36 19.84
CA ASN B 137 62.62 -18.45 19.09
C ASN B 137 62.18 -17.31 20.01
N PHE B 138 62.31 -16.08 19.53
CA PHE B 138 61.89 -14.93 20.32
C PHE B 138 60.38 -14.74 20.30
N LYS B 139 59.74 -15.01 19.15
CA LYS B 139 58.33 -14.70 18.96
C LYS B 139 57.42 -15.66 19.70
N PHE B 140 57.75 -16.95 19.69
CA PHE B 140 56.92 -17.95 20.35
C PHE B 140 57.12 -17.92 21.87
N GLN B 141 58.32 -17.56 22.34
CA GLN B 141 58.52 -17.32 23.76
C GLN B 141 57.84 -16.04 24.23
N LEU B 142 57.76 -15.02 23.36
CA LEU B 142 57.00 -13.81 23.64
C LEU B 142 55.49 -14.09 23.70
N ALA B 143 55.00 -14.96 22.81
CA ALA B 143 53.59 -15.37 22.82
C ALA B 143 53.26 -16.22 24.04
N LEU B 144 54.21 -17.06 24.49
CA LEU B 144 54.03 -17.83 25.72
C LEU B 144 54.06 -16.94 26.95
N ASP B 145 54.87 -15.87 26.93
CA ASP B 145 54.90 -14.94 28.06
C ASP B 145 53.64 -14.08 28.12
N ILE B 146 53.07 -13.73 26.95
CA ILE B 146 51.82 -12.96 26.89
C ILE B 146 50.65 -13.83 27.34
N LEU B 147 50.58 -15.08 26.87
CA LEU B 147 49.56 -16.02 27.32
C LEU B 147 49.75 -16.50 28.76
N LYS B 148 50.96 -16.40 29.30
CA LYS B 148 51.15 -16.60 30.73
C LYS B 148 50.62 -15.43 31.54
N LYS B 149 50.89 -14.20 31.08
CA LYS B 149 50.55 -13.04 31.89
C LYS B 149 49.10 -12.58 31.72
N SER B 150 48.62 -12.46 30.48
CA SER B 150 47.33 -11.83 30.23
C SER B 150 46.17 -12.80 30.43
N LEU B 151 45.18 -12.36 31.21
CA LEU B 151 43.99 -13.18 31.44
C LEU B 151 43.07 -13.17 30.22
N VAL B 152 42.91 -12.02 29.58
CA VAL B 152 41.97 -11.86 28.46
C VAL B 152 42.47 -12.55 27.19
N ALA B 153 43.79 -12.77 27.06
CA ALA B 153 44.32 -13.57 25.96
C ALA B 153 43.96 -15.04 26.11
N ARG B 154 44.02 -15.56 27.35
CA ARG B 154 43.60 -16.93 27.64
C ARG B 154 42.10 -17.11 27.48
N GLN B 155 41.31 -16.11 27.89
CA GLN B 155 39.86 -16.13 27.70
C GLN B 155 39.46 -16.05 26.23
N TYR B 156 40.21 -15.28 25.43
CA TYR B 156 39.95 -15.19 23.99
C TYR B 156 40.35 -16.47 23.26
N ILE B 157 41.47 -17.09 23.65
CA ILE B 157 41.92 -18.30 22.95
C ILE B 157 41.10 -19.51 23.39
N PHE B 158 40.47 -19.49 24.57
CA PHE B 158 39.52 -20.55 24.89
C PHE B 158 38.15 -20.29 24.28
N SER B 159 37.75 -19.02 24.15
CA SER B 159 36.41 -18.70 23.65
C SER B 159 36.30 -18.83 22.13
N LYS B 160 37.35 -18.51 21.38
CA LYS B 160 37.20 -18.50 19.93
C LYS B 160 37.55 -19.84 19.28
N TYR B 161 38.75 -20.35 19.53
CA TYR B 161 39.27 -21.47 18.76
C TYR B 161 39.01 -22.79 19.47
N PHE B 162 38.45 -23.74 18.72
CA PHE B 162 38.05 -25.05 19.22
C PHE B 162 39.15 -26.09 19.02
N LYS B 163 39.78 -26.11 17.84
CA LYS B 163 40.83 -27.06 17.55
C LYS B 163 41.79 -26.45 16.53
N ILE B 164 43.09 -26.67 16.73
CA ILE B 164 44.13 -26.10 15.89
C ILE B 164 44.74 -27.22 15.04
N PHE B 165 44.68 -27.07 13.73
CA PHE B 165 45.18 -28.07 12.78
C PHE B 165 46.62 -27.73 12.44
N ILE B 166 47.56 -28.31 13.16
CA ILE B 166 48.98 -28.05 12.96
C ILE B 166 49.49 -28.96 11.84
N ASP B 167 50.22 -28.36 10.89
CA ASP B 167 50.77 -29.08 9.74
C ASP B 167 52.30 -28.97 9.78
N GLU B 168 52.94 -30.05 9.28
CA GLU B 168 54.40 -30.25 9.18
C GLU B 168 55.09 -30.14 10.55
N TYR B 169 54.74 -31.06 11.44
CA TYR B 169 55.23 -31.05 12.81
C TYR B 169 56.61 -31.71 12.95
N GLN B 170 57.14 -32.31 11.88
CA GLN B 170 58.42 -33.03 11.93
C GLN B 170 59.63 -32.11 12.00
N ASP B 171 59.47 -30.82 11.69
CA ASP B 171 60.50 -29.80 11.89
C ASP B 171 59.91 -28.59 12.63
N SER B 172 59.89 -28.70 13.95
CA SER B 172 59.29 -27.70 14.82
C SER B 172 60.24 -27.38 15.97
N ASP B 173 60.10 -26.18 16.51
CA ASP B 173 60.97 -25.70 17.57
C ASP B 173 60.51 -26.23 18.92
N LYS B 174 61.41 -26.18 19.91
CA LYS B 174 61.06 -26.53 21.28
C LYS B 174 60.14 -25.48 21.92
N ASP B 175 60.27 -24.22 21.50
CA ASP B 175 59.37 -23.17 21.98
C ASP B 175 57.98 -23.30 21.37
N MET B 176 57.90 -23.81 20.14
CA MET B 176 56.60 -24.12 19.52
C MET B 176 55.92 -25.29 20.22
N HIS B 177 56.70 -26.28 20.63
CA HIS B 177 56.20 -27.39 21.43
C HIS B 177 55.80 -26.95 22.83
N ASN B 178 56.49 -25.95 23.39
CA ASN B 178 56.13 -25.39 24.69
C ASN B 178 54.84 -24.57 24.61
N LEU B 179 54.64 -23.85 23.49
CA LEU B 179 53.40 -23.10 23.30
C LEU B 179 52.21 -24.03 23.05
N PHE B 180 52.41 -25.11 22.28
CA PHE B 180 51.33 -26.06 22.05
C PHE B 180 51.06 -26.93 23.28
N MET B 181 52.07 -27.15 24.13
CA MET B 181 51.83 -27.80 25.41
C MET B 181 51.15 -26.88 26.42
N TYR B 182 51.37 -25.57 26.31
CA TYR B 182 50.60 -24.64 27.15
C TYR B 182 49.16 -24.51 26.65
N LEU B 183 48.94 -24.63 25.34
CA LEU B 183 47.59 -24.65 24.81
C LEU B 183 46.88 -25.97 25.11
N LYS B 184 47.63 -27.05 25.26
CA LYS B 184 47.05 -28.35 25.57
C LYS B 184 46.74 -28.50 27.06
N ASP B 185 47.74 -28.24 27.91
CA ASP B 185 47.67 -28.62 29.32
C ASP B 185 46.82 -27.66 30.14
N GLN B 186 46.96 -26.36 29.91
CA GLN B 186 46.31 -25.38 30.76
C GLN B 186 45.04 -24.79 30.16
N LEU B 187 44.89 -24.80 28.84
CA LEU B 187 43.77 -24.13 28.19
C LEU B 187 42.80 -25.07 27.51
N LYS B 188 43.08 -26.39 27.52
CA LYS B 188 42.18 -27.49 27.13
C LYS B 188 41.75 -27.44 25.66
N ILE B 189 42.60 -26.90 24.80
CA ILE B 189 42.30 -26.80 23.37
C ILE B 189 42.82 -28.06 22.68
N LYS B 190 41.96 -28.69 21.88
CA LYS B 190 42.32 -29.89 21.15
C LYS B 190 43.28 -29.57 20.01
N LEU B 191 44.13 -30.53 19.67
CA LEU B 191 45.14 -30.35 18.63
C LEU B 191 45.04 -31.46 17.61
N PHE B 192 45.33 -31.11 16.35
CA PHE B 192 45.39 -32.06 15.25
C PHE B 192 46.79 -31.98 14.65
N ILE B 193 47.62 -32.98 14.92
CA ILE B 193 49.02 -32.98 14.56
C ILE B 193 49.23 -34.03 13.48
N VAL B 194 49.73 -33.61 12.32
CA VAL B 194 50.07 -34.51 11.23
C VAL B 194 51.55 -34.36 10.93
N GLY B 195 52.09 -35.34 10.22
CA GLY B 195 53.50 -35.35 9.88
C GLY B 195 54.01 -36.77 9.81
N ASP B 196 55.33 -36.89 9.69
CA ASP B 196 55.99 -38.18 9.60
C ASP B 196 57.07 -38.28 10.67
N PRO B 197 57.30 -39.47 11.24
CA PRO B 197 58.41 -39.62 12.19
C PRO B 197 59.75 -39.66 11.46
N LYS B 198 60.57 -38.62 11.72
CA LYS B 198 61.85 -38.28 11.06
C LYS B 198 61.62 -38.16 9.56
N GLN B 199 62.28 -38.97 8.71
CA GLN B 199 62.13 -39.08 7.24
C GLN B 199 62.42 -37.75 6.53
N SER B 200 63.66 -37.28 6.71
CA SER B 200 64.24 -36.02 6.19
C SER B 200 63.43 -34.76 6.52
N MET C 1 -20.56 -48.12 -23.56
CA MET C 1 -20.49 -49.41 -24.24
C MET C 1 -21.87 -49.89 -24.66
N ILE C 2 -21.91 -50.63 -25.78
CA ILE C 2 -23.02 -51.21 -26.56
C ILE C 2 -24.30 -50.36 -26.66
N GLU C 3 -25.45 -51.04 -26.84
CA GLU C 3 -26.69 -50.43 -27.31
C GLU C 3 -27.36 -49.53 -26.29
N ASP C 4 -27.08 -49.71 -24.99
CA ASP C 4 -27.63 -48.81 -23.97
C ASP C 4 -26.98 -47.43 -24.03
N GLU C 5 -25.64 -47.39 -24.18
CA GLU C 5 -24.94 -46.13 -24.38
C GLU C 5 -25.20 -45.54 -25.75
N MET C 6 -25.44 -46.39 -26.76
CA MET C 6 -25.83 -45.90 -28.09
C MET C 6 -27.23 -45.28 -28.09
N SER C 7 -28.17 -45.88 -27.35
CA SER C 7 -29.51 -45.32 -27.21
C SER C 7 -29.52 -44.06 -26.36
N ARG C 8 -28.63 -43.98 -25.35
CA ARG C 8 -28.48 -42.75 -24.57
C ARG C 8 -27.83 -41.64 -25.40
N GLU C 9 -26.92 -42.00 -26.31
CA GLU C 9 -26.33 -41.04 -27.24
C GLU C 9 -27.34 -40.57 -28.27
N GLN C 10 -28.30 -41.42 -28.64
CA GLN C 10 -29.39 -40.99 -29.50
C GLN C 10 -30.37 -40.07 -28.78
N ILE C 11 -30.81 -40.42 -27.57
CA ILE C 11 -31.90 -39.66 -26.93
C ILE C 11 -31.42 -38.49 -26.08
N ILE C 12 -30.13 -38.35 -25.82
CA ILE C 12 -29.64 -37.17 -25.10
C ILE C 12 -29.14 -36.10 -26.08
N LYS C 13 -28.39 -36.50 -27.11
CA LYS C 13 -27.70 -35.55 -27.99
C LYS C 13 -28.55 -35.12 -29.19
N ASP C 14 -29.87 -35.10 -29.08
CA ASP C 14 -30.73 -34.56 -30.13
C ASP C 14 -30.67 -33.04 -30.15
N GLY C 15 -30.98 -32.47 -31.31
CA GLY C 15 -31.00 -31.03 -31.46
C GLY C 15 -32.21 -30.49 -32.17
N GLY C 16 -33.03 -31.37 -32.73
CA GLY C 16 -34.18 -30.99 -33.52
C GLY C 16 -35.48 -31.03 -32.72
N ASN C 17 -36.59 -31.19 -33.44
CA ASN C 17 -37.90 -31.27 -32.83
C ASN C 17 -38.10 -32.62 -32.16
N ILE C 18 -38.67 -32.60 -30.95
CA ILE C 18 -38.84 -33.79 -30.13
C ILE C 18 -40.33 -34.05 -29.98
N LEU C 19 -40.74 -35.28 -30.27
CA LEU C 19 -42.12 -35.72 -30.05
C LEU C 19 -42.07 -37.17 -29.59
N VAL C 20 -42.31 -37.38 -28.30
CA VAL C 20 -42.20 -38.70 -27.67
C VAL C 20 -43.60 -39.25 -27.47
N THR C 21 -43.83 -40.47 -27.94
CA THR C 21 -45.11 -41.15 -27.77
C THR C 21 -45.11 -41.86 -26.42
N ALA C 22 -45.38 -41.07 -25.38
CA ALA C 22 -45.39 -41.56 -24.01
C ALA C 22 -46.68 -41.14 -23.32
N GLY C 23 -47.05 -41.87 -22.28
CA GLY C 23 -48.27 -41.60 -21.56
C GLY C 23 -48.15 -40.42 -20.60
N ALA C 24 -49.28 -40.04 -20.03
CA ALA C 24 -49.33 -38.96 -19.06
C ALA C 24 -48.82 -39.46 -17.71
N GLY C 25 -47.90 -38.72 -17.11
CA GLY C 25 -47.30 -39.15 -15.86
C GLY C 25 -46.28 -40.26 -16.07
N SER C 26 -46.20 -41.16 -15.07
CA SER C 26 -45.35 -42.35 -15.00
C SER C 26 -43.86 -42.04 -15.15
N GLY C 27 -43.40 -41.01 -14.45
CA GLY C 27 -42.00 -40.63 -14.50
C GLY C 27 -41.60 -39.74 -15.65
N LYS C 28 -42.56 -39.03 -16.24
CA LYS C 28 -42.24 -38.08 -17.31
C LYS C 28 -41.62 -36.79 -16.78
N THR C 29 -41.87 -36.47 -15.50
CA THR C 29 -41.33 -35.28 -14.87
C THR C 29 -39.82 -35.40 -14.66
N THR C 30 -39.33 -36.61 -14.35
CA THR C 30 -37.90 -36.86 -14.14
C THR C 30 -37.13 -36.81 -15.45
N ILE C 31 -37.69 -37.36 -16.53
CA ILE C 31 -37.03 -37.25 -17.83
C ILE C 31 -37.19 -35.85 -18.43
N LEU C 32 -38.22 -35.10 -18.01
CA LEU C 32 -38.38 -33.70 -18.45
C LEU C 32 -37.36 -32.79 -17.78
N VAL C 33 -37.14 -32.99 -16.47
CA VAL C 33 -36.12 -32.20 -15.77
C VAL C 33 -34.70 -32.66 -16.13
N SER C 34 -34.53 -33.93 -16.57
CA SER C 34 -33.25 -34.38 -17.09
C SER C 34 -32.94 -33.79 -18.45
N LYS C 35 -33.96 -33.65 -19.31
CA LYS C 35 -33.82 -32.98 -20.59
C LYS C 35 -33.58 -31.48 -20.43
N ILE C 36 -34.20 -30.86 -19.40
CA ILE C 36 -34.03 -29.44 -19.11
C ILE C 36 -32.62 -29.16 -18.58
N GLU C 37 -32.11 -30.00 -17.67
CA GLU C 37 -30.74 -29.82 -17.18
C GLU C 37 -29.68 -30.24 -18.21
N ALA C 38 -30.00 -31.14 -19.13
CA ALA C 38 -29.08 -31.45 -20.23
C ALA C 38 -29.03 -30.32 -21.26
N ASP C 39 -30.17 -29.66 -21.50
CA ASP C 39 -30.18 -28.50 -22.40
C ASP C 39 -29.52 -27.28 -21.77
N LEU C 40 -29.62 -27.15 -20.44
CA LEU C 40 -28.91 -26.07 -19.76
C LEU C 40 -27.42 -26.36 -19.65
N LYS C 41 -27.02 -27.64 -19.61
CA LYS C 41 -25.61 -27.98 -19.62
C LYS C 41 -25.00 -27.79 -21.01
N GLU C 42 -25.72 -28.18 -22.06
CA GLU C 42 -25.17 -28.20 -23.41
C GLU C 42 -25.14 -26.83 -24.08
N ASN C 43 -25.79 -25.81 -23.52
CA ASN C 43 -25.85 -24.50 -24.15
C ASN C 43 -24.78 -23.58 -23.56
N LYS C 44 -24.12 -22.82 -24.44
CA LYS C 44 -23.07 -21.90 -24.05
C LYS C 44 -23.30 -20.47 -24.53
N THR C 45 -24.35 -20.22 -25.30
CA THR C 45 -24.63 -18.90 -25.85
C THR C 45 -25.55 -18.12 -24.90
N HIS C 46 -26.11 -17.02 -25.40
CA HIS C 46 -26.94 -16.11 -24.61
C HIS C 46 -28.43 -16.43 -24.69
N TYR C 47 -28.81 -17.53 -25.35
CA TYR C 47 -30.22 -17.85 -25.55
C TYR C 47 -30.84 -18.42 -24.28
N SER C 48 -32.17 -18.46 -24.27
CA SER C 48 -32.93 -18.88 -23.10
C SER C 48 -34.09 -19.78 -23.52
N ILE C 49 -34.55 -20.59 -22.58
CA ILE C 49 -35.60 -21.56 -22.83
C ILE C 49 -36.85 -21.18 -22.05
N ALA C 50 -37.97 -21.84 -22.38
CA ALA C 50 -39.25 -21.60 -21.74
C ALA C 50 -39.90 -22.92 -21.36
N ALA C 51 -40.65 -22.90 -20.26
CA ALA C 51 -41.37 -24.09 -19.77
C ALA C 51 -42.79 -23.68 -19.40
N VAL C 52 -43.76 -24.35 -20.01
CA VAL C 52 -45.18 -24.03 -19.88
C VAL C 52 -45.88 -25.21 -19.23
N THR C 53 -46.54 -24.95 -18.10
CA THR C 53 -47.36 -25.96 -17.41
C THR C 53 -48.77 -25.45 -17.22
N PHE C 54 -49.62 -26.21 -16.52
CA PHE C 54 -50.96 -25.75 -16.18
C PHE C 54 -51.08 -25.31 -14.72
N THR C 55 -50.79 -26.20 -13.78
CA THR C 55 -51.02 -25.93 -12.38
C THR C 55 -49.77 -25.34 -11.73
N ASN C 56 -49.99 -24.61 -10.62
CA ASN C 56 -48.90 -23.98 -9.90
C ASN C 56 -48.14 -24.94 -9.00
N LYS C 57 -48.76 -26.08 -8.64
CA LYS C 57 -48.09 -27.07 -7.78
C LYS C 57 -46.99 -27.81 -8.54
N ALA C 58 -47.25 -28.16 -9.81
CA ALA C 58 -46.20 -28.73 -10.64
C ALA C 58 -45.15 -27.70 -11.04
N ALA C 59 -45.55 -26.43 -11.11
CA ALA C 59 -44.60 -25.33 -11.40
C ALA C 59 -43.64 -25.11 -10.23
N LYS C 60 -44.14 -25.10 -8.99
CA LYS C 60 -43.23 -24.97 -7.85
C LYS C 60 -42.49 -26.27 -7.56
N GLU C 61 -43.02 -27.43 -7.99
CA GLU C 61 -42.28 -28.68 -7.86
C GLU C 61 -41.12 -28.74 -8.86
N ILE C 62 -41.33 -28.24 -10.08
CA ILE C 62 -40.28 -28.12 -11.08
C ILE C 62 -39.24 -27.06 -10.66
N GLU C 63 -39.71 -25.97 -10.05
CA GLU C 63 -38.83 -24.93 -9.51
C GLU C 63 -38.04 -25.42 -8.29
N GLY C 64 -38.59 -26.37 -7.53
CA GLY C 64 -37.81 -27.05 -6.51
C GLY C 64 -36.78 -28.02 -7.07
N ARG C 65 -37.10 -28.69 -8.18
CA ARG C 65 -36.15 -29.65 -8.75
C ARG C 65 -35.01 -28.99 -9.52
N LEU C 66 -35.25 -27.87 -10.21
CA LEU C 66 -34.12 -27.11 -10.78
C LEU C 66 -33.35 -26.37 -9.70
N GLY C 67 -34.01 -25.46 -8.99
CA GLY C 67 -33.34 -24.62 -8.02
C GLY C 67 -33.17 -23.20 -8.48
N TYR C 68 -31.95 -22.81 -8.86
CA TYR C 68 -31.66 -21.44 -9.26
C TYR C 68 -30.98 -21.45 -10.63
N SER C 69 -31.43 -20.55 -11.51
CA SER C 69 -30.84 -20.36 -12.82
C SER C 69 -30.74 -18.87 -13.10
N SER C 70 -29.59 -18.44 -13.60
CA SER C 70 -29.32 -17.03 -13.86
C SER C 70 -29.31 -16.70 -15.35
N ARG C 71 -29.82 -17.59 -16.19
CA ARG C 71 -29.84 -17.38 -17.63
C ARG C 71 -31.13 -16.74 -18.13
N GLY C 72 -32.04 -16.38 -17.23
CA GLY C 72 -33.31 -15.84 -17.64
C GLY C 72 -34.29 -16.86 -18.16
N ASN C 73 -34.20 -18.11 -17.70
CA ASN C 73 -35.11 -19.16 -18.10
C ASN C 73 -36.46 -18.97 -17.41
N PHE C 74 -37.54 -19.02 -18.18
CA PHE C 74 -38.88 -18.81 -17.65
C PHE C 74 -39.57 -20.16 -17.47
N ILE C 75 -40.12 -20.38 -16.28
CA ILE C 75 -40.90 -21.57 -15.96
C ILE C 75 -42.22 -21.08 -15.36
N GLY C 76 -43.33 -21.40 -16.00
CA GLY C 76 -44.60 -20.93 -15.48
C GLY C 76 -45.78 -21.49 -16.26
N THR C 77 -46.95 -20.91 -15.99
CA THR C 77 -48.16 -21.30 -16.68
C THR C 77 -48.27 -20.56 -18.02
N ASN C 78 -49.29 -20.92 -18.80
CA ASN C 78 -49.43 -20.36 -20.15
C ASN C 78 -49.97 -18.93 -20.12
N ASP C 79 -50.87 -18.63 -19.17
CA ASP C 79 -51.47 -17.30 -19.08
C ASP C 79 -50.48 -16.30 -18.52
N GLY C 80 -49.64 -16.73 -17.57
CA GLY C 80 -48.56 -15.90 -17.08
C GLY C 80 -47.47 -15.63 -18.09
N PHE C 81 -47.17 -16.62 -18.94
CA PHE C 81 -46.18 -16.46 -20.01
C PHE C 81 -46.66 -15.51 -21.10
N VAL C 82 -47.94 -15.64 -21.48
CA VAL C 82 -48.55 -14.78 -22.49
C VAL C 82 -48.72 -13.36 -21.95
N GLU C 83 -49.10 -13.23 -20.67
CA GLU C 83 -49.31 -11.92 -20.04
C GLU C 83 -48.00 -11.19 -19.77
N SER C 84 -46.99 -11.88 -19.24
CA SER C 84 -45.75 -11.23 -18.88
C SER C 84 -44.71 -11.20 -20.00
N GLU C 85 -44.95 -11.89 -21.12
CA GLU C 85 -43.96 -11.89 -22.19
C GLU C 85 -44.46 -11.35 -23.53
N ILE C 86 -45.77 -11.42 -23.80
CA ILE C 86 -46.32 -11.02 -25.10
C ILE C 86 -47.22 -9.79 -24.96
N ILE C 87 -48.13 -9.79 -23.98
CA ILE C 87 -49.20 -8.79 -23.93
C ILE C 87 -48.69 -7.47 -23.36
N ARG C 88 -48.18 -7.48 -22.12
CA ARG C 88 -47.78 -6.29 -21.36
C ARG C 88 -46.62 -5.45 -21.93
N PRO C 89 -45.48 -5.98 -22.44
CA PRO C 89 -44.50 -5.05 -23.04
C PRO C 89 -44.85 -4.56 -24.44
N PHE C 90 -45.88 -5.10 -25.09
CA PHE C 90 -46.10 -4.81 -26.50
C PHE C 90 -47.49 -4.31 -26.84
N ILE C 91 -48.38 -4.15 -25.85
CA ILE C 91 -49.72 -3.59 -26.12
C ILE C 91 -49.62 -2.08 -26.43
N LYS C 92 -48.67 -1.38 -25.79
CA LYS C 92 -48.47 0.04 -26.04
C LYS C 92 -47.77 0.29 -27.37
N ASP C 93 -46.98 -0.67 -27.84
CA ASP C 93 -46.31 -0.57 -29.13
C ASP C 93 -47.17 -1.09 -30.28
N ALA C 94 -48.16 -1.93 -30.00
CA ALA C 94 -49.02 -2.46 -31.06
C ALA C 94 -50.28 -1.63 -31.25
N PHE C 95 -50.98 -1.30 -30.16
CA PHE C 95 -52.29 -0.66 -30.27
C PHE C 95 -52.32 0.76 -29.70
N GLY C 96 -51.16 1.40 -29.59
CA GLY C 96 -51.12 2.77 -29.12
C GLY C 96 -51.14 2.90 -27.61
N ASN C 97 -51.12 4.15 -27.16
CA ASN C 97 -51.00 4.47 -25.74
C ASN C 97 -52.34 4.65 -25.04
N ASP C 98 -53.46 4.44 -25.73
CA ASP C 98 -54.76 4.57 -25.10
C ASP C 98 -55.09 3.37 -24.22
N TYR C 99 -54.59 2.18 -24.56
CA TYR C 99 -54.81 0.99 -23.77
C TYR C 99 -53.92 1.02 -22.52
N PRO C 100 -54.39 0.53 -21.38
CA PRO C 100 -53.57 0.56 -20.16
C PRO C 100 -52.47 -0.48 -20.15
N ASP C 101 -51.42 -0.18 -19.39
CA ASP C 101 -50.29 -1.08 -19.24
C ASP C 101 -50.58 -2.17 -18.22
N ASN C 102 -50.88 -1.78 -16.98
CA ASN C 102 -51.24 -2.75 -15.96
C ASN C 102 -52.72 -3.15 -16.01
N PHE C 103 -52.97 -4.43 -15.77
CA PHE C 103 -54.30 -5.01 -15.90
C PHE C 103 -54.37 -6.27 -15.05
N THR C 104 -55.58 -6.58 -14.58
CA THR C 104 -55.84 -7.78 -13.79
C THR C 104 -56.89 -8.63 -14.49
N ALA C 105 -56.78 -9.94 -14.32
CA ALA C 105 -57.70 -10.90 -14.94
C ALA C 105 -58.84 -11.16 -13.97
N GLU C 106 -59.99 -10.52 -14.21
CA GLU C 106 -61.19 -10.70 -13.41
C GLU C 106 -62.33 -11.09 -14.34
N TYR C 107 -62.61 -12.39 -14.40
CA TYR C 107 -63.63 -12.93 -15.30
C TYR C 107 -64.88 -13.39 -14.56
N PHE C 108 -65.05 -12.96 -13.31
CA PHE C 108 -66.17 -13.39 -12.49
C PHE C 108 -67.42 -12.53 -12.68
N ASP C 109 -67.34 -11.46 -13.45
CA ASP C 109 -68.48 -10.56 -13.65
C ASP C 109 -68.91 -10.48 -15.10
N ASN C 110 -67.97 -10.31 -16.03
CA ASN C 110 -68.30 -10.14 -17.44
C ASN C 110 -68.34 -11.49 -18.14
N GLN C 111 -69.45 -11.76 -18.83
CA GLN C 111 -69.64 -13.00 -19.58
C GLN C 111 -69.88 -12.69 -21.06
N PHE C 112 -69.13 -11.74 -21.60
CA PHE C 112 -69.32 -11.31 -22.98
C PHE C 112 -68.64 -12.28 -23.93
N ALA C 113 -69.35 -12.61 -25.01
CA ALA C 113 -68.93 -13.69 -25.91
C ALA C 113 -68.75 -13.21 -27.35
N SER C 114 -68.18 -12.02 -27.53
CA SER C 114 -67.83 -11.54 -28.85
C SER C 114 -66.52 -10.76 -28.77
N TYR C 115 -65.82 -10.69 -29.91
CA TYR C 115 -64.53 -10.01 -29.97
C TYR C 115 -64.68 -8.48 -29.99
N ASP C 116 -65.75 -7.97 -30.62
CA ASP C 116 -65.92 -6.53 -30.78
C ASP C 116 -66.35 -5.88 -29.46
N LYS C 117 -67.26 -6.53 -28.73
CA LYS C 117 -67.64 -6.01 -27.42
C LYS C 117 -66.53 -6.24 -26.39
N GLY C 118 -65.68 -7.26 -26.59
CA GLY C 118 -64.49 -7.43 -25.78
C GLY C 118 -63.45 -6.34 -25.99
N LEU C 119 -63.24 -5.92 -27.25
CA LEU C 119 -62.29 -4.85 -27.50
C LEU C 119 -62.83 -3.48 -27.09
N GLN C 120 -64.17 -3.27 -27.13
CA GLN C 120 -64.65 -2.00 -26.62
C GLN C 120 -64.76 -1.97 -25.09
N VAL C 121 -64.79 -3.13 -24.40
CA VAL C 121 -64.65 -3.06 -22.93
C VAL C 121 -63.21 -3.12 -22.43
N LEU C 122 -62.25 -3.52 -23.26
CA LEU C 122 -60.87 -3.12 -22.96
C LEU C 122 -60.61 -1.66 -23.29
N LYS C 123 -61.31 -1.10 -24.28
CA LYS C 123 -61.16 0.32 -24.59
C LYS C 123 -61.81 1.21 -23.54
N TYR C 124 -63.04 0.89 -23.12
CA TYR C 124 -63.81 1.76 -22.23
C TYR C 124 -63.65 1.37 -20.76
N GLN C 125 -64.04 0.15 -20.41
CA GLN C 125 -64.09 -0.26 -19.01
C GLN C 125 -62.76 -0.80 -18.49
N ASN C 126 -61.82 -1.09 -19.41
CA ASN C 126 -60.44 -1.54 -19.15
C ASN C 126 -60.35 -2.83 -18.33
N ILE C 127 -61.30 -3.75 -18.57
CA ILE C 127 -61.29 -5.05 -17.93
C ILE C 127 -61.64 -6.09 -19.00
N LEU C 128 -61.23 -7.33 -18.76
CA LEU C 128 -61.44 -8.43 -19.70
C LEU C 128 -62.38 -9.47 -19.08
N GLY C 129 -63.32 -9.95 -19.89
CA GLY C 129 -64.24 -10.99 -19.47
C GLY C 129 -63.90 -12.33 -20.09
N THR C 130 -64.82 -13.28 -19.94
CA THR C 130 -64.68 -14.61 -20.50
C THR C 130 -65.85 -14.92 -21.40
N TYR C 131 -65.61 -15.85 -22.34
CA TYR C 131 -66.61 -16.25 -23.31
C TYR C 131 -67.66 -17.16 -22.67
N SER C 132 -68.85 -17.19 -23.27
CA SER C 132 -69.86 -18.16 -22.88
C SER C 132 -69.48 -19.56 -23.34
N ASN C 133 -68.82 -19.66 -24.49
CA ASN C 133 -68.24 -20.92 -24.93
C ASN C 133 -66.98 -21.19 -24.12
N PRO C 134 -66.87 -22.34 -23.44
CA PRO C 134 -65.67 -22.59 -22.63
C PRO C 134 -64.45 -23.01 -23.43
N LYS C 135 -64.59 -23.35 -24.70
CA LYS C 135 -63.45 -23.66 -25.57
C LYS C 135 -62.98 -22.44 -26.35
N LYS C 136 -62.70 -21.34 -25.65
CA LYS C 136 -62.23 -20.10 -26.25
C LYS C 136 -61.05 -19.56 -25.46
N ASN C 137 -60.27 -18.71 -26.12
CA ASN C 137 -59.14 -18.03 -25.48
C ASN C 137 -59.04 -16.62 -26.07
N PHE C 138 -59.48 -15.62 -25.29
CA PHE C 138 -59.42 -14.23 -25.74
C PHE C 138 -58.00 -13.70 -25.66
N LYS C 139 -57.25 -14.10 -24.63
CA LYS C 139 -55.89 -13.61 -24.40
C LYS C 139 -54.90 -14.17 -25.40
N PHE C 140 -55.09 -15.42 -25.82
CA PHE C 140 -54.21 -16.02 -26.82
C PHE C 140 -54.49 -15.48 -28.22
N GLN C 141 -55.76 -15.12 -28.50
CA GLN C 141 -56.11 -14.44 -29.74
C GLN C 141 -55.55 -13.02 -29.78
N LEU C 142 -55.54 -12.33 -28.62
CA LEU C 142 -54.94 -11.01 -28.52
C LEU C 142 -53.42 -11.07 -28.65
N ALA C 143 -52.80 -12.13 -28.12
CA ALA C 143 -51.36 -12.34 -28.25
C ALA C 143 -50.96 -12.68 -29.69
N LEU C 144 -51.79 -13.45 -30.39
CA LEU C 144 -51.56 -13.75 -31.81
C LEU C 144 -51.77 -12.52 -32.68
N ASP C 145 -52.73 -11.65 -32.31
CA ASP C 145 -52.98 -10.42 -33.07
C ASP C 145 -51.86 -9.39 -32.89
N ILE C 146 -51.34 -9.24 -31.66
CA ILE C 146 -50.23 -8.30 -31.48
C ILE C 146 -48.87 -8.92 -31.77
N LEU C 147 -48.79 -10.24 -31.99
CA LEU C 147 -47.59 -10.79 -32.58
C LEU C 147 -47.62 -10.68 -34.10
N LYS C 148 -48.81 -10.67 -34.69
CA LYS C 148 -48.92 -10.36 -36.12
C LYS C 148 -48.72 -8.87 -36.38
N LYS C 149 -49.05 -8.01 -35.41
CA LYS C 149 -48.98 -6.58 -35.61
C LYS C 149 -47.58 -6.00 -35.37
N SER C 150 -46.96 -6.34 -34.25
CA SER C 150 -45.71 -5.72 -33.84
C SER C 150 -44.50 -6.41 -34.45
N LEU C 151 -43.50 -5.61 -34.80
CA LEU C 151 -42.22 -6.10 -35.35
C LEU C 151 -41.20 -6.39 -34.25
N VAL C 152 -41.14 -5.52 -33.24
CA VAL C 152 -40.16 -5.66 -32.16
C VAL C 152 -40.49 -6.80 -31.21
N ALA C 153 -41.75 -7.24 -31.15
CA ALA C 153 -42.11 -8.44 -30.40
C ALA C 153 -41.59 -9.70 -31.06
N ARG C 154 -41.67 -9.76 -32.39
CA ARG C 154 -41.06 -10.83 -33.18
C ARG C 154 -39.55 -10.80 -33.10
N GLN C 155 -38.95 -9.61 -33.04
CA GLN C 155 -37.51 -9.46 -32.88
C GLN C 155 -37.03 -9.92 -31.50
N TYR C 156 -37.81 -9.63 -30.44
CA TYR C 156 -37.44 -10.04 -29.09
C TYR C 156 -37.60 -11.54 -28.90
N ILE C 157 -38.68 -12.15 -29.40
CA ILE C 157 -38.85 -13.57 -29.16
C ILE C 157 -38.10 -14.41 -30.20
N PHE C 158 -37.58 -13.78 -31.27
CA PHE C 158 -36.57 -14.44 -32.07
C PHE C 158 -35.19 -14.35 -31.43
N SER C 159 -34.87 -13.23 -30.78
CA SER C 159 -33.56 -13.05 -30.18
C SER C 159 -33.38 -13.79 -28.86
N LYS C 160 -34.43 -13.94 -28.06
CA LYS C 160 -34.29 -14.52 -26.73
C LYS C 160 -34.62 -16.01 -26.69
N TYR C 161 -35.85 -16.36 -27.05
CA TYR C 161 -36.37 -17.69 -26.73
C TYR C 161 -35.94 -18.72 -27.77
N PHE C 162 -35.48 -19.87 -27.29
CA PHE C 162 -34.90 -20.91 -28.13
C PHE C 162 -35.79 -22.15 -28.22
N LYS C 163 -36.26 -22.68 -27.08
CA LYS C 163 -37.14 -23.83 -27.06
C LYS C 163 -38.26 -23.62 -26.07
N ILE C 164 -39.40 -24.26 -26.32
CA ILE C 164 -40.58 -24.19 -25.46
C ILE C 164 -40.95 -25.62 -25.07
N PHE C 165 -41.00 -25.89 -23.76
CA PHE C 165 -41.29 -27.21 -23.23
C PHE C 165 -42.73 -27.23 -22.73
N ILE C 166 -43.58 -28.00 -23.40
CA ILE C 166 -45.03 -27.97 -23.20
C ILE C 166 -45.44 -29.19 -22.39
N ASP C 167 -46.25 -28.96 -21.36
CA ASP C 167 -46.83 -30.02 -20.53
C ASP C 167 -48.34 -29.94 -20.61
N GLU C 168 -48.98 -31.13 -20.55
CA GLU C 168 -50.44 -31.37 -20.51
C GLU C 168 -51.14 -30.80 -21.75
N TYR C 169 -50.82 -31.41 -22.89
CA TYR C 169 -51.39 -31.02 -24.17
C TYR C 169 -52.74 -31.67 -24.45
N GLN C 170 -53.21 -32.57 -23.57
CA GLN C 170 -54.44 -33.32 -23.79
C GLN C 170 -55.70 -32.48 -23.60
N ASP C 171 -55.63 -31.38 -22.85
CA ASP C 171 -56.76 -30.49 -22.64
C ASP C 171 -56.33 -29.09 -23.06
N SER C 172 -56.49 -28.79 -24.35
CA SER C 172 -56.06 -27.52 -24.91
C SER C 172 -57.01 -27.09 -26.01
N ASP C 173 -57.00 -25.80 -26.31
CA ASP C 173 -57.83 -25.20 -27.34
C ASP C 173 -57.02 -25.07 -28.64
N LYS C 174 -57.73 -24.82 -29.73
CA LYS C 174 -57.09 -24.69 -31.04
C LYS C 174 -56.40 -23.34 -31.23
N ASP C 175 -56.73 -22.33 -30.41
CA ASP C 175 -56.07 -21.03 -30.53
C ASP C 175 -54.66 -21.06 -29.96
N MET C 176 -54.44 -21.85 -28.89
CA MET C 176 -53.11 -22.08 -28.35
C MET C 176 -52.24 -22.88 -29.32
N HIS C 177 -52.87 -23.84 -30.03
CA HIS C 177 -52.19 -24.60 -31.08
C HIS C 177 -51.85 -23.71 -32.28
N ASN C 178 -52.73 -22.75 -32.60
CA ASN C 178 -52.48 -21.81 -33.69
C ASN C 178 -51.36 -20.82 -33.35
N LEU C 179 -51.30 -20.36 -32.09
CA LEU C 179 -50.23 -19.46 -31.66
C LEU C 179 -48.89 -20.19 -31.55
N PHE C 180 -48.91 -21.45 -31.10
CA PHE C 180 -47.68 -22.23 -31.04
C PHE C 180 -47.20 -22.68 -32.42
N MET C 181 -48.13 -22.88 -33.37
CA MET C 181 -47.75 -23.12 -34.75
C MET C 181 -47.20 -21.85 -35.41
N TYR C 182 -47.74 -20.68 -35.03
CA TYR C 182 -47.19 -19.40 -35.50
C TYR C 182 -45.82 -19.12 -34.92
N LEU C 183 -45.54 -19.57 -33.69
CA LEU C 183 -44.19 -19.47 -33.17
C LEU C 183 -43.27 -20.51 -33.81
N LYS C 184 -43.83 -21.65 -34.23
CA LYS C 184 -43.00 -22.73 -34.78
C LYS C 184 -42.55 -22.45 -36.20
N ASP C 185 -43.44 -21.95 -37.06
CA ASP C 185 -43.15 -21.97 -38.50
C ASP C 185 -42.25 -20.82 -38.95
N GLN C 186 -42.38 -19.65 -38.33
CA GLN C 186 -41.68 -18.45 -38.79
C GLN C 186 -40.48 -18.10 -37.92
N LEU C 187 -40.65 -18.12 -36.60
CA LEU C 187 -39.64 -17.61 -35.69
C LEU C 187 -38.77 -18.71 -35.08
N LYS C 188 -38.91 -19.96 -35.58
CA LYS C 188 -37.95 -21.07 -35.44
C LYS C 188 -37.74 -21.52 -33.99
N ILE C 189 -38.82 -21.96 -33.37
CA ILE C 189 -38.80 -22.42 -31.99
C ILE C 189 -39.23 -23.88 -31.97
N LYS C 190 -38.38 -24.74 -31.39
CA LYS C 190 -38.68 -26.16 -31.28
C LYS C 190 -39.76 -26.40 -30.23
N LEU C 191 -40.43 -27.55 -30.34
CA LEU C 191 -41.54 -27.89 -29.48
C LEU C 191 -41.30 -29.23 -28.80
N PHE C 192 -41.66 -29.31 -27.52
CA PHE C 192 -41.54 -30.52 -26.70
C PHE C 192 -42.94 -30.84 -26.18
N ILE C 193 -43.63 -31.77 -26.82
CA ILE C 193 -45.03 -32.07 -26.51
C ILE C 193 -45.11 -33.45 -25.89
N VAL C 194 -45.69 -33.52 -24.68
CA VAL C 194 -46.12 -34.77 -24.07
C VAL C 194 -47.62 -34.90 -24.32
N GLY C 195 -48.14 -36.12 -24.24
CA GLY C 195 -49.53 -36.39 -24.57
C GLY C 195 -50.08 -37.62 -23.88
N ASP C 196 -51.01 -38.28 -24.56
CA ASP C 196 -51.80 -39.39 -24.06
C ASP C 196 -51.72 -40.56 -25.05
N PRO C 197 -51.83 -41.81 -24.57
CA PRO C 197 -51.99 -42.94 -25.50
C PRO C 197 -53.32 -42.94 -26.24
N LYS C 198 -54.43 -42.90 -25.49
CA LYS C 198 -55.77 -42.90 -26.06
C LYS C 198 -56.73 -42.33 -25.03
N GLN C 199 -57.44 -41.26 -25.42
CA GLN C 199 -58.51 -40.55 -24.67
C GLN C 199 -57.92 -39.99 -23.37
N SER C 200 -58.40 -40.43 -22.20
CA SER C 200 -57.98 -40.03 -20.83
C SER C 200 -58.03 -38.53 -20.55
N MET D 1 30.09 53.20 12.68
CA MET D 1 30.13 53.59 14.08
C MET D 1 31.37 53.04 14.77
N ILE D 2 32.34 53.94 15.00
CA ILE D 2 33.68 53.80 15.60
C ILE D 2 34.56 52.63 15.15
N GLU D 3 35.71 52.48 15.80
CA GLU D 3 36.80 51.65 15.30
C GLU D 3 36.55 50.15 15.47
N ASP D 4 35.67 49.74 16.39
CA ASP D 4 35.37 48.32 16.58
C ASP D 4 34.55 47.76 15.44
N GLU D 5 33.46 48.46 15.07
CA GLU D 5 32.69 48.05 13.90
C GLU D 5 33.39 48.40 12.60
N MET D 6 34.30 49.38 12.60
CA MET D 6 35.13 49.67 11.43
C MET D 6 36.13 48.54 11.18
N SER D 7 36.76 48.00 12.23
CA SER D 7 37.66 46.88 12.08
C SER D 7 36.92 45.58 11.79
N ARG D 8 35.68 45.44 12.29
CA ARG D 8 34.86 44.28 11.96
C ARG D 8 34.39 44.31 10.51
N GLU D 9 34.08 45.50 9.98
CA GLU D 9 33.73 45.61 8.57
C GLU D 9 34.95 45.50 7.68
N GLN D 10 36.14 45.86 8.19
CA GLN D 10 37.36 45.70 7.39
C GLN D 10 37.82 44.25 7.35
N ILE D 11 37.61 43.49 8.43
CA ILE D 11 38.08 42.11 8.49
C ILE D 11 37.06 41.14 7.88
N ILE D 12 35.78 41.30 8.23
CA ILE D 12 34.74 40.33 7.86
C ILE D 12 34.35 40.45 6.39
N LYS D 13 34.10 41.67 5.92
CA LYS D 13 33.60 41.88 4.57
C LYS D 13 34.67 41.77 3.49
N ASP D 14 35.96 41.77 3.86
CA ASP D 14 37.03 41.57 2.91
C ASP D 14 37.54 40.14 2.97
N GLY D 15 38.01 39.63 1.82
CA GLY D 15 38.40 38.25 1.72
C GLY D 15 39.80 38.00 1.19
N GLY D 16 40.70 38.95 1.37
CA GLY D 16 42.07 38.82 0.90
C GLY D 16 43.00 38.24 1.95
N ASN D 17 44.29 38.43 1.73
CA ASN D 17 45.33 37.99 2.66
C ASN D 17 45.44 39.02 3.77
N ILE D 18 45.01 38.65 4.98
CA ILE D 18 44.92 39.57 6.10
C ILE D 18 45.91 39.16 7.18
N LEU D 19 46.77 40.09 7.57
CA LEU D 19 47.71 39.91 8.68
C LEU D 19 47.29 40.87 9.78
N VAL D 20 47.03 40.33 10.98
CA VAL D 20 46.52 41.11 12.10
C VAL D 20 47.53 41.04 13.24
N THR D 21 48.02 42.20 13.66
CA THR D 21 48.89 42.32 14.83
C THR D 21 48.04 42.87 15.98
N ALA D 22 47.63 41.98 16.88
CA ALA D 22 46.81 42.34 18.02
C ALA D 22 47.69 42.58 19.24
N GLY D 23 47.07 42.70 20.40
CA GLY D 23 47.77 42.87 21.66
C GLY D 23 47.81 41.60 22.47
N ALA D 24 47.94 41.77 23.79
CA ALA D 24 47.98 40.64 24.72
C ALA D 24 46.56 40.12 24.91
N GLY D 25 46.21 39.07 24.17
CA GLY D 25 44.87 38.54 24.19
C GLY D 25 43.91 39.43 23.41
N SER D 26 42.97 40.04 24.14
CA SER D 26 41.99 41.04 23.67
C SER D 26 41.08 40.53 22.55
N GLY D 27 40.74 39.24 22.60
CA GLY D 27 39.77 38.69 21.68
C GLY D 27 40.27 38.35 20.29
N LYS D 28 41.36 37.57 20.21
CA LYS D 28 41.75 36.98 18.94
C LYS D 28 40.82 35.84 18.55
N THR D 29 40.27 35.15 19.57
CA THR D 29 39.43 33.97 19.36
C THR D 29 38.08 34.34 18.76
N THR D 30 37.51 35.47 19.19
CA THR D 30 36.19 35.91 18.72
C THR D 30 36.24 36.39 17.27
N ILE D 31 37.27 37.16 16.91
CA ILE D 31 37.43 37.61 15.53
C ILE D 31 37.88 36.47 14.62
N LEU D 32 38.56 35.45 15.19
CA LEU D 32 38.94 34.27 14.40
C LEU D 32 37.74 33.37 14.11
N VAL D 33 36.86 33.14 15.10
CA VAL D 33 35.66 32.35 14.82
C VAL D 33 34.62 33.13 14.04
N SER D 34 34.64 34.46 14.08
CA SER D 34 33.74 35.24 13.23
C SER D 34 34.21 35.23 11.78
N LYS D 35 35.52 35.27 11.54
CA LYS D 35 36.04 35.19 10.17
C LYS D 35 35.90 33.79 9.61
N ILE D 36 36.03 32.76 10.45
CA ILE D 36 35.83 31.37 10.06
C ILE D 36 34.35 31.10 9.73
N GLU D 37 33.44 31.66 10.54
CA GLU D 37 32.00 31.54 10.27
C GLU D 37 31.56 32.35 9.05
N ALA D 38 32.21 33.50 8.79
CA ALA D 38 31.91 34.27 7.58
C ALA D 38 32.44 33.59 6.32
N ASP D 39 33.60 32.92 6.41
CA ASP D 39 34.11 32.15 5.28
C ASP D 39 33.30 30.87 5.05
N LEU D 40 32.73 30.29 6.11
CA LEU D 40 31.84 29.15 5.94
C LEU D 40 30.48 29.56 5.38
N LYS D 41 29.97 30.74 5.74
CA LYS D 41 28.71 31.20 5.18
C LYS D 41 28.86 31.71 3.75
N GLU D 42 30.02 32.28 3.41
CA GLU D 42 30.20 32.89 2.10
C GLU D 42 30.42 31.85 1.00
N ASN D 43 31.14 30.77 1.31
CA ASN D 43 31.56 29.80 0.30
C ASN D 43 30.65 28.58 0.34
N LYS D 44 30.07 28.26 -0.82
CA LYS D 44 29.14 27.14 -0.95
C LYS D 44 29.69 26.03 -1.86
N THR D 45 30.99 26.01 -2.08
CA THR D 45 31.63 25.02 -2.94
C THR D 45 32.07 23.81 -2.11
N HIS D 46 32.91 22.96 -2.70
CA HIS D 46 33.42 21.79 -2.01
C HIS D 46 34.66 22.08 -1.17
N TYR D 47 35.19 23.30 -1.21
CA TYR D 47 36.42 23.65 -0.52
C TYR D 47 36.19 23.79 0.97
N SER D 48 37.25 23.57 1.73
CA SER D 48 37.23 23.66 3.18
C SER D 48 38.44 24.48 3.62
N ILE D 49 38.49 24.81 4.91
CA ILE D 49 39.56 25.61 5.47
C ILE D 49 40.42 24.73 6.37
N ALA D 50 41.53 25.31 6.83
CA ALA D 50 42.40 24.67 7.81
C ALA D 50 42.73 25.69 8.89
N ALA D 51 42.49 25.31 10.14
CA ALA D 51 42.82 26.13 11.30
C ALA D 51 44.02 25.51 12.00
N VAL D 52 45.11 26.28 12.09
CA VAL D 52 46.40 25.77 12.55
C VAL D 52 46.78 26.56 13.81
N THR D 53 47.02 25.83 14.91
CA THR D 53 47.39 26.44 16.19
C THR D 53 48.59 25.70 16.79
N PHE D 54 48.90 25.94 18.06
CA PHE D 54 50.01 25.25 18.72
C PHE D 54 49.54 24.26 19.78
N THR D 55 48.75 24.71 20.76
CA THR D 55 48.30 23.84 21.82
C THR D 55 47.04 23.09 21.41
N ASN D 56 46.79 21.96 22.08
CA ASN D 56 45.58 21.18 21.81
C ASN D 56 44.36 21.82 22.45
N LYS D 57 44.56 22.60 23.52
CA LYS D 57 43.45 23.26 24.20
C LYS D 57 42.87 24.41 23.37
N ALA D 58 43.72 25.08 22.58
CA ALA D 58 43.24 26.11 21.67
C ALA D 58 42.45 25.51 20.50
N ALA D 59 42.87 24.33 20.03
CA ALA D 59 42.12 23.61 18.99
C ALA D 59 40.80 23.07 19.51
N LYS D 60 40.77 22.63 20.78
CA LYS D 60 39.51 22.26 21.43
C LYS D 60 38.61 23.46 21.67
N GLU D 61 39.19 24.65 21.91
CA GLU D 61 38.44 25.88 22.05
C GLU D 61 37.79 26.31 20.73
N ILE D 62 38.54 26.18 19.62
CA ILE D 62 38.03 26.52 18.29
C ILE D 62 36.96 25.51 17.84
N GLU D 63 37.17 24.21 18.13
CA GLU D 63 36.18 23.18 17.83
C GLU D 63 34.92 23.29 18.71
N GLY D 64 35.07 23.75 19.96
CA GLY D 64 33.90 23.99 20.78
C GLY D 64 33.14 25.24 20.41
N ARG D 65 33.84 26.27 19.92
CA ARG D 65 33.15 27.49 19.49
C ARG D 65 32.45 27.30 18.15
N LEU D 66 33.04 26.53 17.23
CA LEU D 66 32.34 26.24 15.98
C LEU D 66 31.27 25.18 16.16
N GLY D 67 31.49 24.22 17.04
CA GLY D 67 30.50 23.16 17.28
C GLY D 67 30.75 21.95 16.37
N TYR D 68 29.85 21.74 15.41
CA TYR D 68 29.97 20.62 14.49
C TYR D 68 29.75 21.09 13.06
N SER D 69 30.61 20.63 12.16
CA SER D 69 30.49 20.91 10.74
C SER D 69 30.97 19.69 9.97
N SER D 70 30.23 19.34 8.91
CA SER D 70 30.54 18.15 8.11
C SER D 70 31.23 18.49 6.80
N ARG D 71 31.77 19.70 6.68
CA ARG D 71 32.49 20.09 5.46
C ARG D 71 33.88 19.49 5.36
N GLY D 72 34.45 19.02 6.47
CA GLY D 72 35.75 18.39 6.43
C GLY D 72 36.89 19.36 6.65
N ASN D 73 36.68 20.34 7.53
CA ASN D 73 37.72 21.29 7.86
C ASN D 73 38.77 20.66 8.75
N PHE D 74 39.97 21.23 8.74
CA PHE D 74 41.01 20.85 9.68
C PHE D 74 41.04 21.87 10.81
N ILE D 75 40.83 21.39 12.03
CA ILE D 75 41.05 22.17 13.24
C ILE D 75 42.04 21.38 14.10
N GLY D 76 43.21 21.95 14.34
CA GLY D 76 44.23 21.24 15.07
C GLY D 76 45.54 21.99 15.05
N THR D 77 46.58 21.32 15.54
CA THR D 77 47.90 21.90 15.64
C THR D 77 48.66 21.76 14.33
N ASN D 78 49.83 22.42 14.27
CA ASN D 78 50.66 22.44 13.07
C ASN D 78 51.34 21.10 12.81
N ASP D 79 51.77 20.41 13.87
CA ASP D 79 52.36 19.09 13.76
C ASP D 79 51.32 18.05 13.34
N GLY D 80 50.07 18.24 13.75
CA GLY D 80 48.98 17.42 13.24
C GLY D 80 48.68 17.66 11.78
N PHE D 81 48.85 18.90 11.30
CA PHE D 81 48.66 19.24 9.89
C PHE D 81 49.73 18.61 9.01
N VAL D 82 50.99 18.72 9.43
CA VAL D 82 52.12 18.13 8.72
C VAL D 82 52.06 16.60 8.78
N GLU D 83 51.68 16.06 9.94
CA GLU D 83 51.59 14.61 10.18
C GLU D 83 50.44 13.97 9.40
N SER D 84 49.27 14.62 9.34
CA SER D 84 48.10 13.99 8.76
C SER D 84 47.82 14.36 7.32
N GLU D 85 48.38 15.47 6.81
CA GLU D 85 48.00 15.93 5.48
C GLU D 85 49.07 15.75 4.42
N ILE D 86 50.37 15.80 4.77
CA ILE D 86 51.45 15.82 3.80
C ILE D 86 52.35 14.59 3.93
N ILE D 87 52.75 14.24 5.17
CA ILE D 87 53.79 13.24 5.38
C ILE D 87 53.25 11.82 5.20
N ARG D 88 52.19 11.47 5.94
CA ARG D 88 51.59 10.13 5.96
C ARG D 88 50.96 9.60 4.66
N PRO D 89 50.13 10.34 3.87
CA PRO D 89 49.63 9.70 2.63
C PRO D 89 50.59 9.71 1.48
N PHE D 90 51.66 10.50 1.53
CA PHE D 90 52.53 10.71 0.37
C PHE D 90 53.99 10.39 0.63
N ILE D 91 54.34 9.81 1.79
CA ILE D 91 55.73 9.41 2.01
C ILE D 91 56.07 8.11 1.27
N LYS D 92 55.08 7.32 0.86
CA LYS D 92 55.33 6.16 0.03
C LYS D 92 55.29 6.49 -1.45
N ASP D 93 54.97 7.74 -1.80
CA ASP D 93 54.99 8.20 -3.18
C ASP D 93 56.17 9.10 -3.47
N ALA D 94 56.50 10.03 -2.57
CA ALA D 94 57.60 10.96 -2.81
C ALA D 94 58.97 10.35 -2.54
N PHE D 95 59.03 9.21 -1.85
CA PHE D 95 60.31 8.63 -1.48
C PHE D 95 60.45 7.15 -1.84
N GLY D 96 59.37 6.49 -2.25
CA GLY D 96 59.44 5.09 -2.63
C GLY D 96 58.73 4.19 -1.64
N ASN D 97 58.67 2.91 -2.02
CA ASN D 97 57.89 1.92 -1.30
C ASN D 97 58.58 1.37 -0.06
N ASP D 98 59.85 1.71 0.17
CA ASP D 98 60.56 1.22 1.35
C ASP D 98 60.15 1.93 2.62
N TYR D 99 59.71 3.18 2.52
CA TYR D 99 59.41 4.02 3.68
C TYR D 99 58.06 3.64 4.28
N PRO D 100 57.94 3.62 5.62
CA PRO D 100 56.68 3.16 6.22
C PRO D 100 55.61 4.24 6.30
N ASP D 101 54.36 3.78 6.16
CA ASP D 101 53.22 4.67 6.29
C ASP D 101 52.80 4.88 7.73
N ASN D 102 52.92 3.87 8.58
CA ASN D 102 52.61 4.00 9.99
C ASN D 102 53.88 4.16 10.84
N PHE D 103 53.85 5.15 11.72
CA PHE D 103 54.98 5.51 12.55
C PHE D 103 54.46 6.22 13.79
N THR D 104 55.26 6.18 14.86
CA THR D 104 54.90 6.80 16.13
C THR D 104 55.68 8.11 16.24
N ALA D 105 54.95 9.20 16.48
CA ALA D 105 55.55 10.53 16.58
C ALA D 105 56.02 10.72 18.02
N GLU D 106 57.32 10.51 18.25
CA GLU D 106 57.94 10.71 19.55
C GLU D 106 59.08 11.70 19.41
N TYR D 107 59.04 12.76 20.21
CA TYR D 107 60.03 13.83 20.14
C TYR D 107 60.97 13.83 21.35
N PHE D 108 61.02 12.72 22.07
CA PHE D 108 61.96 12.55 23.17
C PHE D 108 62.91 11.37 23.00
N ASP D 109 62.62 10.43 22.10
CA ASP D 109 63.47 9.25 21.93
C ASP D 109 64.74 9.56 21.14
N ASN D 110 64.65 10.41 20.13
CA ASN D 110 65.80 10.72 19.28
C ASN D 110 66.13 12.21 19.39
N GLN D 111 67.44 12.50 19.44
CA GLN D 111 67.95 13.87 19.46
C GLN D 111 69.12 14.00 18.51
N PHE D 112 69.01 13.41 17.32
CA PHE D 112 70.08 13.48 16.33
C PHE D 112 70.12 14.84 15.65
N ALA D 113 71.23 15.11 14.97
CA ALA D 113 71.49 16.44 14.41
C ALA D 113 71.96 16.35 12.97
N SER D 114 71.40 15.43 12.18
CA SER D 114 71.66 15.39 10.75
C SER D 114 70.42 14.87 10.04
N TYR D 115 70.34 15.21 8.74
CA TYR D 115 69.17 14.91 7.93
C TYR D 115 69.11 13.43 7.54
N ASP D 116 70.26 12.86 7.16
CA ASP D 116 70.30 11.50 6.63
C ASP D 116 70.14 10.46 7.72
N LYS D 117 70.70 10.69 8.92
CA LYS D 117 70.48 9.77 10.02
C LYS D 117 69.08 9.92 10.62
N GLY D 118 68.46 11.09 10.50
CA GLY D 118 67.05 11.22 10.86
C GLY D 118 66.13 10.48 9.89
N LEU D 119 66.50 10.49 8.60
CA LEU D 119 65.81 9.65 7.62
C LEU D 119 66.06 8.16 7.86
N GLN D 120 67.24 7.80 8.37
CA GLN D 120 67.53 6.40 8.71
C GLN D 120 66.77 5.95 9.96
N VAL D 121 66.56 6.85 10.92
CA VAL D 121 65.71 6.55 12.08
C VAL D 121 64.24 6.42 11.66
N LEU D 122 63.80 7.27 10.72
CA LEU D 122 62.44 7.19 10.19
C LEU D 122 62.21 5.96 9.31
N LYS D 123 63.24 5.50 8.60
CA LYS D 123 63.10 4.37 7.69
C LYS D 123 63.31 3.03 8.40
N TYR D 124 64.42 2.88 9.11
CA TYR D 124 64.78 1.62 9.75
C TYR D 124 64.07 1.43 11.08
N GLN D 125 64.17 2.41 11.97
CA GLN D 125 63.67 2.29 13.33
C GLN D 125 62.30 2.92 13.52
N ASN D 126 61.66 3.37 12.43
CA ASN D 126 60.30 3.92 12.20
C ASN D 126 59.71 4.83 13.29
N ILE D 127 60.56 5.65 13.91
CA ILE D 127 60.15 6.68 14.85
C ILE D 127 60.45 8.03 14.19
N LEU D 128 59.45 8.91 14.18
CA LEU D 128 59.59 10.26 13.62
C LEU D 128 60.49 11.09 14.54
N GLY D 129 61.75 11.24 14.13
CA GLY D 129 62.72 11.92 14.96
C GLY D 129 62.62 13.42 14.88
N THR D 130 63.41 14.08 15.73
CA THR D 130 63.47 15.53 15.80
C THR D 130 64.93 15.95 15.96
N TYR D 131 65.18 17.24 15.73
CA TYR D 131 66.53 17.76 15.81
C TYR D 131 66.86 18.23 17.22
N SER D 132 68.15 18.19 17.55
CA SER D 132 68.62 18.69 18.83
C SER D 132 68.64 20.22 18.89
N ASN D 133 68.80 20.89 17.74
CA ASN D 133 68.76 22.35 17.66
C ASN D 133 67.32 22.84 17.85
N PRO D 134 67.12 23.94 18.59
CA PRO D 134 65.76 24.47 18.75
C PRO D 134 65.33 25.48 17.69
N LYS D 135 66.05 25.58 16.57
CA LYS D 135 65.70 26.51 15.51
C LYS D 135 65.50 25.82 14.16
N LYS D 136 65.43 24.50 14.12
CA LYS D 136 65.24 23.76 12.88
C LYS D 136 64.18 22.68 13.09
N ASN D 137 63.43 22.41 12.02
CA ASN D 137 62.38 21.39 12.02
C ASN D 137 62.71 20.31 11.00
N PHE D 138 62.53 19.05 11.39
CA PHE D 138 62.66 17.95 10.46
C PHE D 138 61.36 17.67 9.72
N LYS D 139 60.22 17.84 10.39
CA LYS D 139 58.91 17.51 9.82
C LYS D 139 58.49 18.51 8.76
N PHE D 140 58.78 19.80 8.96
CA PHE D 140 58.40 20.83 8.00
C PHE D 140 59.29 20.82 6.76
N GLN D 141 60.59 20.53 6.93
CA GLN D 141 61.49 20.35 5.79
C GLN D 141 61.17 19.07 5.02
N LEU D 142 60.76 18.01 5.74
CA LEU D 142 60.31 16.78 5.08
C LEU D 142 59.00 16.98 4.35
N ALA D 143 58.09 17.80 4.89
CA ALA D 143 56.82 18.12 4.23
C ALA D 143 57.03 18.96 2.98
N LEU D 144 57.99 19.90 3.03
CA LEU D 144 58.32 20.68 1.84
C LEU D 144 59.06 19.85 0.79
N ASP D 145 59.84 18.85 1.22
CA ASP D 145 60.49 17.94 0.28
C ASP D 145 59.49 17.00 -0.41
N ILE D 146 58.50 16.51 0.35
CA ILE D 146 57.44 15.67 -0.22
C ILE D 146 56.51 16.50 -1.12
N LEU D 147 56.23 17.76 -0.76
CA LEU D 147 55.47 18.65 -1.62
C LEU D 147 56.23 19.07 -2.87
N LYS D 148 57.56 19.14 -2.79
CA LYS D 148 58.35 19.42 -3.99
C LYS D 148 58.48 18.21 -4.90
N LYS D 149 58.50 17.00 -4.33
CA LYS D 149 58.78 15.81 -5.13
C LYS D 149 57.53 15.11 -5.67
N SER D 150 56.38 15.26 -5.05
CA SER D 150 55.18 14.54 -5.44
C SER D 150 54.13 15.52 -5.95
N LEU D 151 53.45 15.16 -7.05
CA LEU D 151 52.46 16.05 -7.64
C LEU D 151 51.04 15.79 -7.15
N VAL D 152 50.74 14.56 -6.71
CA VAL D 152 49.40 14.28 -6.17
C VAL D 152 49.21 14.89 -4.78
N ALA D 153 50.30 15.16 -4.06
CA ALA D 153 50.24 15.93 -2.81
C ALA D 153 49.85 17.38 -3.07
N ARG D 154 50.45 17.99 -4.11
CA ARG D 154 50.09 19.34 -4.54
C ARG D 154 48.68 19.41 -5.10
N GLN D 155 48.23 18.34 -5.78
CA GLN D 155 46.87 18.28 -6.30
C GLN D 155 45.83 18.14 -5.19
N TYR D 156 46.15 17.37 -4.14
CA TYR D 156 45.25 17.24 -2.98
C TYR D 156 45.18 18.52 -2.16
N ILE D 157 46.32 19.19 -1.95
CA ILE D 157 46.36 20.42 -1.16
C ILE D 157 45.69 21.58 -1.91
N PHE D 158 45.87 21.65 -3.24
CA PHE D 158 45.19 22.66 -4.04
C PHE D 158 43.71 22.37 -4.23
N SER D 159 43.30 21.10 -4.26
CA SER D 159 41.90 20.78 -4.47
C SER D 159 41.07 20.75 -3.19
N LYS D 160 41.70 20.68 -2.01
CA LYS D 160 40.91 20.71 -0.77
C LYS D 160 40.80 22.07 -0.11
N TYR D 161 41.89 22.84 -0.05
CA TYR D 161 41.91 24.06 0.74
C TYR D 161 41.92 25.30 -0.14
N PHE D 162 41.26 26.35 0.33
CA PHE D 162 41.37 27.67 -0.28
C PHE D 162 41.88 28.74 0.68
N LYS D 163 41.69 28.55 1.99
CA LYS D 163 42.09 29.52 2.98
C LYS D 163 42.82 28.79 4.10
N ILE D 164 43.95 29.34 4.55
CA ILE D 164 44.73 28.76 5.65
C ILE D 164 44.79 29.78 6.79
N PHE D 165 44.34 29.37 7.97
CA PHE D 165 44.37 30.22 9.16
C PHE D 165 45.55 29.85 10.05
N ILE D 166 46.39 30.83 10.36
CA ILE D 166 47.53 30.64 11.26
C ILE D 166 47.32 31.50 12.50
N ASP D 167 47.42 30.87 13.66
CA ASP D 167 47.36 31.52 14.96
C ASP D 167 48.73 31.42 15.63
N GLU D 168 49.06 32.47 16.41
CA GLU D 168 50.27 32.63 17.24
C GLU D 168 51.55 32.57 16.39
N TYR D 169 51.70 33.61 15.57
CA TYR D 169 52.77 33.67 14.57
C TYR D 169 54.09 34.17 15.14
N GLN D 170 54.15 34.58 16.41
CA GLN D 170 55.39 35.17 16.92
C GLN D 170 56.41 34.12 17.34
N ASP D 171 55.98 32.92 17.70
CA ASP D 171 56.90 31.80 17.91
C ASP D 171 56.87 30.84 16.71
N SER D 172 57.28 31.37 15.57
CA SER D 172 57.27 30.63 14.31
C SER D 172 58.69 30.29 13.89
N ASP D 173 58.88 29.08 13.40
CA ASP D 173 60.15 28.58 12.94
C ASP D 173 60.31 28.99 11.46
N LYS D 174 61.57 28.98 10.98
CA LYS D 174 61.88 29.38 9.60
C LYS D 174 61.36 28.35 8.60
N ASP D 175 61.36 27.07 8.97
CA ASP D 175 60.85 26.02 8.09
C ASP D 175 59.33 26.05 7.99
N MET D 176 58.65 26.50 9.06
CA MET D 176 57.22 26.76 9.02
C MET D 176 56.89 27.90 8.05
N HIS D 177 57.71 28.94 8.06
CA HIS D 177 57.56 30.07 7.14
C HIS D 177 57.86 29.67 5.69
N ASN D 178 58.80 28.74 5.50
CA ASN D 178 59.10 28.24 4.15
C ASN D 178 57.97 27.36 3.61
N LEU D 179 57.36 26.53 4.46
CA LEU D 179 56.22 25.71 4.04
C LEU D 179 54.98 26.55 3.78
N PHE D 180 54.73 27.57 4.60
CA PHE D 180 53.54 28.40 4.39
C PHE D 180 53.73 29.39 3.24
N MET D 181 54.96 29.83 2.94
CA MET D 181 55.19 30.57 1.71
C MET D 181 55.18 29.68 0.47
N TYR D 182 55.49 28.38 0.61
CA TYR D 182 55.27 27.45 -0.49
C TYR D 182 53.79 27.23 -0.75
N LEU D 183 52.98 27.22 0.31
CA LEU D 183 51.53 27.11 0.14
C LEU D 183 50.92 28.41 -0.38
N LYS D 184 51.57 29.55 -0.09
CA LYS D 184 51.08 30.83 -0.59
C LYS D 184 51.43 31.02 -2.07
N ASP D 185 52.70 30.92 -2.43
CA ASP D 185 53.12 31.37 -3.75
C ASP D 185 53.06 30.27 -4.81
N GLN D 186 53.52 29.06 -4.50
CA GLN D 186 53.58 28.01 -5.49
C GLN D 186 52.26 27.28 -5.68
N LEU D 187 51.26 27.49 -4.82
CA LEU D 187 49.99 26.81 -4.95
C LEU D 187 48.78 27.74 -4.97
N LYS D 188 48.98 29.05 -4.72
CA LYS D 188 47.97 30.14 -4.79
C LYS D 188 46.77 29.91 -3.87
N ILE D 189 47.07 29.55 -2.63
CA ILE D 189 46.06 29.35 -1.58
C ILE D 189 46.15 30.58 -0.67
N LYS D 190 45.00 31.17 -0.33
CA LYS D 190 45.02 32.42 0.41
C LYS D 190 45.24 32.17 1.90
N LEU D 191 45.74 33.20 2.58
CA LEU D 191 46.20 33.11 3.97
C LEU D 191 45.47 34.09 4.88
N PHE D 192 45.50 33.76 6.16
CA PHE D 192 45.05 34.61 7.25
C PHE D 192 46.03 34.38 8.39
N ILE D 193 46.66 35.46 8.88
CA ILE D 193 47.70 35.36 9.90
C ILE D 193 47.30 36.24 11.07
N VAL D 194 47.24 35.67 12.28
CA VAL D 194 47.15 36.47 13.49
C VAL D 194 48.34 36.13 14.37
N GLY D 195 48.74 37.10 15.19
CA GLY D 195 49.86 36.91 16.10
C GLY D 195 50.43 38.22 16.60
N ASP D 196 50.69 38.31 17.90
CA ASP D 196 51.12 39.56 18.52
C ASP D 196 52.64 39.68 18.63
N PRO D 197 53.25 40.75 18.11
CA PRO D 197 54.70 40.91 18.25
C PRO D 197 55.11 41.38 19.64
N LYS D 198 56.26 40.87 20.08
CA LYS D 198 56.96 41.08 21.36
C LYS D 198 56.04 40.64 22.51
N GLN D 199 55.96 41.44 23.59
CA GLN D 199 55.15 41.24 24.80
C GLN D 199 55.44 39.90 25.49
N SER D 200 56.74 39.58 25.57
CA SER D 200 57.35 38.37 26.17
C SER D 200 56.80 37.05 25.65
N MET E 1 -39.02 50.27 8.66
CA MET E 1 -38.87 49.32 7.57
C MET E 1 -40.19 49.08 6.85
N ILE E 2 -41.18 49.96 7.15
CA ILE E 2 -42.59 50.02 6.73
C ILE E 2 -43.38 48.69 6.71
N GLU E 3 -44.59 48.76 6.12
CA GLU E 3 -45.60 47.73 6.31
C GLU E 3 -45.32 46.44 5.55
N ASP E 4 -44.57 46.51 4.44
CA ASP E 4 -44.28 45.32 3.64
C ASP E 4 -43.27 44.40 4.34
N GLU E 5 -42.18 44.97 4.85
CA GLU E 5 -41.24 44.18 5.63
C GLU E 5 -41.74 43.92 7.05
N MET E 6 -42.69 44.74 7.54
CA MET E 6 -43.36 44.42 8.81
C MET E 6 -44.26 43.20 8.68
N SER E 7 -45.01 43.09 7.57
CA SER E 7 -45.81 41.91 7.30
C SER E 7 -44.95 40.71 6.92
N ARG E 8 -43.78 40.95 6.32
CA ARG E 8 -42.82 39.87 6.06
C ARG E 8 -42.22 39.33 7.36
N GLU E 9 -41.93 40.22 8.33
CA GLU E 9 -41.44 39.78 9.63
C GLU E 9 -42.53 39.12 10.46
N GLN E 10 -43.79 39.52 10.25
CA GLN E 10 -44.89 38.83 10.91
C GLN E 10 -45.19 37.48 10.26
N ILE E 11 -44.91 37.32 8.97
CA ILE E 11 -45.25 36.08 8.28
C ILE E 11 -44.08 35.08 8.24
N ILE E 12 -42.86 35.52 8.54
CA ILE E 12 -41.73 34.60 8.57
C ILE E 12 -41.47 34.08 9.97
N LYS E 13 -41.44 34.98 10.97
CA LYS E 13 -41.06 34.61 12.32
C LYS E 13 -42.17 33.91 13.11
N ASP E 14 -43.40 33.90 12.61
CA ASP E 14 -44.49 33.19 13.26
C ASP E 14 -44.60 31.80 12.66
N GLY E 15 -44.46 30.78 13.51
CA GLY E 15 -44.52 29.39 13.09
C GLY E 15 -45.84 28.69 13.32
N GLY E 16 -46.91 29.43 13.63
CA GLY E 16 -48.20 28.84 13.87
C GLY E 16 -49.02 28.70 12.60
N ASN E 17 -50.32 28.51 12.79
CA ASN E 17 -51.26 28.41 11.68
C ASN E 17 -51.48 29.80 11.08
N ILE E 18 -51.21 29.95 9.80
CA ILE E 18 -51.24 31.24 9.13
C ILE E 18 -52.39 31.25 8.14
N LEU E 19 -53.29 32.21 8.28
CA LEU E 19 -54.39 32.42 7.34
C LEU E 19 -54.15 33.74 6.62
N VAL E 20 -54.01 33.67 5.30
CA VAL E 20 -53.67 34.84 4.48
C VAL E 20 -54.87 35.19 3.62
N THR E 21 -55.35 36.42 3.77
CA THR E 21 -56.42 36.97 2.93
C THR E 21 -55.81 38.12 2.15
N ALA E 22 -55.21 37.82 1.01
CA ALA E 22 -54.53 38.79 0.18
C ALA E 22 -55.46 39.28 -0.93
N GLY E 23 -54.92 40.09 -1.83
CA GLY E 23 -55.64 40.61 -2.96
C GLY E 23 -55.27 39.90 -4.25
N ALA E 24 -55.58 40.56 -5.37
CA ALA E 24 -55.25 40.02 -6.68
C ALA E 24 -53.81 40.34 -7.02
N GLY E 25 -53.02 39.32 -7.34
CA GLY E 25 -51.62 39.50 -7.63
C GLY E 25 -50.79 39.74 -6.38
N SER E 26 -49.84 40.70 -6.50
CA SER E 26 -48.98 41.23 -5.42
C SER E 26 -48.07 40.17 -4.79
N GLY E 27 -47.70 39.15 -5.55
CA GLY E 27 -46.67 38.19 -5.16
C GLY E 27 -47.03 37.19 -4.07
N LYS E 28 -48.01 36.33 -4.32
CA LYS E 28 -48.21 35.18 -3.44
C LYS E 28 -47.17 34.10 -3.68
N THR E 29 -46.65 34.02 -4.91
CA THR E 29 -45.70 32.97 -5.28
C THR E 29 -44.33 33.20 -4.65
N THR E 30 -43.85 34.45 -4.65
CA THR E 30 -42.54 34.74 -4.06
C THR E 30 -42.58 34.72 -2.53
N ILE E 31 -43.72 35.03 -1.91
CA ILE E 31 -43.82 34.91 -0.46
C ILE E 31 -44.03 33.44 -0.07
N LEU E 32 -44.56 32.61 -0.99
CA LEU E 32 -44.64 31.17 -0.75
C LEU E 32 -43.27 30.51 -0.86
N VAL E 33 -42.45 30.94 -1.83
CA VAL E 33 -41.09 30.43 -2.00
C VAL E 33 -40.19 30.88 -0.84
N SER E 34 -40.37 32.12 -0.35
CA SER E 34 -39.60 32.60 0.79
C SER E 34 -40.04 31.95 2.11
N LYS E 35 -41.34 31.67 2.28
CA LYS E 35 -41.81 30.97 3.48
C LYS E 35 -41.39 29.51 3.49
N ILE E 36 -41.40 28.87 2.30
CA ILE E 36 -40.95 27.48 2.17
C ILE E 36 -39.43 27.36 2.39
N GLU E 37 -38.66 28.34 1.89
CA GLU E 37 -37.22 28.38 2.09
C GLU E 37 -36.84 28.69 3.54
N ALA E 38 -37.63 29.53 4.23
CA ALA E 38 -37.40 29.80 5.65
C ALA E 38 -37.78 28.61 6.52
N ASP E 39 -38.84 27.87 6.16
CA ASP E 39 -39.20 26.67 6.91
C ASP E 39 -38.23 25.51 6.66
N LEU E 40 -37.71 25.37 5.45
CA LEU E 40 -36.69 24.37 5.19
C LEU E 40 -35.33 24.75 5.74
N LYS E 41 -35.04 26.04 5.91
CA LYS E 41 -33.81 26.45 6.58
C LYS E 41 -33.91 26.26 8.10
N GLU E 42 -35.10 26.52 8.66
CA GLU E 42 -35.29 26.48 10.11
C GLU E 42 -35.34 25.05 10.66
N ASN E 43 -35.95 24.13 9.91
CA ASN E 43 -36.12 22.76 10.39
C ASN E 43 -34.84 21.97 10.19
N LYS E 44 -34.27 21.48 11.29
CA LYS E 44 -33.08 20.63 11.27
C LYS E 44 -33.42 19.15 11.11
N THR E 45 -34.65 18.78 11.45
CA THR E 45 -35.05 17.37 11.56
C THR E 45 -35.38 16.76 10.20
N HIS E 46 -36.02 15.60 10.23
CA HIS E 46 -36.29 14.81 9.03
C HIS E 46 -37.62 15.15 8.37
N TYR E 47 -38.35 16.15 8.85
CA TYR E 47 -39.73 16.37 8.45
C TYR E 47 -39.81 17.03 7.07
N SER E 48 -41.03 17.07 6.54
CA SER E 48 -41.25 17.33 5.12
C SER E 48 -42.50 18.18 4.92
N ILE E 49 -42.58 18.80 3.74
CA ILE E 49 -43.68 19.68 3.38
C ILE E 49 -44.46 19.09 2.20
N ALA E 50 -45.65 19.63 1.99
CA ALA E 50 -46.55 19.23 0.90
C ALA E 50 -47.16 20.49 0.31
N ALA E 51 -46.50 21.05 -0.69
CA ALA E 51 -47.03 22.19 -1.44
C ALA E 51 -48.14 21.73 -2.35
N VAL E 52 -49.34 22.25 -2.12
CA VAL E 52 -50.55 21.82 -2.82
C VAL E 52 -51.08 23.00 -3.61
N THR E 53 -51.13 22.84 -4.93
CA THR E 53 -51.68 23.83 -5.86
C THR E 53 -52.92 23.25 -6.54
N PHE E 54 -53.45 24.01 -7.49
CA PHE E 54 -54.56 23.55 -8.32
C PHE E 54 -54.18 23.36 -9.77
N THR E 55 -53.03 23.88 -10.20
CA THR E 55 -52.55 23.72 -11.57
C THR E 55 -51.09 23.29 -11.49
N ASN E 56 -50.72 22.26 -12.26
CA ASN E 56 -49.44 21.59 -12.09
C ASN E 56 -48.26 22.39 -12.64
N LYS E 57 -48.50 23.37 -13.52
CA LYS E 57 -47.40 24.18 -14.04
C LYS E 57 -46.90 25.19 -13.01
N ALA E 58 -47.77 25.63 -12.10
CA ALA E 58 -47.34 26.51 -11.00
C ALA E 58 -46.51 25.74 -9.99
N ALA E 59 -46.87 24.47 -9.74
CA ALA E 59 -46.06 23.61 -8.89
C ALA E 59 -44.74 23.22 -9.57
N LYS E 60 -44.75 23.12 -10.90
CA LYS E 60 -43.53 22.88 -11.67
C LYS E 60 -42.60 24.09 -11.62
N GLU E 61 -43.17 25.29 -11.65
CA GLU E 61 -42.38 26.52 -11.48
C GLU E 61 -41.87 26.69 -10.06
N ILE E 62 -42.63 26.24 -9.07
CA ILE E 62 -42.20 26.26 -7.66
C ILE E 62 -41.04 25.28 -7.45
N GLU E 63 -41.13 24.09 -8.06
CA GLU E 63 -40.05 23.10 -8.01
C GLU E 63 -38.83 23.53 -8.81
N GLY E 64 -39.02 24.30 -9.88
CA GLY E 64 -37.90 24.87 -10.60
C GLY E 64 -37.22 26.01 -9.86
N ARG E 65 -38.00 26.79 -9.09
CA ARG E 65 -37.40 27.83 -8.27
C ARG E 65 -36.69 27.26 -7.04
N LEU E 66 -37.18 26.14 -6.51
CA LEU E 66 -36.55 25.56 -5.33
C LEU E 66 -35.32 24.73 -5.70
N GLY E 67 -35.50 23.68 -6.50
CA GLY E 67 -34.41 22.86 -6.96
C GLY E 67 -34.62 21.40 -6.60
N TYR E 68 -33.50 20.70 -6.35
CA TYR E 68 -33.49 19.27 -6.08
C TYR E 68 -33.02 19.05 -4.65
N SER E 69 -33.75 18.22 -3.91
CA SER E 69 -33.42 17.93 -2.52
C SER E 69 -33.80 16.49 -2.20
N SER E 70 -33.20 15.97 -1.13
CA SER E 70 -33.38 14.60 -0.71
C SER E 70 -34.15 14.48 0.59
N ARG E 71 -34.95 15.48 0.94
CA ARG E 71 -35.79 15.40 2.13
C ARG E 71 -37.15 14.78 1.85
N GLY E 72 -37.45 14.44 0.60
CA GLY E 72 -38.70 13.81 0.26
C GLY E 72 -39.90 14.71 0.27
N ASN E 73 -39.73 15.99 -0.06
CA ASN E 73 -40.85 16.93 -0.04
C ASN E 73 -41.76 16.77 -1.25
N PHE E 74 -43.06 16.99 -1.03
CA PHE E 74 -44.04 16.85 -2.10
C PHE E 74 -44.41 18.23 -2.62
N ILE E 75 -44.27 18.44 -3.92
CA ILE E 75 -44.79 19.62 -4.61
C ILE E 75 -45.71 19.12 -5.71
N GLY E 76 -46.96 19.57 -5.70
CA GLY E 76 -47.88 19.13 -6.74
C GLY E 76 -49.29 19.62 -6.49
N THR E 77 -50.23 18.95 -7.15
CA THR E 77 -51.63 19.32 -7.07
C THR E 77 -52.30 18.65 -5.87
N ASN E 78 -53.59 18.96 -5.68
CA ASN E 78 -54.36 18.30 -4.64
C ASN E 78 -54.72 16.87 -5.03
N ASP E 79 -55.03 16.67 -6.32
CA ASP E 79 -55.42 15.35 -6.83
C ASP E 79 -54.24 14.39 -6.84
N GLY E 80 -53.05 14.90 -7.15
CA GLY E 80 -51.84 14.09 -7.04
C GLY E 80 -51.45 13.78 -5.61
N PHE E 81 -51.75 14.70 -4.67
CA PHE E 81 -51.50 14.48 -3.24
C PHE E 81 -52.39 13.39 -2.67
N VAL E 82 -53.68 13.43 -2.99
CA VAL E 82 -54.62 12.41 -2.53
C VAL E 82 -54.38 11.08 -3.25
N GLU E 83 -53.99 11.13 -4.54
CA GLU E 83 -53.79 9.91 -5.32
C GLU E 83 -52.47 9.21 -4.95
N SER E 84 -51.43 9.95 -4.57
CA SER E 84 -50.17 9.30 -4.24
C SER E 84 -50.01 9.04 -2.75
N GLU E 85 -50.38 9.99 -1.89
CA GLU E 85 -50.06 9.85 -0.47
C GLU E 85 -51.17 9.22 0.35
N ILE E 86 -52.39 9.11 -0.17
CA ILE E 86 -53.53 8.68 0.64
C ILE E 86 -54.16 7.38 0.11
N ILE E 87 -54.64 7.41 -1.14
CA ILE E 87 -55.54 6.37 -1.64
C ILE E 87 -54.79 5.10 -1.99
N ARG E 88 -53.82 5.20 -2.89
CA ARG E 88 -53.07 4.08 -3.46
C ARG E 88 -52.22 3.22 -2.50
N PRO E 89 -51.47 3.73 -1.48
CA PRO E 89 -50.84 2.77 -0.55
C PRO E 89 -51.79 2.14 0.47
N PHE E 90 -52.88 2.81 0.84
CA PHE E 90 -53.69 2.37 1.97
C PHE E 90 -55.11 1.94 1.60
N ILE E 91 -55.39 1.75 0.31
CA ILE E 91 -56.73 1.30 -0.09
C ILE E 91 -56.94 -0.19 0.23
N LYS E 92 -55.86 -0.98 0.27
CA LYS E 92 -55.96 -2.36 0.73
C LYS E 92 -56.02 -2.44 2.25
N ASP E 93 -55.42 -1.46 2.94
CA ASP E 93 -55.44 -1.46 4.40
C ASP E 93 -56.78 -0.98 4.95
N ALA E 94 -57.42 -0.03 4.28
CA ALA E 94 -58.65 0.54 4.83
C ALA E 94 -59.87 -0.33 4.54
N PHE E 95 -60.01 -0.79 3.30
CA PHE E 95 -61.23 -1.48 2.87
C PHE E 95 -61.00 -2.98 2.66
N GLY E 96 -60.03 -3.55 3.37
CA GLY E 96 -59.82 -4.98 3.35
C GLY E 96 -59.00 -5.45 2.17
N ASN E 97 -58.61 -6.72 2.24
CA ASN E 97 -57.73 -7.32 1.24
C ASN E 97 -58.41 -7.63 -0.08
N ASP E 98 -59.74 -7.66 -0.10
CA ASP E 98 -60.47 -7.95 -1.33
C ASP E 98 -60.55 -6.75 -2.28
N TYR E 99 -60.32 -5.53 -1.77
CA TYR E 99 -60.29 -4.35 -2.63
C TYR E 99 -58.98 -4.30 -3.41
N PRO E 100 -58.99 -3.83 -4.66
CA PRO E 100 -57.76 -3.84 -5.46
C PRO E 100 -56.80 -2.71 -5.09
N ASP E 101 -55.53 -2.93 -5.43
CA ASP E 101 -54.48 -1.95 -5.16
C ASP E 101 -54.43 -0.87 -6.23
N ASN E 102 -54.14 -1.25 -7.46
CA ASN E 102 -53.93 -0.29 -8.53
C ASN E 102 -55.24 0.07 -9.20
N PHE E 103 -55.26 1.29 -9.77
CA PHE E 103 -56.44 1.84 -10.42
C PHE E 103 -55.96 2.89 -11.41
N THR E 104 -56.84 3.25 -12.34
CA THR E 104 -56.60 4.32 -13.28
C THR E 104 -57.61 5.44 -13.01
N ALA E 105 -57.10 6.66 -12.85
CA ALA E 105 -57.93 7.78 -12.44
C ALA E 105 -58.69 8.32 -13.64
N GLU E 106 -59.99 8.03 -13.72
CA GLU E 106 -60.85 8.50 -14.80
C GLU E 106 -62.21 8.83 -14.20
N TYR E 107 -62.44 10.12 -13.95
CA TYR E 107 -63.70 10.59 -13.37
C TYR E 107 -64.59 11.28 -14.40
N PHE E 108 -64.43 10.93 -15.68
CA PHE E 108 -65.19 11.58 -16.75
C PHE E 108 -66.35 10.74 -17.25
N ASP E 109 -66.41 9.45 -16.92
CA ASP E 109 -67.43 8.55 -17.46
C ASP E 109 -68.50 8.17 -16.46
N ASN E 110 -68.15 8.01 -15.18
CA ASN E 110 -69.11 7.58 -14.18
C ASN E 110 -69.65 8.78 -13.40
N GLN E 111 -70.98 8.87 -13.29
CA GLN E 111 -71.64 9.99 -12.64
C GLN E 111 -72.61 9.51 -11.56
N PHE E 112 -72.26 8.44 -10.86
CA PHE E 112 -73.10 7.94 -9.77
C PHE E 112 -72.93 8.81 -8.53
N ALA E 113 -74.05 9.09 -7.87
CA ALA E 113 -74.09 9.99 -6.72
C ALA E 113 -74.51 9.26 -5.45
N SER E 114 -74.00 8.05 -5.26
CA SER E 114 -74.26 7.28 -4.05
C SER E 114 -72.96 6.71 -3.52
N TYR E 115 -72.92 6.49 -2.20
CA TYR E 115 -71.66 6.13 -1.54
C TYR E 115 -71.37 4.65 -1.65
N ASP E 116 -72.34 3.81 -1.29
CA ASP E 116 -72.15 2.36 -1.34
C ASP E 116 -72.15 1.85 -2.77
N LYS E 117 -72.88 2.52 -3.66
CA LYS E 117 -72.81 2.23 -5.10
C LYS E 117 -71.45 2.62 -5.68
N GLY E 118 -70.87 3.72 -5.22
CA GLY E 118 -69.51 4.08 -5.63
C GLY E 118 -68.45 3.15 -5.10
N LEU E 119 -68.65 2.61 -3.89
CA LEU E 119 -67.79 1.54 -3.38
C LEU E 119 -67.96 0.24 -4.17
N GLN E 120 -69.17 -0.05 -4.65
CA GLN E 120 -69.37 -1.23 -5.51
C GLN E 120 -68.78 -1.04 -6.91
N VAL E 121 -68.76 0.20 -7.42
CA VAL E 121 -68.07 0.47 -8.69
C VAL E 121 -66.56 0.35 -8.53
N LEU E 122 -66.00 0.88 -7.43
CA LEU E 122 -64.55 0.77 -7.22
C LEU E 122 -64.13 -0.63 -6.78
N LYS E 123 -65.06 -1.44 -6.26
CA LYS E 123 -64.77 -2.86 -6.04
C LYS E 123 -64.86 -3.66 -7.33
N TYR E 124 -66.00 -3.58 -8.02
CA TYR E 124 -66.27 -4.50 -9.13
C TYR E 124 -65.69 -4.00 -10.45
N GLN E 125 -65.99 -2.75 -10.82
CA GLN E 125 -65.65 -2.25 -12.15
C GLN E 125 -64.18 -1.79 -12.22
N ASN E 126 -63.55 -1.61 -11.04
CA ASN E 126 -62.14 -1.20 -10.84
C ASN E 126 -61.83 0.14 -11.51
N ILE E 127 -62.73 1.11 -11.33
CA ILE E 127 -62.54 2.46 -11.80
C ILE E 127 -62.92 3.40 -10.65
N LEU E 128 -62.43 4.63 -10.72
CA LEU E 128 -62.69 5.64 -9.69
C LEU E 128 -63.42 6.80 -10.34
N GLY E 129 -64.74 6.83 -10.17
CA GLY E 129 -65.56 7.90 -10.71
C GLY E 129 -65.71 9.05 -9.74
N THR E 130 -66.74 9.86 -9.98
CA THR E 130 -67.04 11.01 -9.16
C THR E 130 -68.55 11.15 -9.02
N TYR E 131 -68.97 12.02 -8.10
CA TYR E 131 -70.38 12.31 -7.91
C TYR E 131 -70.92 13.18 -9.04
N SER E 132 -72.23 13.11 -9.23
CA SER E 132 -72.87 13.93 -10.26
C SER E 132 -72.99 15.39 -9.83
N ASN E 133 -73.19 15.64 -8.54
CA ASN E 133 -73.22 17.00 -8.02
C ASN E 133 -71.81 17.57 -7.96
N PRO E 134 -71.58 18.81 -8.39
CA PRO E 134 -70.22 19.37 -8.37
C PRO E 134 -69.81 19.95 -7.02
N LYS E 135 -70.68 19.96 -6.02
CA LYS E 135 -70.36 20.44 -4.69
C LYS E 135 -69.82 19.34 -3.78
N LYS E 136 -69.85 18.09 -4.22
CA LYS E 136 -69.39 16.95 -3.43
C LYS E 136 -68.31 16.19 -4.18
N ASN E 137 -67.40 15.59 -3.44
CA ASN E 137 -66.30 14.82 -4.00
C ASN E 137 -66.36 13.39 -3.47
N PHE E 138 -66.34 12.43 -4.40
CA PHE E 138 -66.21 11.02 -4.01
C PHE E 138 -64.79 10.71 -3.55
N LYS E 139 -63.79 11.37 -4.16
CA LYS E 139 -62.39 11.09 -3.90
C LYS E 139 -61.94 11.61 -2.54
N PHE E 140 -62.36 12.82 -2.18
CA PHE E 140 -61.97 13.40 -0.90
C PHE E 140 -62.76 12.80 0.27
N GLN E 141 -64.00 12.34 0.01
CA GLN E 141 -64.73 11.56 1.02
C GLN E 141 -64.14 10.17 1.18
N LEU E 142 -63.59 9.60 0.10
CA LEU E 142 -62.85 8.34 0.18
C LEU E 142 -61.55 8.50 0.96
N ALA E 143 -60.87 9.65 0.79
CA ALA E 143 -59.68 9.96 1.57
C ALA E 143 -59.99 10.20 3.04
N LEU E 144 -61.13 10.83 3.33
CA LEU E 144 -61.61 10.99 4.71
C LEU E 144 -61.98 9.66 5.35
N ASP E 145 -62.56 8.73 4.58
CA ASP E 145 -62.86 7.41 5.12
C ASP E 145 -61.60 6.55 5.28
N ILE E 146 -60.58 6.78 4.45
CA ILE E 146 -59.30 6.09 4.61
C ILE E 146 -58.56 6.59 5.87
N LEU E 147 -58.55 7.91 6.09
CA LEU E 147 -57.98 8.45 7.33
C LEU E 147 -58.86 8.21 8.56
N LYS E 148 -60.14 7.90 8.39
CA LYS E 148 -60.96 7.51 9.52
C LYS E 148 -60.79 6.03 9.88
N LYS E 149 -60.62 5.18 8.86
CA LYS E 149 -60.59 3.74 9.12
C LYS E 149 -59.17 3.24 9.44
N SER E 150 -58.20 3.57 8.60
CA SER E 150 -56.85 3.03 8.73
C SER E 150 -56.05 3.75 9.80
N LEU E 151 -55.23 2.98 10.51
CA LEU E 151 -54.30 3.51 11.51
C LEU E 151 -52.95 3.85 10.92
N VAL E 152 -52.52 3.11 9.90
CA VAL E 152 -51.20 3.27 9.29
C VAL E 152 -51.11 4.57 8.50
N ALA E 153 -52.22 4.98 7.88
CA ALA E 153 -52.28 6.20 7.08
C ALA E 153 -52.19 7.46 7.93
N ARG E 154 -52.82 7.46 9.12
CA ARG E 154 -52.70 8.55 10.09
C ARG E 154 -51.28 8.67 10.63
N GLN E 155 -50.63 7.52 10.86
CA GLN E 155 -49.26 7.49 11.34
C GLN E 155 -48.28 7.95 10.28
N TYR E 156 -48.54 7.63 9.00
CA TYR E 156 -47.71 8.09 7.90
C TYR E 156 -47.86 9.59 7.64
N ILE E 157 -49.09 10.11 7.74
CA ILE E 157 -49.33 11.55 7.53
C ILE E 157 -48.77 12.37 8.69
N PHE E 158 -48.91 11.86 9.93
CA PHE E 158 -48.35 12.57 11.10
C PHE E 158 -46.83 12.45 11.18
N SER E 159 -46.25 11.36 10.69
CA SER E 159 -44.80 11.21 10.73
C SER E 159 -44.09 11.91 9.58
N LYS E 160 -44.69 11.92 8.39
CA LYS E 160 -44.03 12.39 7.19
C LYS E 160 -44.02 13.92 7.08
N TYR E 161 -45.20 14.54 7.16
CA TYR E 161 -45.34 15.97 6.89
C TYR E 161 -45.56 16.75 8.17
N PHE E 162 -44.94 17.93 8.26
CA PHE E 162 -45.17 18.82 9.39
C PHE E 162 -45.89 20.11 9.02
N LYS E 163 -45.91 20.51 7.76
CA LYS E 163 -46.61 21.71 7.34
C LYS E 163 -47.08 21.54 5.90
N ILE E 164 -48.38 21.65 5.67
CA ILE E 164 -48.99 21.50 4.35
C ILE E 164 -49.28 22.88 3.78
N PHE E 165 -48.66 23.19 2.64
CA PHE E 165 -48.78 24.50 2.01
C PHE E 165 -49.89 24.45 0.97
N ILE E 166 -51.02 25.09 1.27
CA ILE E 166 -52.19 25.07 0.40
C ILE E 166 -52.26 26.39 -0.35
N ASP E 167 -52.35 26.32 -1.68
CA ASP E 167 -52.54 27.47 -2.54
C ASP E 167 -53.91 27.39 -3.20
N GLU E 168 -54.54 28.56 -3.38
CA GLU E 168 -55.85 28.80 -3.99
C GLU E 168 -56.96 28.04 -3.25
N TYR E 169 -57.20 28.47 -2.02
CA TYR E 169 -58.16 27.81 -1.14
C TYR E 169 -59.61 28.15 -1.47
N GLN E 170 -59.87 29.18 -2.27
CA GLN E 170 -61.23 29.70 -2.44
C GLN E 170 -62.10 28.84 -3.38
N ASP E 171 -61.51 28.09 -4.31
CA ASP E 171 -62.29 27.17 -5.14
C ASP E 171 -62.16 25.74 -4.61
N SER E 172 -62.66 25.57 -3.38
CA SER E 172 -62.60 24.29 -2.69
C SER E 172 -63.98 23.96 -2.11
N ASP E 173 -64.31 22.68 -2.10
CA ASP E 173 -65.59 22.23 -1.58
C ASP E 173 -65.54 22.07 -0.07
N LYS E 174 -66.66 21.67 0.53
CA LYS E 174 -66.73 21.46 1.96
C LYS E 174 -66.09 20.14 2.39
N ASP E 175 -65.93 19.18 1.47
CA ASP E 175 -65.25 17.92 1.79
C ASP E 175 -63.75 18.12 1.94
N MET E 176 -63.16 19.01 1.11
CA MET E 176 -61.76 19.37 1.26
C MET E 176 -61.52 20.17 2.53
N HIS E 177 -62.48 21.02 2.92
CA HIS E 177 -62.38 21.77 4.17
C HIS E 177 -62.53 20.85 5.39
N ASN E 178 -63.40 19.82 5.29
CA ASN E 178 -63.52 18.85 6.37
C ASN E 178 -62.30 17.93 6.46
N LEU E 179 -61.69 17.59 5.32
CA LEU E 179 -60.46 16.78 5.34
C LEU E 179 -59.27 17.58 5.87
N PHE E 180 -59.18 18.86 5.52
CA PHE E 180 -58.09 19.68 6.05
C PHE E 180 -58.31 20.07 7.51
N MET E 181 -59.57 20.18 7.97
CA MET E 181 -59.81 20.35 9.39
C MET E 181 -59.58 19.06 10.17
N TYR E 182 -59.77 17.90 9.54
CA TYR E 182 -59.40 16.64 10.17
C TYR E 182 -57.89 16.47 10.23
N LEU E 183 -57.16 16.99 9.24
CA LEU E 183 -55.70 16.95 9.28
C LEU E 183 -55.15 17.97 10.27
N LYS E 184 -55.85 19.10 10.46
CA LYS E 184 -55.35 20.13 11.35
C LYS E 184 -55.68 19.85 12.82
N ASP E 185 -56.93 19.46 13.10
CA ASP E 185 -57.39 19.37 14.48
C ASP E 185 -56.93 18.07 15.14
N GLN E 186 -57.26 16.93 14.54
CA GLN E 186 -57.01 15.64 15.19
C GLN E 186 -55.55 15.20 15.10
N LEU E 187 -54.86 15.51 14.00
CA LEU E 187 -53.48 15.05 13.82
C LEU E 187 -52.45 16.12 14.16
N LYS E 188 -52.89 17.29 14.66
CA LYS E 188 -52.07 18.39 15.21
C LYS E 188 -51.07 18.97 14.20
N ILE E 189 -51.42 18.98 12.92
CA ILE E 189 -50.53 19.43 11.86
C ILE E 189 -50.75 20.92 11.67
N LYS E 190 -49.66 21.69 11.64
CA LYS E 190 -49.71 23.10 11.31
C LYS E 190 -50.05 23.28 9.83
N LEU E 191 -51.01 24.15 9.54
CA LEU E 191 -51.57 24.29 8.21
C LEU E 191 -51.34 25.69 7.70
N PHE E 192 -51.01 25.81 6.42
CA PHE E 192 -50.69 27.09 5.79
C PHE E 192 -51.65 27.30 4.64
N ILE E 193 -52.46 28.36 4.73
CA ILE E 193 -53.52 28.64 3.77
C ILE E 193 -53.33 30.04 3.23
N VAL E 194 -53.20 30.16 1.90
CA VAL E 194 -53.23 31.45 1.22
C VAL E 194 -54.42 31.47 0.27
N GLY E 195 -54.65 32.63 -0.31
CA GLY E 195 -55.75 32.81 -1.25
C GLY E 195 -56.39 34.17 -1.07
N ASP E 196 -57.13 34.58 -2.09
CA ASP E 196 -57.82 35.86 -2.07
C ASP E 196 -59.32 35.67 -1.92
N PRO E 197 -59.98 36.38 -1.01
CA PRO E 197 -61.44 36.25 -0.86
C PRO E 197 -62.18 36.97 -1.96
N LYS E 198 -63.20 36.28 -2.49
CA LYS E 198 -64.14 36.69 -3.56
C LYS E 198 -63.32 36.96 -4.83
N GLN E 199 -63.52 38.12 -5.50
CA GLN E 199 -62.83 38.56 -6.74
C GLN E 199 -62.99 37.57 -7.89
N SER E 200 -64.20 37.02 -8.02
CA SER E 200 -64.65 36.02 -9.02
C SER E 200 -63.79 34.76 -9.09
N MET F 1 36.22 14.20 -14.42
CA MET F 1 36.11 14.86 -15.72
C MET F 1 35.30 14.03 -16.70
N LYS F 2 35.71 12.77 -16.90
CA LYS F 2 35.09 11.93 -17.90
C LYS F 2 35.03 10.50 -17.41
N PHE F 3 33.93 9.82 -17.72
CA PHE F 3 33.85 8.38 -17.57
C PHE F 3 34.57 7.72 -18.75
N SER F 4 35.17 6.55 -18.52
CA SER F 4 35.91 5.89 -19.57
C SER F 4 35.48 4.46 -19.82
N ASN F 5 35.16 3.70 -18.77
CA ASN F 5 34.88 2.28 -18.90
C ASN F 5 34.00 1.84 -17.74
N ILE F 6 33.25 0.76 -17.97
CA ILE F 6 32.65 0.00 -16.87
C ILE F 6 32.78 -1.49 -17.21
N THR F 7 33.22 -2.27 -16.22
CA THR F 7 33.33 -3.71 -16.35
C THR F 7 32.37 -4.34 -15.37
N ILE F 8 31.45 -5.17 -15.89
CA ILE F 8 30.44 -5.83 -15.07
C ILE F 8 30.68 -7.33 -15.15
N LYS F 9 30.94 -7.95 -13.99
CA LYS F 9 31.22 -9.37 -13.90
C LYS F 9 30.30 -10.02 -12.89
N ASN F 10 29.70 -11.14 -13.30
CA ASN F 10 28.92 -12.09 -12.47
C ASN F 10 27.69 -11.47 -11.81
N PHE F 11 27.12 -10.46 -12.46
CA PHE F 11 25.87 -9.82 -12.08
C PHE F 11 24.73 -10.58 -12.78
N ARG F 12 23.52 -9.98 -12.86
CA ARG F 12 22.25 -10.63 -13.18
C ARG F 12 22.17 -11.29 -14.55
N ASN F 13 22.23 -10.54 -15.64
CA ASN F 13 22.39 -11.18 -16.94
C ASN F 13 23.68 -10.77 -17.65
N PHE F 14 24.68 -10.31 -16.90
CA PHE F 14 26.00 -10.03 -17.44
C PHE F 14 26.98 -11.00 -16.83
N GLU F 15 27.72 -11.72 -17.67
CA GLU F 15 28.73 -12.65 -17.19
C GLU F 15 30.10 -11.98 -17.13
N LYS F 16 30.56 -11.42 -18.25
CA LYS F 16 31.74 -10.56 -18.27
C LYS F 16 31.54 -9.56 -19.41
N VAL F 17 31.07 -8.36 -19.08
CA VAL F 17 30.70 -7.36 -20.07
C VAL F 17 31.53 -6.11 -19.83
N ASN F 18 32.31 -5.69 -20.83
CA ASN F 18 33.17 -4.52 -20.74
C ASN F 18 32.67 -3.45 -21.72
N ILE F 19 32.31 -2.27 -21.21
CA ILE F 19 31.64 -1.22 -21.97
C ILE F 19 32.45 0.06 -21.87
N ASN F 20 32.87 0.59 -23.02
CA ASN F 20 33.45 1.93 -23.04
C ASN F 20 32.36 2.98 -22.87
N LEU F 21 32.68 4.05 -22.16
CA LEU F 21 31.70 5.09 -21.86
C LEU F 21 32.24 6.46 -22.23
N ASP F 22 31.41 7.45 -21.98
CA ASP F 22 31.70 8.87 -22.07
C ASP F 22 30.70 9.57 -21.16
N ASN F 23 30.72 10.90 -21.14
CA ASN F 23 29.58 11.64 -20.67
C ASN F 23 28.47 11.56 -21.71
N LYS F 24 27.21 11.69 -21.25
CA LYS F 24 25.96 11.59 -22.04
C LYS F 24 25.82 10.23 -22.75
N ASN F 25 25.57 9.18 -22.00
CA ASN F 25 25.38 7.85 -22.57
C ASN F 25 23.91 7.55 -22.81
N VAL F 26 23.61 6.94 -23.97
CA VAL F 26 22.27 6.50 -24.33
C VAL F 26 22.32 5.00 -24.62
N ILE F 27 21.54 4.22 -23.87
CA ILE F 27 21.49 2.76 -24.03
C ILE F 27 20.13 2.36 -24.58
N PHE F 28 20.12 1.50 -25.59
CA PHE F 28 18.90 1.03 -26.22
C PHE F 28 19.04 -0.46 -26.55
N GLY F 29 17.90 -1.08 -26.83
CA GLY F 29 17.86 -2.50 -27.09
C GLY F 29 16.43 -2.99 -27.04
N MET F 30 16.31 -4.32 -27.06
CA MET F 30 15.02 -4.99 -27.14
C MET F 30 14.40 -5.14 -25.75
N ASN F 31 13.31 -5.91 -25.68
CA ASN F 31 12.65 -6.16 -24.40
C ASN F 31 13.30 -7.36 -23.70
N ASP F 32 13.44 -7.23 -22.37
CA ASP F 32 14.03 -8.21 -21.43
C ASP F 32 15.46 -8.60 -21.81
N ILE F 33 16.30 -7.58 -21.98
CA ILE F 33 17.63 -7.78 -22.51
C ILE F 33 18.68 -7.24 -21.54
N GLY F 34 18.23 -6.48 -20.54
CA GLY F 34 19.13 -6.01 -19.51
C GLY F 34 19.54 -4.56 -19.61
N LYS F 35 18.63 -3.71 -20.08
CA LYS F 35 18.91 -2.28 -20.07
C LYS F 35 18.74 -1.68 -18.68
N THR F 36 17.78 -2.17 -17.90
CA THR F 36 17.58 -1.62 -16.56
C THR F 36 18.43 -2.35 -15.53
N ASN F 37 19.06 -3.46 -15.91
CA ASN F 37 20.07 -4.06 -15.05
C ASN F 37 21.43 -3.43 -15.28
N PHE F 38 21.58 -2.69 -16.37
CA PHE F 38 22.73 -1.83 -16.55
C PHE F 38 22.68 -0.65 -15.60
N LEU F 39 21.50 -0.05 -15.46
CA LEU F 39 21.35 1.12 -14.59
C LEU F 39 21.32 0.73 -13.12
N TYR F 40 20.91 -0.50 -12.79
CA TYR F 40 20.98 -0.95 -11.40
C TYR F 40 22.41 -1.27 -10.98
N ALA F 41 23.28 -1.59 -11.95
CA ALA F 41 24.69 -1.80 -11.64
C ALA F 41 25.41 -0.48 -11.34
N LEU F 42 24.88 0.62 -11.86
CA LEU F 42 25.38 1.94 -11.49
C LEU F 42 24.72 2.44 -10.21
N ARG F 43 23.54 1.94 -9.88
CA ARG F 43 22.89 2.31 -8.62
C ARG F 43 23.55 1.62 -7.44
N PHE F 44 24.02 0.38 -7.63
CA PHE F 44 24.67 -0.34 -6.55
C PHE F 44 26.08 0.20 -6.31
N LEU F 45 26.70 0.78 -7.34
CA LEU F 45 28.04 1.32 -7.20
C LEU F 45 28.03 2.71 -6.54
N LEU F 46 27.16 3.60 -7.02
CA LEU F 46 27.27 5.02 -6.69
C LEU F 46 26.17 5.56 -5.79
N ASP F 47 25.07 4.84 -5.59
CA ASP F 47 23.98 5.31 -4.75
C ASP F 47 23.89 4.49 -3.47
N LYS F 48 23.74 5.18 -2.34
CA LYS F 48 23.77 4.56 -1.02
C LYS F 48 22.46 3.88 -0.62
N GLU F 49 21.32 4.35 -1.15
CA GLU F 49 20.03 3.82 -0.75
C GLU F 49 19.75 2.44 -1.35
N ILE F 50 20.35 2.13 -2.48
CA ILE F 50 20.26 0.79 -3.04
C ILE F 50 21.31 -0.12 -2.42
N ARG F 51 22.48 0.44 -2.12
CA ARG F 51 23.61 -0.30 -1.57
C ARG F 51 23.42 -0.68 -0.10
N LYS F 52 22.55 0.02 0.64
CA LYS F 52 22.34 -0.31 2.05
C LYS F 52 21.52 -1.57 2.28
N PHE F 53 20.86 -2.12 1.26
CA PHE F 53 20.11 -3.36 1.38
C PHE F 53 20.91 -4.59 0.97
N GLY F 54 22.08 -4.42 0.36
CA GLY F 54 22.90 -5.54 -0.02
C GLY F 54 22.40 -6.23 -1.28
N PHE F 55 22.93 -7.44 -1.51
CA PHE F 55 22.56 -8.26 -2.64
C PHE F 55 21.71 -9.44 -2.15
N ASN F 56 20.82 -9.92 -3.02
CA ASN F 56 20.02 -11.09 -2.71
C ASN F 56 20.64 -12.32 -3.37
N LYS F 57 19.89 -13.43 -3.34
CA LYS F 57 20.26 -14.62 -4.10
C LYS F 57 20.11 -14.40 -5.60
N SER F 58 19.12 -13.58 -6.00
CA SER F 58 18.79 -13.36 -7.40
C SER F 58 19.66 -12.32 -8.07
N ASP F 59 20.61 -11.71 -7.37
CA ASP F 59 21.53 -10.75 -7.97
C ASP F 59 22.78 -11.40 -8.54
N TYR F 60 22.88 -12.72 -8.50
CA TYR F 60 24.03 -13.45 -9.01
C TYR F 60 23.69 -14.07 -10.36
N HIS F 61 24.72 -14.48 -11.08
CA HIS F 61 24.54 -14.98 -12.44
C HIS F 61 24.01 -16.41 -12.41
N LYS F 62 22.78 -16.58 -12.91
CA LYS F 62 22.03 -17.84 -13.02
C LYS F 62 21.81 -18.53 -11.68
N HIS F 63 21.62 -17.70 -10.63
CA HIS F 63 21.32 -18.08 -9.23
C HIS F 63 22.39 -19.00 -8.63
N ASP F 64 23.66 -18.73 -8.98
CA ASP F 64 24.73 -19.66 -8.65
C ASP F 64 25.20 -19.51 -7.21
N THR F 65 25.42 -18.26 -6.78
CA THR F 65 25.88 -17.83 -5.43
C THR F 65 27.18 -18.47 -5.00
N SER F 66 28.10 -18.68 -5.95
CA SER F 66 29.45 -19.12 -5.66
C SER F 66 30.49 -18.32 -6.41
N LYS F 67 30.09 -17.40 -7.28
CA LYS F 67 30.98 -16.47 -7.96
C LYS F 67 30.99 -15.14 -7.24
N LYS F 68 31.96 -14.31 -7.60
CA LYS F 68 32.11 -12.98 -7.00
C LYS F 68 31.60 -11.93 -7.97
N ILE F 69 30.63 -11.14 -7.50
CA ILE F 69 30.16 -9.97 -8.25
C ILE F 69 31.23 -8.90 -8.19
N GLU F 70 31.65 -8.40 -9.36
CA GLU F 70 32.68 -7.35 -9.40
C GLU F 70 32.29 -6.31 -10.43
N ILE F 71 32.11 -5.06 -9.98
CA ILE F 71 31.74 -3.95 -10.86
C ILE F 71 32.79 -2.86 -10.71
N ILE F 72 33.54 -2.60 -11.78
CA ILE F 72 34.67 -1.69 -11.77
C ILE F 72 34.39 -0.54 -12.74
N LEU F 73 34.57 0.69 -12.27
CA LEU F 73 34.38 1.90 -13.07
C LEU F 73 35.72 2.62 -13.22
N THR F 74 35.98 3.14 -14.43
CA THR F 74 37.20 3.84 -14.75
C THR F 74 36.90 5.30 -15.07
N LEU F 75 37.62 6.21 -14.40
CA LEU F 75 37.50 7.64 -14.65
C LEU F 75 38.80 8.17 -15.26
N ASP F 76 38.64 9.15 -16.14
CA ASP F 76 39.72 9.62 -17.01
C ASP F 76 40.70 10.56 -16.30
N LEU F 77 40.18 11.65 -15.70
CA LEU F 77 40.88 12.58 -14.78
C LEU F 77 42.07 13.31 -15.43
N SER F 78 42.04 13.50 -16.74
CA SER F 78 43.18 14.03 -17.46
C SER F 78 43.19 15.55 -17.49
N ASN F 79 42.13 16.22 -17.04
CA ASN F 79 42.05 17.68 -17.04
C ASN F 79 41.87 18.13 -15.58
N TYR F 80 42.98 18.22 -14.86
CA TYR F 80 42.94 18.67 -13.47
C TYR F 80 42.71 20.18 -13.39
N GLU F 81 43.42 20.94 -14.21
CA GLU F 81 43.12 22.35 -14.36
C GLU F 81 41.85 22.53 -15.19
N LYS F 82 41.09 23.58 -14.83
CA LYS F 82 39.88 24.17 -15.44
C LYS F 82 38.61 23.32 -15.20
N ASP F 83 38.74 22.11 -14.66
CA ASP F 83 37.57 21.30 -14.34
C ASP F 83 37.43 21.17 -12.82
N GLU F 84 36.26 21.56 -12.32
CA GLU F 84 36.01 21.55 -10.89
C GLU F 84 35.56 20.20 -10.34
N ASP F 85 35.08 19.29 -11.20
CA ASP F 85 34.62 17.99 -10.74
C ASP F 85 35.80 17.07 -10.41
N THR F 86 36.91 17.25 -11.11
CA THR F 86 38.15 16.51 -10.86
C THR F 86 38.72 16.85 -9.50
N LYS F 87 38.65 18.13 -9.10
CA LYS F 87 39.05 18.58 -7.77
C LYS F 87 38.13 18.06 -6.68
N LYS F 88 36.83 17.93 -6.98
CA LYS F 88 35.87 17.31 -6.09
C LYS F 88 36.12 15.83 -5.88
N LEU F 89 36.63 15.12 -6.89
CA LEU F 89 37.06 13.75 -6.64
C LEU F 89 38.37 13.68 -5.85
N ILE F 90 39.36 14.50 -6.23
CA ILE F 90 40.74 14.41 -5.72
C ILE F 90 40.84 14.85 -4.26
N SER F 91 39.96 15.75 -3.82
CA SER F 91 40.03 16.25 -2.43
C SER F 91 39.46 15.29 -1.39
N VAL F 92 38.86 14.17 -1.81
CA VAL F 92 38.24 13.21 -0.89
C VAL F 92 39.13 11.95 -0.83
N VAL F 93 39.89 11.68 -1.89
CA VAL F 93 40.56 10.40 -2.06
C VAL F 93 41.83 10.31 -1.21
N LYS F 94 42.74 11.28 -1.37
CA LYS F 94 43.86 11.71 -0.52
C LYS F 94 45.05 10.73 -0.43
N GLY F 95 44.86 9.44 -0.69
CA GLY F 95 45.98 8.54 -0.48
C GLY F 95 46.11 7.35 -1.40
N ALA F 96 45.17 7.17 -2.31
CA ALA F 96 45.21 6.02 -3.21
C ALA F 96 45.76 6.38 -4.57
N ARG F 97 46.06 7.65 -4.80
CA ARG F 97 46.62 8.11 -6.06
C ARG F 97 48.14 8.07 -5.99
N THR F 98 48.74 7.59 -7.07
CA THR F 98 50.19 7.65 -7.26
C THR F 98 50.49 8.63 -8.38
N SER F 99 51.66 9.25 -8.30
CA SER F 99 52.04 10.28 -9.27
C SER F 99 52.46 9.70 -10.61
N ALA F 100 52.79 8.40 -10.67
CA ALA F 100 53.08 7.77 -11.94
C ALA F 100 51.83 7.37 -12.70
N ASN F 101 50.68 7.36 -12.03
CA ASN F 101 49.40 6.97 -12.63
C ASN F 101 48.33 7.99 -12.26
N ALA F 102 48.66 9.27 -12.46
CA ALA F 102 47.82 10.37 -12.02
C ALA F 102 46.72 10.73 -12.99
N ASP F 103 46.59 10.04 -14.12
CA ASP F 103 45.55 10.33 -15.10
C ASP F 103 44.71 9.09 -15.40
N VAL F 104 44.37 8.34 -14.35
CA VAL F 104 43.41 7.24 -14.38
C VAL F 104 42.90 7.07 -12.95
N PHE F 105 41.66 6.59 -12.81
CA PHE F 105 41.14 6.25 -11.50
C PHE F 105 40.19 5.07 -11.59
N TYR F 106 40.18 4.22 -10.55
CA TYR F 106 39.35 3.03 -10.53
C TYR F 106 38.53 3.00 -9.24
N ILE F 107 37.23 2.80 -9.40
CA ILE F 107 36.31 2.57 -8.27
C ILE F 107 35.66 1.21 -8.48
N ALA F 108 35.90 0.28 -7.57
CA ALA F 108 35.49 -1.10 -7.71
C ALA F 108 34.51 -1.51 -6.61
N LEU F 109 33.72 -2.52 -6.93
CA LEU F 109 32.73 -3.10 -6.04
C LEU F 109 32.93 -4.61 -6.06
N GLU F 110 33.10 -5.21 -4.89
CA GLU F 110 33.19 -6.65 -4.74
C GLU F 110 32.08 -7.15 -3.83
N SER F 111 31.69 -8.40 -4.03
CA SER F 111 30.66 -9.04 -3.21
C SER F 111 30.85 -10.55 -3.25
N LYS F 112 30.86 -11.17 -2.06
CA LYS F 112 30.78 -12.62 -1.94
C LYS F 112 29.62 -12.99 -1.04
N TYR F 113 28.90 -14.03 -1.44
CA TYR F 113 27.69 -14.45 -0.75
C TYR F 113 28.05 -15.21 0.54
N ASP F 114 27.25 -14.99 1.58
CA ASP F 114 27.52 -15.54 2.90
C ASP F 114 27.17 -17.02 2.99
N ASP F 115 25.92 -17.36 2.63
CA ASP F 115 25.30 -18.69 2.53
C ASP F 115 25.20 -19.39 3.91
N LYS F 116 25.26 -18.62 5.00
CA LYS F 116 24.77 -19.00 6.31
C LYS F 116 23.82 -17.96 6.87
N GLU F 117 24.16 -16.68 6.70
CA GLU F 117 23.28 -15.57 7.06
C GLU F 117 22.36 -15.15 5.93
N LEU F 118 22.54 -15.72 4.73
CA LEU F 118 21.81 -15.46 3.48
C LEU F 118 21.87 -13.99 3.08
N TYR F 119 23.09 -13.53 2.80
CA TYR F 119 23.33 -12.11 2.62
C TYR F 119 24.54 -11.90 1.73
N GLY F 120 24.45 -10.90 0.86
CA GLY F 120 25.59 -10.50 0.06
C GLY F 120 26.12 -9.16 0.52
N ASN F 121 27.29 -9.17 1.16
CA ASN F 121 27.90 -7.94 1.63
C ASN F 121 28.67 -7.27 0.51
N ILE F 122 28.52 -5.95 0.39
CA ILE F 122 29.11 -5.17 -0.68
C ILE F 122 30.30 -4.40 -0.10
N ILE F 123 31.49 -4.65 -0.64
CA ILE F 123 32.71 -3.96 -0.22
C ILE F 123 33.18 -3.10 -1.38
N LEU F 124 33.29 -1.80 -1.15
CA LEU F 124 33.74 -0.87 -2.16
C LEU F 124 35.23 -0.55 -1.97
N LYS F 125 35.90 -0.28 -3.08
CA LYS F 125 37.32 0.03 -3.10
C LYS F 125 37.58 1.12 -4.12
N TRP F 126 38.62 1.94 -3.88
CA TRP F 126 39.22 2.72 -4.94
C TRP F 126 40.74 2.58 -5.01
N GLY F 127 41.27 3.04 -6.13
CA GLY F 127 42.71 3.14 -6.31
C GLY F 127 43.03 3.80 -7.63
N SER F 128 44.33 3.96 -7.89
CA SER F 128 44.79 4.41 -9.19
C SER F 128 45.39 3.29 -10.02
N GLU F 129 45.55 2.09 -9.45
CA GLU F 129 45.97 0.91 -10.18
C GLU F 129 44.97 -0.19 -9.89
N LEU F 130 44.89 -1.18 -10.78
CA LEU F 130 43.91 -2.25 -10.63
C LEU F 130 44.31 -3.24 -9.55
N ASP F 131 45.60 -3.54 -9.44
CA ASP F 131 46.10 -4.13 -8.20
C ASP F 131 46.32 -3.01 -7.19
N ASN F 132 46.37 -3.40 -5.90
CA ASN F 132 46.42 -2.53 -4.71
C ASN F 132 45.27 -1.52 -4.67
N LEU F 133 44.05 -2.05 -4.60
CA LEU F 133 42.86 -1.24 -4.33
C LEU F 133 42.61 -1.31 -2.83
N ILE F 134 42.70 -0.17 -2.15
CA ILE F 134 42.41 -0.12 -0.73
C ILE F 134 40.92 0.13 -0.54
N ASP F 135 40.43 -0.14 0.67
CA ASP F 135 39.05 0.13 1.01
C ASP F 135 38.79 1.63 1.15
N ILE F 136 37.59 2.04 0.75
CA ILE F 136 37.13 3.41 0.90
C ILE F 136 36.84 3.64 2.38
N PRO F 137 37.43 4.65 3.02
CA PRO F 137 37.23 4.82 4.47
C PRO F 137 35.88 5.45 4.79
N GLY F 138 35.35 5.10 5.95
CA GLY F 138 34.07 5.63 6.38
C GLY F 138 33.74 5.33 7.82
N ARG F 139 32.72 5.99 8.35
CA ARG F 139 32.31 5.86 9.74
C ARG F 139 30.80 5.78 9.83
N GLY F 140 30.29 4.64 10.30
CA GLY F 140 28.86 4.48 10.49
C GLY F 140 28.13 4.06 9.23
N ASN F 141 27.17 4.88 8.79
CA ASN F 141 26.41 4.60 7.58
C ASN F 141 26.98 5.30 6.35
N ILE F 142 28.06 6.07 6.52
CA ILE F 142 28.56 6.98 5.51
C ILE F 142 30.01 6.63 5.22
N ASN F 143 30.32 6.34 3.95
CA ASN F 143 31.71 6.26 3.49
C ASN F 143 32.02 7.47 2.63
N ALA F 144 33.24 7.50 2.08
CA ALA F 144 33.72 8.69 1.39
C ALA F 144 33.29 8.75 -0.07
N LEU F 145 32.66 7.70 -0.59
CA LEU F 145 32.14 7.76 -1.95
C LEU F 145 30.86 8.59 -2.01
N ASP F 146 30.06 8.59 -0.94
CA ASP F 146 28.82 9.35 -0.88
C ASP F 146 29.02 10.85 -0.70
N ASN F 147 30.22 11.28 -0.31
CA ASN F 147 30.55 12.69 -0.27
C ASN F 147 30.83 13.28 -1.64
N VAL F 148 31.10 12.45 -2.65
CA VAL F 148 31.49 12.90 -3.97
C VAL F 148 30.28 12.95 -4.90
N PHE F 149 29.64 11.80 -5.13
CA PHE F 149 28.66 11.64 -6.18
C PHE F 149 27.25 11.72 -5.61
N LYS F 150 26.35 12.35 -6.37
CA LYS F 150 24.93 12.38 -6.07
C LYS F 150 24.18 11.82 -7.28
N VAL F 151 23.39 10.77 -7.05
CA VAL F 151 22.68 10.06 -8.12
C VAL F 151 21.21 10.46 -8.05
N ILE F 152 20.69 11.01 -9.14
CA ILE F 152 19.27 11.31 -9.27
C ILE F 152 18.68 10.31 -10.23
N TYR F 153 17.77 9.47 -9.73
CA TYR F 153 17.14 8.43 -10.52
C TYR F 153 15.72 8.87 -10.87
N ILE F 154 15.43 8.94 -12.16
CA ILE F 154 14.15 9.40 -12.67
C ILE F 154 13.45 8.24 -13.35
N ASN F 155 12.22 7.95 -12.92
CA ASN F 155 11.36 6.95 -13.51
C ASN F 155 9.90 7.39 -13.37
N PRO F 156 9.16 7.59 -14.48
CA PRO F 156 7.73 7.86 -14.37
C PRO F 156 6.91 6.61 -14.13
N GLY F 258 -3.70 15.37 -14.05
CA GLY F 258 -3.60 14.57 -15.26
C GLY F 258 -2.28 13.83 -15.38
N ASP F 259 -1.63 13.97 -16.53
CA ASP F 259 -0.33 13.33 -16.75
C ASP F 259 0.50 14.25 -17.62
N GLY F 260 1.76 13.86 -17.86
CA GLY F 260 2.61 14.61 -18.76
C GLY F 260 3.20 15.89 -18.20
N ARG F 261 2.36 16.88 -17.90
CA ARG F 261 2.81 18.13 -17.31
C ARG F 261 3.21 17.97 -15.85
N ARG F 262 2.67 16.95 -15.16
CA ARG F 262 3.17 16.58 -13.83
C ARG F 262 4.57 15.99 -13.93
N LYS F 263 4.83 15.21 -14.98
CA LYS F 263 6.14 14.62 -15.22
C LYS F 263 7.16 15.69 -15.63
N MET F 264 6.75 16.63 -16.48
CA MET F 264 7.59 17.77 -16.84
C MET F 264 7.76 18.77 -15.70
N LEU F 265 6.80 18.81 -14.76
CA LEU F 265 6.99 19.57 -13.53
C LEU F 265 8.02 18.90 -12.62
N SER F 266 7.98 17.55 -12.54
CA SER F 266 8.90 16.79 -11.70
C SER F 266 10.34 16.83 -12.22
N TYR F 267 10.51 16.95 -13.55
CA TYR F 267 11.83 17.18 -14.14
C TYR F 267 12.40 18.54 -13.73
N SER F 268 11.56 19.57 -13.68
CA SER F 268 12.03 20.89 -13.27
C SER F 268 12.28 20.97 -11.77
N ILE F 269 11.54 20.18 -10.98
CA ILE F 269 11.77 20.03 -9.54
C ILE F 269 13.12 19.36 -9.28
N TYR F 270 13.44 18.30 -10.03
CA TYR F 270 14.72 17.59 -9.89
C TYR F 270 15.89 18.43 -10.40
N ASN F 271 15.69 19.21 -11.46
CA ASN F 271 16.75 20.09 -11.96
C ASN F 271 16.97 21.30 -11.05
N TYR F 272 15.91 21.78 -10.38
CA TYR F 272 16.06 22.86 -9.40
C TYR F 272 16.77 22.37 -8.13
N LEU F 273 16.47 21.14 -7.70
CA LEU F 273 17.18 20.56 -6.56
C LEU F 273 18.62 20.21 -6.90
N ALA F 274 18.91 19.87 -8.16
CA ALA F 274 20.29 19.62 -8.55
C ALA F 274 21.07 20.93 -8.72
N LYS F 275 20.42 22.00 -9.16
CA LYS F 275 21.11 23.28 -9.28
C LYS F 275 21.35 23.93 -7.92
N LYS F 276 20.40 23.82 -7.00
CA LYS F 276 20.50 24.53 -5.74
C LYS F 276 21.29 23.74 -4.69
N LYS F 277 20.86 22.52 -4.38
CA LYS F 277 21.42 21.77 -3.26
C LYS F 277 22.76 21.09 -3.59
N TYR F 278 23.06 20.83 -4.86
CA TYR F 278 24.20 20.00 -5.18
C TYR F 278 25.23 20.72 -6.04
N GLU F 279 25.60 21.94 -5.64
CA GLU F 279 26.69 22.65 -6.30
C GLU F 279 28.05 22.05 -5.95
N ASP F 280 28.17 21.46 -4.76
CA ASP F 280 29.44 20.89 -4.31
C ASP F 280 29.59 19.42 -4.61
N LYS F 281 28.68 18.83 -5.39
CA LYS F 281 28.70 17.41 -5.69
C LYS F 281 28.68 17.20 -7.20
N ILE F 282 29.01 15.98 -7.61
CA ILE F 282 28.96 15.56 -9.00
C ILE F 282 27.64 14.82 -9.21
N VAL F 283 26.77 15.37 -10.04
CA VAL F 283 25.40 14.87 -10.21
C VAL F 283 25.34 13.98 -11.43
N ILE F 284 24.86 12.75 -11.24
CA ILE F 284 24.63 11.79 -12.32
C ILE F 284 23.14 11.50 -12.35
N TYR F 285 22.51 11.77 -13.49
CA TYR F 285 21.12 11.41 -13.74
C TYR F 285 21.05 10.01 -14.32
N LEU F 286 20.08 9.24 -13.85
CA LEU F 286 19.78 7.92 -14.40
C LEU F 286 18.31 7.96 -14.79
N ILE F 287 18.05 8.09 -16.08
CA ILE F 287 16.69 8.26 -16.59
C ILE F 287 16.23 6.94 -17.19
N GLU F 288 15.13 6.39 -16.67
CA GLU F 288 14.55 5.16 -17.20
C GLU F 288 13.27 5.52 -17.93
N GLU F 289 13.31 5.44 -19.27
CA GLU F 289 12.24 5.59 -20.26
C GLU F 289 11.43 6.87 -20.14
N PRO F 290 11.96 8.03 -20.56
CA PRO F 290 11.26 9.30 -20.39
C PRO F 290 10.18 9.61 -21.42
N GLU F 291 9.84 8.69 -22.31
CA GLU F 291 8.81 8.90 -23.31
C GLU F 291 7.43 8.45 -22.85
N ILE F 292 7.30 8.04 -21.59
CA ILE F 292 6.08 7.43 -21.08
C ILE F 292 5.06 8.52 -20.79
N SER F 293 3.88 8.41 -21.45
CA SER F 293 2.73 9.32 -21.38
C SER F 293 3.10 10.75 -21.77
N LEU F 294 3.92 10.88 -22.80
CA LEU F 294 4.45 12.16 -23.23
C LEU F 294 4.17 12.34 -24.72
N HIS F 295 3.78 13.55 -25.09
CA HIS F 295 3.57 13.91 -26.49
C HIS F 295 4.93 14.03 -27.19
N ARG F 296 4.91 13.85 -28.52
CA ARG F 296 6.16 13.77 -29.27
C ARG F 296 6.82 15.13 -29.46
N SER F 297 6.07 16.23 -29.38
CA SER F 297 6.65 17.56 -29.38
C SER F 297 7.39 17.84 -28.07
N MET F 298 6.86 17.31 -26.97
CA MET F 298 7.56 17.35 -25.68
C MET F 298 8.76 16.42 -25.67
N GLN F 299 8.74 15.34 -26.46
CA GLN F 299 9.90 14.47 -26.62
C GLN F 299 11.02 15.17 -27.39
N ILE F 300 10.68 15.93 -28.43
CA ILE F 300 11.67 16.70 -29.19
C ILE F 300 12.22 17.87 -28.34
N ALA F 301 11.36 18.47 -27.49
CA ALA F 301 11.80 19.50 -26.55
C ALA F 301 12.71 18.96 -25.45
N LEU F 302 12.41 17.75 -24.95
CA LEU F 302 13.28 17.08 -23.99
C LEU F 302 14.60 16.62 -24.61
N SER F 303 14.57 16.25 -25.90
CA SER F 303 15.79 15.91 -26.64
C SER F 303 16.70 17.12 -26.84
N LYS F 304 16.11 18.28 -27.17
CA LYS F 304 16.86 19.52 -27.32
C LYS F 304 17.44 20.01 -25.99
N GLN F 305 16.67 19.87 -24.91
CA GLN F 305 17.18 20.22 -23.58
C GLN F 305 18.23 19.24 -23.09
N LEU F 306 18.09 17.97 -23.44
CA LEU F 306 18.99 16.91 -23.01
C LEU F 306 20.31 16.88 -23.75
N PHE F 307 20.35 17.32 -25.01
CA PHE F 307 21.59 17.29 -25.77
C PHE F 307 22.18 18.65 -26.06
N GLU F 308 21.41 19.74 -25.94
CA GLU F 308 21.95 21.05 -26.28
C GLU F 308 22.36 21.84 -25.04
N GLN F 309 21.57 21.75 -23.97
CA GLN F 309 21.86 22.51 -22.76
C GLN F 309 22.97 21.84 -21.96
N SER F 310 23.57 22.62 -21.06
CA SER F 310 24.65 22.16 -20.21
C SER F 310 24.18 21.76 -18.82
N THR F 311 22.87 21.68 -18.60
CA THR F 311 22.35 21.30 -17.30
C THR F 311 22.30 19.80 -17.08
N TYR F 312 22.53 18.99 -18.12
CA TYR F 312 22.71 17.55 -17.98
C TYR F 312 24.14 17.25 -18.43
N LYS F 313 25.10 17.37 -17.51
CA LYS F 313 26.49 17.08 -17.83
C LYS F 313 26.75 15.58 -17.90
N TYR F 314 26.20 14.83 -16.96
CA TYR F 314 26.36 13.38 -16.89
C TYR F 314 24.98 12.74 -16.85
N PHE F 315 24.66 11.91 -17.85
CA PHE F 315 23.50 11.06 -17.72
C PHE F 315 23.74 9.70 -18.36
N PHE F 316 22.94 8.74 -17.92
CA PHE F 316 22.75 7.46 -18.57
C PHE F 316 21.27 7.36 -18.93
N LEU F 317 20.96 7.09 -20.19
CA LEU F 317 19.60 7.19 -20.72
C LEU F 317 19.17 5.87 -21.35
N SER F 318 18.13 5.26 -20.82
CA SER F 318 17.47 4.14 -21.47
C SER F 318 16.17 4.62 -22.10
N THR F 319 15.91 4.22 -23.34
CA THR F 319 14.77 4.75 -24.07
C THR F 319 14.27 3.71 -25.08
N HIS F 320 13.06 3.95 -25.58
CA HIS F 320 12.49 3.20 -26.69
C HIS F 320 12.07 4.10 -27.84
N SER F 321 12.27 5.40 -27.72
CA SER F 321 11.65 6.38 -28.60
C SER F 321 12.65 6.93 -29.60
N PRO F 322 12.36 6.85 -30.91
CA PRO F 322 13.22 7.50 -31.89
C PRO F 322 13.10 9.01 -31.94
N GLU F 323 12.00 9.59 -31.46
CA GLU F 323 11.81 11.04 -31.53
C GLU F 323 12.58 11.79 -30.47
N LEU F 324 13.07 11.10 -29.45
CA LEU F 324 13.88 11.69 -28.40
C LEU F 324 15.37 11.58 -28.69
N LEU F 325 15.73 10.97 -29.82
CA LEU F 325 17.09 11.00 -30.34
C LEU F 325 17.22 11.88 -31.58
N TYR F 326 16.37 12.91 -31.70
CA TYR F 326 16.41 13.77 -32.88
C TYR F 326 17.51 14.82 -32.82
N GLU F 327 18.10 15.05 -31.64
CA GLU F 327 19.04 16.13 -31.45
C GLU F 327 20.41 15.64 -31.00
N MET F 328 20.75 14.37 -31.26
CA MET F 328 21.92 13.76 -30.65
C MET F 328 23.23 14.20 -31.30
N ASP F 329 24.18 14.58 -30.45
CA ASP F 329 25.54 14.95 -30.82
C ASP F 329 26.39 14.81 -29.56
N ASN F 330 27.65 14.38 -29.78
CA ASN F 330 28.69 14.16 -28.76
C ASN F 330 28.26 13.19 -27.67
N THR F 331 27.70 12.06 -28.09
CA THR F 331 27.11 11.12 -27.14
C THR F 331 27.70 9.74 -27.37
N ARG F 332 27.44 8.84 -26.43
CA ARG F 332 27.92 7.47 -26.52
C ARG F 332 26.70 6.55 -26.62
N LEU F 333 26.57 5.87 -27.75
CA LEU F 333 25.44 5.00 -28.01
C LEU F 333 25.80 3.57 -27.64
N ILE F 334 25.01 2.98 -26.76
CA ILE F 334 25.19 1.61 -26.29
C ILE F 334 23.98 0.81 -26.75
N ARG F 335 24.23 -0.30 -27.42
CA ARG F 335 23.18 -1.19 -27.89
C ARG F 335 23.35 -2.55 -27.25
N VAL F 336 22.28 -3.08 -26.67
CA VAL F 336 22.28 -4.41 -26.08
C VAL F 336 21.69 -5.37 -27.11
N HIS F 337 22.46 -6.40 -27.47
CA HIS F 337 22.10 -7.27 -28.58
C HIS F 337 21.10 -8.31 -28.11
N SER F 338 20.23 -8.73 -29.03
CA SER F 338 19.16 -9.68 -28.73
C SER F 338 19.56 -11.13 -29.01
N THR F 339 20.85 -11.45 -28.92
CA THR F 339 21.34 -12.77 -29.26
C THR F 339 21.29 -13.68 -28.03
N GLU F 340 21.92 -14.86 -28.13
CA GLU F 340 21.94 -15.82 -27.03
C GLU F 340 22.91 -15.44 -25.92
N LYS F 341 23.85 -14.54 -26.21
CA LYS F 341 24.76 -13.99 -25.22
C LYS F 341 24.58 -12.48 -25.17
N VAL F 342 24.55 -11.93 -23.97
CA VAL F 342 24.27 -10.49 -23.77
C VAL F 342 25.54 -9.72 -24.12
N VAL F 343 25.51 -9.04 -25.27
CA VAL F 343 26.64 -8.27 -25.78
C VAL F 343 26.21 -6.80 -25.84
N CYS F 344 27.02 -5.93 -25.27
CA CYS F 344 26.80 -4.48 -25.38
C CYS F 344 27.83 -3.92 -26.34
N SER F 345 27.36 -3.10 -27.29
CA SER F 345 28.22 -2.45 -28.27
C SER F 345 28.15 -0.94 -28.09
N SER F 346 29.31 -0.29 -28.16
CA SER F 346 29.43 1.13 -27.88
C SER F 346 29.97 1.86 -29.10
N HIS F 347 29.42 3.04 -29.35
CA HIS F 347 29.90 3.90 -30.42
C HIS F 347 29.95 5.34 -29.91
N MET F 348 31.02 6.05 -30.24
CA MET F 348 31.13 7.47 -29.92
C MET F 348 30.52 8.26 -31.06
N TYR F 349 29.25 8.66 -30.91
CA TYR F 349 28.53 9.37 -31.95
C TYR F 349 28.90 10.85 -31.91
N ASN F 350 29.46 11.32 -33.03
CA ASN F 350 29.71 12.72 -33.31
C ASN F 350 29.21 13.02 -34.72
N VAL F 351 28.77 14.25 -34.93
CA VAL F 351 28.43 14.75 -36.25
C VAL F 351 29.53 15.71 -36.67
N GLU F 352 30.06 15.49 -37.88
CA GLU F 352 31.20 16.24 -38.40
C GLU F 352 30.80 17.66 -38.79
N GLU F 353 31.81 18.51 -38.98
CA GLU F 353 31.57 19.90 -39.33
C GLU F 353 31.14 20.08 -40.78
N ALA F 354 31.46 19.11 -41.64
CA ALA F 354 30.99 19.16 -43.02
C ALA F 354 29.51 18.79 -43.14
N TYR F 355 28.98 18.03 -42.18
CA TYR F 355 27.59 17.59 -42.20
C TYR F 355 26.69 18.47 -41.35
N GLY F 356 27.13 19.67 -40.97
CA GLY F 356 26.37 20.50 -40.06
C GLY F 356 25.18 21.20 -40.69
N SER F 357 25.12 21.26 -42.01
CA SER F 357 24.00 21.85 -42.72
C SER F 357 22.88 20.86 -43.00
N VAL F 358 23.12 19.56 -42.85
CA VAL F 358 22.11 18.53 -43.11
C VAL F 358 21.90 17.68 -41.88
N LYS F 359 22.12 18.27 -40.70
CA LYS F 359 22.28 17.52 -39.44
C LYS F 359 20.95 16.94 -38.94
N LYS F 360 19.85 17.68 -39.15
CA LYS F 360 18.54 17.28 -38.62
C LYS F 360 17.94 16.14 -39.43
N LYS F 361 18.17 16.16 -40.75
CA LYS F 361 17.74 15.10 -41.66
C LYS F 361 18.43 13.77 -41.37
N LEU F 362 19.76 13.84 -41.15
CA LEU F 362 20.56 12.69 -40.76
C LEU F 362 20.19 12.15 -39.38
N ASN F 363 19.86 13.04 -38.43
CA ASN F 363 19.53 12.57 -37.09
C ASN F 363 18.14 11.95 -37.02
N LYS F 364 17.17 12.47 -37.79
CA LYS F 364 15.84 11.85 -37.86
C LYS F 364 15.88 10.50 -38.58
N ALA F 365 16.64 10.43 -39.69
CA ALA F 365 16.73 9.21 -40.48
C ALA F 365 17.55 8.13 -39.77
N LEU F 366 18.63 8.51 -39.10
CA LEU F 366 19.43 7.54 -38.36
C LEU F 366 18.78 7.17 -37.04
N SER F 367 17.98 8.08 -36.46
CA SER F 367 17.37 7.82 -35.17
C SER F 367 16.19 6.87 -35.29
N SER F 368 15.52 6.87 -36.44
CA SER F 368 14.58 5.79 -36.67
C SER F 368 15.27 4.45 -36.98
N ALA F 369 16.49 4.48 -37.52
CA ALA F 369 17.21 3.28 -37.95
C ALA F 369 18.07 2.66 -36.86
N LEU F 370 18.25 3.34 -35.73
CA LEU F 370 19.05 2.80 -34.63
C LEU F 370 18.37 1.66 -33.89
N PHE F 371 17.05 1.51 -34.03
CA PHE F 371 16.28 0.50 -33.31
C PHE F 371 15.99 -0.71 -34.18
N ALA F 372 16.83 -0.97 -35.18
CA ALA F 372 16.62 -2.07 -36.11
C ALA F 372 17.75 -3.09 -35.99
N GLU F 373 17.66 -4.13 -36.81
CA GLU F 373 18.66 -5.19 -36.86
C GLU F 373 19.37 -5.28 -38.20
N ARG F 374 18.63 -5.22 -39.31
CA ARG F 374 19.20 -5.19 -40.64
C ARG F 374 18.67 -3.96 -41.37
N VAL F 375 19.57 -3.10 -41.85
CA VAL F 375 19.20 -1.84 -42.47
C VAL F 375 19.65 -1.87 -43.93
N LEU F 376 18.71 -1.66 -44.85
CA LEU F 376 18.99 -1.49 -46.26
C LEU F 376 19.03 0.00 -46.57
N LEU F 377 20.13 0.45 -47.19
CA LEU F 377 20.35 1.86 -47.47
C LEU F 377 20.05 2.12 -48.95
N ILE F 378 19.01 2.91 -49.21
CA ILE F 378 18.58 3.20 -50.58
C ILE F 378 18.79 4.68 -50.85
N GLU F 379 18.57 5.11 -52.09
CA GLU F 379 18.89 6.48 -52.47
C GLU F 379 17.71 7.43 -52.25
N GLY F 380 16.57 7.16 -52.89
CA GLY F 380 15.47 8.08 -52.85
C GLY F 380 14.13 7.40 -52.62
N PRO F 381 13.03 8.13 -52.83
CA PRO F 381 11.70 7.56 -52.54
C PRO F 381 11.15 6.63 -53.61
N SER F 382 11.75 6.58 -54.81
CA SER F 382 11.30 5.64 -55.83
C SER F 382 11.69 4.21 -55.48
N GLU F 383 12.89 4.05 -54.89
CA GLU F 383 13.32 2.78 -54.32
C GLU F 383 12.46 2.39 -53.12
N LYS F 384 12.01 3.39 -52.35
CA LYS F 384 11.12 3.17 -51.22
C LYS F 384 9.75 2.68 -51.66
N ILE F 385 9.20 3.25 -52.74
CA ILE F 385 7.90 2.85 -53.31
C ILE F 385 7.97 1.44 -53.90
N LEU F 386 9.02 1.15 -54.68
CA LEU F 386 9.18 -0.15 -55.33
C LEU F 386 9.49 -1.26 -54.33
N PHE F 387 10.36 -0.99 -53.35
CA PHE F 387 10.71 -2.00 -52.35
C PHE F 387 9.61 -2.17 -51.31
N GLU F 388 8.79 -1.14 -51.05
CA GLU F 388 7.65 -1.32 -50.16
C GLU F 388 6.55 -2.13 -50.81
N LYS F 389 6.38 -1.99 -52.14
CA LYS F 389 5.41 -2.84 -52.86
C LYS F 389 5.88 -4.30 -52.95
N VAL F 390 7.18 -4.51 -53.23
CA VAL F 390 7.74 -5.86 -53.35
C VAL F 390 7.80 -6.57 -51.99
N LEU F 391 8.23 -5.87 -50.94
CA LEU F 391 8.22 -6.43 -49.60
C LEU F 391 6.83 -6.48 -48.98
N ASP F 392 5.84 -5.76 -49.51
CA ASP F 392 4.47 -6.00 -49.09
C ASP F 392 3.92 -7.27 -49.71
N GLU F 393 4.25 -7.53 -50.98
CA GLU F 393 3.71 -8.72 -51.63
C GLU F 393 4.44 -10.01 -51.29
N VAL F 394 5.69 -9.97 -50.85
CA VAL F 394 6.47 -11.19 -50.58
C VAL F 394 6.51 -11.51 -49.08
N GLU F 395 7.12 -10.64 -48.28
CA GLU F 395 7.34 -10.90 -46.85
C GLU F 395 6.85 -9.69 -46.07
N PRO F 396 5.55 -9.61 -45.75
CA PRO F 396 4.98 -8.37 -45.22
C PRO F 396 5.26 -8.08 -43.75
N GLU F 397 5.90 -8.98 -43.02
CA GLU F 397 6.30 -8.73 -41.63
C GLU F 397 7.79 -8.47 -41.52
N TYR F 398 8.35 -7.71 -42.46
CA TYR F 398 9.79 -7.47 -42.49
C TYR F 398 10.22 -6.47 -41.41
N GLU F 399 9.33 -5.56 -41.03
CA GLU F 399 9.65 -4.53 -40.03
C GLU F 399 9.29 -4.98 -38.62
N LEU F 400 8.45 -6.00 -38.49
CA LEU F 400 8.24 -6.68 -37.22
C LEU F 400 9.48 -7.44 -36.78
N ASN F 401 10.25 -7.97 -37.74
CA ASN F 401 11.42 -8.79 -37.46
C ASN F 401 12.71 -7.99 -37.40
N GLY F 402 12.65 -6.68 -37.60
CA GLY F 402 13.83 -5.85 -37.43
C GLY F 402 14.51 -5.45 -38.72
N GLY F 403 13.74 -5.26 -39.78
CA GLY F 403 14.25 -4.72 -41.02
C GLY F 403 13.90 -3.25 -41.14
N PHE F 404 14.70 -2.51 -41.91
CA PHE F 404 14.48 -1.08 -42.04
C PHE F 404 14.95 -0.60 -43.41
N LEU F 405 14.22 0.35 -43.97
CA LEU F 405 14.58 1.02 -45.22
C LEU F 405 14.98 2.45 -44.91
N LEU F 406 16.18 2.82 -45.32
CA LEU F 406 16.81 4.09 -44.95
C LEU F 406 17.23 4.82 -46.21
N GLU F 407 16.54 5.90 -46.55
CA GLU F 407 16.91 6.66 -47.74
C GLU F 407 18.01 7.65 -47.37
N VAL F 408 19.14 7.54 -48.06
CA VAL F 408 20.33 8.36 -47.80
C VAL F 408 20.69 9.08 -49.10
N GLY F 409 20.29 10.35 -49.20
CA GLY F 409 20.43 11.07 -50.44
C GLY F 409 21.47 12.19 -50.39
N GLY F 410 22.41 12.11 -51.33
CA GLY F 410 23.43 13.14 -51.48
C GLY F 410 24.55 13.11 -50.46
N THR F 411 24.79 11.94 -49.85
CA THR F 411 25.82 11.77 -48.85
C THR F 411 26.80 10.69 -49.31
N TYR F 412 27.86 10.48 -48.52
CA TYR F 412 28.96 9.59 -48.91
C TYR F 412 29.01 8.29 -48.11
N PHE F 413 27.92 7.92 -47.43
CA PHE F 413 27.63 6.66 -46.72
C PHE F 413 28.46 6.36 -45.47
N ASN F 414 29.50 7.13 -45.14
CA ASN F 414 30.47 6.69 -44.13
C ASN F 414 29.96 6.88 -42.70
N HIS F 415 29.13 7.92 -42.49
CA HIS F 415 28.54 8.25 -41.20
C HIS F 415 27.59 7.15 -40.71
N TYR F 416 26.71 6.71 -41.61
CA TYR F 416 25.71 5.69 -41.30
C TYR F 416 26.32 4.32 -41.12
N VAL F 417 27.30 3.97 -41.99
CA VAL F 417 27.96 2.67 -41.94
C VAL F 417 28.87 2.54 -40.72
N CYS F 418 29.55 3.63 -40.32
CA CYS F 418 30.38 3.60 -39.11
C CYS F 418 29.55 3.54 -37.83
N THR F 419 28.40 4.25 -37.81
CA THR F 419 27.50 4.17 -36.66
C THR F 419 26.79 2.82 -36.54
N LEU F 420 26.34 2.24 -37.66
CA LEU F 420 25.69 0.93 -37.60
C LEU F 420 26.67 -0.21 -37.44
N ASN F 421 27.90 -0.08 -37.97
CA ASN F 421 28.91 -1.11 -37.86
C ASN F 421 29.54 -1.17 -36.48
N ASP F 422 29.66 -0.03 -35.81
CA ASP F 422 30.16 -0.04 -34.43
C ASP F 422 29.14 -0.58 -33.43
N LEU F 423 27.86 -0.55 -33.77
CA LEU F 423 26.80 -1.03 -32.88
C LEU F 423 26.35 -2.45 -33.21
N GLY F 424 26.96 -3.11 -34.17
CA GLY F 424 26.60 -4.47 -34.51
C GLY F 424 25.33 -4.62 -35.32
N ILE F 425 24.94 -3.59 -36.05
CA ILE F 425 23.73 -3.58 -36.87
C ILE F 425 24.14 -3.79 -38.31
N THR F 426 23.53 -4.76 -38.97
CA THR F 426 23.90 -5.15 -40.34
C THR F 426 23.44 -4.11 -41.34
N HIS F 427 24.38 -3.54 -42.09
CA HIS F 427 24.09 -2.54 -43.09
C HIS F 427 24.24 -3.15 -44.48
N ILE F 428 23.23 -2.95 -45.32
CA ILE F 428 23.24 -3.37 -46.72
C ILE F 428 23.07 -2.10 -47.54
N ILE F 429 23.87 -1.94 -48.58
CA ILE F 429 23.79 -0.77 -49.45
C ILE F 429 23.47 -1.23 -50.86
N LYS F 430 22.38 -0.72 -51.43
CA LYS F 430 22.04 -0.87 -52.83
C LYS F 430 22.20 0.49 -53.49
N THR F 431 23.07 0.58 -54.50
CA THR F 431 23.33 1.86 -55.15
C THR F 431 23.67 1.61 -56.62
N ASP F 432 23.94 2.69 -57.34
CA ASP F 432 24.27 2.64 -58.75
C ASP F 432 25.38 3.64 -59.07
N ASN F 433 26.20 3.33 -60.09
CA ASN F 433 27.34 4.16 -60.42
C ASN F 433 26.90 5.30 -61.33
N ASP F 434 27.31 6.52 -60.94
CA ASP F 434 26.88 7.73 -61.60
C ASP F 434 28.09 8.44 -62.18
N LEU F 435 27.83 9.26 -63.20
CA LEU F 435 28.85 10.08 -63.85
C LEU F 435 28.41 11.53 -63.65
N LYS F 436 28.95 12.18 -62.63
CA LYS F 436 28.54 13.54 -62.32
C LYS F 436 29.39 14.54 -63.08
N SER F 437 28.74 15.51 -63.71
CA SER F 437 29.45 16.53 -64.47
C SER F 437 29.99 17.60 -63.52
N LYS F 438 31.24 17.99 -63.75
CA LYS F 438 31.88 19.00 -62.90
C LYS F 438 31.41 20.40 -63.26
N LYS F 439 31.45 21.30 -62.28
CA LYS F 439 31.09 22.68 -62.51
C LYS F 439 32.26 23.44 -63.17
N GLY F 440 31.91 24.23 -64.18
CA GLY F 440 32.93 25.01 -64.88
C GLY F 440 33.79 24.20 -65.81
N LYS F 441 33.31 23.03 -66.24
CA LYS F 441 34.09 22.14 -67.08
C LYS F 441 33.14 21.32 -67.92
N LYS F 442 33.47 21.15 -69.20
CA LYS F 442 32.63 20.44 -70.15
C LYS F 442 33.34 19.19 -70.63
N GLY F 443 32.65 18.06 -70.60
CA GLY F 443 33.17 16.81 -71.10
C GLY F 443 33.91 15.96 -70.08
N VAL F 444 34.10 16.46 -68.86
CA VAL F 444 34.83 15.74 -67.83
C VAL F 444 33.82 15.32 -66.77
N TYR F 445 33.68 14.01 -66.57
CA TYR F 445 32.76 13.45 -65.60
C TYR F 445 33.52 12.74 -64.48
N GLU F 446 33.13 13.03 -63.25
CA GLU F 446 33.69 12.32 -62.11
C GLU F 446 32.81 11.13 -61.76
N LEU F 447 33.46 10.08 -61.29
CA LEU F 447 32.83 8.81 -60.99
C LEU F 447 32.29 8.95 -59.56
N LEU F 448 30.97 9.00 -59.42
CA LEU F 448 30.40 9.35 -58.13
C LEU F 448 30.14 8.13 -57.26
N GLY F 449 29.43 7.14 -57.80
CA GLY F 449 29.04 5.97 -57.02
C GLY F 449 30.18 5.02 -56.74
N LEU F 450 31.13 4.92 -57.67
CA LEU F 450 32.32 4.10 -57.46
C LEU F 450 33.26 4.74 -56.44
N ASN F 451 33.34 6.07 -56.39
CA ASN F 451 34.12 6.73 -55.35
C ASN F 451 33.45 6.65 -53.99
N ARG F 452 32.10 6.60 -53.96
CA ARG F 452 31.39 6.39 -52.71
C ARG F 452 31.61 4.99 -52.15
N CYS F 453 31.59 3.97 -53.02
CA CYS F 453 31.82 2.60 -52.57
C CYS F 453 33.29 2.34 -52.25
N LEU F 454 34.22 2.99 -52.96
CA LEU F 454 35.64 2.88 -52.63
C LEU F 454 36.00 3.66 -51.37
N ASN F 455 35.31 4.77 -51.10
CA ASN F 455 35.47 5.47 -49.83
C ASN F 455 34.88 4.68 -48.68
N LEU F 456 33.85 3.88 -48.94
CA LEU F 456 33.34 2.98 -47.90
C LEU F 456 34.30 1.83 -47.65
N LEU F 457 34.96 1.33 -48.70
CA LEU F 457 35.90 0.22 -48.54
C LEU F 457 37.22 0.64 -47.89
N GLY F 458 37.55 1.93 -47.93
CA GLY F 458 38.76 2.42 -47.29
C GLY F 458 39.85 2.79 -48.28
N ARG F 459 39.45 3.24 -49.47
CA ARG F 459 40.38 3.62 -50.52
C ARG F 459 40.29 5.12 -50.79
N GLU F 460 41.07 5.56 -51.75
CA GLU F 460 41.06 6.96 -52.16
C GLU F 460 40.13 7.15 -53.35
N ASN F 461 39.85 8.42 -53.66
CA ASN F 461 38.98 8.75 -54.78
C ASN F 461 39.71 8.55 -56.11
N LEU F 462 38.97 8.09 -57.11
CA LEU F 462 39.57 7.85 -58.41
C LEU F 462 39.69 9.15 -59.20
N ASP F 463 40.40 9.07 -60.32
CA ASP F 463 40.66 10.22 -61.16
C ASP F 463 39.43 10.57 -61.99
N GLU F 464 39.38 11.82 -62.44
CA GLU F 464 38.26 12.32 -63.24
C GLU F 464 38.45 11.86 -64.68
N ILE F 465 37.50 11.08 -65.19
CA ILE F 465 37.58 10.56 -66.54
C ILE F 465 36.97 11.61 -67.45
N THR F 466 37.26 11.55 -68.75
CA THR F 466 36.61 12.41 -69.72
C THR F 466 36.18 11.57 -70.91
N ILE F 467 35.11 12.01 -71.57
CA ILE F 467 34.61 11.39 -72.79
C ILE F 467 34.12 12.51 -73.70
N ASP F 468 34.36 12.38 -75.00
CA ASP F 468 33.98 13.41 -75.96
C ASP F 468 32.84 12.92 -76.83
N ILE F 469 31.92 13.85 -77.10
CA ILE F 469 30.75 13.57 -77.93
C ILE F 469 30.68 14.63 -79.03
N PRO F 470 30.08 14.35 -80.17
CA PRO F 470 29.73 15.43 -81.11
C PRO F 470 28.61 16.28 -80.54
N GLU F 471 28.59 17.56 -80.94
CA GLU F 471 27.69 18.53 -80.32
C GLU F 471 26.25 18.38 -80.81
N ASP F 472 26.06 17.86 -82.02
CA ASP F 472 24.71 17.63 -82.52
C ASP F 472 24.08 16.38 -81.92
N ILE F 473 24.90 15.46 -81.42
CA ILE F 473 24.43 14.21 -80.85
C ILE F 473 24.04 14.49 -79.39
N LYS F 474 22.74 14.57 -79.13
CA LYS F 474 22.23 14.74 -77.78
C LYS F 474 20.88 14.07 -77.62
N GLY F 475 20.20 14.30 -76.50
CA GLY F 475 18.90 13.70 -76.30
C GLY F 475 19.00 12.30 -75.72
N LYS F 476 18.44 11.32 -76.45
CA LYS F 476 18.49 9.94 -76.00
C LYS F 476 19.81 9.27 -76.36
N LYS F 477 20.51 9.80 -77.37
CA LYS F 477 21.73 9.16 -77.84
C LYS F 477 22.90 9.46 -76.90
N LYS F 478 22.90 10.65 -76.29
CA LYS F 478 23.94 11.04 -75.33
C LYS F 478 23.84 10.22 -74.05
N LYS F 479 22.60 9.88 -73.65
CA LYS F 479 22.39 8.99 -72.52
C LYS F 479 22.81 7.55 -72.84
N GLU F 480 22.70 7.15 -74.11
CA GLU F 480 23.16 5.82 -74.50
C GLU F 480 24.68 5.73 -74.55
N ARG F 481 25.35 6.83 -74.94
CA ARG F 481 26.81 6.89 -74.88
C ARG F 481 27.32 6.90 -73.44
N LEU F 482 26.59 7.59 -72.55
CA LEU F 482 26.94 7.58 -71.13
C LEU F 482 26.65 6.22 -70.48
N ASN F 483 25.62 5.50 -70.97
CA ASN F 483 25.31 4.18 -70.46
C ASN F 483 26.33 3.13 -70.89
N GLU F 484 26.82 3.21 -72.13
CA GLU F 484 27.86 2.27 -72.54
C GLU F 484 29.22 2.63 -71.95
N ARG F 485 29.43 3.90 -71.60
CA ARG F 485 30.62 4.29 -70.84
C ARG F 485 30.57 3.77 -69.41
N LYS F 486 29.38 3.80 -68.77
CA LYS F 486 29.17 3.19 -67.46
C LYS F 486 29.34 1.68 -67.49
N LYS F 487 28.93 1.04 -68.60
CA LYS F 487 29.11 -0.40 -68.77
C LYS F 487 30.58 -0.77 -68.95
N GLU F 488 31.37 0.09 -69.60
CA GLU F 488 32.81 -0.19 -69.73
C GLU F 488 33.56 0.04 -68.41
N ILE F 489 33.12 1.02 -67.60
CA ILE F 489 33.65 1.22 -66.25
C ILE F 489 33.31 0.04 -65.35
N PHE F 490 32.07 -0.47 -65.45
CA PHE F 490 31.63 -1.59 -64.62
C PHE F 490 32.24 -2.92 -65.07
N LYS F 491 32.62 -3.03 -66.35
CA LYS F 491 33.35 -4.20 -66.81
C LYS F 491 34.81 -4.18 -66.38
N GLN F 492 35.46 -3.00 -66.43
CA GLN F 492 36.90 -3.01 -66.21
C GLN F 492 37.28 -3.04 -64.72
N TYR F 493 36.41 -2.56 -63.84
CA TYR F 493 36.69 -2.59 -62.40
C TYR F 493 35.99 -3.77 -61.73
N LYS F 494 36.21 -4.98 -62.25
CA LYS F 494 35.40 -6.13 -61.86
C LYS F 494 35.82 -6.71 -60.50
N ASN F 495 37.13 -6.71 -60.22
CA ASN F 495 37.63 -7.20 -58.94
C ASN F 495 37.38 -6.23 -57.79
N GLU F 496 37.12 -4.95 -58.07
CA GLU F 496 36.62 -4.06 -57.02
C GLU F 496 35.14 -4.29 -56.73
N VAL F 497 34.36 -4.62 -57.77
CA VAL F 497 32.93 -4.91 -57.60
C VAL F 497 32.72 -6.23 -56.85
N GLY F 498 33.62 -7.20 -57.04
CA GLY F 498 33.57 -8.45 -56.29
C GLY F 498 33.86 -8.32 -54.80
N GLU F 499 34.78 -7.42 -54.44
CA GLU F 499 35.04 -7.16 -53.03
C GLU F 499 34.12 -6.09 -52.44
N PHE F 500 33.39 -5.34 -53.27
CA PHE F 500 32.20 -4.65 -52.76
C PHE F 500 31.11 -5.64 -52.41
N LEU F 501 30.96 -6.67 -53.26
CA LEU F 501 29.93 -7.70 -53.08
C LEU F 501 30.22 -8.58 -51.88
N GLY F 502 31.50 -8.77 -51.54
CA GLY F 502 31.84 -9.47 -50.31
C GLY F 502 31.59 -8.67 -49.03
N GLU F 503 31.48 -7.35 -49.13
CA GLU F 503 31.30 -6.48 -47.98
C GLU F 503 29.88 -5.90 -47.90
N ARG F 504 28.92 -6.60 -48.53
CA ARG F 504 27.48 -6.24 -48.64
C ARG F 504 27.25 -4.86 -49.25
N ILE F 505 28.00 -4.53 -50.30
CA ILE F 505 27.74 -3.33 -51.10
C ILE F 505 27.35 -3.81 -52.49
N TYR F 506 26.25 -3.29 -53.00
CA TYR F 506 25.61 -3.81 -54.21
C TYR F 506 25.51 -2.67 -55.21
N LEU F 507 26.45 -2.63 -56.14
CA LEU F 507 26.51 -1.59 -57.16
C LEU F 507 25.83 -2.09 -58.43
N SER F 508 24.92 -1.29 -58.96
CA SER F 508 24.27 -1.63 -60.22
C SER F 508 25.21 -1.33 -61.39
N GLU F 509 24.88 -1.92 -62.54
CA GLU F 509 25.67 -1.71 -63.74
C GLU F 509 25.44 -0.32 -64.32
N ILE F 510 24.16 0.07 -64.48
CA ILE F 510 23.81 1.39 -64.97
C ILE F 510 22.90 2.08 -63.95
N ASP F 511 21.74 1.49 -63.70
CA ASP F 511 20.71 2.10 -62.86
C ASP F 511 19.92 0.99 -62.17
N LEU F 512 18.90 1.40 -61.41
CA LEU F 512 17.90 0.48 -60.90
C LEU F 512 16.96 0.00 -62.01
N GLU F 513 16.68 0.88 -62.97
CA GLU F 513 15.68 0.62 -64.01
C GLU F 513 16.16 -0.41 -65.02
N ASN F 514 17.47 -0.48 -65.24
CA ASN F 514 18.01 -1.48 -66.15
C ASN F 514 18.04 -2.86 -65.48
N ASP F 515 18.21 -2.90 -64.15
CA ASP F 515 18.05 -4.14 -63.40
C ASP F 515 16.59 -4.59 -63.36
N LEU F 516 15.66 -3.62 -63.29
CA LEU F 516 14.24 -3.93 -63.33
C LEU F 516 13.79 -4.36 -64.72
N TYR F 517 14.45 -3.86 -65.76
CA TYR F 517 14.18 -4.33 -67.12
C TYR F 517 14.80 -5.71 -67.34
N SER F 518 15.89 -6.01 -66.63
CA SER F 518 16.42 -7.37 -66.62
C SER F 518 15.54 -8.34 -65.84
N ALA F 519 14.77 -7.86 -64.86
CA ALA F 519 13.90 -8.72 -64.07
C ALA F 519 12.49 -8.85 -64.61
N ILE F 520 11.76 -7.75 -64.76
CA ILE F 520 10.33 -7.74 -65.09
C ILE F 520 10.04 -6.97 -66.38
N GLY F 521 10.96 -7.06 -67.34
CA GLY F 521 10.93 -6.16 -68.50
C GLY F 521 9.84 -6.46 -69.52
N GLU F 522 9.34 -7.71 -69.54
CA GLU F 522 8.20 -8.01 -70.41
C GLU F 522 6.91 -7.47 -69.80
N SER F 523 6.84 -7.41 -68.46
CA SER F 523 5.71 -6.76 -67.80
C SER F 523 5.79 -5.26 -67.92
N MET F 524 7.01 -4.72 -68.00
CA MET F 524 7.20 -3.29 -68.21
C MET F 524 6.89 -2.89 -69.65
N LYS F 525 7.08 -3.82 -70.59
CA LYS F 525 6.61 -3.59 -71.96
C LYS F 525 5.10 -3.73 -72.06
N ARG F 526 4.50 -4.56 -71.19
CA ARG F 526 3.05 -4.74 -71.22
C ARG F 526 2.33 -3.54 -70.59
N ILE F 527 2.89 -2.97 -69.51
CA ILE F 527 2.19 -1.91 -68.79
C ILE F 527 2.32 -0.57 -69.50
N PHE F 528 3.54 -0.16 -69.83
CA PHE F 528 3.77 1.17 -70.39
C PHE F 528 3.47 1.25 -71.88
N GLU F 529 3.33 0.10 -72.55
CA GLU F 529 3.14 -0.17 -74.00
C GLU F 529 4.05 0.64 -74.92
N ASN F 530 5.30 0.83 -74.51
CA ASN F 530 6.29 1.54 -75.32
C ASN F 530 7.44 0.60 -75.62
N GLU F 531 8.25 0.99 -76.61
CA GLU F 531 9.46 0.23 -76.91
C GLU F 531 10.60 0.53 -75.95
N ASP F 532 10.51 1.65 -75.20
CA ASP F 532 11.49 2.02 -74.18
C ASP F 532 10.74 2.25 -72.86
N PRO F 533 10.54 1.20 -72.06
CA PRO F 533 9.94 1.41 -70.73
C PRO F 533 10.92 1.98 -69.72
N VAL F 534 12.22 1.87 -69.98
CA VAL F 534 13.25 2.40 -69.08
C VAL F 534 13.28 3.93 -69.15
N HIS F 535 13.17 4.47 -70.36
CA HIS F 535 13.26 5.92 -70.56
C HIS F 535 11.99 6.64 -70.10
N TYR F 536 10.85 5.95 -70.20
CA TYR F 536 9.57 6.54 -69.82
C TYR F 536 9.43 6.67 -68.30
N LEU F 537 10.02 5.73 -67.56
CA LEU F 537 10.03 5.85 -66.10
C LEU F 537 11.02 6.90 -65.66
N GLN F 538 12.10 7.08 -66.43
CA GLN F 538 13.13 8.04 -66.08
C GLN F 538 12.78 9.45 -66.53
N LYS F 539 11.71 9.62 -67.31
CA LYS F 539 11.20 10.96 -67.62
C LYS F 539 10.59 11.61 -66.38
N SER F 540 9.79 10.86 -65.61
CA SER F 540 9.22 11.32 -64.35
C SER F 540 9.26 10.17 -63.37
N LYS F 541 10.16 10.25 -62.38
CA LYS F 541 10.46 9.08 -61.56
C LYS F 541 9.40 8.81 -60.48
N LEU F 542 8.81 9.85 -59.90
CA LEU F 542 7.81 9.65 -58.84
C LEU F 542 6.46 9.18 -59.35
N PHE F 543 5.97 9.71 -60.48
CA PHE F 543 4.63 9.39 -60.94
C PHE F 543 4.55 8.11 -61.74
N ASN F 544 5.64 7.72 -62.41
CA ASN F 544 5.61 6.50 -63.18
C ASN F 544 5.98 5.27 -62.36
N MET F 545 6.60 5.45 -61.19
CA MET F 545 6.83 4.32 -60.30
C MET F 545 5.53 3.92 -59.60
N VAL F 546 4.69 4.89 -59.27
CA VAL F 546 3.36 4.63 -58.70
C VAL F 546 2.44 4.00 -59.75
N GLU F 547 2.58 4.45 -61.00
CA GLU F 547 1.84 3.91 -62.15
C GLU F 547 2.30 2.48 -62.47
N LEU F 548 3.59 2.18 -62.27
CA LEU F 548 4.07 0.82 -62.43
C LEU F 548 3.63 -0.08 -61.28
N VAL F 549 3.76 0.36 -60.02
CA VAL F 549 3.41 -0.52 -58.89
C VAL F 549 1.91 -0.63 -58.65
N ASN F 550 1.09 0.20 -59.32
CA ASN F 550 -0.35 -0.01 -59.34
C ASN F 550 -0.74 -1.16 -60.26
N ASN F 551 0.14 -1.56 -61.19
CA ASN F 551 -0.20 -2.56 -62.20
C ASN F 551 0.56 -3.87 -62.08
N LEU F 552 1.61 -3.94 -61.26
CA LEU F 552 2.18 -5.22 -60.88
C LEU F 552 1.29 -5.96 -59.88
N SER F 553 1.59 -7.25 -59.73
CA SER F 553 0.83 -8.15 -58.88
C SER F 553 1.81 -9.19 -58.32
N THR F 554 1.26 -10.28 -57.81
CA THR F 554 2.06 -11.43 -57.41
C THR F 554 2.57 -12.11 -58.69
N LYS F 555 3.79 -12.68 -58.61
CA LYS F 555 4.70 -13.31 -59.58
C LYS F 555 5.38 -12.26 -60.47
N ASP F 556 5.23 -10.97 -60.18
CA ASP F 556 6.21 -9.99 -60.65
C ASP F 556 7.12 -9.58 -59.51
N CYS F 557 6.58 -9.51 -58.30
CA CYS F 557 7.36 -9.19 -57.11
C CYS F 557 8.28 -10.34 -56.72
N PHE F 558 7.88 -11.59 -56.98
CA PHE F 558 8.79 -12.71 -56.81
C PHE F 558 9.85 -12.75 -57.91
N ASP F 559 9.53 -12.24 -59.10
CA ASP F 559 10.52 -12.11 -60.16
C ASP F 559 11.54 -11.02 -59.85
N VAL F 560 11.13 -9.98 -59.12
CA VAL F 560 12.08 -9.01 -58.59
C VAL F 560 12.90 -9.64 -57.45
N PHE F 561 12.22 -10.37 -56.54
CA PHE F 561 12.82 -10.82 -55.28
C PHE F 561 13.84 -11.95 -55.44
N GLU F 562 13.53 -12.97 -56.25
CA GLU F 562 14.56 -13.97 -56.55
C GLU F 562 15.30 -13.71 -57.86
N HIS F 563 15.56 -12.45 -58.20
CA HIS F 563 16.57 -12.13 -59.21
C HIS F 563 17.94 -12.05 -58.55
N GLU F 564 18.99 -12.22 -59.37
CA GLU F 564 20.36 -12.16 -58.88
C GLU F 564 20.88 -10.74 -58.72
N LYS F 565 20.21 -9.75 -59.30
CA LYS F 565 20.60 -8.35 -59.12
C LYS F 565 19.88 -7.69 -57.96
N PHE F 566 19.02 -8.42 -57.25
CA PHE F 566 18.30 -7.92 -56.09
C PHE F 566 18.52 -8.83 -54.89
N ALA F 567 19.79 -9.11 -54.59
CA ALA F 567 20.13 -9.91 -53.41
C ALA F 567 20.17 -9.08 -52.14
N CYS F 568 20.08 -7.75 -52.25
CA CYS F 568 20.00 -6.86 -51.09
C CYS F 568 18.68 -7.04 -50.34
N LEU F 569 17.60 -7.34 -51.05
CA LEU F 569 16.32 -7.63 -50.40
C LEU F 569 16.36 -8.97 -49.67
N LYS F 570 17.06 -9.96 -50.22
CA LYS F 570 17.22 -11.24 -49.55
C LYS F 570 18.18 -11.14 -48.37
N GLU F 571 19.13 -10.20 -48.41
CA GLU F 571 19.92 -9.89 -47.23
C GLU F 571 19.12 -9.17 -46.15
N LEU F 572 18.21 -8.28 -46.55
CA LEU F 572 17.36 -7.52 -45.64
C LEU F 572 16.34 -8.40 -44.91
N VAL F 573 15.72 -9.35 -45.62
CA VAL F 573 14.81 -10.30 -44.99
C VAL F 573 15.58 -11.28 -44.09
N GLY F 574 16.70 -11.80 -44.60
CA GLY F 574 17.53 -12.67 -43.81
C GLY F 574 17.37 -14.15 -44.07
N SER F 575 16.61 -14.53 -45.10
CA SER F 575 16.41 -15.93 -45.42
C SER F 575 17.63 -16.45 -46.17
N ASP F 576 18.27 -17.47 -45.60
CA ASP F 576 19.47 -18.07 -46.18
C ASP F 576 19.22 -19.54 -46.51
N ARG F 577 19.89 -20.02 -47.56
CA ARG F 577 19.74 -21.41 -47.97
C ARG F 577 20.49 -22.37 -47.04
N GLY F 578 21.59 -21.92 -46.46
CA GLY F 578 22.37 -22.76 -45.56
C GLY F 578 21.83 -22.78 -44.15
N MET G 1 -24.67 -3.41 -32.81
CA MET G 1 -24.16 -3.56 -34.17
C MET G 1 -23.05 -2.57 -34.49
N LYS G 2 -23.34 -1.29 -34.27
CA LYS G 2 -22.40 -0.23 -34.60
C LYS G 2 -22.66 0.97 -33.70
N PHE G 3 -21.59 1.52 -33.13
CA PHE G 3 -21.70 2.77 -32.40
C PHE G 3 -21.85 3.93 -33.37
N SER G 4 -22.58 4.96 -32.97
CA SER G 4 -22.80 6.08 -33.87
C SER G 4 -22.40 7.42 -33.29
N ASN G 5 -22.68 7.67 -32.01
CA ASN G 5 -22.52 8.99 -31.44
C ASN G 5 -22.34 8.86 -29.94
N ILE G 6 -21.63 9.83 -29.36
CA ILE G 6 -21.66 10.04 -27.92
C ILE G 6 -21.79 11.54 -27.64
N THR G 7 -22.69 11.89 -26.72
CA THR G 7 -22.92 13.28 -26.33
C THR G 7 -22.64 13.41 -24.85
N ILE G 8 -21.63 14.20 -24.51
CA ILE G 8 -21.16 14.36 -23.14
C ILE G 8 -21.46 15.78 -22.71
N LYS G 9 -22.25 15.94 -21.64
CA LYS G 9 -22.64 17.24 -21.11
C LYS G 9 -22.30 17.31 -19.64
N ASN G 10 -21.66 18.43 -19.25
CA ASN G 10 -21.41 18.87 -17.87
C ASN G 10 -20.53 17.91 -17.06
N PHE G 11 -19.65 17.18 -17.76
CA PHE G 11 -18.65 16.33 -17.15
C PHE G 11 -17.37 17.18 -16.97
N ARG G 12 -16.23 16.53 -16.66
CA ARG G 12 -15.03 17.10 -16.05
C ARG G 12 -14.35 18.22 -16.83
N ASN G 13 -14.12 18.05 -18.12
CA ASN G 13 -13.71 19.17 -18.97
C ASN G 13 -14.46 19.22 -20.28
N PHE G 14 -15.63 18.58 -20.34
CA PHE G 14 -16.53 18.66 -21.49
C PHE G 14 -17.77 19.41 -21.05
N GLU G 15 -18.07 20.51 -21.74
CA GLU G 15 -19.27 21.29 -21.42
C GLU G 15 -20.46 20.80 -22.22
N LYS G 16 -20.33 20.75 -23.56
CA LYS G 16 -21.31 20.09 -24.42
C LYS G 16 -20.54 19.59 -25.65
N VAL G 17 -20.14 18.32 -25.64
CA VAL G 17 -19.28 17.76 -26.67
C VAL G 17 -20.02 16.61 -27.35
N ASN G 18 -20.18 16.69 -28.67
CA ASN G 18 -20.81 15.65 -29.46
C ASN G 18 -19.77 15.06 -30.39
N ILE G 19 -19.55 13.74 -30.30
CA ILE G 19 -18.52 13.05 -31.08
C ILE G 19 -19.18 11.93 -31.86
N ASN G 20 -19.04 11.97 -33.18
CA ASN G 20 -19.43 10.82 -34.01
C ASN G 20 -18.40 9.70 -33.84
N LEU G 21 -18.91 8.49 -33.69
CA LEU G 21 -18.07 7.33 -33.41
C LEU G 21 -18.22 6.28 -34.50
N ASP G 22 -17.52 5.17 -34.28
CA ASP G 22 -17.64 3.95 -35.05
C ASP G 22 -17.17 2.80 -34.15
N ASN G 23 -17.05 1.62 -34.72
CA ASN G 23 -16.16 0.63 -34.15
C ASN G 23 -14.73 0.99 -34.54
N LYS G 24 -13.77 0.54 -33.71
CA LYS G 24 -12.31 0.86 -33.78
C LYS G 24 -12.05 2.37 -33.72
N ASN G 25 -12.27 2.98 -32.57
CA ASN G 25 -11.99 4.41 -32.42
C ASN G 25 -10.60 4.65 -31.85
N VAL G 26 -9.89 5.62 -32.43
CA VAL G 26 -8.56 6.02 -31.95
C VAL G 26 -8.63 7.52 -31.63
N ILE G 27 -8.44 7.87 -30.35
CA ILE G 27 -8.42 9.25 -29.89
C ILE G 27 -6.99 9.67 -29.59
N PHE G 28 -6.63 10.88 -30.00
CA PHE G 28 -5.30 11.43 -29.77
C PHE G 28 -5.42 12.92 -29.50
N GLY G 29 -4.33 13.48 -28.99
CA GLY G 29 -4.29 14.89 -28.66
C GLY G 29 -3.08 15.21 -27.80
N MET G 30 -3.11 16.39 -27.20
CA MET G 30 -2.02 16.92 -26.40
C MET G 30 -2.03 16.35 -24.98
N ASN G 31 -1.17 16.91 -24.13
CA ASN G 31 -1.12 16.56 -22.72
C ASN G 31 -2.06 17.48 -21.95
N ASP G 32 -2.82 16.87 -21.01
CA ASP G 32 -3.84 17.49 -20.15
C ASP G 32 -4.94 18.19 -20.96
N ILE G 33 -5.65 17.40 -21.77
CA ILE G 33 -6.63 17.99 -22.67
C ILE G 33 -7.94 17.19 -22.57
N GLY G 34 -7.88 16.00 -21.98
CA GLY G 34 -9.08 15.22 -21.77
C GLY G 34 -9.23 13.96 -22.59
N LYS G 35 -8.11 13.26 -22.83
CA LYS G 35 -8.20 11.98 -23.52
C LYS G 35 -8.66 10.87 -22.60
N THR G 36 -8.20 10.86 -21.34
CA THR G 36 -8.60 9.79 -20.43
C THR G 36 -9.87 10.14 -19.66
N ASN G 37 -10.35 11.38 -19.78
CA ASN G 37 -11.68 11.71 -19.27
C ASN G 37 -12.75 11.33 -20.28
N PHE G 38 -12.37 11.11 -21.53
CA PHE G 38 -13.27 10.54 -22.52
C PHE G 38 -13.50 9.06 -22.23
N LEU G 39 -12.44 8.35 -21.85
CA LEU G 39 -12.56 6.93 -21.56
C LEU G 39 -13.20 6.66 -20.21
N TYR G 40 -13.11 7.62 -19.27
CA TYR G 40 -13.86 7.47 -18.02
C TYR G 40 -15.34 7.77 -18.20
N ALA G 41 -15.72 8.50 -19.26
CA ALA G 41 -17.13 8.65 -19.58
C ALA G 41 -17.71 7.36 -20.16
N LEU G 42 -16.87 6.54 -20.79
CA LEU G 42 -17.31 5.22 -21.23
C LEU G 42 -17.26 4.21 -20.09
N ARG G 43 -16.39 4.43 -19.10
CA ARG G 43 -16.35 3.53 -17.94
C ARG G 43 -17.52 3.78 -17.00
N PHE G 44 -17.95 5.02 -16.88
CA PHE G 44 -19.09 5.33 -16.01
C PHE G 44 -20.40 4.91 -16.66
N LEU G 45 -20.43 4.85 -17.99
CA LEU G 45 -21.64 4.44 -18.68
C LEU G 45 -21.81 2.93 -18.69
N LEU G 46 -20.74 2.20 -19.03
CA LEU G 46 -20.87 0.80 -19.38
C LEU G 46 -20.21 -0.18 -18.41
N ASP G 47 -19.40 0.28 -17.46
CA ASP G 47 -18.73 -0.60 -16.52
C ASP G 47 -19.26 -0.36 -15.11
N LYS G 48 -19.56 -1.45 -14.41
CA LYS G 48 -20.24 -1.38 -13.12
C LYS G 48 -19.30 -1.08 -11.95
N GLU G 49 -18.02 -1.44 -12.05
CA GLU G 49 -17.07 -1.22 -10.97
C GLU G 49 -16.68 0.24 -10.82
N ILE G 50 -16.78 1.02 -11.90
CA ILE G 50 -16.60 2.46 -11.81
C ILE G 50 -17.89 3.13 -11.37
N ARG G 51 -19.02 2.63 -11.86
CA ARG G 51 -20.34 3.21 -11.61
C ARG G 51 -20.85 3.00 -10.18
N LYS G 52 -20.34 2.00 -9.46
CA LYS G 52 -20.82 1.71 -8.11
C LYS G 52 -20.35 2.71 -7.05
N PHE G 53 -19.39 3.58 -7.35
CA PHE G 53 -18.91 4.56 -6.40
C PHE G 53 -19.56 5.94 -6.57
N GLY G 54 -20.33 6.15 -7.62
CA GLY G 54 -21.02 7.41 -7.79
C GLY G 54 -20.12 8.51 -8.32
N PHE G 55 -20.60 9.74 -8.20
CA PHE G 55 -19.86 10.92 -8.65
C PHE G 55 -19.46 11.77 -7.46
N ASN G 56 -18.33 12.45 -7.58
CA ASN G 56 -17.83 13.35 -6.54
C ASN G 56 -18.18 14.78 -6.91
N LYS G 57 -17.66 15.74 -6.13
CA LYS G 57 -17.75 17.16 -6.47
C LYS G 57 -16.89 17.49 -7.67
N SER G 58 -15.75 16.81 -7.82
CA SER G 58 -14.78 17.10 -8.87
C SER G 58 -15.14 16.48 -10.21
N ASP G 59 -16.22 15.70 -10.30
CA ASP G 59 -16.68 15.16 -11.58
C ASP G 59 -17.60 16.11 -12.33
N TYR G 60 -17.89 17.28 -11.78
CA TYR G 60 -18.76 18.27 -12.40
C TYR G 60 -17.90 19.36 -13.06
N HIS G 61 -18.50 20.05 -14.02
CA HIS G 61 -17.80 21.03 -14.82
C HIS G 61 -17.56 22.31 -14.01
N LYS G 62 -16.27 22.62 -13.80
CA LYS G 62 -15.75 23.78 -13.04
C LYS G 62 -16.25 23.84 -11.60
N HIS G 63 -16.40 22.65 -10.99
CA HIS G 63 -16.76 22.41 -9.58
C HIS G 63 -18.11 23.03 -9.20
N ASP G 64 -19.05 22.98 -10.15
CA ASP G 64 -20.26 23.80 -10.02
C ASP G 64 -21.31 23.11 -9.16
N THR G 65 -21.60 21.84 -9.47
CA THR G 65 -22.58 20.94 -8.80
C THR G 65 -24.00 21.51 -8.74
N SER G 66 -24.40 22.23 -9.79
CA SER G 66 -25.79 22.62 -9.97
C SER G 66 -26.33 22.22 -11.34
N LYS G 67 -25.49 21.77 -12.25
CA LYS G 67 -25.91 21.23 -13.54
C LYS G 67 -26.06 19.72 -13.44
N LYS G 68 -26.67 19.14 -14.47
CA LYS G 68 -26.90 17.72 -14.55
C LYS G 68 -25.87 17.08 -15.49
N ILE G 69 -25.17 16.06 -14.99
CA ILE G 69 -24.27 15.28 -15.84
C ILE G 69 -25.11 14.34 -16.69
N GLU G 70 -24.94 14.44 -18.02
CA GLU G 70 -25.72 13.63 -18.94
C GLU G 70 -24.80 13.08 -20.02
N ILE G 71 -24.69 11.76 -20.09
CA ILE G 71 -23.88 11.08 -21.09
C ILE G 71 -24.78 10.13 -21.87
N ILE G 72 -24.97 10.40 -23.16
CA ILE G 72 -25.88 9.66 -24.02
C ILE G 72 -25.06 8.98 -25.12
N LEU G 73 -25.31 7.69 -25.33
CA LEU G 73 -24.68 6.91 -26.39
C LEU G 73 -25.73 6.45 -27.39
N THR G 74 -25.41 6.58 -28.68
CA THR G 74 -26.30 6.19 -29.77
C THR G 74 -25.76 4.94 -30.46
N LEU G 75 -26.63 3.95 -30.66
CA LEU G 75 -26.32 2.74 -31.39
C LEU G 75 -27.16 2.67 -32.66
N ASP G 76 -26.59 2.05 -33.69
CA ASP G 76 -27.12 2.13 -35.05
C ASP G 76 -28.21 1.09 -35.34
N LEU G 77 -27.90 -0.19 -35.10
CA LEU G 77 -28.86 -1.33 -35.03
C LEU G 77 -29.59 -1.61 -36.35
N SER G 78 -28.99 -1.25 -37.48
CA SER G 78 -29.67 -1.37 -38.76
C SER G 78 -29.59 -2.78 -39.35
N ASN G 79 -28.77 -3.66 -38.78
CA ASN G 79 -28.58 -5.01 -39.30
C ASN G 79 -29.04 -6.00 -38.22
N TYR G 80 -30.35 -6.29 -38.20
CA TYR G 80 -30.87 -7.26 -37.26
C TYR G 80 -30.53 -8.68 -37.66
N GLU G 81 -30.66 -8.98 -38.95
CA GLU G 81 -30.19 -10.26 -39.46
C GLU G 81 -28.66 -10.25 -39.59
N LYS G 82 -28.07 -11.44 -39.44
CA LYS G 82 -26.68 -11.89 -39.68
C LYS G 82 -25.69 -11.42 -38.58
N ASP G 83 -26.11 -10.51 -37.69
CA ASP G 83 -25.25 -10.08 -36.60
C ASP G 83 -25.80 -10.57 -35.27
N GLU G 84 -24.96 -11.29 -34.53
CA GLU G 84 -25.36 -11.86 -33.25
C GLU G 84 -25.44 -10.83 -32.13
N ASP G 85 -24.73 -9.70 -32.26
CA ASP G 85 -24.70 -8.71 -31.18
C ASP G 85 -25.99 -7.88 -31.11
N THR G 86 -26.68 -7.75 -32.23
CA THR G 86 -27.99 -7.08 -32.25
C THR G 86 -29.04 -7.91 -31.53
N LYS G 87 -28.99 -9.24 -31.69
CA LYS G 87 -29.82 -10.16 -30.93
C LYS G 87 -29.47 -10.17 -29.45
N LYS G 88 -28.17 -10.01 -29.12
CA LYS G 88 -27.70 -9.86 -27.75
C LYS G 88 -28.20 -8.59 -27.09
N LEU G 89 -28.34 -7.50 -27.86
CA LEU G 89 -28.94 -6.30 -27.29
C LEU G 89 -30.46 -6.43 -27.16
N ILE G 90 -31.13 -6.92 -28.22
CA ILE G 90 -32.59 -6.90 -28.34
C ILE G 90 -33.25 -7.91 -27.39
N SER G 91 -32.54 -8.98 -27.02
CA SER G 91 -33.10 -9.99 -26.12
C SER G 91 -33.12 -9.55 -24.65
N VAL G 92 -32.48 -8.44 -24.30
CA VAL G 92 -32.41 -7.98 -22.93
C VAL G 92 -33.35 -6.79 -22.73
N VAL G 93 -33.58 -6.02 -23.80
CA VAL G 93 -34.22 -4.69 -23.68
C VAL G 93 -35.73 -4.84 -23.52
N LYS G 94 -36.40 -5.49 -24.48
CA LYS G 94 -37.73 -6.11 -24.45
C LYS G 94 -38.94 -5.15 -24.39
N GLY G 95 -38.76 -3.89 -23.98
CA GLY G 95 -39.93 -3.08 -23.73
C GLY G 95 -39.85 -1.61 -24.07
N ALA G 96 -38.70 -1.15 -24.54
CA ALA G 96 -38.56 0.25 -24.92
C ALA G 96 -38.26 0.43 -26.40
N ARG G 97 -38.31 -0.64 -27.18
CA ARG G 97 -38.17 -0.57 -28.61
C ARG G 97 -39.53 -0.27 -29.24
N THR G 98 -39.49 0.47 -30.34
CA THR G 98 -40.66 0.80 -31.13
C THR G 98 -40.38 0.38 -32.56
N SER G 99 -41.40 -0.20 -33.22
CA SER G 99 -41.25 -0.67 -34.59
C SER G 99 -41.13 0.45 -35.62
N ALA G 100 -41.60 1.66 -35.30
CA ALA G 100 -41.39 2.80 -36.19
C ALA G 100 -39.97 3.34 -36.10
N ASN G 101 -39.29 3.10 -34.97
CA ASN G 101 -37.94 3.60 -34.74
C ASN G 101 -37.03 2.43 -34.35
N ALA G 102 -37.08 1.37 -35.14
CA ALA G 102 -36.39 0.12 -34.85
C ALA G 102 -34.93 0.11 -35.30
N ASP G 103 -34.43 1.20 -35.87
CA ASP G 103 -33.06 1.27 -36.35
C ASP G 103 -32.32 2.45 -35.74
N VAL G 104 -32.53 2.67 -34.43
CA VAL G 104 -31.75 3.57 -33.58
C VAL G 104 -31.91 3.07 -32.15
N PHE G 105 -30.92 3.32 -31.30
CA PHE G 105 -31.06 3.03 -29.88
C PHE G 105 -30.26 4.05 -29.07
N TYR G 106 -30.72 4.33 -27.86
CA TYR G 106 -30.08 5.30 -26.98
C TYR G 106 -29.91 4.72 -25.58
N ILE G 107 -28.70 4.85 -25.04
CA ILE G 107 -28.42 4.53 -23.63
C ILE G 107 -27.91 5.80 -22.98
N ALA G 108 -28.61 6.28 -21.96
CA ALA G 108 -28.34 7.57 -21.35
C ALA G 108 -27.99 7.42 -19.87
N LEU G 109 -27.25 8.40 -19.38
CA LEU G 109 -26.82 8.48 -17.99
C LEU G 109 -27.13 9.88 -17.49
N GLU G 110 -27.82 9.98 -16.36
CA GLU G 110 -28.14 11.26 -15.74
C GLU G 110 -27.65 11.28 -14.30
N SER G 111 -27.26 12.47 -13.85
CA SER G 111 -26.79 12.66 -12.48
C SER G 111 -27.04 14.08 -12.02
N LYS G 112 -27.71 14.23 -10.88
CA LYS G 112 -27.88 15.50 -10.20
C LYS G 112 -27.29 15.41 -8.80
N TYR G 113 -26.60 16.47 -8.38
CA TYR G 113 -25.92 16.47 -7.09
C TYR G 113 -26.92 16.70 -5.96
N ASP G 114 -26.65 16.07 -4.82
CA ASP G 114 -27.56 16.09 -3.68
C ASP G 114 -27.36 17.32 -2.81
N ASP G 115 -26.09 17.58 -2.44
CA ASP G 115 -25.54 18.70 -1.66
C ASP G 115 -26.09 18.71 -0.21
N LYS G 116 -26.59 17.59 0.28
CA LYS G 116 -26.80 17.27 1.68
C LYS G 116 -26.07 16.01 2.09
N GLU G 117 -26.21 14.94 1.30
CA GLU G 117 -25.47 13.70 1.48
C GLU G 117 -24.08 13.75 0.88
N LEU G 118 -23.79 14.79 0.07
CA LEU G 118 -22.57 15.03 -0.72
C LEU G 118 -22.28 13.85 -1.65
N TYR G 119 -23.21 13.61 -2.56
CA TYR G 119 -23.19 12.42 -3.38
C TYR G 119 -23.92 12.69 -4.69
N GLY G 120 -23.33 12.23 -5.79
CA GLY G 120 -24.00 12.29 -7.07
C GLY G 120 -24.49 10.94 -7.52
N ASN G 121 -25.80 10.72 -7.45
CA ASN G 121 -26.37 9.44 -7.83
C ASN G 121 -26.48 9.33 -9.33
N ILE G 122 -26.20 8.15 -9.86
CA ILE G 122 -26.18 7.89 -11.29
C ILE G 122 -27.41 7.09 -11.63
N ILE G 123 -28.24 7.61 -12.53
CA ILE G 123 -29.45 6.94 -12.99
C ILE G 123 -29.27 6.65 -14.47
N LEU G 124 -29.35 5.39 -14.84
CA LEU G 124 -29.22 4.97 -16.22
C LEU G 124 -30.60 4.76 -16.87
N LYS G 125 -30.66 5.02 -18.16
CA LYS G 125 -31.88 4.89 -18.95
C LYS G 125 -31.54 4.31 -20.31
N TRP G 126 -32.50 3.63 -20.93
CA TRP G 126 -32.49 3.44 -22.36
C TRP G 126 -33.78 3.88 -23.03
N GLY G 127 -33.74 3.88 -24.35
CA GLY G 127 -34.94 4.08 -25.15
C GLY G 127 -34.63 3.95 -26.62
N SER G 128 -35.68 4.03 -27.42
CA SER G 128 -35.55 4.11 -28.87
C SER G 128 -35.88 5.50 -29.40
N GLU G 129 -36.33 6.41 -28.55
CA GLU G 129 -36.47 7.83 -28.88
C GLU G 129 -35.77 8.63 -27.80
N LEU G 130 -35.39 9.87 -28.12
CA LEU G 130 -34.68 10.70 -27.16
C LEU G 130 -35.62 11.25 -26.09
N ASP G 131 -36.89 11.40 -26.42
CA ASP G 131 -37.91 11.52 -25.38
C ASP G 131 -38.42 10.12 -25.04
N ASN G 132 -39.08 10.04 -23.86
CA ASN G 132 -39.55 8.80 -23.20
C ASN G 132 -38.44 7.76 -23.02
N LEU G 133 -37.44 8.13 -22.23
CA LEU G 133 -36.39 7.21 -21.81
C LEU G 133 -36.79 6.62 -20.46
N ILE G 134 -37.18 5.35 -20.45
CA ILE G 134 -37.53 4.67 -19.22
C ILE G 134 -36.26 4.23 -18.51
N ASP G 135 -36.37 3.96 -17.21
CA ASP G 135 -35.24 3.48 -16.43
C ASP G 135 -34.93 2.03 -16.77
N ILE G 136 -33.64 1.70 -16.71
CA ILE G 136 -33.15 0.33 -16.90
C ILE G 136 -33.55 -0.46 -15.67
N PRO G 137 -34.26 -1.58 -15.80
CA PRO G 137 -34.68 -2.34 -14.62
C PRO G 137 -33.53 -3.13 -14.01
N GLY G 138 -33.59 -3.28 -12.69
CA GLY G 138 -32.56 -4.02 -11.99
C GLY G 138 -32.94 -4.41 -10.58
N ARG G 139 -32.30 -5.45 -10.07
CA ARG G 139 -32.56 -5.97 -8.74
C ARG G 139 -31.24 -6.08 -7.98
N GLY G 140 -31.13 -5.33 -6.88
CA GLY G 140 -29.92 -5.37 -6.09
C GLY G 140 -28.81 -4.51 -6.64
N ASN G 141 -27.63 -5.11 -6.85
CA ASN G 141 -26.47 -4.40 -7.38
C ASN G 141 -26.36 -4.53 -8.90
N ILE G 142 -27.29 -5.23 -9.53
CA ILE G 142 -27.18 -5.64 -10.92
C ILE G 142 -28.39 -5.09 -11.69
N ASN G 143 -28.13 -4.34 -12.76
CA ASN G 143 -29.17 -3.97 -13.70
C ASN G 143 -28.94 -4.71 -15.02
N ALA G 144 -29.77 -4.37 -16.02
CA ALA G 144 -29.78 -5.12 -17.26
C ALA G 144 -28.79 -4.59 -18.31
N LEU G 145 -28.11 -3.50 -18.02
CA LEU G 145 -27.02 -3.05 -18.91
C LEU G 145 -25.79 -3.92 -18.74
N ASP G 146 -25.59 -4.50 -17.55
CA ASP G 146 -24.46 -5.36 -17.27
C ASP G 146 -24.59 -6.76 -17.88
N ASN G 147 -25.79 -7.15 -18.30
CA ASN G 147 -25.98 -8.43 -18.98
C ASN G 147 -25.54 -8.40 -20.44
N VAL G 148 -25.36 -7.23 -21.02
CA VAL G 148 -25.04 -7.09 -22.45
C VAL G 148 -23.56 -6.81 -22.67
N PHE G 149 -23.06 -5.72 -22.11
CA PHE G 149 -21.72 -5.23 -22.41
C PHE G 149 -20.72 -5.67 -21.33
N LYS G 150 -19.54 -6.09 -21.78
CA LYS G 150 -18.41 -6.38 -20.91
C LYS G 150 -17.26 -5.49 -21.33
N VAL G 151 -16.73 -4.71 -20.39
CA VAL G 151 -15.72 -3.70 -20.67
C VAL G 151 -14.39 -4.18 -20.11
N ILE G 152 -13.40 -4.33 -20.99
CA ILE G 152 -12.05 -4.71 -20.59
C ILE G 152 -11.18 -3.48 -20.70
N TYR G 153 -10.63 -3.03 -19.57
CA TYR G 153 -9.82 -1.83 -19.50
C TYR G 153 -8.36 -2.25 -19.35
N ILE G 154 -7.53 -1.83 -20.31
CA ILE G 154 -6.11 -2.16 -20.32
C ILE G 154 -5.31 -0.87 -20.14
N ASN G 155 -4.45 -0.85 -19.12
CA ASN G 155 -3.56 0.26 -18.82
C ASN G 155 -2.28 -0.29 -18.18
N PRO G 156 -1.13 -0.19 -18.85
CA PRO G 156 0.13 -0.61 -18.21
C PRO G 156 0.69 0.46 -17.28
N GLY G 258 11.40 -7.41 -14.66
CA GLY G 258 11.31 -7.32 -16.10
C GLY G 258 10.08 -6.57 -16.57
N ASP G 259 10.06 -6.21 -17.85
CA ASP G 259 8.93 -5.50 -18.43
C ASP G 259 8.83 -5.85 -19.90
N GLY G 260 7.81 -5.32 -20.57
CA GLY G 260 7.64 -5.54 -22.00
C GLY G 260 7.05 -6.88 -22.39
N ARG G 261 7.76 -7.97 -22.09
CA ARG G 261 7.26 -9.31 -22.35
C ARG G 261 6.16 -9.71 -21.37
N ARG G 262 6.10 -9.09 -20.20
CA ARG G 262 5.00 -9.32 -19.26
C ARG G 262 3.71 -8.69 -19.77
N LYS G 263 3.82 -7.52 -20.41
CA LYS G 263 2.66 -6.81 -20.93
C LYS G 263 2.08 -7.52 -22.16
N MET G 264 2.95 -8.03 -23.03
CA MET G 264 2.50 -8.81 -24.17
C MET G 264 2.00 -10.20 -23.77
N LEU G 265 2.43 -10.72 -22.62
CA LEU G 265 1.79 -11.90 -22.05
C LEU G 265 0.41 -11.57 -21.52
N SER G 266 0.26 -10.39 -20.87
CA SER G 266 -1.01 -10.00 -20.27
C SER G 266 -2.06 -9.64 -21.32
N TYR G 267 -1.62 -9.19 -22.50
CA TYR G 267 -2.51 -9.03 -23.65
C TYR G 267 -3.08 -10.37 -24.12
N SER G 268 -2.24 -11.42 -24.11
CA SER G 268 -2.72 -12.75 -24.48
C SER G 268 -3.61 -13.36 -23.40
N ILE G 269 -3.38 -13.02 -22.14
CA ILE G 269 -4.24 -13.45 -21.03
C ILE G 269 -5.62 -12.78 -21.13
N TYR G 270 -5.64 -11.47 -21.46
CA TYR G 270 -6.90 -10.73 -21.63
C TYR G 270 -7.68 -11.18 -22.87
N ASN G 271 -6.96 -11.49 -23.96
CA ASN G 271 -7.62 -12.01 -25.16
C ASN G 271 -8.09 -13.45 -24.98
N TYR G 272 -7.38 -14.25 -24.17
CA TYR G 272 -7.81 -15.61 -23.87
C TYR G 272 -9.05 -15.63 -22.98
N LEU G 273 -9.12 -14.72 -22.01
CA LEU G 273 -10.30 -14.61 -21.16
C LEU G 273 -11.49 -14.03 -21.92
N ALA G 274 -11.25 -13.12 -22.88
CA ALA G 274 -12.34 -12.62 -23.71
C ALA G 274 -12.80 -13.64 -24.74
N LYS G 275 -11.91 -14.51 -25.20
CA LYS G 275 -12.32 -15.58 -26.11
C LYS G 275 -13.07 -16.69 -25.38
N LYS G 276 -12.67 -17.00 -24.14
CA LYS G 276 -13.27 -18.13 -23.44
C LYS G 276 -14.51 -17.74 -22.64
N LYS G 277 -14.39 -16.76 -21.74
CA LYS G 277 -15.47 -16.51 -20.79
C LYS G 277 -16.56 -15.59 -21.31
N TYR G 278 -16.30 -14.82 -22.36
CA TYR G 278 -17.26 -13.79 -22.78
C TYR G 278 -17.73 -13.99 -24.22
N GLU G 279 -18.14 -15.22 -24.54
CA GLU G 279 -18.71 -15.48 -25.86
C GLU G 279 -20.11 -14.90 -26.01
N ASP G 280 -20.88 -14.85 -24.92
CA ASP G 280 -22.26 -14.42 -24.95
C ASP G 280 -22.43 -12.93 -24.69
N LYS G 281 -21.35 -12.16 -24.58
CA LYS G 281 -21.42 -10.75 -24.25
C LYS G 281 -20.71 -9.94 -25.33
N ILE G 282 -21.07 -8.66 -25.42
CA ILE G 282 -20.43 -7.72 -26.34
C ILE G 282 -19.26 -7.10 -25.62
N VAL G 283 -18.05 -7.34 -26.11
CA VAL G 283 -16.82 -6.94 -25.44
C VAL G 283 -16.33 -5.63 -26.04
N ILE G 284 -16.05 -4.66 -25.18
CA ILE G 284 -15.48 -3.37 -25.58
C ILE G 284 -14.15 -3.23 -24.85
N TYR G 285 -13.07 -3.05 -25.61
CA TYR G 285 -11.77 -2.77 -25.04
C TYR G 285 -11.54 -1.27 -24.94
N LEU G 286 -10.99 -0.84 -23.81
CA LEU G 286 -10.57 0.54 -23.60
C LEU G 286 -9.08 0.49 -23.30
N ILE G 287 -8.25 0.92 -24.24
CA ILE G 287 -6.81 0.80 -24.10
C ILE G 287 -6.22 2.19 -23.88
N GLU G 288 -5.50 2.36 -22.78
CA GLU G 288 -4.91 3.64 -22.40
C GLU G 288 -3.39 3.52 -22.48
N GLU G 289 -2.82 4.11 -23.54
CA GLU G 289 -1.40 4.24 -23.89
C GLU G 289 -0.64 2.91 -23.93
N PRO G 290 -0.80 2.07 -24.96
CA PRO G 290 -0.13 0.78 -24.98
C PRO G 290 1.31 0.79 -25.48
N GLU G 291 1.91 1.96 -25.70
CA GLU G 291 3.29 2.05 -26.14
C GLU G 291 4.28 2.17 -24.98
N ILE G 292 3.80 2.03 -23.76
CA ILE G 292 4.62 2.25 -22.56
C ILE G 292 5.52 1.05 -22.34
N SER G 293 6.85 1.30 -22.35
CA SER G 293 7.95 0.33 -22.21
C SER G 293 7.88 -0.79 -23.26
N LEU G 294 7.53 -0.42 -24.49
CA LEU G 294 7.36 -1.36 -25.58
C LEU G 294 8.30 -0.97 -26.71
N HIS G 295 8.97 -1.97 -27.28
CA HIS G 295 9.84 -1.77 -28.42
C HIS G 295 8.99 -1.52 -29.66
N ARG G 296 9.55 -0.81 -30.64
CA ARG G 296 8.76 -0.30 -31.77
C ARG G 296 8.36 -1.39 -32.76
N SER G 297 9.10 -2.51 -32.82
CA SER G 297 8.68 -3.66 -33.59
C SER G 297 7.46 -4.32 -32.98
N MET G 298 7.38 -4.35 -31.64
CA MET G 298 6.19 -4.80 -30.94
C MET G 298 5.03 -3.81 -31.06
N GLN G 299 5.32 -2.53 -31.28
CA GLN G 299 4.27 -1.54 -31.54
C GLN G 299 3.66 -1.74 -32.93
N ILE G 300 4.49 -2.04 -33.94
CA ILE G 300 4.01 -2.35 -35.29
C ILE G 300 3.25 -3.68 -35.30
N ALA G 301 3.70 -4.66 -34.48
CA ALA G 301 3.00 -5.93 -34.32
C ALA G 301 1.65 -5.78 -33.62
N LEU G 302 1.58 -4.89 -32.62
CA LEU G 302 0.30 -4.58 -31.96
C LEU G 302 -0.64 -3.81 -32.89
N SER G 303 -0.10 -2.95 -33.76
CA SER G 303 -0.91 -2.23 -34.74
C SER G 303 -1.50 -3.17 -35.80
N LYS G 304 -0.69 -4.13 -36.26
CA LYS G 304 -1.14 -5.14 -37.22
C LYS G 304 -2.17 -6.09 -36.62
N GLN G 305 -1.99 -6.49 -35.36
CA GLN G 305 -2.97 -7.32 -34.67
C GLN G 305 -4.24 -6.55 -34.33
N LEU G 306 -4.11 -5.25 -34.05
CA LEU G 306 -5.24 -4.42 -33.66
C LEU G 306 -6.10 -3.98 -34.83
N PHE G 307 -5.53 -3.87 -36.03
CA PHE G 307 -6.30 -3.39 -37.18
C PHE G 307 -6.57 -4.44 -38.24
N GLU G 308 -5.79 -5.53 -38.27
CA GLU G 308 -5.99 -6.51 -39.34
C GLU G 308 -6.80 -7.71 -38.85
N GLN G 309 -6.60 -8.13 -37.61
CA GLN G 309 -7.31 -9.28 -37.07
C GLN G 309 -8.71 -8.89 -36.62
N SER G 310 -9.54 -9.90 -36.40
CA SER G 310 -10.94 -9.69 -36.03
C SER G 310 -11.20 -9.90 -34.54
N THR G 311 -10.15 -10.07 -33.73
CA THR G 311 -10.35 -10.33 -32.31
C THR G 311 -10.58 -9.05 -31.51
N TYR G 312 -10.35 -7.88 -32.09
CA TYR G 312 -10.68 -6.59 -31.48
C TYR G 312 -11.78 -5.96 -32.33
N LYS G 313 -13.03 -6.29 -32.01
CA LYS G 313 -14.14 -5.76 -32.78
C LYS G 313 -14.49 -4.34 -32.36
N TYR G 314 -14.52 -4.06 -31.05
CA TYR G 314 -14.85 -2.75 -30.53
C TYR G 314 -13.76 -2.31 -29.56
N PHE G 315 -13.06 -1.22 -29.88
CA PHE G 315 -12.15 -0.62 -28.93
C PHE G 315 -12.17 0.89 -29.02
N PHE G 316 -11.74 1.50 -27.93
CA PHE G 316 -11.38 2.90 -27.85
C PHE G 316 -9.93 2.98 -27.40
N LEU G 317 -9.08 3.54 -28.27
CA LEU G 317 -7.63 3.53 -28.10
C LEU G 317 -7.14 4.95 -27.90
N SER G 318 -6.43 5.20 -26.81
CA SER G 318 -5.71 6.46 -26.67
C SER G 318 -4.21 6.19 -26.76
N THR G 319 -3.50 7.00 -27.53
CA THR G 319 -2.08 6.75 -27.78
C THR G 319 -1.34 8.05 -28.03
N HIS G 320 -0.02 7.97 -27.93
CA HIS G 320 0.89 9.05 -28.26
C HIS G 320 1.88 8.66 -29.35
N SER G 321 1.83 7.42 -29.83
CA SER G 321 2.88 6.84 -30.64
C SER G 321 2.46 6.77 -32.10
N PRO G 322 3.25 7.32 -33.03
CA PRO G 322 2.92 7.17 -34.46
C PRO G 322 3.21 5.80 -35.05
N GLU G 323 4.05 4.97 -34.42
CA GLU G 323 4.34 3.64 -34.96
C GLU G 323 3.23 2.64 -34.71
N LEU G 324 2.30 2.94 -33.82
CA LEU G 324 1.17 2.07 -33.55
C LEU G 324 -0.04 2.45 -34.40
N LEU G 325 0.10 3.43 -35.28
CA LEU G 325 -0.87 3.72 -36.33
C LEU G 325 -0.32 3.43 -37.72
N TYR G 326 0.58 2.46 -37.86
CA TYR G 326 1.15 2.14 -39.16
C TYR G 326 0.24 1.29 -40.02
N GLU G 327 -0.77 0.65 -39.43
CA GLU G 327 -1.62 -0.28 -40.18
C GLU G 327 -3.07 0.15 -40.18
N MET G 328 -3.36 1.44 -40.02
CA MET G 328 -4.72 1.91 -39.76
C MET G 328 -5.59 1.89 -41.02
N ASP G 329 -6.76 1.27 -40.88
CA ASP G 329 -7.74 1.12 -41.95
C ASP G 329 -9.07 0.82 -41.29
N ASN G 330 -10.14 1.44 -41.86
CA ASN G 330 -11.54 1.35 -41.41
C ASN G 330 -11.71 1.78 -39.95
N THR G 331 -11.22 2.96 -39.62
CA THR G 331 -11.19 3.40 -38.23
C THR G 331 -11.75 4.80 -38.13
N ARG G 332 -12.05 5.22 -36.91
CA ARG G 332 -12.53 6.58 -36.65
C ARG G 332 -11.48 7.29 -35.83
N LEU G 333 -10.91 8.34 -36.40
CA LEU G 333 -9.87 9.13 -35.76
C LEU G 333 -10.51 10.32 -35.07
N ILE G 334 -10.24 10.47 -33.77
CA ILE G 334 -10.77 11.55 -32.95
C ILE G 334 -9.59 12.35 -32.45
N ARG G 335 -9.61 13.66 -32.70
CA ARG G 335 -8.57 14.56 -32.23
C ARG G 335 -9.16 15.53 -31.23
N VAL G 336 -8.53 15.65 -30.08
CA VAL G 336 -8.93 16.63 -29.07
C VAL G 336 -8.06 17.86 -29.24
N HIS G 337 -8.69 19.01 -29.51
CA HIS G 337 -7.97 20.21 -29.87
C HIS G 337 -7.43 20.91 -28.64
N SER G 338 -6.29 21.58 -28.81
CA SER G 338 -5.58 22.24 -27.72
C SER G 338 -5.94 23.72 -27.58
N THR G 339 -7.16 24.11 -27.95
CA THR G 339 -7.56 25.50 -27.91
C THR G 339 -8.11 25.85 -26.52
N GLU G 340 -8.67 27.05 -26.39
CA GLU G 340 -9.26 27.48 -25.13
C GLU G 340 -10.61 26.83 -24.87
N LYS G 341 -11.27 26.31 -25.89
CA LYS G 341 -12.46 25.50 -25.77
C LYS G 341 -12.13 24.08 -26.23
N VAL G 342 -12.58 23.09 -25.46
CA VAL G 342 -12.29 21.69 -25.77
C VAL G 342 -13.18 21.25 -26.93
N VAL G 343 -12.58 21.08 -28.10
CA VAL G 343 -13.27 20.67 -29.32
C VAL G 343 -12.70 19.32 -29.73
N CYS G 344 -13.58 18.35 -29.97
CA CYS G 344 -13.18 17.04 -30.47
C CYS G 344 -13.67 16.88 -31.90
N SER G 345 -12.76 16.62 -32.82
CA SER G 345 -13.07 16.42 -34.23
C SER G 345 -12.92 14.96 -34.60
N SER G 346 -13.69 14.52 -35.59
CA SER G 346 -13.77 13.12 -35.96
C SER G 346 -13.64 12.97 -37.47
N HIS G 347 -12.96 11.90 -37.88
CA HIS G 347 -12.84 11.56 -39.28
C HIS G 347 -13.00 10.06 -39.44
N MET G 348 -13.75 9.64 -40.45
CA MET G 348 -13.88 8.23 -40.78
C MET G 348 -12.76 7.88 -41.76
N TYR G 349 -11.66 7.33 -41.24
CA TYR G 349 -10.50 6.99 -42.03
C TYR G 349 -10.73 5.66 -42.75
N ASN G 350 -10.67 5.72 -44.07
CA ASN G 350 -10.65 4.56 -44.96
C ASN G 350 -9.54 4.77 -45.99
N VAL G 351 -8.98 3.67 -46.47
CA VAL G 351 -8.02 3.68 -47.56
C VAL G 351 -8.70 3.10 -48.79
N GLU G 352 -8.64 3.83 -49.90
CA GLU G 352 -9.31 3.48 -51.15
C GLU G 352 -8.61 2.30 -51.82
N GLU G 353 -9.31 1.70 -52.79
CA GLU G 353 -8.74 0.59 -53.54
C GLU G 353 -7.73 1.06 -54.59
N ALA G 354 -7.78 2.33 -54.97
CA ALA G 354 -6.79 2.89 -55.88
C ALA G 354 -5.46 3.14 -55.19
N TYR G 355 -5.46 3.31 -53.87
CA TYR G 355 -4.25 3.59 -53.11
C TYR G 355 -3.72 2.36 -52.40
N GLY G 356 -4.22 1.16 -52.74
CA GLY G 356 -3.88 -0.04 -51.99
C GLY G 356 -2.52 -0.60 -52.27
N SER G 357 -1.87 -0.18 -53.35
CA SER G 357 -0.52 -0.59 -53.67
C SER G 357 0.53 0.30 -53.02
N VAL G 358 0.14 1.45 -52.48
CA VAL G 358 1.08 2.38 -51.85
C VAL G 358 0.61 2.69 -50.43
N LYS G 359 -0.07 1.72 -49.80
CA LYS G 359 -0.83 1.96 -48.56
C LYS G 359 0.09 2.16 -47.35
N LYS G 360 1.22 1.44 -47.32
CA LYS G 360 2.12 1.48 -46.17
C LYS G 360 2.92 2.78 -46.12
N LYS G 361 3.30 3.29 -47.30
CA LYS G 361 3.99 4.58 -47.44
C LYS G 361 3.12 5.74 -46.99
N LEU G 362 1.85 5.73 -47.45
CA LEU G 362 0.83 6.70 -47.04
C LEU G 362 0.52 6.63 -45.56
N ASN G 363 0.49 5.42 -44.99
CA ASN G 363 0.13 5.25 -43.59
C ASN G 363 1.26 5.68 -42.66
N LYS G 364 2.52 5.43 -43.04
CA LYS G 364 3.67 5.91 -42.26
C LYS G 364 3.81 7.42 -42.32
N ALA G 365 3.61 8.00 -43.52
CA ALA G 365 3.73 9.45 -43.72
C ALA G 365 2.58 10.21 -43.06
N LEU G 366 1.35 9.68 -43.13
CA LEU G 366 0.22 10.35 -42.51
C LEU G 366 0.18 10.12 -41.01
N SER G 367 0.67 8.96 -40.55
CA SER G 367 0.62 8.64 -39.12
C SER G 367 1.66 9.42 -38.34
N SER G 368 2.76 9.81 -39.00
CA SER G 368 3.62 10.80 -38.38
C SER G 368 3.00 12.20 -38.35
N ALA G 369 2.16 12.54 -39.34
CA ALA G 369 1.63 13.89 -39.51
C ALA G 369 0.36 14.16 -38.71
N LEU G 370 -0.28 13.12 -38.17
CA LEU G 370 -1.52 13.30 -37.40
C LEU G 370 -1.32 13.97 -36.05
N PHE G 371 -0.10 14.00 -35.51
CA PHE G 371 0.17 14.55 -34.19
C PHE G 371 0.67 15.98 -34.24
N ALA G 372 0.35 16.72 -35.30
CA ALA G 372 0.85 18.08 -35.49
C ALA G 372 -0.30 19.06 -35.49
N GLU G 373 0.05 20.34 -35.66
CA GLU G 373 -0.93 21.42 -35.76
C GLU G 373 -0.96 22.06 -37.14
N ARG G 374 0.20 22.30 -37.75
CA ARG G 374 0.30 22.84 -39.10
C ARG G 374 1.20 21.93 -39.91
N VAL G 375 0.69 21.41 -41.04
CA VAL G 375 1.41 20.43 -41.85
C VAL G 375 1.63 21.03 -43.24
N LEU G 376 2.90 21.11 -43.65
CA LEU G 376 3.27 21.54 -45.00
C LEU G 376 3.48 20.31 -45.87
N LEU G 377 2.83 20.29 -47.03
CA LEU G 377 2.89 19.15 -47.95
C LEU G 377 3.81 19.50 -49.11
N ILE G 378 4.97 18.85 -49.15
CA ILE G 378 5.98 19.10 -50.18
C ILE G 378 6.15 17.85 -51.04
N GLU G 379 6.95 17.95 -52.10
CA GLU G 379 7.00 16.88 -53.10
C GLU G 379 8.06 15.83 -52.80
N GLY G 380 9.32 16.23 -52.70
CA GLY G 380 10.40 15.28 -52.56
C GLY G 380 11.41 15.66 -51.50
N PRO G 381 12.55 14.95 -51.45
CA PRO G 381 13.54 15.24 -50.41
C PRO G 381 14.40 16.47 -50.67
N SER G 382 14.39 17.04 -51.87
CA SER G 382 15.15 18.25 -52.14
C SER G 382 14.51 19.47 -51.48
N GLU G 383 13.18 19.51 -51.48
CA GLU G 383 12.42 20.49 -50.72
C GLU G 383 12.58 20.28 -49.22
N LYS G 384 12.73 19.02 -48.79
CA LYS G 384 12.99 18.69 -47.39
C LYS G 384 14.36 19.18 -46.94
N ILE G 385 15.39 19.04 -47.80
CA ILE G 385 16.75 19.50 -47.50
C ILE G 385 16.82 21.02 -47.44
N LEU G 386 16.19 21.71 -48.41
CA LEU G 386 16.19 23.17 -48.47
C LEU G 386 15.36 23.79 -47.35
N PHE G 387 14.18 23.23 -47.08
CA PHE G 387 13.32 23.77 -46.03
C PHE G 387 13.82 23.40 -44.64
N GLU G 388 14.54 22.29 -44.48
CA GLU G 388 15.14 21.97 -43.19
C GLU G 388 16.35 22.85 -42.90
N LYS G 389 17.10 23.26 -43.95
CA LYS G 389 18.18 24.22 -43.74
C LYS G 389 17.67 25.62 -43.42
N VAL G 390 16.63 26.08 -44.14
CA VAL G 390 16.06 27.41 -43.92
C VAL G 390 15.31 27.50 -42.59
N LEU G 391 14.56 26.45 -42.24
CA LEU G 391 13.91 26.40 -40.93
C LEU G 391 14.86 26.04 -39.81
N ASP G 392 16.06 25.53 -40.09
CA ASP G 392 17.07 25.45 -39.04
C ASP G 392 17.67 26.82 -38.77
N GLU G 393 17.87 27.61 -39.82
CA GLU G 393 18.51 28.91 -39.65
C GLU G 393 17.58 29.99 -39.12
N VAL G 394 16.27 29.91 -39.38
CA VAL G 394 15.34 30.99 -39.04
C VAL G 394 14.56 30.68 -37.76
N GLU G 395 13.77 29.60 -37.76
CA GLU G 395 12.92 29.24 -36.61
C GLU G 395 13.17 27.79 -36.25
N PRO G 396 14.21 27.50 -35.45
CA PRO G 396 14.64 26.11 -35.26
C PRO G 396 13.79 25.28 -34.31
N GLU G 397 12.83 25.87 -33.61
CA GLU G 397 11.93 25.13 -32.74
C GLU G 397 10.54 25.00 -33.37
N TYR G 398 10.50 24.77 -34.69
CA TYR G 398 9.22 24.73 -35.40
C TYR G 398 8.48 23.42 -35.15
N GLU G 399 9.19 22.33 -34.89
CA GLU G 399 8.55 21.04 -34.65
C GLU G 399 8.22 20.83 -33.18
N LEU G 400 8.82 21.61 -32.30
CA LEU G 400 8.37 21.70 -30.91
C LEU G 400 6.99 22.34 -30.81
N ASN G 401 6.71 23.32 -31.66
CA ASN G 401 5.49 24.09 -31.60
C ASN G 401 4.38 23.54 -32.49
N GLY G 402 4.60 22.41 -33.16
CA GLY G 402 3.53 21.75 -33.88
C GLY G 402 3.56 21.86 -35.38
N GLY G 403 4.73 22.15 -35.96
CA GLY G 403 4.90 22.18 -37.40
C GLY G 403 5.39 20.84 -37.90
N PHE G 404 5.08 20.53 -39.15
CA PHE G 404 5.48 19.25 -39.74
C PHE G 404 5.73 19.42 -41.23
N LEU G 405 6.81 18.81 -41.70
CA LEU G 405 7.13 18.73 -43.12
C LEU G 405 6.79 17.34 -43.63
N LEU G 406 5.89 17.27 -44.60
CA LEU G 406 5.34 16.02 -45.10
C LEU G 406 5.65 15.91 -46.58
N GLU G 407 6.51 14.96 -46.96
CA GLU G 407 6.84 14.74 -48.36
C GLU G 407 5.84 13.75 -48.94
N VAL G 408 5.10 14.20 -49.96
CA VAL G 408 4.10 13.39 -50.64
C VAL G 408 4.43 13.42 -52.13
N GLY G 409 4.56 12.25 -52.74
CA GLY G 409 5.00 12.18 -54.11
C GLY G 409 4.26 11.15 -54.94
N GLY G 410 3.87 11.57 -56.14
CA GLY G 410 3.15 10.72 -57.06
C GLY G 410 1.71 10.45 -56.67
N THR G 411 1.11 11.36 -55.91
CA THR G 411 -0.27 11.23 -55.45
C THR G 411 -1.06 12.44 -55.92
N TYR G 412 -2.33 12.52 -55.51
CA TYR G 412 -3.24 13.55 -55.98
C TYR G 412 -3.81 14.41 -54.87
N PHE G 413 -3.17 14.46 -53.70
CA PHE G 413 -3.41 15.32 -52.53
C PHE G 413 -4.74 15.18 -51.78
N ASN G 414 -5.68 14.34 -52.22
CA ASN G 414 -7.04 14.40 -51.66
C ASN G 414 -7.15 13.69 -50.31
N HIS G 415 -6.39 12.60 -50.14
CA HIS G 415 -6.45 11.74 -48.96
C HIS G 415 -5.93 12.45 -47.72
N TYR G 416 -4.80 13.14 -47.87
CA TYR G 416 -4.15 13.83 -46.76
C TYR G 416 -4.91 15.08 -46.36
N VAL G 417 -5.44 15.82 -47.35
CA VAL G 417 -6.20 17.05 -47.11
C VAL G 417 -7.56 16.74 -46.48
N CYS G 418 -8.21 15.64 -46.88
CA CYS G 418 -9.48 15.24 -46.27
C CYS G 418 -9.29 14.73 -44.83
N THR G 419 -8.21 13.98 -44.57
CA THR G 419 -7.92 13.52 -43.22
C THR G 419 -7.48 14.64 -42.29
N LEU G 420 -6.65 15.57 -42.77
CA LEU G 420 -6.22 16.69 -41.93
C LEU G 420 -7.29 17.76 -41.78
N ASN G 421 -8.18 17.90 -42.77
CA ASN G 421 -9.23 18.92 -42.71
C ASN G 421 -10.40 18.47 -41.85
N ASP G 422 -10.72 17.18 -41.84
CA ASP G 422 -11.78 16.70 -40.96
C ASP G 422 -11.34 16.63 -39.50
N LEU G 423 -10.05 16.57 -39.23
CA LEU G 423 -9.52 16.57 -37.87
C LEU G 423 -9.13 17.94 -37.37
N GLY G 424 -9.31 18.99 -38.17
CA GLY G 424 -9.02 20.34 -37.72
C GLY G 424 -7.56 20.72 -37.70
N ILE G 425 -6.75 20.13 -38.57
CA ILE G 425 -5.31 20.38 -38.64
C ILE G 425 -5.05 21.20 -39.90
N THR G 426 -4.28 22.28 -39.75
CA THR G 426 -4.03 23.21 -40.85
C THR G 426 -3.07 22.58 -41.86
N HIS G 427 -3.49 22.56 -43.13
CA HIS G 427 -2.70 21.97 -44.19
C HIS G 427 -2.30 23.04 -45.20
N ILE G 428 -1.01 23.09 -45.54
CA ILE G 428 -0.46 24.02 -46.51
C ILE G 428 0.18 23.16 -47.61
N ILE G 429 -0.11 23.48 -48.86
CA ILE G 429 0.46 22.74 -49.99
C ILE G 429 1.30 23.70 -50.81
N LYS G 430 2.58 23.36 -50.99
CA LYS G 430 3.48 24.04 -51.92
C LYS G 430 3.78 23.08 -53.06
N THR G 431 3.47 23.49 -54.29
CA THR G 431 3.65 22.61 -55.44
C THR G 431 3.99 23.45 -56.67
N ASP G 432 4.28 22.77 -57.76
CA ASP G 432 4.61 23.41 -59.03
C ASP G 432 3.88 22.72 -60.16
N ASN G 433 3.48 23.49 -61.17
CA ASN G 433 2.73 22.95 -62.30
C ASN G 433 3.66 22.23 -63.26
N ASP G 434 3.25 21.05 -63.68
CA ASP G 434 4.07 20.18 -64.52
C ASP G 434 3.29 19.79 -65.76
N LEU G 435 4.02 19.54 -66.84
CA LEU G 435 3.44 19.14 -68.12
C LEU G 435 3.87 17.70 -68.35
N LYS G 436 3.01 16.75 -67.93
CA LYS G 436 3.36 15.35 -68.04
C LYS G 436 3.03 14.82 -69.42
N SER G 437 3.99 14.12 -70.02
CA SER G 437 3.80 13.57 -71.36
C SER G 437 3.03 12.26 -71.30
N LYS G 438 2.06 12.11 -72.20
CA LYS G 438 1.22 10.92 -72.20
C LYS G 438 1.94 9.73 -72.82
N LYS G 439 1.54 8.53 -72.38
CA LYS G 439 2.11 7.31 -72.92
C LYS G 439 1.50 6.97 -74.27
N GLY G 440 2.36 6.63 -75.23
CA GLY G 440 1.89 6.24 -76.56
C GLY G 440 1.42 7.40 -77.41
N LYS G 441 1.85 8.61 -77.08
CA LYS G 441 1.40 9.80 -77.79
C LYS G 441 2.49 10.85 -77.72
N LYS G 442 2.74 11.53 -78.84
CA LYS G 442 3.82 12.50 -78.94
C LYS G 442 3.23 13.89 -79.14
N GLY G 443 3.70 14.85 -78.36
CA GLY G 443 3.30 16.23 -78.49
C GLY G 443 2.10 16.63 -77.66
N VAL G 444 1.44 15.69 -76.99
CA VAL G 444 0.25 15.97 -76.19
C VAL G 444 0.63 15.81 -74.73
N TYR G 445 0.49 16.89 -73.97
CA TYR G 445 0.83 16.93 -72.55
C TYR G 445 -0.42 17.15 -71.71
N GLU G 446 -0.35 16.75 -70.44
CA GLU G 446 -1.39 17.02 -69.48
C GLU G 446 -0.87 17.91 -68.37
N LEU G 447 -1.77 18.71 -67.80
CA LEU G 447 -1.44 19.85 -66.94
C LEU G 447 -1.54 19.39 -65.49
N LEU G 448 -0.48 18.70 -65.01
CA LEU G 448 -0.58 17.79 -63.86
C LEU G 448 -0.72 18.52 -62.52
N GLY G 449 0.06 19.57 -62.29
CA GLY G 449 -0.03 20.31 -61.04
C GLY G 449 -1.29 21.14 -60.93
N LEU G 450 -1.73 21.72 -62.05
CA LEU G 450 -3.01 22.43 -62.10
C LEU G 450 -4.19 21.49 -61.97
N ASN G 451 -4.09 20.27 -62.49
CA ASN G 451 -5.13 19.26 -62.31
C ASN G 451 -5.19 18.76 -60.86
N ARG G 452 -4.03 18.69 -60.19
CA ARG G 452 -4.00 18.29 -58.78
C ARG G 452 -4.62 19.36 -57.88
N CYS G 453 -4.33 20.63 -58.17
CA CYS G 453 -4.92 21.73 -57.40
C CYS G 453 -6.42 21.92 -57.72
N LEU G 454 -6.83 21.67 -58.96
CA LEU G 454 -8.25 21.74 -59.31
C LEU G 454 -9.04 20.54 -58.79
N ASN G 455 -8.41 19.38 -58.68
CA ASN G 455 -9.06 18.23 -58.04
C ASN G 455 -9.15 18.42 -56.53
N LEU G 456 -8.20 19.16 -55.94
CA LEU G 456 -8.32 19.49 -54.52
C LEU G 456 -9.40 20.53 -54.26
N LEU G 457 -9.56 21.48 -55.19
CA LEU G 457 -10.50 22.58 -54.99
C LEU G 457 -11.96 22.12 -55.15
N GLY G 458 -12.20 21.09 -55.95
CA GLY G 458 -13.54 20.55 -56.11
C GLY G 458 -14.03 20.66 -57.53
N ARG G 459 -13.09 20.63 -58.48
CA ARG G 459 -13.38 20.79 -59.89
C ARG G 459 -12.96 19.53 -60.66
N GLU G 460 -13.14 19.59 -61.97
CA GLU G 460 -12.75 18.48 -62.83
C GLU G 460 -11.39 18.73 -63.45
N ASN G 461 -10.82 17.69 -64.06
CA ASN G 461 -9.53 17.80 -64.72
C ASN G 461 -9.69 18.54 -66.04
N LEU G 462 -8.67 19.32 -66.39
CA LEU G 462 -8.70 20.07 -67.63
C LEU G 462 -8.36 19.18 -68.82
N ASP G 463 -8.55 19.72 -70.02
CA ASP G 463 -8.27 19.00 -71.24
C ASP G 463 -6.77 18.92 -71.50
N GLU G 464 -6.38 17.94 -72.31
CA GLU G 464 -4.98 17.71 -72.63
C GLU G 464 -4.53 18.72 -73.67
N ILE G 465 -3.47 19.47 -73.36
CA ILE G 465 -2.98 20.50 -74.25
C ILE G 465 -2.05 19.83 -75.26
N THR G 466 -1.83 20.49 -76.40
CA THR G 466 -0.92 19.97 -77.43
C THR G 466 -0.02 21.11 -77.88
N ILE G 467 1.27 20.98 -77.63
CA ILE G 467 2.28 21.91 -78.14
C ILE G 467 3.24 21.12 -79.02
N ASP G 468 3.61 21.70 -80.17
CA ASP G 468 4.47 21.04 -81.12
C ASP G 468 5.79 21.79 -81.25
N ILE G 469 6.85 21.03 -81.46
CA ILE G 469 8.20 21.55 -81.56
C ILE G 469 8.82 21.03 -82.85
N PRO G 470 9.81 21.73 -83.43
CA PRO G 470 10.65 21.10 -84.46
C PRO G 470 11.51 20.00 -83.86
N GLU G 471 11.82 18.99 -84.67
CA GLU G 471 12.46 17.78 -84.17
C GLU G 471 13.95 17.99 -83.91
N ASP G 472 14.59 18.91 -84.64
CA ASP G 472 16.00 19.19 -84.40
C ASP G 472 16.20 20.05 -83.16
N ILE G 473 15.19 20.84 -82.80
CA ILE G 473 15.28 21.74 -81.64
C ILE G 473 15.01 20.91 -80.40
N LYS G 474 16.07 20.55 -79.67
CA LYS G 474 15.93 19.81 -78.43
C LYS G 474 16.96 20.28 -77.42
N GLY G 475 17.15 19.53 -76.33
CA GLY G 475 18.14 19.90 -75.35
C GLY G 475 17.62 20.94 -74.37
N LYS G 476 18.31 22.08 -74.33
CA LYS G 476 17.95 23.13 -73.39
C LYS G 476 16.88 24.06 -73.97
N LYS G 477 16.73 24.06 -75.31
CA LYS G 477 15.76 24.95 -75.94
C LYS G 477 14.35 24.40 -75.81
N LYS G 478 14.22 23.06 -75.76
CA LYS G 478 12.93 22.40 -75.57
C LYS G 478 12.39 22.66 -74.17
N LYS G 479 13.28 22.70 -73.18
CA LYS G 479 12.89 23.03 -71.81
C LYS G 479 12.50 24.50 -71.67
N GLU G 480 13.12 25.38 -72.48
CA GLU G 480 12.75 26.79 -72.46
C GLU G 480 11.40 27.03 -73.13
N ARG G 481 11.10 26.26 -74.18
CA ARG G 481 9.77 26.32 -74.82
C ARG G 481 8.68 25.78 -73.89
N LEU G 482 9.00 24.71 -73.13
CA LEU G 482 8.06 24.17 -72.17
C LEU G 482 7.87 25.09 -70.97
N ASN G 483 8.92 25.82 -70.57
CA ASN G 483 8.81 26.80 -69.49
C ASN G 483 8.00 28.02 -69.93
N GLU G 484 8.11 28.42 -71.20
CA GLU G 484 7.29 29.50 -71.73
C GLU G 484 5.82 29.09 -71.86
N ARG G 485 5.59 27.81 -72.16
CA ARG G 485 4.22 27.28 -72.19
C ARG G 485 3.60 27.19 -70.80
N LYS G 486 4.43 26.83 -69.78
CA LYS G 486 3.99 26.86 -68.38
C LYS G 486 3.70 28.27 -67.90
N LYS G 487 4.47 29.25 -68.38
CA LYS G 487 4.22 30.65 -68.03
C LYS G 487 2.95 31.19 -68.68
N GLU G 488 2.62 30.73 -69.89
CA GLU G 488 1.36 31.12 -70.53
C GLU G 488 0.15 30.46 -69.86
N ILE G 489 0.31 29.21 -69.39
CA ILE G 489 -0.72 28.52 -68.59
C ILE G 489 -0.94 29.24 -67.25
N PHE G 490 0.15 29.69 -66.61
CA PHE G 490 0.05 30.37 -65.32
C PHE G 490 -0.48 31.80 -65.47
N LYS G 491 -0.28 32.41 -66.64
CA LYS G 491 -0.86 33.73 -66.88
C LYS G 491 -2.34 33.66 -67.20
N GLN G 492 -2.78 32.64 -67.97
CA GLN G 492 -4.17 32.66 -68.42
C GLN G 492 -5.14 32.13 -67.36
N TYR G 493 -4.68 31.30 -66.43
CA TYR G 493 -5.55 30.76 -65.37
C TYR G 493 -5.33 31.51 -64.06
N LYS G 494 -5.49 32.84 -64.09
CA LYS G 494 -5.08 33.67 -62.96
C LYS G 494 -6.11 33.67 -61.83
N ASN G 495 -7.39 33.69 -62.15
CA ASN G 495 -8.45 33.69 -61.15
C ASN G 495 -8.63 32.34 -60.46
N GLU G 496 -8.19 31.24 -61.09
CA GLU G 496 -8.09 29.98 -60.38
C GLU G 496 -6.92 29.97 -59.41
N VAL G 497 -5.80 30.61 -59.77
CA VAL G 497 -4.60 30.67 -58.93
C VAL G 497 -4.84 31.52 -57.68
N GLY G 498 -5.68 32.58 -57.84
CA GLY G 498 -6.06 33.40 -56.68
C GLY G 498 -6.95 32.69 -55.67
N GLU G 499 -7.83 31.81 -56.13
CA GLU G 499 -8.64 31.02 -55.21
C GLU G 499 -7.95 29.73 -54.78
N PHE G 500 -6.86 29.33 -55.45
CA PHE G 500 -5.93 28.37 -54.84
C PHE G 500 -5.21 29.02 -53.66
N LEU G 501 -4.81 30.29 -53.85
CA LEU G 501 -4.12 31.07 -52.83
C LEU G 501 -5.01 31.39 -51.64
N GLY G 502 -6.32 31.52 -51.86
CA GLY G 502 -7.25 31.68 -50.76
C GLY G 502 -7.48 30.43 -49.94
N GLU G 503 -7.20 29.25 -50.50
CA GLU G 503 -7.40 27.98 -49.81
C GLU G 503 -6.08 27.34 -49.39
N ARG G 504 -5.04 28.19 -49.19
CA ARG G 504 -3.67 27.83 -48.75
C ARG G 504 -2.98 26.83 -49.68
N ILE G 505 -3.20 26.96 -50.99
CA ILE G 505 -2.49 26.16 -51.99
C ILE G 505 -1.60 27.12 -52.77
N TYR G 506 -0.33 26.76 -52.91
CA TYR G 506 0.69 27.66 -53.43
C TYR G 506 1.31 26.99 -54.64
N LEU G 507 0.85 27.39 -55.82
CA LEU G 507 1.33 26.85 -57.09
C LEU G 507 2.41 27.76 -57.65
N SER G 508 3.54 27.17 -58.02
CA SER G 508 4.65 27.92 -58.59
C SER G 508 4.38 28.22 -60.06
N GLU G 509 5.16 29.15 -60.61
CA GLU G 509 5.04 29.49 -62.02
C GLU G 509 5.64 28.40 -62.90
N ILE G 510 6.88 28.00 -62.60
CA ILE G 510 7.53 26.92 -63.33
C ILE G 510 7.94 25.82 -62.35
N ASP G 511 8.81 26.15 -61.40
CA ASP G 511 9.40 25.17 -60.51
C ASP G 511 9.74 25.84 -59.17
N LEU G 512 10.32 25.07 -58.25
CA LEU G 512 10.92 25.60 -57.04
C LEU G 512 12.19 26.37 -57.33
N GLU G 513 12.96 25.89 -58.32
CA GLU G 513 14.29 26.42 -58.60
C GLU G 513 14.25 27.81 -59.23
N ASN G 514 13.17 28.11 -59.96
CA ASN G 514 13.02 29.45 -60.53
C ASN G 514 12.56 30.44 -59.46
N ASP G 515 11.81 29.97 -58.46
CA ASP G 515 11.49 30.80 -57.30
C ASP G 515 12.71 31.05 -56.42
N LEU G 516 13.59 30.04 -56.33
CA LEU G 516 14.84 30.17 -55.61
C LEU G 516 15.82 31.09 -56.34
N TYR G 517 15.75 31.11 -57.67
CA TYR G 517 16.54 32.08 -58.43
C TYR G 517 15.94 33.47 -58.33
N SER G 518 14.62 33.56 -58.14
CA SER G 518 13.98 34.84 -57.87
C SER G 518 14.30 35.38 -56.47
N ALA G 519 14.63 34.51 -55.52
CA ALA G 519 15.01 34.96 -54.18
C ALA G 519 16.50 35.19 -54.01
N ILE G 520 17.33 34.16 -54.17
CA ILE G 520 18.74 34.16 -53.76
C ILE G 520 19.68 33.92 -54.95
N GLY G 521 19.26 34.36 -56.14
CA GLY G 521 19.94 33.95 -57.37
C GLY G 521 21.28 34.62 -57.61
N GLU G 522 21.57 35.71 -56.89
CA GLU G 522 22.92 36.27 -56.88
C GLU G 522 23.88 35.35 -56.12
N SER G 523 23.40 34.77 -55.01
CA SER G 523 24.19 33.79 -54.28
C SER G 523 24.27 32.47 -55.03
N MET G 524 23.26 32.16 -55.85
CA MET G 524 23.31 30.96 -56.68
C MET G 524 24.25 31.17 -57.87
N LYS G 525 24.43 32.42 -58.31
CA LYS G 525 25.48 32.70 -59.28
C LYS G 525 26.85 32.68 -58.63
N ARG G 526 26.92 33.04 -57.34
CA ARG G 526 28.21 33.08 -56.65
C ARG G 526 28.71 31.68 -56.29
N ILE G 527 27.79 30.77 -55.93
CA ILE G 527 28.20 29.44 -55.49
C ILE G 527 28.52 28.53 -56.68
N PHE G 528 27.60 28.43 -57.64
CA PHE G 528 27.75 27.47 -58.73
C PHE G 528 28.68 27.95 -59.84
N GLU G 529 29.00 29.25 -59.87
CA GLU G 529 29.80 30.04 -60.82
C GLU G 529 29.49 29.75 -62.30
N ASN G 530 28.21 29.53 -62.62
CA ASN G 530 27.78 29.30 -63.99
C ASN G 530 26.83 30.41 -64.40
N GLU G 531 26.57 30.49 -65.71
CA GLU G 531 25.56 31.42 -66.20
C GLU G 531 24.15 30.85 -66.06
N ASP G 532 24.02 29.54 -65.82
CA ASP G 532 22.75 28.87 -65.58
C ASP G 532 22.85 28.16 -64.23
N PRO G 533 22.52 28.85 -63.13
CA PRO G 533 22.51 28.16 -61.82
C PRO G 533 21.30 27.27 -61.63
N VAL G 534 20.22 27.52 -62.37
CA VAL G 534 19.00 26.73 -62.26
C VAL G 534 19.19 25.36 -62.89
N HIS G 535 19.85 25.32 -64.06
CA HIS G 535 19.99 24.09 -64.83
C HIS G 535 21.01 23.15 -64.21
N TYR G 536 22.04 23.70 -63.57
CA TYR G 536 23.03 22.90 -62.85
C TYR G 536 22.45 22.33 -61.57
N LEU G 537 21.50 23.04 -60.96
CA LEU G 537 20.75 22.52 -59.83
C LEU G 537 19.78 21.42 -60.27
N GLN G 538 19.28 21.53 -61.51
CA GLN G 538 18.28 20.59 -61.99
C GLN G 538 18.89 19.40 -62.71
N LYS G 539 20.23 19.38 -62.87
CA LYS G 539 20.88 18.21 -63.46
C LYS G 539 20.91 17.04 -62.49
N SER G 540 21.54 17.22 -61.33
CA SER G 540 21.54 16.21 -60.28
C SER G 540 20.95 16.86 -59.03
N LYS G 541 19.69 16.55 -58.73
CA LYS G 541 18.92 17.31 -57.75
C LYS G 541 19.30 16.99 -56.31
N LEU G 542 19.65 15.74 -56.03
CA LEU G 542 19.93 15.34 -54.66
C LEU G 542 21.35 15.65 -54.20
N PHE G 543 22.26 15.93 -55.12
CA PHE G 543 23.65 16.22 -54.78
C PHE G 543 23.99 17.69 -54.86
N ASN G 544 23.33 18.44 -55.75
CA ASN G 544 23.58 19.87 -55.86
C ASN G 544 22.75 20.67 -54.86
N MET G 545 21.69 20.10 -54.30
CA MET G 545 20.98 20.78 -53.23
C MET G 545 21.77 20.75 -51.93
N VAL G 546 22.48 19.63 -51.67
CA VAL G 546 23.36 19.52 -50.52
C VAL G 546 24.58 20.44 -50.68
N GLU G 547 25.08 20.55 -51.92
CA GLU G 547 26.16 21.47 -52.28
C GLU G 547 25.73 22.93 -52.15
N LEU G 548 24.46 23.22 -52.47
CA LEU G 548 23.92 24.57 -52.28
C LEU G 548 23.72 24.90 -50.80
N VAL G 549 23.10 24.00 -50.02
CA VAL G 549 22.84 24.32 -48.60
C VAL G 549 24.07 24.19 -47.72
N ASN G 550 25.17 23.63 -48.23
CA ASN G 550 26.45 23.68 -47.53
C ASN G 550 27.04 25.10 -47.55
N ASN G 551 26.71 25.90 -48.56
CA ASN G 551 27.40 27.18 -48.76
C ASN G 551 26.54 28.41 -48.46
N LEU G 552 25.23 28.25 -48.28
CA LEU G 552 24.43 29.33 -47.71
C LEU G 552 24.68 29.51 -46.22
N SER G 553 24.26 30.67 -45.73
CA SER G 553 24.50 31.13 -44.38
C SER G 553 23.30 31.97 -43.95
N THR G 554 23.50 32.78 -42.91
CA THR G 554 22.49 33.74 -42.47
C THR G 554 22.42 34.86 -43.52
N LYS G 555 21.19 35.39 -43.74
CA LYS G 555 20.66 36.42 -44.64
C LYS G 555 20.48 35.89 -46.06
N ASP G 556 20.81 34.62 -46.34
CA ASP G 556 20.26 33.99 -47.52
C ASP G 556 19.00 33.20 -47.18
N CYS G 557 18.99 32.59 -45.99
CA CYS G 557 17.80 31.89 -45.50
C CYS G 557 16.69 32.87 -45.13
N PHE G 558 17.04 34.09 -44.69
CA PHE G 558 16.04 35.12 -44.50
C PHE G 558 15.54 35.67 -45.84
N ASP G 559 16.38 35.67 -46.86
CA ASP G 559 15.92 36.05 -48.19
C ASP G 559 15.03 34.98 -48.82
N VAL G 560 15.21 33.71 -48.44
CA VAL G 560 14.23 32.68 -48.78
C VAL G 560 12.95 32.90 -47.98
N PHE G 561 13.08 33.23 -46.69
CA PHE G 561 11.96 33.21 -45.74
C PHE G 561 10.99 34.38 -45.92
N GLU G 562 11.47 35.62 -45.99
CA GLU G 562 10.58 36.74 -46.26
C GLU G 562 10.42 37.07 -47.74
N HIS G 563 10.62 36.11 -48.66
CA HIS G 563 10.20 36.33 -50.04
C HIS G 563 8.70 36.05 -50.17
N GLU G 564 8.10 36.66 -51.20
CA GLU G 564 6.66 36.51 -51.44
C GLU G 564 6.30 35.21 -52.16
N LYS G 565 7.27 34.49 -52.70
CA LYS G 565 7.02 33.19 -53.32
C LYS G 565 7.19 32.04 -52.35
N PHE G 566 7.51 32.32 -51.09
CA PHE G 566 7.69 31.32 -50.05
C PHE G 566 6.87 31.69 -48.81
N ALA G 567 5.57 31.96 -49.02
CA ALA G 567 4.67 32.27 -47.91
C ALA G 567 4.16 31.02 -47.21
N CYS G 568 4.43 29.83 -47.77
CA CYS G 568 4.09 28.56 -47.13
C CYS G 568 4.90 28.32 -45.86
N LEU G 569 6.14 28.80 -45.82
CA LEU G 569 6.96 28.70 -44.60
C LEU G 569 6.45 29.62 -43.50
N LYS G 570 5.97 30.82 -43.87
CA LYS G 570 5.36 31.72 -42.90
C LYS G 570 3.99 31.23 -42.45
N GLU G 571 3.29 30.48 -43.29
CA GLU G 571 2.09 29.79 -42.83
C GLU G 571 2.40 28.62 -41.89
N LEU G 572 3.48 27.89 -42.16
CA LEU G 572 3.89 26.73 -41.36
C LEU G 572 4.39 27.12 -39.98
N VAL G 573 5.16 28.21 -39.88
CA VAL G 573 5.58 28.73 -38.57
C VAL G 573 4.38 29.35 -37.85
N GLY G 574 3.60 30.15 -38.58
CA GLY G 574 2.38 30.71 -38.02
C GLY G 574 2.47 32.16 -37.58
N SER G 575 3.58 32.84 -37.87
CA SER G 575 3.75 34.22 -37.46
C SER G 575 2.97 35.13 -38.41
N ASP G 576 2.03 35.89 -37.85
CA ASP G 576 1.19 36.80 -38.61
C ASP G 576 1.42 38.24 -38.18
N ARG G 577 1.24 39.16 -39.13
CA ARG G 577 1.41 40.58 -38.84
C ARG G 577 0.25 41.15 -38.03
N GLY G 578 -0.95 40.62 -38.22
CA GLY G 578 -2.12 41.11 -37.50
C GLY G 578 -2.26 40.50 -36.11
N MET H 1 -37.54 1.98 17.31
CA MET H 1 -37.54 2.10 18.76
C MET H 1 -36.58 1.13 19.42
N LYS H 2 -36.69 -0.15 19.06
CA LYS H 2 -35.90 -1.18 19.72
C LYS H 2 -35.59 -2.31 18.75
N PHE H 3 -34.35 -2.82 18.81
CA PHE H 3 -34.01 -4.06 18.13
C PHE H 3 -34.51 -5.25 18.93
N SER H 4 -34.91 -6.32 18.25
CA SER H 4 -35.43 -7.48 18.96
C SER H 4 -34.67 -8.76 18.70
N ASN H 5 -34.30 -9.04 17.45
CA ASN H 5 -33.80 -10.35 17.08
C ASN H 5 -32.98 -10.20 15.81
N ILE H 6 -32.05 -11.13 15.60
CA ILE H 6 -31.40 -11.29 14.31
C ILE H 6 -31.23 -12.77 14.01
N THR H 7 -31.63 -13.18 12.80
CA THR H 7 -31.52 -14.56 12.34
C THR H 7 -30.55 -14.59 11.18
N ILE H 8 -29.45 -15.32 11.34
CA ILE H 8 -28.40 -15.41 10.34
C ILE H 8 -28.37 -16.83 9.80
N LYS H 9 -28.52 -16.97 8.48
CA LYS H 9 -28.57 -18.25 7.81
C LYS H 9 -27.53 -18.29 6.69
N ASN H 10 -26.74 -19.39 6.68
CA ASN H 10 -25.83 -19.80 5.60
C ASN H 10 -24.72 -18.79 5.31
N PHE H 11 -24.29 -18.05 6.33
CA PHE H 11 -23.17 -17.12 6.28
C PHE H 11 -21.88 -17.90 6.64
N ARG H 12 -20.80 -17.20 7.01
CA ARG H 12 -19.43 -17.72 7.10
C ARG H 12 -19.23 -18.82 8.12
N ASN H 13 -19.30 -18.53 9.41
CA ASN H 13 -19.29 -19.60 10.41
C ASN H 13 -20.59 -19.63 11.22
N PHE H 14 -21.71 -19.32 10.58
CA PHE H 14 -23.04 -19.46 11.16
C PHE H 14 -23.89 -20.27 10.20
N GLU H 15 -24.37 -21.42 10.65
CA GLU H 15 -25.29 -22.21 9.85
C GLU H 15 -26.71 -21.67 9.97
N LYS H 16 -27.26 -21.70 11.18
CA LYS H 16 -28.58 -21.11 11.43
C LYS H 16 -28.57 -20.63 12.88
N VAL H 17 -28.31 -19.33 13.07
CA VAL H 17 -28.09 -18.77 14.39
C VAL H 17 -29.15 -17.69 14.63
N ASN H 18 -29.93 -17.85 15.69
CA ASN H 18 -30.93 -16.86 16.11
C ASN H 18 -30.49 -16.23 17.41
N ILE H 19 -30.34 -14.91 17.43
CA ILE H 19 -29.85 -14.18 18.60
C ILE H 19 -30.87 -13.11 18.97
N ASN H 20 -31.40 -13.19 20.19
CA ASN H 20 -32.20 -12.10 20.74
C ASN H 20 -31.32 -10.92 21.08
N LEU H 21 -31.80 -9.73 20.76
CA LEU H 21 -31.03 -8.51 20.97
C LEU H 21 -31.81 -7.53 21.84
N ASP H 22 -31.18 -6.38 22.03
CA ASP H 22 -31.79 -5.18 22.54
C ASP H 22 -31.01 -4.02 21.93
N ASN H 23 -31.25 -2.81 22.42
CA ASN H 23 -30.25 -1.78 22.30
C ASN H 23 -29.16 -2.07 23.35
N LYS H 24 -27.96 -1.52 23.11
CA LYS H 24 -26.72 -1.75 23.89
C LYS H 24 -26.32 -3.23 23.95
N ASN H 25 -25.85 -3.77 22.82
CA ASN H 25 -25.41 -5.17 22.77
C ASN H 25 -23.90 -5.31 22.92
N VAL H 26 -23.47 -6.33 23.67
CA VAL H 26 -22.07 -6.67 23.93
C VAL H 26 -21.85 -8.14 23.58
N ILE H 27 -20.93 -8.43 22.67
CA ILE H 27 -20.62 -9.82 22.27
C ILE H 27 -19.20 -10.16 22.72
N PHE H 28 -19.03 -11.37 23.26
CA PHE H 28 -17.73 -11.83 23.72
C PHE H 28 -17.60 -13.33 23.47
N GLY H 29 -16.37 -13.82 23.56
CA GLY H 29 -16.09 -15.22 23.29
C GLY H 29 -14.60 -15.42 23.09
N MET H 30 -14.27 -16.60 22.56
CA MET H 30 -12.89 -17.05 22.39
C MET H 30 -12.24 -16.46 21.14
N ASN H 31 -11.07 -16.98 20.79
CA ASN H 31 -10.42 -16.61 19.54
C ASN H 31 -10.80 -17.61 18.45
N ASP H 32 -10.88 -17.10 17.21
CA ASP H 32 -11.27 -17.81 15.98
C ASP H 32 -12.65 -18.48 16.10
N ILE H 33 -13.61 -17.74 16.64
CA ILE H 33 -14.87 -18.36 16.98
C ILE H 33 -16.00 -17.58 16.30
N GLY H 34 -15.70 -16.38 15.81
CA GLY H 34 -16.65 -15.65 15.00
C GLY H 34 -17.30 -14.43 15.60
N LYS H 35 -16.55 -13.63 16.36
CA LYS H 35 -17.09 -12.38 16.87
C LYS H 35 -17.13 -11.31 15.77
N THR H 36 -16.15 -11.32 14.88
CA THR H 36 -16.10 -10.29 13.84
C THR H 36 -16.93 -10.69 12.62
N ASN H 37 -17.39 -11.94 12.56
CA ASN H 37 -18.33 -12.34 11.51
C ASN H 37 -19.76 -12.01 11.91
N PHE H 38 -20.00 -11.75 13.20
CA PHE H 38 -21.29 -11.24 13.63
C PHE H 38 -21.46 -9.79 13.19
N LEU H 39 -20.39 -9.00 13.28
CA LEU H 39 -20.51 -7.58 12.99
C LEU H 39 -20.46 -7.28 11.49
N TYR H 40 -19.95 -8.21 10.67
CA TYR H 40 -20.02 -8.03 9.23
C TYR H 40 -21.40 -8.40 8.68
N ALA H 41 -22.19 -9.15 9.45
CA ALA H 41 -23.57 -9.43 9.04
C ALA H 41 -24.45 -8.19 9.23
N LEU H 42 -24.07 -7.30 10.14
CA LEU H 42 -24.75 -6.02 10.26
C LEU H 42 -24.22 -5.00 9.25
N ARG H 43 -22.98 -5.17 8.79
CA ARG H 43 -22.45 -4.27 7.76
C ARG H 43 -23.01 -4.60 6.39
N PHE H 44 -23.29 -5.87 6.12
CA PHE H 44 -23.88 -6.23 4.84
C PHE H 44 -25.35 -5.89 4.79
N LEU H 45 -26.01 -5.81 5.95
CA LEU H 45 -27.42 -5.47 6.00
C LEU H 45 -27.64 -3.96 5.96
N LEU H 46 -27.01 -3.23 6.88
CA LEU H 46 -27.38 -1.85 7.13
C LEU H 46 -26.39 -0.82 6.60
N ASP H 47 -25.26 -1.24 6.04
CA ASP H 47 -24.29 -0.32 5.45
C ASP H 47 -24.16 -0.60 3.96
N LYS H 48 -24.07 0.47 3.17
CA LYS H 48 -24.07 0.35 1.72
C LYS H 48 -22.69 0.13 1.11
N GLU H 49 -21.63 0.58 1.79
CA GLU H 49 -20.27 0.43 1.27
C GLU H 49 -19.77 -1.00 1.35
N ILE H 50 -20.28 -1.79 2.29
CA ILE H 50 -19.98 -3.21 2.33
C ILE H 50 -20.88 -3.97 1.36
N ARG H 51 -22.15 -3.54 1.26
CA ARG H 51 -23.16 -4.19 0.43
C ARG H 51 -22.93 -4.01 -1.07
N LYS H 52 -22.21 -2.96 -1.49
CA LYS H 52 -22.01 -2.69 -2.92
C LYS H 52 -21.03 -3.65 -3.61
N PHE H 53 -20.27 -4.45 -2.87
CA PHE H 53 -19.34 -5.38 -3.47
C PHE H 53 -19.89 -6.80 -3.60
N GLY H 54 -21.04 -7.09 -3.00
CA GLY H 54 -21.62 -8.41 -3.11
C GLY H 54 -20.96 -9.43 -2.21
N PHE H 55 -21.16 -10.70 -2.57
CA PHE H 55 -20.64 -11.83 -1.81
C PHE H 55 -19.68 -12.63 -2.69
N ASN H 56 -18.62 -13.14 -2.08
CA ASN H 56 -17.66 -13.99 -2.76
C ASN H 56 -18.02 -15.47 -2.56
N LYS H 57 -17.08 -16.35 -2.93
CA LYS H 57 -17.24 -17.78 -2.65
C LYS H 57 -17.04 -18.06 -1.17
N SER H 58 -16.19 -17.28 -0.50
CA SER H 58 -15.80 -17.55 0.88
C SER H 58 -16.80 -17.03 1.91
N ASP H 59 -17.87 -16.35 1.48
CA ASP H 59 -18.90 -15.86 2.38
C ASP H 59 -19.99 -16.88 2.66
N TYR H 60 -19.88 -18.08 2.10
CA TYR H 60 -20.89 -19.12 2.22
C TYR H 60 -20.41 -20.18 3.21
N HIS H 61 -21.35 -20.97 3.74
CA HIS H 61 -21.05 -21.91 4.79
C HIS H 61 -20.36 -23.14 4.23
N LYS H 62 -19.11 -23.35 4.67
CA LYS H 62 -18.17 -24.41 4.24
C LYS H 62 -17.91 -24.39 2.73
N HIS H 63 -17.89 -23.17 2.16
CA HIS H 63 -17.65 -22.85 0.73
C HIS H 63 -18.59 -23.59 -0.21
N ASP H 64 -19.87 -23.65 0.18
CA ASP H 64 -20.81 -24.50 -0.54
C ASP H 64 -21.33 -23.83 -1.79
N THR H 65 -21.82 -22.59 -1.66
CA THR H 65 -22.39 -21.70 -2.72
C THR H 65 -23.56 -22.33 -3.48
N SER H 66 -24.35 -23.15 -2.78
CA SER H 66 -25.62 -23.63 -3.29
C SER H 66 -26.75 -23.37 -2.32
N LYS H 67 -26.46 -22.85 -1.14
CA LYS H 67 -27.45 -22.40 -0.18
C LYS H 67 -27.64 -20.89 -0.30
N LYS H 68 -28.78 -20.42 0.21
CA LYS H 68 -29.14 -19.01 0.14
C LYS H 68 -28.73 -18.31 1.44
N ILE H 69 -27.98 -17.23 1.32
CA ILE H 69 -27.63 -16.41 2.47
C ILE H 69 -28.83 -15.54 2.82
N GLU H 70 -29.31 -15.64 4.06
CA GLU H 70 -30.45 -14.85 4.49
C GLU H 70 -30.17 -14.24 5.85
N ILE H 71 -30.28 -12.92 5.95
CA ILE H 71 -30.08 -12.19 7.20
C ILE H 71 -31.33 -11.35 7.46
N ILE H 72 -32.05 -11.64 8.55
CA ILE H 72 -33.32 -11.00 8.87
C ILE H 72 -33.17 -10.31 10.23
N LEU H 73 -33.58 -9.04 10.31
CA LEU H 73 -33.54 -8.24 11.53
C LEU H 73 -34.94 -7.74 11.88
N THR H 74 -35.27 -7.77 13.18
CA THR H 74 -36.59 -7.45 13.68
C THR H 74 -36.55 -6.19 14.54
N LEU H 75 -37.44 -5.24 14.23
CA LEU H 75 -37.62 -4.03 15.02
C LEU H 75 -38.97 -4.05 15.72
N ASP H 76 -38.99 -3.46 16.92
CA ASP H 76 -40.10 -3.61 17.85
C ASP H 76 -41.28 -2.71 17.50
N LEU H 77 -41.06 -1.38 17.48
CA LEU H 77 -41.99 -0.32 17.02
C LEU H 77 -43.30 -0.26 17.81
N SER H 78 -43.25 -0.62 19.08
CA SER H 78 -44.45 -0.61 19.91
C SER H 78 -44.76 0.76 20.47
N ASN H 79 -43.83 1.72 20.38
CA ASN H 79 -44.00 3.06 20.95
C ASN H 79 -43.99 4.06 19.80
N TYR H 80 -45.16 4.30 19.20
CA TYR H 80 -45.24 5.32 18.15
C TYR H 80 -45.23 6.71 18.76
N GLU H 81 -45.97 6.91 19.86
CA GLU H 81 -45.87 8.16 20.60
C GLU H 81 -44.57 8.19 21.39
N LYS H 82 -44.05 9.43 21.57
CA LYS H 82 -42.90 9.92 22.37
C LYS H 82 -41.54 9.59 21.71
N ASP H 83 -41.53 8.77 20.66
CA ASP H 83 -40.29 8.39 20.01
C ASP H 83 -40.23 8.94 18.59
N GLU H 84 -39.11 9.57 18.26
CA GLU H 84 -38.93 10.16 16.93
C GLU H 84 -38.36 9.17 15.92
N ASP H 85 -37.65 8.13 16.36
CA ASP H 85 -37.02 7.19 15.44
C ASP H 85 -38.04 6.24 14.82
N THR H 86 -39.16 6.03 15.50
CA THR H 86 -40.31 5.32 14.93
C THR H 86 -40.90 6.09 13.76
N LYS H 87 -41.01 7.42 13.89
CA LYS H 87 -41.45 8.28 12.80
C LYS H 87 -40.43 8.37 11.67
N LYS H 88 -39.13 8.29 12.01
CA LYS H 88 -38.07 8.22 11.01
C LYS H 88 -38.10 6.92 10.22
N LEU H 89 -38.52 5.81 10.83
CA LEU H 89 -38.72 4.61 10.05
C LEU H 89 -40.00 4.67 9.23
N ILE H 90 -41.11 5.14 9.83
CA ILE H 90 -42.45 5.05 9.24
C ILE H 90 -42.61 6.04 8.06
N SER H 91 -41.87 7.15 8.08
CA SER H 91 -42.01 8.16 7.02
C SER H 91 -41.33 7.77 5.71
N VAL H 92 -40.51 6.72 5.71
CA VAL H 92 -39.79 6.31 4.50
C VAL H 92 -40.44 5.05 3.93
N VAL H 93 -41.04 4.23 4.79
CA VAL H 93 -41.49 2.89 4.39
C VAL H 93 -42.80 2.96 3.63
N LYS H 94 -43.82 3.59 4.23
CA LYS H 94 -45.07 4.15 3.67
C LYS H 94 -46.11 3.13 3.17
N GLY H 95 -45.72 1.91 2.81
CA GLY H 95 -46.71 1.03 2.22
C GLY H 95 -46.61 -0.44 2.55
N ALA H 96 -45.59 -0.84 3.31
CA ALA H 96 -45.44 -2.24 3.66
C ALA H 96 -45.97 -2.55 5.05
N ARG H 97 -46.51 -1.57 5.74
CA ARG H 97 -47.07 -1.75 7.07
C ARG H 97 -48.56 -2.07 6.97
N THR H 98 -49.04 -2.79 7.98
CA THR H 98 -50.42 -3.23 8.08
C THR H 98 -50.91 -2.87 9.47
N SER H 99 -52.19 -2.52 9.60
CA SER H 99 -52.76 -2.15 10.89
C SER H 99 -52.92 -3.33 11.84
N ALA H 100 -52.98 -4.56 11.32
CA ALA H 100 -53.03 -5.73 12.19
C ALA H 100 -51.67 -6.03 12.81
N ASN H 101 -50.58 -5.64 12.13
CA ASN H 101 -49.21 -5.89 12.60
C ASN H 101 -48.44 -4.57 12.60
N ALA H 102 -49.02 -3.56 13.23
CA ALA H 102 -48.42 -2.23 13.27
C ALA H 102 -47.35 -2.07 14.34
N ASP H 103 -47.12 -3.08 15.16
CA ASP H 103 -46.08 -3.03 16.19
C ASP H 103 -45.11 -4.20 16.04
N VAL H 104 -44.67 -4.46 14.80
CA VAL H 104 -43.52 -5.30 14.47
C VAL H 104 -43.01 -4.81 13.11
N PHE H 105 -41.71 -4.96 12.85
CA PHE H 105 -41.17 -4.66 11.54
C PHE H 105 -40.00 -5.58 11.22
N TYR H 106 -39.84 -5.92 9.93
CA TYR H 106 -38.83 -6.87 9.49
C TYR H 106 -38.04 -6.30 8.32
N ILE H 107 -36.71 -6.39 8.41
CA ILE H 107 -35.79 -6.03 7.33
C ILE H 107 -34.95 -7.24 7.00
N ALA H 108 -35.02 -7.71 5.75
CA ALA H 108 -34.42 -8.97 5.35
C ALA H 108 -33.44 -8.77 4.22
N LEU H 109 -32.57 -9.78 4.05
CA LEU H 109 -31.53 -9.81 3.03
C LEU H 109 -31.46 -11.21 2.48
N GLU H 110 -31.58 -11.35 1.16
CA GLU H 110 -31.42 -12.61 0.47
C GLU H 110 -30.25 -12.54 -0.50
N SER H 111 -29.59 -13.68 -0.69
CA SER H 111 -28.49 -13.78 -1.65
C SER H 111 -28.38 -15.20 -2.16
N LYS H 112 -28.43 -15.37 -3.49
CA LYS H 112 -28.22 -16.64 -4.16
C LYS H 112 -27.06 -16.50 -5.14
N TYR H 113 -26.19 -17.49 -5.15
CA TYR H 113 -24.94 -17.40 -5.92
C TYR H 113 -25.20 -17.71 -7.39
N ASP H 114 -24.51 -16.98 -8.27
CA ASP H 114 -24.75 -17.07 -9.72
C ASP H 114 -24.16 -18.32 -10.34
N ASP H 115 -22.86 -18.56 -10.09
CA ASP H 115 -22.02 -19.71 -10.49
C ASP H 115 -21.89 -19.80 -12.03
N LYS H 116 -22.07 -18.68 -12.74
CA LYS H 116 -21.60 -18.45 -14.10
C LYS H 116 -20.75 -17.20 -14.19
N GLU H 117 -21.24 -16.09 -13.64
CA GLU H 117 -20.49 -14.85 -13.51
C GLU H 117 -19.66 -14.79 -12.24
N LEU H 118 -19.82 -15.79 -11.36
CA LEU H 118 -19.15 -15.99 -10.06
C LEU H 118 -19.39 -14.80 -9.13
N TYR H 119 -20.65 -14.61 -8.76
CA TYR H 119 -21.06 -13.41 -8.05
C TYR H 119 -22.27 -13.72 -7.17
N GLY H 120 -22.33 -13.07 -6.01
CA GLY H 120 -23.50 -13.14 -5.17
C GLY H 120 -24.21 -11.81 -5.07
N ASN H 121 -25.37 -11.71 -5.70
CA ASN H 121 -26.15 -10.48 -5.65
C ASN H 121 -26.92 -10.42 -4.35
N ILE H 122 -27.08 -9.21 -3.81
CA ILE H 122 -27.74 -8.98 -2.52
C ILE H 122 -29.04 -8.23 -2.77
N ILE H 123 -30.16 -8.84 -2.39
CA ILE H 123 -31.48 -8.24 -2.56
C ILE H 123 -32.06 -8.01 -1.17
N LEU H 124 -32.38 -6.75 -0.87
CA LEU H 124 -32.94 -6.37 0.41
C LEU H 124 -34.46 -6.26 0.33
N LYS H 125 -35.11 -6.49 1.48
CA LYS H 125 -36.55 -6.44 1.60
C LYS H 125 -36.94 -5.83 2.94
N TRP H 126 -38.12 -5.23 2.99
CA TRP H 126 -38.81 -5.01 4.27
C TRP H 126 -40.26 -5.43 4.23
N GLY H 127 -40.85 -5.43 5.41
CA GLY H 127 -42.28 -5.66 5.56
C GLY H 127 -42.66 -5.64 7.02
N SER H 128 -43.94 -5.95 7.27
CA SER H 128 -44.45 -6.13 8.62
C SER H 128 -44.88 -7.56 8.89
N GLU H 129 -44.92 -8.41 7.88
CA GLU H 129 -45.15 -9.84 8.05
C GLU H 129 -43.98 -10.58 7.43
N LEU H 130 -43.68 -11.78 7.94
CA LEU H 130 -42.52 -12.52 7.43
C LEU H 130 -42.81 -13.15 6.09
N ASP H 131 -44.06 -13.48 5.82
CA ASP H 131 -44.50 -13.70 4.45
C ASP H 131 -44.85 -12.35 3.82
N ASN H 132 -44.77 -12.31 2.48
CA ASN H 132 -45.01 -11.15 1.61
C ASN H 132 -44.13 -9.95 1.97
N LEU H 133 -42.82 -10.17 1.95
CA LEU H 133 -41.84 -9.10 2.07
C LEU H 133 -41.60 -8.55 0.67
N ILE H 134 -42.01 -7.30 0.44
CA ILE H 134 -41.76 -6.66 -0.85
C ILE H 134 -40.33 -6.16 -0.87
N ASP H 135 -39.83 -5.87 -2.06
CA ASP H 135 -38.51 -5.29 -2.21
C ASP H 135 -38.52 -3.83 -1.81
N ILE H 136 -37.37 -3.36 -1.33
CA ILE H 136 -37.17 -1.95 -1.01
C ILE H 136 -37.11 -1.19 -2.34
N PRO H 137 -37.88 -0.12 -2.51
CA PRO H 137 -37.73 0.70 -3.72
C PRO H 137 -36.43 1.50 -3.69
N GLY H 138 -35.92 1.80 -4.88
CA GLY H 138 -34.70 2.57 -5.00
C GLY H 138 -34.34 2.87 -6.43
N ARG H 139 -33.65 3.99 -6.65
CA ARG H 139 -33.32 4.47 -7.97
C ARG H 139 -31.82 4.75 -8.04
N GLY H 140 -31.14 4.12 -8.99
CA GLY H 140 -29.70 4.27 -9.10
C GLY H 140 -28.91 3.40 -8.15
N ASN H 141 -28.01 4.01 -7.38
CA ASN H 141 -27.21 3.30 -6.40
C ASN H 141 -27.75 3.47 -4.98
N ILE H 142 -28.94 4.06 -4.84
CA ILE H 142 -29.50 4.44 -3.54
C ILE H 142 -30.87 3.80 -3.42
N ASN H 143 -31.10 3.02 -2.36
CA ASN H 143 -32.44 2.61 -1.99
C ASN H 143 -32.90 3.38 -0.76
N ALA H 144 -34.12 3.09 -0.31
CA ALA H 144 -34.74 3.86 0.76
C ALA H 144 -34.32 3.41 2.16
N LEU H 145 -33.58 2.32 2.28
CA LEU H 145 -33.04 1.94 3.57
C LEU H 145 -31.86 2.83 3.97
N ASP H 146 -31.17 3.39 2.99
CA ASP H 146 -30.05 4.31 3.24
C ASP H 146 -30.49 5.68 3.75
N ASN H 147 -31.76 6.04 3.57
CA ASN H 147 -32.31 7.28 4.12
C ASN H 147 -32.64 7.18 5.61
N VAL H 148 -32.65 5.98 6.18
CA VAL H 148 -33.03 5.76 7.57
C VAL H 148 -31.79 5.55 8.45
N PHE H 149 -31.01 4.51 8.17
CA PHE H 149 -29.93 4.09 9.06
C PHE H 149 -28.58 4.58 8.58
N LYS H 150 -27.73 4.95 9.53
CA LYS H 150 -26.34 5.33 9.29
C LYS H 150 -25.47 4.50 10.21
N VAL H 151 -24.49 3.80 9.64
CA VAL H 151 -23.65 2.86 10.38
C VAL H 151 -22.26 3.46 10.53
N ILE H 152 -21.81 3.63 11.76
CA ILE H 152 -20.46 4.09 12.06
C ILE H 152 -19.66 2.89 12.56
N TYR H 153 -18.66 2.48 11.79
CA TYR H 153 -17.84 1.32 12.13
C TYR H 153 -16.49 1.83 12.66
N ILE H 154 -16.19 1.52 13.91
CA ILE H 154 -14.95 1.95 14.56
C ILE H 154 -14.10 0.72 14.82
N ASN H 155 -12.86 0.75 14.33
CA ASN H 155 -11.86 -0.30 14.51
C ASN H 155 -10.47 0.34 14.60
N PRO H 156 -9.77 0.20 15.74
CA PRO H 156 -8.39 0.68 15.79
C PRO H 156 -7.40 -0.29 15.14
N GLY H 258 1.65 9.38 18.65
CA GLY H 258 1.76 8.18 19.44
C GLY H 258 0.60 7.23 19.24
N ASP H 259 0.06 6.71 20.35
CA ASP H 259 -1.09 5.82 20.30
C ASP H 259 -1.96 6.08 21.53
N GLY H 260 -3.18 5.55 21.49
CA GLY H 260 -4.09 5.68 22.62
C GLY H 260 -4.84 7.00 22.71
N ARG H 261 -4.11 8.12 22.79
CA ARG H 261 -4.72 9.44 22.81
C ARG H 261 -5.31 9.81 21.45
N ARG H 262 -4.73 9.29 20.36
CA ARG H 262 -5.27 9.51 19.02
C ARG H 262 -6.58 8.78 18.82
N LYS H 263 -6.72 7.59 19.43
CA LYS H 263 -7.96 6.83 19.38
C LYS H 263 -9.06 7.51 20.21
N MET H 264 -8.70 8.08 21.36
CA MET H 264 -9.63 8.85 22.16
C MET H 264 -9.97 10.21 21.53
N LEU H 265 -9.09 10.73 20.67
CA LEU H 265 -9.45 11.87 19.83
C LEU H 265 -10.43 11.46 18.73
N SER H 266 -10.21 10.28 18.12
CA SER H 266 -11.03 9.82 17.01
C SER H 266 -12.43 9.41 17.46
N TYR H 267 -12.57 8.98 18.71
CA TYR H 267 -13.90 8.74 19.30
C TYR H 267 -14.70 10.03 19.45
N SER H 268 -14.04 11.11 19.85
CA SER H 268 -14.71 12.41 19.95
C SER H 268 -15.00 13.02 18.58
N ILE H 269 -14.15 12.70 17.58
CA ILE H 269 -14.40 13.10 16.20
C ILE H 269 -15.62 12.37 15.63
N TYR H 270 -15.75 11.07 15.91
CA TYR H 270 -16.91 10.29 15.48
C TYR H 270 -18.19 10.70 16.22
N ASN H 271 -18.07 11.06 17.50
CA ASN H 271 -19.23 11.55 18.25
C ASN H 271 -19.67 12.94 17.83
N TYR H 272 -18.72 13.80 17.43
CA TYR H 272 -19.05 15.13 16.92
C TYR H 272 -19.70 15.05 15.55
N LEU H 273 -19.22 14.14 14.69
CA LEU H 273 -19.85 13.93 13.39
C LEU H 273 -21.21 13.25 13.51
N ALA H 274 -21.39 12.39 14.53
CA ALA H 274 -22.71 11.78 14.74
C ALA H 274 -23.70 12.75 15.35
N LYS H 275 -23.24 13.67 16.21
CA LYS H 275 -24.13 14.66 16.79
C LYS H 275 -24.51 15.74 15.79
N LYS H 276 -23.56 16.17 14.95
CA LYS H 276 -23.80 17.29 14.07
C LYS H 276 -24.55 16.90 12.80
N LYS H 277 -24.04 15.91 12.06
CA LYS H 277 -24.51 15.67 10.70
C LYS H 277 -25.66 14.67 10.61
N TYR H 278 -25.93 13.90 11.65
CA TYR H 278 -26.91 12.83 11.53
C TYR H 278 -28.03 12.96 12.57
N GLU H 279 -28.58 14.17 12.70
CA GLU H 279 -29.73 14.39 13.59
C GLU H 279 -31.00 13.79 13.01
N ASP H 280 -31.11 13.74 11.69
CA ASP H 280 -32.28 13.21 11.00
C ASP H 280 -32.18 11.72 10.67
N LYS H 281 -31.20 11.01 11.21
CA LYS H 281 -30.99 9.60 10.91
C LYS H 281 -30.87 8.80 12.21
N ILE H 282 -31.02 7.49 12.08
CA ILE H 282 -30.82 6.55 13.18
C ILE H 282 -29.42 5.99 13.06
N VAL H 283 -28.60 6.19 14.09
CA VAL H 283 -27.17 5.88 14.05
C VAL H 283 -26.91 4.60 14.81
N ILE H 284 -26.20 3.66 14.18
CA ILE H 284 -25.79 2.41 14.79
C ILE H 284 -24.26 2.37 14.77
N TYR H 285 -23.67 2.25 15.95
CA TYR H 285 -22.22 2.13 16.11
C TYR H 285 -21.82 0.67 16.17
N LEU H 286 -20.74 0.31 15.48
CA LEU H 286 -20.19 -1.04 15.50
C LEU H 286 -18.73 -0.91 15.94
N ILE H 287 -18.43 -1.29 17.18
CA ILE H 287 -17.13 -1.08 17.79
C ILE H 287 -16.41 -2.43 17.82
N GLU H 288 -15.25 -2.53 17.17
CA GLU H 288 -14.49 -3.77 17.13
C GLU H 288 -13.21 -3.60 17.96
N GLU H 289 -13.21 -4.19 19.16
CA GLU H 289 -12.13 -4.32 20.15
C GLU H 289 -11.50 -2.99 20.56
N PRO H 290 -12.17 -2.19 21.40
CA PRO H 290 -11.64 -0.86 21.75
C PRO H 290 -10.64 -0.85 22.89
N GLU H 291 -10.19 -2.00 23.37
CA GLU H 291 -9.18 -2.06 24.42
C GLU H 291 -7.77 -2.13 23.88
N ILE H 292 -7.60 -2.06 22.57
CA ILE H 292 -6.31 -2.27 21.91
C ILE H 292 -5.46 -1.02 22.10
N SER H 293 -4.30 -1.20 22.77
CA SER H 293 -3.28 -0.19 23.11
C SER H 293 -3.87 0.97 23.91
N LEU H 294 -4.76 0.66 24.84
CA LEU H 294 -5.44 1.67 25.62
C LEU H 294 -5.35 1.27 27.09
N HIS H 295 -5.07 2.24 27.95
CA HIS H 295 -4.92 2.03 29.39
C HIS H 295 -6.26 1.69 30.03
N ARG H 296 -6.20 0.99 31.18
CA ARG H 296 -7.40 0.42 31.79
C ARG H 296 -8.28 1.47 32.47
N SER H 297 -7.73 2.61 32.86
CA SER H 297 -8.54 3.70 33.40
C SER H 297 -9.36 4.36 32.30
N MET H 298 -8.79 4.42 31.09
CA MET H 298 -9.53 4.85 29.92
C MET H 298 -10.57 3.82 29.48
N GLN H 299 -10.36 2.54 29.78
CA GLN H 299 -11.37 1.52 29.51
C GLN H 299 -12.54 1.62 30.49
N ILE H 300 -12.24 1.98 31.75
CA ILE H 300 -13.30 2.24 32.74
C ILE H 300 -14.09 3.51 32.38
N ALA H 301 -13.38 4.53 31.86
CA ALA H 301 -14.02 5.75 31.36
C ALA H 301 -14.88 5.51 30.12
N LEU H 302 -14.42 4.63 29.22
CA LEU H 302 -15.19 4.26 28.05
C LEU H 302 -16.40 3.40 28.39
N SER H 303 -16.29 2.56 29.44
CA SER H 303 -17.43 1.79 29.92
C SER H 303 -18.51 2.67 30.56
N LYS H 304 -18.08 3.70 31.32
CA LYS H 304 -19.00 4.65 31.92
C LYS H 304 -19.69 5.54 30.88
N GLN H 305 -18.93 5.99 29.88
CA GLN H 305 -19.49 6.75 28.76
C GLN H 305 -20.38 5.89 27.87
N LEU H 306 -20.08 4.60 27.75
CA LEU H 306 -20.83 3.70 26.89
C LEU H 306 -22.13 3.22 27.49
N PHE H 307 -22.20 3.02 28.80
CA PHE H 307 -23.40 2.48 29.42
C PHE H 307 -24.20 3.50 30.20
N GLU H 308 -23.59 4.59 30.68
CA GLU H 308 -24.34 5.57 31.45
C GLU H 308 -24.89 6.68 30.56
N GLN H 309 -24.08 7.20 29.65
CA GLN H 309 -24.46 8.36 28.85
C GLN H 309 -25.39 7.94 27.72
N SER H 310 -26.08 8.94 27.14
CA SER H 310 -27.10 8.71 26.14
C SER H 310 -26.63 9.01 24.72
N THR H 311 -25.33 9.19 24.52
CA THR H 311 -24.82 9.44 23.17
C THR H 311 -24.63 8.17 22.37
N TYR H 312 -24.63 7.00 23.00
CA TYR H 312 -24.59 5.71 22.31
C TYR H 312 -25.94 5.05 22.55
N LYS H 313 -26.92 5.41 21.73
CA LYS H 313 -28.27 4.86 21.87
C LYS H 313 -28.35 3.45 21.32
N TYR H 314 -27.62 3.17 20.23
CA TYR H 314 -27.62 1.87 19.59
C TYR H 314 -26.18 1.48 19.31
N PHE H 315 -25.69 0.42 19.94
CA PHE H 315 -24.38 -0.10 19.58
C PHE H 315 -24.33 -1.62 19.63
N PHE H 316 -23.30 -2.15 18.98
CA PHE H 316 -22.86 -3.53 19.09
C PHE H 316 -21.37 -3.50 19.37
N LEU H 317 -20.93 -4.22 20.40
CA LEU H 317 -19.57 -4.09 20.91
C LEU H 317 -18.95 -5.47 21.09
N SER H 318 -17.76 -5.67 20.51
CA SER H 318 -16.98 -6.88 20.76
C SER H 318 -15.73 -6.51 21.57
N THR H 319 -15.41 -7.34 22.56
CA THR H 319 -14.29 -7.03 23.44
C THR H 319 -13.64 -8.31 23.97
N HIS H 320 -12.42 -8.15 24.47
CA HIS H 320 -11.72 -9.19 25.21
C HIS H 320 -11.40 -8.76 26.63
N SER H 321 -11.77 -7.54 27.03
CA SER H 321 -11.28 -6.94 28.26
C SER H 321 -12.38 -6.90 29.31
N PRO H 322 -12.10 -7.38 30.53
CA PRO H 322 -13.12 -7.28 31.60
C PRO H 322 -13.24 -5.90 32.21
N GLU H 323 -12.28 -4.99 32.02
CA GLU H 323 -12.34 -3.67 32.62
C GLU H 323 -13.29 -2.72 31.88
N LEU H 324 -13.71 -3.08 30.68
CA LEU H 324 -14.63 -2.28 29.90
C LEU H 324 -16.08 -2.76 30.07
N LEU H 325 -16.30 -3.72 30.97
CA LEU H 325 -17.63 -4.11 31.42
C LEU H 325 -17.85 -3.79 32.90
N TYR H 326 -17.12 -2.81 33.44
CA TYR H 326 -17.24 -2.46 34.85
C TYR H 326 -18.46 -1.63 35.16
N GLU H 327 -19.13 -1.07 34.15
CA GLU H 327 -20.23 -0.14 34.36
C GLU H 327 -21.52 -0.60 33.70
N MET H 328 -21.66 -1.91 33.42
CA MET H 328 -22.73 -2.38 32.56
C MET H 328 -24.07 -2.44 33.30
N ASP H 329 -25.10 -1.91 32.63
CA ASP H 329 -26.49 -1.98 33.05
C ASP H 329 -27.34 -1.74 31.82
N ASN H 330 -28.52 -2.39 31.82
CA ASN H 330 -29.57 -2.33 30.77
C ASN H 330 -29.04 -2.75 29.40
N THR H 331 -28.30 -3.86 29.38
CA THR H 331 -27.57 -4.26 28.18
C THR H 331 -27.91 -5.70 27.84
N ARG H 332 -27.48 -6.13 26.67
CA ARG H 332 -27.71 -7.50 26.21
C ARG H 332 -26.36 -8.15 25.94
N LEU H 333 -26.07 -9.24 26.65
CA LEU H 333 -24.79 -9.92 26.57
C LEU H 333 -24.92 -11.18 25.72
N ILE H 334 -24.08 -11.29 24.70
CA ILE H 334 -24.04 -12.42 23.78
C ILE H 334 -22.69 -13.10 23.93
N ARG H 335 -22.71 -14.40 24.18
CA ARG H 335 -21.49 -15.20 24.30
C ARG H 335 -21.45 -16.21 23.17
N VAL H 336 -20.31 -16.30 22.51
CA VAL H 336 -20.11 -17.26 21.42
C VAL H 336 -19.32 -18.43 21.97
N HIS H 337 -19.88 -19.63 21.90
CA HIS H 337 -19.35 -20.78 22.61
C HIS H 337 -18.24 -21.42 21.80
N SER H 338 -17.30 -22.05 22.51
CA SER H 338 -16.15 -22.70 21.90
C SER H 338 -16.38 -24.21 21.68
N THR H 339 -17.62 -24.62 21.46
CA THR H 339 -17.94 -26.03 21.30
C THR H 339 -17.78 -26.45 19.83
N GLU H 340 -18.23 -27.66 19.51
CA GLU H 340 -18.16 -28.15 18.13
C GLU H 340 -19.24 -27.52 17.24
N LYS H 341 -20.30 -26.99 17.84
CA LYS H 341 -21.30 -26.20 17.14
C LYS H 341 -21.26 -24.78 17.67
N VAL H 342 -21.29 -23.81 16.76
CA VAL H 342 -21.20 -22.39 17.13
C VAL H 342 -22.54 -21.96 17.69
N VAL H 343 -22.60 -21.78 19.01
CA VAL H 343 -23.82 -21.41 19.72
C VAL H 343 -23.60 -20.03 20.32
N CYS H 344 -24.53 -19.11 20.04
CA CYS H 344 -24.53 -17.80 20.66
C CYS H 344 -25.65 -17.73 21.68
N SER H 345 -25.29 -17.47 22.94
CA SER H 345 -26.23 -17.38 24.03
C SER H 345 -26.40 -15.93 24.46
N SER H 346 -27.64 -15.56 24.78
CA SER H 346 -27.96 -14.17 25.10
C SER H 346 -28.51 -14.06 26.52
N HIS H 347 -28.30 -12.89 27.12
CA HIS H 347 -28.84 -12.58 28.43
C HIS H 347 -29.14 -11.08 28.49
N MET H 348 -30.29 -10.73 29.05
CA MET H 348 -30.64 -9.32 29.26
C MET H 348 -30.16 -8.91 30.64
N TYR H 349 -28.99 -8.26 30.69
CA TYR H 349 -28.37 -7.86 31.93
C TYR H 349 -29.00 -6.58 32.46
N ASN H 350 -29.54 -6.66 33.67
CA ASN H 350 -30.06 -5.55 34.45
C ASN H 350 -29.60 -5.71 35.89
N VAL H 351 -29.41 -4.59 36.57
CA VAL H 351 -29.12 -4.58 38.00
C VAL H 351 -30.34 -4.00 38.71
N GLU H 352 -30.84 -4.73 39.71
CA GLU H 352 -32.06 -4.39 40.41
C GLU H 352 -31.84 -3.22 41.38
N GLU H 353 -32.95 -2.71 41.92
CA GLU H 353 -32.87 -1.60 42.87
C GLU H 353 -32.39 -2.06 44.25
N ALA H 354 -32.60 -3.33 44.59
CA ALA H 354 -32.08 -3.86 45.85
C ALA H 354 -30.58 -4.09 45.79
N TYR H 355 -30.04 -4.35 44.62
CA TYR H 355 -28.61 -4.57 44.43
C TYR H 355 -27.88 -3.31 43.99
N GLY H 356 -28.53 -2.14 44.07
CA GLY H 356 -27.91 -0.91 43.59
C GLY H 356 -26.84 -0.34 44.49
N SER H 357 -26.83 -0.71 45.77
CA SER H 357 -25.84 -0.22 46.70
C SER H 357 -24.56 -1.04 46.68
N VAL H 358 -24.56 -2.21 46.02
CA VAL H 358 -23.37 -3.05 45.90
C VAL H 358 -23.05 -3.30 44.44
N LYS H 359 -23.38 -2.33 43.57
CA LYS H 359 -23.47 -2.54 42.12
C LYS H 359 -22.10 -2.69 41.47
N LYS H 360 -21.12 -1.89 41.89
CA LYS H 360 -19.80 -1.90 41.27
C LYS H 360 -19.00 -3.12 41.68
N LYS H 361 -19.25 -3.63 42.89
CA LYS H 361 -18.67 -4.87 43.40
C LYS H 361 -19.13 -6.08 42.59
N LEU H 362 -20.45 -6.14 42.33
CA LEU H 362 -21.05 -7.16 41.46
C LEU H 362 -20.57 -7.06 40.02
N ASN H 363 -20.38 -5.83 39.51
CA ASN H 363 -19.96 -5.66 38.12
C ASN H 363 -18.49 -6.03 37.90
N LYS H 364 -17.60 -5.70 38.85
CA LYS H 364 -16.20 -6.09 38.76
C LYS H 364 -16.01 -7.61 38.90
N ALA H 365 -16.70 -8.21 39.89
CA ALA H 365 -16.58 -9.63 40.15
C ALA H 365 -17.24 -10.47 39.06
N LEU H 366 -18.37 -10.01 38.51
CA LEU H 366 -19.03 -10.75 37.45
C LEU H 366 -18.35 -10.53 36.10
N SER H 367 -17.76 -9.35 35.88
CA SER H 367 -17.17 -9.02 34.59
C SER H 367 -15.84 -9.72 34.40
N SER H 368 -15.13 -10.02 35.50
CA SER H 368 -13.98 -10.91 35.39
C SER H 368 -14.39 -12.36 35.11
N ALA H 369 -15.54 -12.80 35.60
CA ALA H 369 -15.98 -14.18 35.48
C ALA H 369 -16.79 -14.47 34.23
N LEU H 370 -17.12 -13.46 33.44
CA LEU H 370 -17.83 -13.69 32.17
C LEU H 370 -16.96 -14.35 31.10
N PHE H 371 -15.63 -14.25 31.20
CA PHE H 371 -14.72 -14.80 30.20
C PHE H 371 -14.17 -16.17 30.58
N ALA H 372 -14.93 -16.94 31.35
CA ALA H 372 -14.49 -18.25 31.81
C ALA H 372 -15.42 -19.34 31.27
N GLU H 373 -14.99 -20.59 31.46
CA GLU H 373 -15.81 -21.74 31.15
C GLU H 373 -16.46 -22.35 32.38
N ARG H 374 -15.71 -22.53 33.46
CA ARG H 374 -16.21 -23.08 34.71
C ARG H 374 -15.88 -22.10 35.83
N VAL H 375 -16.89 -21.70 36.60
CA VAL H 375 -16.74 -20.70 37.65
C VAL H 375 -17.17 -21.32 38.97
N LEU H 376 -16.27 -21.35 39.95
CA LEU H 376 -16.57 -21.84 41.29
C LEU H 376 -16.86 -20.65 42.19
N LEU H 377 -18.05 -20.65 42.80
CA LEU H 377 -18.52 -19.54 43.63
C LEU H 377 -18.22 -19.85 45.10
N ILE H 378 -17.26 -19.12 45.68
CA ILE H 378 -16.83 -19.33 47.06
C ILE H 378 -17.23 -18.11 47.89
N GLU H 379 -17.02 -18.17 49.19
CA GLU H 379 -17.55 -17.13 50.08
C GLU H 379 -16.56 -15.98 50.29
N GLY H 380 -15.38 -16.27 50.81
CA GLY H 380 -14.43 -15.24 51.14
C GLY H 380 -13.02 -15.55 50.68
N PRO H 381 -12.03 -14.83 51.23
CA PRO H 381 -10.64 -15.04 50.76
C PRO H 381 -9.91 -16.22 51.35
N SER H 382 -10.41 -16.80 52.45
CA SER H 382 -9.73 -17.95 53.07
C SER H 382 -9.90 -19.22 52.24
N GLU H 383 -11.08 -19.37 51.64
CA GLU H 383 -11.35 -20.41 50.65
C GLU H 383 -10.52 -20.21 49.40
N LYS H 384 -10.29 -18.95 49.03
CA LYS H 384 -9.44 -18.61 47.88
C LYS H 384 -7.98 -18.95 48.13
N ILE H 385 -7.49 -18.72 49.37
CA ILE H 385 -6.11 -19.05 49.76
C ILE H 385 -5.89 -20.56 49.76
N LEU H 386 -6.83 -21.32 50.35
CA LEU H 386 -6.73 -22.78 50.42
C LEU H 386 -6.89 -23.44 49.05
N PHE H 387 -7.84 -22.95 48.23
CA PHE H 387 -8.06 -23.53 46.91
C PHE H 387 -6.99 -23.13 45.91
N GLU H 388 -6.38 -21.94 46.06
CA GLU H 388 -5.26 -21.57 45.19
C GLU H 388 -4.01 -22.36 45.54
N LYS H 389 -3.81 -22.70 46.82
CA LYS H 389 -2.70 -23.59 47.20
C LYS H 389 -2.90 -25.02 46.69
N VAL H 390 -4.13 -25.56 46.81
CA VAL H 390 -4.42 -26.93 46.40
C VAL H 390 -4.41 -27.08 44.89
N LEU H 391 -4.94 -26.09 44.16
CA LEU H 391 -4.82 -26.11 42.71
C LEU H 391 -3.44 -25.66 42.22
N ASP H 392 -2.62 -25.04 43.06
CA ASP H 392 -1.23 -24.84 42.69
C ASP H 392 -0.44 -26.14 42.77
N GLU H 393 -0.79 -27.00 43.74
CA GLU H 393 -0.08 -28.27 43.88
C GLU H 393 -0.59 -29.38 42.96
N VAL H 394 -1.88 -29.38 42.59
CA VAL H 394 -2.47 -30.49 41.84
C VAL H 394 -2.58 -30.19 40.35
N GLU H 395 -3.36 -29.17 39.97
CA GLU H 395 -3.66 -28.87 38.57
C GLU H 395 -3.32 -27.41 38.32
N PRO H 396 -2.04 -27.08 38.05
CA PRO H 396 -1.63 -25.67 37.99
C PRO H 396 -2.02 -24.94 36.71
N GLU H 397 -2.51 -25.63 35.69
CA GLU H 397 -3.02 -25.02 34.48
C GLU H 397 -4.55 -25.01 34.47
N TYR H 398 -5.15 -24.75 35.63
CA TYR H 398 -6.61 -24.74 35.72
C TYR H 398 -7.20 -23.46 35.14
N GLU H 399 -6.45 -22.36 35.17
CA GLU H 399 -6.92 -21.09 34.65
C GLU H 399 -6.56 -20.89 33.18
N LEU H 400 -5.65 -21.72 32.65
CA LEU H 400 -5.41 -21.77 31.22
C LEU H 400 -6.57 -22.42 30.48
N ASN H 401 -7.24 -23.38 31.12
CA ASN H 401 -8.27 -24.17 30.47
C ASN H 401 -9.68 -23.64 30.71
N GLY H 402 -9.84 -22.56 31.46
CA GLY H 402 -11.16 -21.99 31.66
C GLY H 402 -11.75 -22.24 33.03
N GLY H 403 -10.94 -22.15 34.06
CA GLY H 403 -11.41 -22.21 35.43
C GLY H 403 -11.31 -20.84 36.08
N PHE H 404 -12.19 -20.57 37.03
CA PHE H 404 -12.22 -19.28 37.69
C PHE H 404 -12.75 -19.44 39.11
N LEU H 405 -12.19 -18.67 40.04
CA LEU H 405 -12.65 -18.63 41.42
C LEU H 405 -13.30 -17.27 41.68
N LEU H 406 -14.56 -17.29 42.10
CA LEU H 406 -15.37 -16.09 42.27
C LEU H 406 -15.81 -15.99 43.72
N GLU H 407 -15.39 -14.95 44.42
CA GLU H 407 -15.77 -14.79 45.82
C GLU H 407 -16.99 -13.87 45.89
N VAL H 408 -18.07 -14.39 46.48
CA VAL H 408 -19.35 -13.69 46.57
C VAL H 408 -19.71 -13.60 48.04
N GLY H 409 -20.03 -12.39 48.50
CA GLY H 409 -20.28 -12.18 49.91
C GLY H 409 -21.50 -11.32 50.20
N GLY H 410 -22.35 -11.82 51.07
CA GLY H 410 -23.53 -11.10 51.52
C GLY H 410 -24.64 -10.93 50.51
N THR H 411 -24.76 -11.87 49.57
CA THR H 411 -25.81 -11.85 48.56
C THR H 411 -26.59 -13.15 48.64
N TYR H 412 -27.59 -13.30 47.75
CA TYR H 412 -28.45 -14.47 47.75
C TYR H 412 -28.27 -15.34 46.51
N PHE H 413 -27.13 -15.23 45.81
CA PHE H 413 -26.63 -16.01 44.67
C PHE H 413 -27.43 -15.91 43.36
N ASN H 414 -28.53 -15.14 43.30
CA ASN H 414 -29.44 -15.25 42.16
C ASN H 414 -28.95 -14.52 40.93
N HIS H 415 -28.27 -13.39 41.13
CA HIS H 415 -27.81 -12.51 40.06
C HIS H 415 -26.72 -13.15 39.23
N TYR H 416 -25.73 -13.74 39.92
CA TYR H 416 -24.60 -14.42 39.28
C TYR H 416 -25.01 -15.69 38.57
N VAL H 417 -25.90 -16.48 39.18
CA VAL H 417 -26.34 -17.75 38.61
C VAL H 417 -27.26 -17.53 37.42
N CYS H 418 -28.12 -16.49 37.45
CA CYS H 418 -28.97 -16.16 36.30
C CYS H 418 -28.16 -15.61 35.13
N THR H 419 -27.15 -14.77 35.42
CA THR H 419 -26.28 -14.21 34.38
C THR H 419 -25.36 -15.28 33.77
N LEU H 420 -24.77 -16.14 34.60
CA LEU H 420 -23.88 -17.18 34.09
C LEU H 420 -24.65 -18.37 33.51
N ASN H 421 -25.92 -18.54 33.85
CA ASN H 421 -26.69 -19.67 33.34
C ASN H 421 -27.38 -19.33 32.03
N ASP H 422 -27.74 -18.06 31.81
CA ASP H 422 -28.27 -17.68 30.51
C ASP H 422 -27.20 -17.59 29.43
N LEU H 423 -25.92 -17.47 29.80
CA LEU H 423 -24.82 -17.42 28.85
C LEU H 423 -24.16 -18.78 28.59
N GLY H 424 -24.65 -19.84 29.23
CA GLY H 424 -24.07 -21.16 29.03
C GLY H 424 -22.73 -21.38 29.69
N ILE H 425 -22.54 -20.84 30.90
CA ILE H 425 -21.30 -20.96 31.65
C ILE H 425 -21.60 -21.84 32.86
N THR H 426 -20.75 -22.86 33.08
CA THR H 426 -20.91 -23.79 34.20
C THR H 426 -20.61 -23.10 35.52
N HIS H 427 -21.58 -23.12 36.44
CA HIS H 427 -21.44 -22.52 37.76
C HIS H 427 -21.46 -23.61 38.82
N ILE H 428 -20.49 -23.56 39.74
CA ILE H 428 -20.41 -24.48 40.87
C ILE H 428 -20.44 -23.61 42.13
N ILE H 429 -21.27 -23.99 43.10
CA ILE H 429 -21.39 -23.26 44.36
C ILE H 429 -20.98 -24.19 45.49
N LYS H 430 -19.98 -23.77 46.26
CA LYS H 430 -19.60 -24.43 47.51
C LYS H 430 -19.92 -23.47 48.65
N THR H 431 -20.73 -23.93 49.61
CA THR H 431 -21.22 -23.05 50.67
C THR H 431 -21.43 -23.86 51.93
N ASP H 432 -21.73 -23.16 53.02
CA ASP H 432 -21.97 -23.76 54.32
C ASP H 432 -23.22 -23.16 54.94
N ASN H 433 -23.95 -23.97 55.70
CA ASN H 433 -25.18 -23.52 56.33
C ASN H 433 -24.85 -22.74 57.60
N ASP H 434 -25.51 -21.59 57.74
CA ASP H 434 -25.31 -20.71 58.88
C ASP H 434 -26.60 -20.60 59.66
N LEU H 435 -26.49 -20.06 60.86
CA LEU H 435 -27.64 -19.74 61.72
C LEU H 435 -27.50 -18.27 62.09
N LYS H 436 -28.17 -17.41 61.33
CA LYS H 436 -28.05 -15.99 61.54
C LYS H 436 -29.02 -15.53 62.63
N SER H 437 -28.49 -14.77 63.59
CA SER H 437 -29.31 -14.26 64.67
C SER H 437 -30.07 -13.01 64.22
N LYS H 438 -31.36 -12.96 64.54
CA LYS H 438 -32.20 -11.85 64.14
C LYS H 438 -31.97 -10.62 65.00
N LYS H 439 -32.19 -9.46 64.42
CA LYS H 439 -31.98 -8.21 65.13
C LYS H 439 -33.17 -7.89 66.04
N GLY H 440 -32.87 -7.51 67.27
CA GLY H 440 -33.92 -7.21 68.23
C GLY H 440 -34.62 -8.42 68.79
N LYS H 441 -33.96 -9.57 68.75
CA LYS H 441 -34.58 -10.82 69.17
C LYS H 441 -33.49 -11.75 69.69
N LYS H 442 -33.79 -12.47 70.77
CA LYS H 442 -32.83 -13.37 71.39
C LYS H 442 -33.35 -14.81 71.31
N GLY H 443 -32.50 -15.72 70.85
CA GLY H 443 -32.80 -17.12 70.82
C GLY H 443 -33.43 -17.63 69.54
N VAL H 444 -33.72 -16.75 68.59
CA VAL H 444 -34.36 -17.12 67.33
C VAL H 444 -33.33 -16.96 66.22
N TYR H 445 -33.04 -18.06 65.51
CA TYR H 445 -32.07 -18.06 64.43
C TYR H 445 -32.74 -18.42 63.10
N GLU H 446 -32.34 -17.72 62.05
CA GLU H 446 -32.80 -18.02 60.70
C GLU H 446 -31.72 -18.82 59.97
N LEU H 447 -32.17 -19.61 59.01
CA LEU H 447 -31.36 -20.68 58.41
C LEU H 447 -30.81 -20.15 57.09
N LEU H 448 -29.68 -19.46 57.15
CA LEU H 448 -29.26 -18.51 56.12
C LEU H 448 -28.74 -19.20 54.84
N GLY H 449 -27.83 -20.17 54.99
CA GLY H 449 -27.27 -20.83 53.82
C GLY H 449 -28.23 -21.77 53.12
N LEU H 450 -29.11 -22.41 53.90
CA LEU H 450 -30.18 -23.23 53.35
C LEU H 450 -31.23 -22.38 52.63
N ASN H 451 -31.51 -21.17 53.13
CA ASN H 451 -32.42 -20.26 52.45
C ASN H 451 -31.80 -19.65 51.20
N ARG H 452 -30.47 -19.49 51.18
CA ARG H 452 -29.78 -19.04 49.97
C ARG H 452 -29.82 -20.10 48.88
N CYS H 453 -29.60 -21.37 49.24
CA CYS H 453 -29.67 -22.44 48.25
C CYS H 453 -31.10 -22.75 47.82
N LEU H 454 -32.09 -22.61 48.72
CA LEU H 454 -33.48 -22.81 48.34
C LEU H 454 -34.03 -21.64 47.53
N ASN H 455 -33.56 -20.42 47.78
CA ASN H 455 -33.95 -19.27 46.95
C ASN H 455 -33.25 -19.30 45.61
N LEU H 456 -32.10 -19.98 45.53
CA LEU H 456 -31.52 -20.28 44.22
C LEU H 456 -32.34 -21.31 43.47
N LEU H 457 -32.81 -22.35 44.15
CA LEU H 457 -33.46 -23.47 43.47
C LEU H 457 -34.91 -23.12 43.08
N GLY H 458 -35.50 -22.10 43.69
CA GLY H 458 -36.82 -21.64 43.30
C GLY H 458 -37.86 -21.87 44.36
N ARG H 459 -37.43 -21.89 45.62
CA ARG H 459 -38.31 -22.12 46.76
C ARG H 459 -38.39 -20.86 47.61
N GLU H 460 -39.40 -20.83 48.46
CA GLU H 460 -39.54 -19.75 49.42
C GLU H 460 -38.62 -20.00 50.62
N ASN H 461 -38.46 -18.95 51.43
CA ASN H 461 -37.60 -19.05 52.60
C ASN H 461 -38.28 -19.84 53.71
N LEU H 462 -37.50 -20.64 54.43
CA LEU H 462 -38.03 -21.47 55.49
C LEU H 462 -38.27 -20.63 56.75
N ASP H 463 -38.98 -21.24 57.70
CA ASP H 463 -39.38 -20.57 58.93
C ASP H 463 -38.20 -20.40 59.89
N GLU H 464 -38.33 -19.43 60.77
CA GLU H 464 -37.29 -19.11 61.74
C GLU H 464 -37.35 -20.12 62.89
N ILE H 465 -36.25 -20.84 63.10
CA ILE H 465 -36.21 -21.85 64.15
C ILE H 465 -35.79 -21.12 65.43
N THR H 466 -36.08 -21.71 66.59
CA THR H 466 -35.65 -21.16 67.86
C THR H 466 -35.00 -22.26 68.68
N ILE H 467 -34.02 -21.89 69.50
CA ILE H 467 -33.35 -22.81 70.40
C ILE H 467 -32.97 -22.03 71.66
N ASP H 468 -33.13 -22.66 72.83
CA ASP H 468 -32.83 -22.02 74.09
C ASP H 468 -31.63 -22.69 74.75
N ILE H 469 -30.80 -21.87 75.38
CA ILE H 469 -29.61 -22.32 76.09
C ILE H 469 -29.70 -21.79 77.52
N PRO H 470 -29.03 -22.41 78.49
CA PRO H 470 -28.81 -21.74 79.78
C PRO H 470 -27.86 -20.55 79.62
N GLU H 471 -28.04 -19.54 80.47
CA GLU H 471 -27.32 -18.29 80.31
C GLU H 471 -25.87 -18.40 80.77
N ASP H 472 -25.58 -19.29 81.71
CA ASP H 472 -24.20 -19.49 82.14
C ASP H 472 -23.40 -20.30 81.12
N ILE H 473 -24.08 -21.10 80.31
CA ILE H 473 -23.43 -21.93 79.30
C ILE H 473 -23.20 -21.07 78.07
N LYS H 474 -21.95 -20.60 77.89
CA LYS H 474 -21.59 -19.82 76.72
C LYS H 474 -20.17 -20.14 76.28
N GLY H 475 -19.66 -19.38 75.31
CA GLY H 475 -18.30 -19.61 74.85
C GLY H 475 -18.22 -20.73 73.83
N LYS H 476 -17.39 -21.72 74.15
CA LYS H 476 -17.18 -22.84 73.23
C LYS H 476 -18.32 -23.86 73.30
N LYS H 477 -19.02 -23.90 74.43
CA LYS H 477 -20.12 -24.86 74.57
C LYS H 477 -21.37 -24.39 73.84
N LYS H 478 -21.54 -23.06 73.72
CA LYS H 478 -22.61 -22.49 72.89
C LYS H 478 -22.36 -22.76 71.42
N LYS H 479 -21.08 -22.72 71.01
CA LYS H 479 -20.69 -23.06 69.65
C LYS H 479 -20.88 -24.55 69.35
N GLU H 480 -20.66 -25.41 70.35
CA GLU H 480 -20.88 -26.84 70.18
C GLU H 480 -22.36 -27.18 70.12
N ARG H 481 -23.19 -26.45 70.88
CA ARG H 481 -24.64 -26.61 70.84
C ARG H 481 -25.21 -26.13 69.50
N LEU H 482 -24.67 -25.02 68.98
CA LEU H 482 -25.08 -24.51 67.68
C LEU H 482 -24.61 -25.40 66.53
N ASN H 483 -23.44 -26.02 66.68
CA ASN H 483 -22.97 -26.96 65.65
C ASN H 483 -23.74 -28.27 65.68
N GLU H 484 -24.21 -28.69 66.87
CA GLU H 484 -25.10 -29.84 66.97
C GLU H 484 -26.48 -29.54 66.38
N ARG H 485 -26.93 -28.28 66.51
CA ARG H 485 -28.18 -27.86 65.87
C ARG H 485 -28.04 -27.77 64.35
N LYS H 486 -26.86 -27.36 63.86
CA LYS H 486 -26.58 -27.36 62.42
C LYS H 486 -26.50 -28.77 61.86
N LYS H 487 -25.98 -29.72 62.67
CA LYS H 487 -25.97 -31.12 62.27
C LYS H 487 -27.37 -31.73 62.25
N GLU H 488 -28.25 -31.28 63.15
CA GLU H 488 -29.64 -31.75 63.12
C GLU H 488 -30.43 -31.18 61.94
N ILE H 489 -30.15 -29.92 61.57
CA ILE H 489 -30.71 -29.30 60.37
C ILE H 489 -30.23 -30.01 59.10
N PHE H 490 -28.94 -30.36 59.07
CA PHE H 490 -28.37 -31.06 57.91
C PHE H 490 -28.82 -32.52 57.84
N LYS H 491 -29.20 -33.11 58.99
CA LYS H 491 -29.75 -34.46 58.96
C LYS H 491 -31.21 -34.46 58.51
N GLN H 492 -32.02 -33.50 58.98
CA GLN H 492 -33.46 -33.62 58.73
C GLN H 492 -33.86 -33.13 57.34
N TYR H 493 -33.06 -32.27 56.70
CA TYR H 493 -33.33 -31.81 55.34
C TYR H 493 -32.43 -32.52 54.33
N LYS H 494 -32.55 -33.85 54.25
CA LYS H 494 -31.58 -34.63 53.47
C LYS H 494 -31.90 -34.63 51.97
N ASN H 495 -33.19 -34.75 51.62
CA ASN H 495 -33.59 -34.79 50.22
C ASN H 495 -33.53 -33.43 49.54
N GLU H 496 -33.51 -32.33 50.31
CA GLU H 496 -33.19 -31.03 49.74
C GLU H 496 -31.70 -30.93 49.40
N VAL H 497 -30.83 -31.51 50.23
CA VAL H 497 -29.38 -31.51 49.99
C VAL H 497 -29.03 -32.39 48.79
N GLY H 498 -29.80 -33.45 48.56
CA GLY H 498 -29.63 -34.27 47.35
C GLY H 498 -30.01 -33.58 46.05
N GLU H 499 -31.07 -32.79 46.05
CA GLU H 499 -31.43 -32.02 44.86
C GLU H 499 -30.66 -30.70 44.77
N PHE H 500 -29.98 -30.27 45.84
CA PHE H 500 -28.92 -29.28 45.67
C PHE H 500 -27.73 -29.90 44.96
N LEU H 501 -27.42 -31.17 45.31
CA LEU H 501 -26.26 -31.87 44.78
C LEU H 501 -26.44 -32.25 43.32
N GLY H 502 -27.70 -32.40 42.88
CA GLY H 502 -27.95 -32.51 41.45
C GLY H 502 -27.77 -31.22 40.67
N GLU H 503 -27.83 -30.07 41.34
CA GLU H 503 -27.75 -28.76 40.68
C GLU H 503 -26.40 -28.07 40.92
N ARG H 504 -25.35 -28.89 41.17
CA ARG H 504 -23.95 -28.48 41.43
C ARG H 504 -23.81 -27.53 42.62
N ILE H 505 -24.59 -27.77 43.67
CA ILE H 505 -24.50 -26.99 44.90
C ILE H 505 -24.01 -27.92 46.00
N TYR H 506 -22.94 -27.53 46.68
CA TYR H 506 -22.28 -28.32 47.70
C TYR H 506 -22.44 -27.59 49.02
N LEU H 507 -23.44 -28.00 49.80
CA LEU H 507 -23.69 -27.46 51.13
C LEU H 507 -22.92 -28.28 52.16
N SER H 508 -22.12 -27.60 52.97
CA SER H 508 -21.36 -28.26 54.01
C SER H 508 -22.26 -28.58 55.20
N GLU H 509 -21.78 -29.46 56.07
CA GLU H 509 -22.54 -29.84 57.25
C GLU H 509 -22.50 -28.75 58.32
N ILE H 510 -21.30 -28.28 58.64
CA ILE H 510 -21.14 -27.17 59.58
C ILE H 510 -20.40 -26.03 58.90
N ASP H 511 -19.16 -26.30 58.47
CA ASP H 511 -18.28 -25.29 57.90
C ASP H 511 -17.34 -25.97 56.91
N LEU H 512 -16.35 -25.22 56.44
CA LEU H 512 -15.27 -25.76 55.63
C LEU H 512 -14.17 -26.38 56.49
N GLU H 513 -14.00 -25.86 57.72
CA GLU H 513 -12.92 -26.28 58.61
C GLU H 513 -13.14 -27.69 59.15
N ASN H 514 -14.40 -28.09 59.32
CA ASN H 514 -14.71 -29.45 59.75
C ASN H 514 -14.52 -30.44 58.61
N ASP H 515 -14.74 -29.99 57.36
CA ASP H 515 -14.42 -30.81 56.19
C ASP H 515 -12.91 -30.94 56.00
N LEU H 516 -12.17 -29.88 56.34
CA LEU H 516 -10.71 -29.91 56.29
C LEU H 516 -10.14 -30.79 57.40
N TYR H 517 -10.83 -30.86 58.55
CA TYR H 517 -10.45 -31.82 59.58
C TYR H 517 -10.82 -33.24 59.18
N SER H 518 -11.87 -33.41 58.39
CA SER H 518 -12.20 -34.72 57.85
C SER H 518 -11.24 -35.17 56.75
N ALA H 519 -10.57 -34.24 56.07
CA ALA H 519 -9.60 -34.59 55.04
C ALA H 519 -8.20 -34.80 55.57
N ILE H 520 -7.59 -33.79 56.20
CA ILE H 520 -6.17 -33.80 56.55
C ILE H 520 -5.94 -33.60 58.05
N GLY H 521 -6.84 -34.16 58.88
CA GLY H 521 -6.90 -33.79 60.30
C GLY H 521 -5.76 -34.34 61.14
N GLU H 522 -5.07 -35.37 60.66
CA GLU H 522 -3.84 -35.80 61.32
C GLU H 522 -2.70 -34.81 61.05
N SER H 523 -2.68 -34.22 59.85
CA SER H 523 -1.71 -33.17 59.55
C SER H 523 -2.09 -31.86 60.23
N MET H 524 -3.38 -31.65 60.45
CA MET H 524 -3.84 -30.47 61.18
C MET H 524 -3.54 -30.59 62.67
N LYS H 525 -3.53 -31.82 63.20
CA LYS H 525 -3.07 -32.03 64.55
C LYS H 525 -1.55 -31.97 64.65
N ARG H 526 -0.85 -32.29 63.56
CA ARG H 526 0.62 -32.23 63.57
C ARG H 526 1.13 -30.79 63.49
N ILE H 527 0.48 -29.95 62.67
CA ILE H 527 0.96 -28.58 62.46
C ILE H 527 0.57 -27.68 63.63
N PHE H 528 -0.71 -27.66 63.99
CA PHE H 528 -1.24 -26.72 64.97
C PHE H 528 -0.94 -27.12 66.41
N GLU H 529 -0.55 -28.39 66.65
CA GLU H 529 -0.23 -29.10 67.90
C GLU H 529 -1.23 -28.86 69.05
N ASN H 530 -2.51 -28.73 68.72
CA ASN H 530 -3.56 -28.52 69.71
C ASN H 530 -4.54 -29.68 69.67
N GLU H 531 -5.37 -29.78 70.70
CA GLU H 531 -6.43 -30.78 70.69
C GLU H 531 -7.63 -30.34 69.85
N ASP H 532 -7.74 -29.04 69.55
CA ASP H 532 -8.80 -28.50 68.70
C ASP H 532 -8.14 -27.70 67.57
N PRO H 533 -7.82 -28.34 66.44
CA PRO H 533 -7.30 -27.58 65.30
C PRO H 533 -8.39 -26.81 64.55
N VAL H 534 -9.65 -27.20 64.72
CA VAL H 534 -10.76 -26.52 64.06
C VAL H 534 -11.00 -25.16 64.70
N HIS H 535 -10.96 -25.09 66.03
CA HIS H 535 -11.27 -23.86 66.75
C HIS H 535 -10.13 -22.85 66.65
N TYR H 536 -8.89 -23.33 66.53
CA TYR H 536 -7.72 -22.47 66.43
C TYR H 536 -7.65 -21.78 65.06
N LEU H 537 -8.14 -22.46 64.02
CA LEU H 537 -8.23 -21.83 62.70
C LEU H 537 -9.37 -20.83 62.68
N GLN H 538 -10.45 -21.13 63.39
CA GLN H 538 -11.64 -20.29 63.37
C GLN H 538 -11.55 -19.11 64.31
N LYS H 539 -10.52 -19.06 65.17
CA LYS H 539 -10.26 -17.86 65.96
C LYS H 539 -9.76 -16.71 65.08
N SER H 540 -8.86 -17.00 64.15
CA SER H 540 -8.36 -16.03 63.20
C SER H 540 -8.27 -16.71 61.84
N LYS H 541 -9.23 -16.43 60.96
CA LYS H 541 -9.37 -17.21 59.72
C LYS H 541 -8.35 -16.84 58.67
N LEU H 542 -7.98 -15.56 58.56
CA LEU H 542 -7.11 -15.14 57.48
C LEU H 542 -5.63 -15.36 57.76
N PHE H 543 -5.24 -15.56 59.02
CA PHE H 543 -3.85 -15.75 59.36
C PHE H 543 -3.50 -17.21 59.62
N ASN H 544 -4.44 -18.00 60.11
CA ASN H 544 -4.16 -19.42 60.35
C ASN H 544 -4.35 -20.26 59.10
N MET H 545 -5.04 -19.75 58.08
CA MET H 545 -5.11 -20.47 56.81
C MET H 545 -3.79 -20.34 56.05
N VAL H 546 -3.14 -19.18 56.15
CA VAL H 546 -1.81 -18.97 55.57
C VAL H 546 -0.76 -19.77 56.32
N GLU H 547 -0.93 -19.88 57.65
CA GLU H 547 -0.06 -20.69 58.50
C GLU H 547 -0.27 -22.18 58.25
N LEU H 548 -1.50 -22.58 57.89
CA LEU H 548 -1.75 -23.95 57.45
C LEU H 548 -1.14 -24.24 56.09
N VAL H 549 -1.37 -23.39 55.09
CA VAL H 549 -0.89 -23.69 53.73
C VAL H 549 0.61 -23.44 53.55
N ASN H 550 1.26 -22.78 54.51
CA ASN H 550 2.72 -22.70 54.52
C ASN H 550 3.36 -24.02 54.94
N ASN H 551 2.62 -24.89 55.63
CA ASN H 551 3.19 -26.12 56.19
C ASN H 551 2.65 -27.39 55.55
N LEU H 552 1.61 -27.33 54.73
CA LEU H 552 1.26 -28.44 53.87
C LEU H 552 2.23 -28.59 52.69
N SER H 553 2.14 -29.74 52.05
CA SER H 553 3.00 -30.14 50.95
C SER H 553 2.18 -31.03 50.02
N THR H 554 2.87 -31.77 49.16
CA THR H 554 2.24 -32.78 48.33
C THR H 554 1.86 -33.96 49.23
N LYS H 555 0.74 -34.64 48.90
CA LYS H 555 -0.03 -35.73 49.50
C LYS H 555 -0.92 -35.24 50.65
N ASP H 556 -0.89 -33.96 50.99
CA ASP H 556 -1.99 -33.41 51.78
C ASP H 556 -2.97 -32.69 50.89
N CYS H 557 -2.47 -32.04 49.84
CA CYS H 557 -3.32 -31.41 48.85
C CYS H 557 -4.05 -32.44 47.99
N PHE H 558 -3.45 -33.61 47.77
CA PHE H 558 -4.16 -34.69 47.11
C PHE H 558 -5.18 -35.34 48.04
N ASP H 559 -4.92 -35.35 49.36
CA ASP H 559 -5.92 -35.83 50.30
C ASP H 559 -7.09 -34.86 50.44
N VAL H 560 -6.85 -33.58 50.17
CA VAL H 560 -7.92 -32.62 49.96
C VAL H 560 -8.67 -32.92 48.67
N PHE H 561 -7.91 -33.18 47.59
CA PHE H 561 -8.45 -33.17 46.23
C PHE H 561 -9.31 -34.39 45.91
N GLU H 562 -8.88 -35.59 46.29
CA GLU H 562 -9.75 -36.75 46.13
C GLU H 562 -10.58 -37.09 47.37
N HIS H 563 -10.80 -36.15 48.29
CA HIS H 563 -11.83 -36.37 49.30
C HIS H 563 -13.21 -36.14 48.68
N GLU H 564 -14.23 -36.73 49.30
CA GLU H 564 -15.60 -36.58 48.79
C GLU H 564 -16.24 -35.26 49.23
N LYS H 565 -15.65 -34.55 50.18
CA LYS H 565 -16.13 -33.25 50.64
C LYS H 565 -15.50 -32.08 49.88
N PHE H 566 -14.69 -32.36 48.86
CA PHE H 566 -14.12 -31.33 48.01
C PHE H 566 -14.28 -31.70 46.54
N ALA H 567 -15.51 -32.07 46.14
CA ALA H 567 -15.78 -32.42 44.76
C ALA H 567 -16.02 -31.21 43.88
N CYS H 568 -16.14 -30.02 44.49
CA CYS H 568 -16.27 -28.77 43.73
C CYS H 568 -15.00 -28.42 42.98
N LEU H 569 -13.83 -28.82 43.52
CA LEU H 569 -12.57 -28.64 42.81
C LEU H 569 -12.47 -29.55 41.60
N LYS H 570 -12.97 -30.78 41.71
CA LYS H 570 -12.98 -31.68 40.56
C LYS H 570 -14.07 -31.32 39.55
N GLU H 571 -15.11 -30.60 39.99
CA GLU H 571 -16.04 -29.98 39.03
C GLU H 571 -15.44 -28.77 38.34
N LEU H 572 -14.60 -28.00 39.04
CA LEU H 572 -13.93 -26.84 38.46
C LEU H 572 -12.85 -27.24 37.45
N VAL H 573 -12.11 -28.31 37.73
CA VAL H 573 -11.10 -28.80 36.79
C VAL H 573 -11.77 -29.43 35.56
N GLY H 574 -12.76 -30.27 35.77
CA GLY H 574 -13.51 -30.86 34.68
C GLY H 574 -13.17 -32.29 34.34
N SER H 575 -12.35 -32.95 35.15
CA SER H 575 -12.00 -34.34 34.90
C SER H 575 -13.11 -35.25 35.43
N ASP H 576 -13.59 -36.14 34.58
CA ASP H 576 -14.66 -37.07 34.94
C ASP H 576 -14.19 -38.50 34.70
N ARG H 577 -14.77 -39.43 35.48
CA ARG H 577 -14.42 -40.84 35.35
C ARG H 577 -15.05 -41.48 34.12
N GLY H 578 -16.22 -41.01 33.70
CA GLY H 578 -16.89 -41.56 32.54
C GLY H 578 -16.43 -40.93 31.24
PG ATP I . 0.47 3.71 24.14
O1G ATP I . 0.59 2.79 22.98
O2G ATP I . 0.66 3.04 25.48
O3G ATP I . -0.82 4.49 24.18
PB ATP I . 3.17 4.98 24.29
O1B ATP I . 3.53 5.00 25.71
O2B ATP I . 3.81 3.88 23.45
O3B ATP I . 1.61 4.83 24.08
PA ATP I . 4.32 6.87 22.33
O1A ATP I . 3.96 6.18 21.08
O2A ATP I . 5.79 6.77 22.71
O3A ATP I . 3.47 6.37 23.57
O5' ATP I . 3.91 8.39 22.24
C5' ATP I . 4.85 9.40 21.81
C4' ATP I . 4.99 10.41 22.92
O4' ATP I . 6.36 10.89 22.96
C3' ATP I . 4.13 11.65 22.78
O3' ATP I . 3.81 12.20 24.05
C2' ATP I . 5.03 12.58 21.98
O2' ATP I . 4.71 13.96 22.20
C1' ATP I . 6.40 12.25 22.56
N9 ATP I . 7.50 12.42 21.63
C8 ATP I . 7.86 11.57 20.61
N7 ATP I . 8.89 11.98 19.91
C5 ATP I . 9.24 13.18 20.50
C6 ATP I . 10.26 14.12 20.25
N6 ATP I . 11.15 14.00 19.27
N1 ATP I . 10.33 15.22 21.05
C2 ATP I . 9.44 15.37 22.04
N3 ATP I . 8.44 14.54 22.37
C4 ATP I . 8.40 13.46 21.56
MG MG J . 3.18 2.67 21.85
PG ATP K . 12.40 -3.65 -21.00
O1G ATP K . 11.85 -2.89 -19.83
O2G ATP K . 12.98 -2.75 -22.07
O3G ATP K . 11.40 -4.59 -21.64
PB ATP K . 15.14 -4.48 -20.16
O1B ATP K . 15.99 -4.41 -21.37
O2B ATP K . 15.27 -3.33 -19.19
O3B ATP K . 13.60 -4.59 -20.54
PA ATP K . 15.34 -6.30 -17.84
O1A ATP K . 14.16 -5.79 -17.13
O2A ATP K . 16.68 -5.94 -17.22
O3A ATP K . 15.38 -5.83 -19.36
O5' ATP K . 15.27 -7.87 -17.96
C5' ATP K . 16.09 -8.73 -17.13
C4' ATP K . 16.32 -10.02 -17.87
O4' ATP K . 17.43 -10.72 -17.29
C3' ATP K . 15.15 -11.01 -17.84
O3' ATP K . 15.11 -11.79 -19.02
C2' ATP K . 15.47 -11.85 -16.60
O2' ATP K . 14.91 -13.16 -16.69
C1' ATP K . 17.00 -11.92 -16.66
N9 ATP K . 17.63 -12.01 -15.35
C8 ATP K . 17.46 -11.14 -14.30
N7 ATP K . 18.15 -11.48 -13.22
C5 ATP K . 18.80 -12.63 -13.60
C6 ATP K . 19.68 -13.50 -12.92
N6 ATP K . 20.09 -13.32 -11.66
N1 ATP K . 20.16 -14.59 -13.60
C2 ATP K . 19.79 -14.78 -14.86
N3 ATP K . 18.95 -14.03 -15.59
C4 ATP K . 18.50 -12.98 -14.90
MG MG L . 12.56 -1.78 -17.61
PG ATP M . -2.11 13.00 -21.08
O1G ATP M . -2.13 11.58 -20.66
O2G ATP M . -1.98 13.20 -22.59
O3G ATP M . -1.03 13.82 -20.41
PB ATP M . -5.01 13.73 -21.07
O1B ATP M . -5.23 14.33 -22.39
O2B ATP M . -5.51 12.30 -20.87
O3B ATP M . -3.47 13.74 -20.69
PA ATP M . -6.39 14.39 -18.55
O1A ATP M . -5.66 13.43 -17.69
O2A ATP M . -7.83 14.06 -18.86
O3A ATP M . -5.65 14.62 -19.92
O5' ATP M . -6.33 15.83 -17.89
C5' ATP M . -7.41 16.32 -17.08
C4' ATP M . -7.71 17.74 -17.52
O4' ATP M . -9.09 18.04 -17.25
C3' ATP M . -6.90 18.82 -16.82
O3' ATP M . -6.68 19.93 -17.68
C2' ATP M . -7.81 19.19 -15.64
O2' ATP M . -7.58 20.53 -15.21
C1' ATP M . -9.19 19.06 -16.27
N9 ATP M . -10.24 18.70 -15.33
C8 ATP M . -10.47 17.47 -14.77
N7 ATP M . -11.48 17.43 -13.94
C5 ATP M . -11.95 18.73 -13.95
C6 ATP M . -13.01 19.38 -13.27
N6 ATP M . -13.83 18.76 -12.42
N1 ATP M . -13.21 20.70 -13.51
C2 ATP M . -12.40 21.34 -14.36
N3 ATP M . -11.37 20.83 -15.05
C4 ATP M . -11.19 19.52 -14.80
MG MG N . -4.41 10.51 -20.64
PG ATP O . -10.64 -12.83 17.61
O1G ATP O . -10.43 -11.57 16.86
O2G ATP O . -11.44 -12.66 18.91
O3G ATP O . -9.37 -13.59 17.93
PB ATP O . -12.99 -14.02 16.20
O1B ATP O . -13.88 -14.65 17.19
O2B ATP O . -13.41 -12.65 15.70
O3B ATP O . -11.52 -13.85 16.76
PA ATP O . -12.78 -14.77 13.35
O1A ATP O . -11.84 -13.73 12.88
O2A ATP O . -14.23 -14.56 12.94
O3A ATP O . -12.76 -14.95 14.94
O5' ATP O . -12.32 -16.20 12.86
C5' ATP O . -12.83 -16.77 11.64
C4' ATP O . -13.24 -18.19 11.90
O4' ATP O . -14.39 -18.53 11.11
C3' ATP O . -12.18 -19.24 11.57
O3' ATP O . -12.27 -20.36 12.44
C2' ATP O . -12.53 -19.61 10.13
O2' ATP O . -12.11 -20.92 9.79
C1' ATP O . -14.06 -19.53 10.16
N9 ATP O . -14.66 -19.16 8.88
C8 ATP O . -14.60 -17.94 8.26
N7 ATP O . -15.22 -17.88 7.11
C5 ATP O . -15.72 -19.17 6.95
C6 ATP O . -16.48 -19.78 5.94
N6 ATP O . -16.89 -19.15 4.84
N1 ATP O . -16.81 -21.09 6.10
C2 ATP O . -16.42 -21.74 7.20
N3 ATP O . -15.71 -21.25 8.22
C4 ATP O . -15.38 -19.96 8.04
MG MG P . -12.62 -10.68 15.85
#